data_7EIM
#
_entry.id   7EIM
#
_cell.length_a   156.524
_cell.length_b   200.327
_cell.length_c   134.281
_cell.angle_alpha   90.000
_cell.angle_beta   100.840
_cell.angle_gamma   90.000
#
_symmetry.space_group_name_H-M   'C 1 2 1'
#
loop_
_entity.id
_entity.type
_entity.pdbx_description
1 polymer 4-alpha-glucanotransferase
2 branched alpha-D-glucopyranose-(1-4)-alpha-D-glucopyranose-(1-4)-alpha-D-glucopyranose-(1-4)-alpha-D-glucopyranose-(1-4)-alpha-D-glucopyranose
3 branched alpha-D-glucopyranose-(1-4)-alpha-D-glucopyranose
#
_entity_poly.entity_id   1
_entity_poly.type   'polypeptide(L)'
_entity_poly.pdbx_seq_one_letter_code
;MSAHRTLLLRLSDSGEPVTSCSYGQGVLTLPSLPLPQGKKLGDMPVYTVKLAIPAGSPVTRDGLIWTNCPPDFSTQFDRE
KFYKKIIKTSFHEDDHIDLDIYVPGTYCFYLSFKNDKDELETTRKFYFVVLPILSVNDKFIPLNSIAMQSVVSKWMGPTI
KDWEKVFARVASKKYNMIHFTPLQHRGESNSPYSIYDQLEFDPTVFKSEKEVADMVERLRTEHNILSLTDIVFNHTANNS
QWLLDHPEAGYNHKTSPHLISAIELDKKLLDFSEQMEALGYPVDLKTVDDLIKVMDGIKEHVIGELKLWEFYVVDVKQTV
SELREKWGNSKSWSDDNIPSKDDSTNLAQFVRDNATEPGFGSLGERGSNKINIDKFAAILKKLHSEDYNNGIEELATKIL
NDINLPFYKEYDDDINEVLEQLFNRIKYLRIDDHGPKQGPITKKLPLSEPYFTRFKAKDGEEYALANNGAIWDGNPLVDF
ASSQSKAYLRREVIVWGDCVKLRYGKGPSDSPYLWERMSKYVEMNARIFNGFRIDNCHSTPLHVGQYFLDVARRVNPNLY
VVAELFSGSEAMDCLFVERLGISSLIREAMQAWSEEELSRLVHRHGGRPIGSYKFVPLDDFPYPADVKIDEEYCAYNPDD
HSVKCVSEIMIPKTLTATPPHALFMDCTHDNETPNQKRTVEDTLPNAALVAFCSSAIGSVYGYDEVFPQLLDLVQEKRTY
SCAENTGISKVKTLLNNMREEIASEAVDIEDSEMHVHHDGQYITFHRTNAKNGKGWYLVARTKFHSSGDQMLPRIKLSQT
KATFKAAFSLERTGDAPISDEIIEGIPTKLRELTGFDIGFDENTKETSILLPQDFPQGSIVIFETQQLGIDDSLDHFIRS
GAIKATEKLSLESINYVLYRAEQEEYDYSEGRSGAYDIPDYGKPVYCGLQGWVSILRKIIFYNDLAHPLSNNLRNGHWAV
DYVVNRLDLYKDKEGVAEVQEWLRSRMERIKQLPSYLVPSFFALVVGIMYGCCRLRAMQLMSDNVGKSTVFVQSLAMTSI
QMVSAMKSTSILPDQNIAAMAAGLPHFSTNYMRCWGRDVFISLRGLLLTTGRYEEAKEHILAFAKTLKHGLIPNLLDAGR
NPRYNARDAAWFFVQAIQDYVTIVPGGVSLLQEKVTRRFPLDDEYIPYDDPKAFSYSSTIEEIIYEILNRHAGGIKYREA
NAGPNLDRVMKDEGFNVEVNVDWETGLIHGGSQFNCGTWMDKMGESEKANSVGVPGTPRDGAAVEINGLLKSCLRFVLQL
SKDGKFKYTEVTKPDGSKISLSSWNDLLQENFERCFYVPKNKEDDNKFEIDATIINRRGIYKDLYRSGKPYEDYQFRPNF
TIAMVVAPELFTPDYAAGAIELADQVLRGPVGMRTLDPSDYNYRPYYNNGEDSDDFATSKGRNYHQGPEWVWCYGYFIRA
YHYFNFLTNPKCQVEGSAKKLKPSSYLYRKLYSRLLKHREWIENSPWAGLAELTNKDGEVCNDSSPTQAWSTGCLLDLFY
DLWISYEELEHHHHHH
;
_entity_poly.pdbx_strand_id   A,B
#
# COMPACT_ATOMS: atom_id res chain seq x y z
N ALA A 3 1.47 -17.22 -40.54
CA ALA A 3 2.82 -17.73 -40.33
C ALA A 3 3.49 -17.02 -39.15
N HIS A 4 4.18 -15.92 -39.43
CA HIS A 4 4.93 -15.18 -38.41
C HIS A 4 4.62 -13.69 -38.56
N ARG A 5 3.61 -13.22 -37.82
CA ARG A 5 3.25 -11.81 -37.81
C ARG A 5 3.47 -11.23 -36.42
N THR A 6 4.70 -11.30 -35.92
CA THR A 6 5.04 -10.90 -34.56
C THR A 6 6.08 -9.79 -34.56
N LEU A 7 5.85 -8.78 -33.71
CA LEU A 7 6.77 -7.66 -33.55
C LEU A 7 7.25 -7.60 -32.10
N LEU A 8 8.53 -7.30 -31.92
CA LEU A 8 9.14 -7.22 -30.59
C LEU A 8 9.15 -5.76 -30.14
N LEU A 9 8.48 -5.48 -29.03
CA LEU A 9 8.45 -4.15 -28.44
C LEU A 9 9.14 -4.22 -27.08
N ARG A 10 10.42 -3.84 -27.04
CA ARG A 10 11.18 -3.86 -25.80
C ARG A 10 10.78 -2.67 -24.93
N LEU A 11 10.71 -2.90 -23.63
CA LEU A 11 10.39 -1.87 -22.66
C LEU A 11 11.62 -1.52 -21.84
N SER A 12 11.63 -0.30 -21.32
CA SER A 12 12.73 0.17 -20.48
C SER A 12 12.51 -0.30 -19.04
N ASP A 13 13.34 0.19 -18.12
CA ASP A 13 13.17 -0.16 -16.71
C ASP A 13 12.00 0.56 -16.07
N SER A 14 11.46 1.59 -16.72
CA SER A 14 10.29 2.31 -16.23
C SER A 14 9.04 1.96 -17.03
N GLY A 15 9.10 0.90 -17.84
CA GLY A 15 7.94 0.49 -18.62
C GLY A 15 7.72 1.25 -19.91
N GLU A 16 8.63 2.12 -20.29
CA GLU A 16 8.44 2.87 -21.52
C GLU A 16 9.02 2.12 -22.71
N PRO A 17 8.36 2.19 -23.87
CA PRO A 17 8.89 1.50 -25.05
C PRO A 17 10.20 2.10 -25.50
N VAL A 18 11.08 1.24 -26.02
CA VAL A 18 12.41 1.65 -26.45
C VAL A 18 12.38 1.92 -27.94
N THR A 19 12.94 3.06 -28.35
CA THR A 19 13.03 3.42 -29.77
C THR A 19 14.23 2.71 -30.39
N SER A 20 13.96 1.82 -31.35
CA SER A 20 15.04 1.10 -32.01
C SER A 20 15.75 1.98 -33.03
N CYS A 21 15.06 2.97 -33.59
CA CYS A 21 15.65 3.91 -34.52
C CYS A 21 15.07 5.29 -34.30
N SER A 22 15.77 6.29 -34.83
CA SER A 22 15.38 7.69 -34.66
C SER A 22 14.73 8.18 -35.95
N TYR A 23 13.45 7.85 -36.10
CA TYR A 23 12.65 8.32 -37.22
C TYR A 23 11.98 9.65 -36.95
N GLY A 24 12.18 10.22 -35.76
CA GLY A 24 11.56 11.47 -35.39
C GLY A 24 10.34 11.27 -34.51
N GLN A 25 9.63 12.37 -34.27
CA GLN A 25 8.40 12.33 -33.49
C GLN A 25 7.35 11.50 -34.22
N GLY A 26 6.98 10.36 -33.63
CA GLY A 26 6.09 9.45 -34.32
C GLY A 26 5.13 8.68 -33.44
N VAL A 27 4.54 7.63 -34.00
CA VAL A 27 3.53 6.81 -33.34
C VAL A 27 3.87 5.34 -33.60
N LEU A 28 3.69 4.50 -32.58
CA LEU A 28 3.91 3.07 -32.72
C LEU A 28 2.86 2.48 -33.67
N THR A 29 3.13 2.56 -34.97
CA THR A 29 2.22 2.07 -36.00
C THR A 29 2.69 0.70 -36.49
N LEU A 30 1.74 -0.20 -36.69
CA LEU A 30 2.05 -1.52 -37.24
C LEU A 30 1.80 -1.53 -38.74
N PRO A 31 2.66 -2.20 -39.50
CA PRO A 31 2.60 -2.07 -40.97
C PRO A 31 1.32 -2.62 -41.56
N SER A 32 0.76 -1.88 -42.52
CA SER A 32 -0.45 -2.33 -43.21
C SER A 32 -0.10 -3.46 -44.18
N LEU A 33 -0.64 -4.64 -43.93
CA LEU A 33 -0.40 -5.82 -44.75
C LEU A 33 -1.69 -6.60 -44.91
N PRO A 34 -1.88 -7.27 -46.05
CA PRO A 34 -3.09 -8.07 -46.23
C PRO A 34 -3.04 -9.32 -45.36
N LEU A 35 -4.23 -9.87 -45.09
CA LEU A 35 -4.33 -11.11 -44.35
C LEU A 35 -3.73 -12.24 -45.17
N PRO A 36 -3.36 -13.35 -44.51
CA PRO A 36 -2.86 -14.52 -45.26
C PRO A 36 -3.88 -15.00 -46.28
N GLN A 37 -3.41 -15.86 -47.18
CA GLN A 37 -4.21 -16.34 -48.31
C GLN A 37 -5.54 -16.94 -47.86
N GLY A 38 -6.65 -16.25 -48.17
CA GLY A 38 -7.97 -16.76 -47.86
C GLY A 38 -8.30 -16.78 -46.37
N LYS A 39 -7.92 -15.75 -45.64
CA LYS A 39 -8.20 -15.65 -44.21
C LYS A 39 -8.96 -14.36 -43.92
N LYS A 40 -9.99 -14.47 -43.10
CA LYS A 40 -10.82 -13.33 -42.73
C LYS A 40 -10.43 -12.85 -41.33
N LEU A 41 -11.04 -11.75 -40.90
CA LEU A 41 -10.82 -11.22 -39.56
C LEU A 41 -11.42 -12.17 -38.53
N GLY A 42 -10.56 -12.80 -37.73
CA GLY A 42 -11.01 -13.72 -36.70
C GLY A 42 -10.40 -15.10 -36.80
N ASP A 43 -9.96 -15.47 -38.00
CA ASP A 43 -9.33 -16.77 -38.20
C ASP A 43 -8.01 -16.88 -37.44
N MET A 44 -7.32 -15.76 -37.25
CA MET A 44 -6.02 -15.75 -36.60
C MET A 44 -5.72 -14.32 -36.18
N PRO A 45 -4.81 -14.12 -35.22
CA PRO A 45 -4.44 -12.75 -34.84
C PRO A 45 -3.81 -12.00 -36.00
N VAL A 46 -4.21 -10.75 -36.17
CA VAL A 46 -3.63 -9.90 -37.20
C VAL A 46 -2.16 -9.64 -36.90
N TYR A 47 -1.84 -9.32 -35.65
CA TYR A 47 -0.47 -9.12 -35.21
C TYR A 47 -0.33 -9.57 -33.77
N THR A 48 0.92 -9.82 -33.37
CA THR A 48 1.24 -10.20 -32.00
C THR A 48 2.40 -9.33 -31.54
N VAL A 49 2.15 -8.50 -30.53
CA VAL A 49 3.16 -7.58 -30.01
C VAL A 49 3.83 -8.26 -28.82
N LYS A 50 5.12 -8.57 -28.96
CA LYS A 50 5.90 -9.20 -27.91
C LYS A 50 6.50 -8.12 -27.02
N LEU A 51 5.98 -7.97 -25.81
CA LEU A 51 6.52 -7.02 -24.85
C LEU A 51 7.69 -7.64 -24.11
N ALA A 52 8.81 -6.94 -24.07
CA ALA A 52 10.03 -7.41 -23.43
C ALA A 52 10.31 -6.55 -22.21
N ILE A 53 10.19 -7.14 -21.03
CA ILE A 53 10.42 -6.45 -19.77
C ILE A 53 11.80 -6.83 -19.26
N PRO A 54 12.65 -5.87 -18.87
CA PRO A 54 13.99 -6.21 -18.38
C PRO A 54 13.94 -7.00 -17.09
N ALA A 55 14.87 -7.92 -16.93
CA ALA A 55 14.93 -8.73 -15.73
C ALA A 55 15.43 -7.90 -14.55
N GLY A 56 14.77 -8.07 -13.40
CA GLY A 56 15.14 -7.34 -12.21
C GLY A 56 14.75 -5.88 -12.19
N SER A 57 14.07 -5.39 -13.23
CA SER A 57 13.67 -3.99 -13.26
C SER A 57 12.66 -3.69 -12.16
N PRO A 58 12.58 -2.44 -11.71
CA PRO A 58 11.61 -2.10 -10.65
C PRO A 58 10.17 -2.37 -11.03
N VAL A 59 9.86 -2.46 -12.33
CA VAL A 59 8.49 -2.74 -12.73
C VAL A 59 8.14 -4.20 -12.49
N THR A 60 9.13 -5.09 -12.53
CA THR A 60 8.86 -6.51 -12.34
C THR A 60 8.40 -6.85 -10.92
N ARG A 61 8.59 -5.95 -9.96
CA ARG A 61 8.22 -6.19 -8.57
C ARG A 61 6.69 -6.17 -8.45
N ASP A 62 6.08 -7.36 -8.38
CA ASP A 62 4.63 -7.50 -8.39
C ASP A 62 4.02 -6.77 -9.58
N GLY A 63 4.64 -6.91 -10.74
CA GLY A 63 4.26 -6.16 -11.91
C GLY A 63 3.14 -6.83 -12.70
N LEU A 64 2.27 -6.00 -13.26
CA LEU A 64 1.17 -6.46 -14.08
C LEU A 64 1.12 -5.62 -15.36
N ILE A 65 0.87 -6.29 -16.49
CA ILE A 65 0.72 -5.63 -17.78
C ILE A 65 -0.76 -5.45 -18.05
N TRP A 66 -1.19 -4.20 -18.18
CA TRP A 66 -2.58 -3.86 -18.49
C TRP A 66 -2.71 -3.49 -19.95
N THR A 67 -3.82 -3.89 -20.58
CA THR A 67 -4.08 -3.54 -21.96
C THR A 67 -5.57 -3.69 -22.23
N ASN A 68 -6.12 -2.79 -23.05
CA ASN A 68 -7.52 -2.87 -23.46
C ASN A 68 -7.71 -3.75 -24.70
N CYS A 69 -6.71 -4.53 -25.06
CA CYS A 69 -6.86 -5.48 -26.16
C CYS A 69 -7.79 -6.62 -25.74
N PRO A 70 -8.86 -6.89 -26.49
CA PRO A 70 -9.72 -8.02 -26.14
C PRO A 70 -8.95 -9.32 -26.20
N PRO A 71 -9.28 -10.28 -25.33
CA PRO A 71 -8.53 -11.55 -25.32
C PRO A 71 -8.77 -12.42 -26.54
N ASP A 72 -9.91 -12.26 -27.23
CA ASP A 72 -10.19 -13.03 -28.42
C ASP A 72 -11.10 -12.22 -29.33
N PHE A 73 -11.33 -12.75 -30.54
CA PHE A 73 -12.13 -12.03 -31.53
C PHE A 73 -13.59 -11.92 -31.12
N SER A 74 -14.08 -12.85 -30.29
CA SER A 74 -15.47 -12.78 -29.84
C SER A 74 -15.71 -11.58 -28.93
N THR A 75 -14.73 -11.20 -28.13
CA THR A 75 -14.88 -10.09 -27.21
C THR A 75 -14.78 -8.77 -27.96
N GLN A 76 -15.74 -7.88 -27.73
CA GLN A 76 -15.71 -6.56 -28.33
C GLN A 76 -14.64 -5.69 -27.67
N PHE A 77 -14.35 -4.57 -28.30
CA PHE A 77 -13.32 -3.65 -27.80
C PHE A 77 -13.96 -2.62 -26.89
N ASP A 78 -13.36 -2.43 -25.71
CA ASP A 78 -13.77 -1.41 -24.76
C ASP A 78 -12.55 -0.57 -24.42
N ARG A 79 -12.71 0.75 -24.47
CA ARG A 79 -11.58 1.65 -24.21
C ARG A 79 -11.07 1.51 -22.79
N GLU A 80 -11.98 1.31 -21.84
CA GLU A 80 -11.65 1.40 -20.43
C GLU A 80 -11.74 0.06 -19.69
N LYS A 81 -11.91 -1.04 -20.42
CA LYS A 81 -11.85 -2.38 -19.82
C LYS A 81 -10.47 -2.97 -20.13
N PHE A 82 -9.59 -2.95 -19.14
CA PHE A 82 -8.25 -3.49 -19.27
C PHE A 82 -8.18 -4.90 -18.66
N TYR A 83 -7.29 -5.71 -19.20
CA TYR A 83 -7.16 -7.12 -18.80
C TYR A 83 -5.81 -7.37 -18.15
N LYS A 84 -5.77 -8.35 -17.24
CA LYS A 84 -4.57 -8.64 -16.48
C LYS A 84 -3.60 -9.51 -17.26
N LYS A 85 -2.31 -9.26 -17.03
CA LYS A 85 -1.23 -10.10 -17.54
C LYS A 85 -0.12 -10.11 -16.51
N ILE A 86 0.37 -11.29 -16.17
CA ILE A 86 1.33 -11.46 -15.07
C ILE A 86 2.75 -11.40 -15.62
N ILE A 87 3.59 -10.58 -14.99
CA ILE A 87 5.00 -10.48 -15.34
C ILE A 87 5.77 -11.50 -14.51
N LYS A 88 6.46 -12.42 -15.17
CA LYS A 88 7.23 -13.45 -14.49
C LYS A 88 8.58 -12.86 -14.08
N THR A 89 8.69 -12.46 -12.83
CA THR A 89 9.89 -11.80 -12.34
C THR A 89 11.06 -12.76 -12.31
N SER A 90 12.23 -12.28 -12.74
CA SER A 90 13.47 -13.03 -12.64
C SER A 90 14.62 -12.03 -12.58
N PHE A 91 15.69 -12.43 -11.89
CA PHE A 91 16.89 -11.60 -11.83
C PHE A 91 17.85 -11.87 -12.99
N HIS A 92 17.62 -12.94 -13.74
CA HIS A 92 18.45 -13.31 -14.87
C HIS A 92 17.73 -13.20 -16.20
N GLU A 93 16.50 -13.70 -16.29
CA GLU A 93 15.80 -13.84 -17.56
C GLU A 93 14.77 -12.74 -17.73
N ASP A 94 14.76 -12.10 -18.90
CA ASP A 94 13.69 -11.18 -19.24
C ASP A 94 12.41 -11.95 -19.51
N ASP A 95 11.27 -11.28 -19.32
CA ASP A 95 9.97 -11.88 -19.54
C ASP A 95 9.34 -11.33 -20.80
N HIS A 96 8.73 -12.21 -21.59
CA HIS A 96 8.04 -11.86 -22.82
C HIS A 96 6.56 -12.16 -22.68
N ILE A 97 5.73 -11.15 -22.94
CA ILE A 97 4.27 -11.27 -22.82
C ILE A 97 3.66 -10.87 -24.14
N ASP A 98 2.90 -11.78 -24.75
CA ASP A 98 2.30 -11.57 -26.05
C ASP A 98 0.97 -10.84 -25.94
N LEU A 99 0.70 -9.97 -26.91
CA LEU A 99 -0.59 -9.29 -27.02
C LEU A 99 -1.16 -9.61 -28.40
N ASP A 100 -2.07 -10.58 -28.45
CA ASP A 100 -2.69 -10.98 -29.71
C ASP A 100 -3.78 -9.98 -30.09
N ILE A 101 -3.66 -9.43 -31.30
CA ILE A 101 -4.61 -8.45 -31.83
C ILE A 101 -5.34 -9.07 -33.00
N TYR A 102 -6.67 -9.03 -32.97
CA TYR A 102 -7.49 -9.65 -34.00
C TYR A 102 -8.19 -8.66 -34.93
N VAL A 103 -8.26 -7.39 -34.55
CA VAL A 103 -9.01 -6.39 -35.33
C VAL A 103 -8.26 -5.06 -35.29
N PRO A 104 -8.17 -4.33 -36.40
CA PRO A 104 -7.48 -3.04 -36.38
C PRO A 104 -8.19 -2.04 -35.49
N GLY A 105 -7.42 -1.12 -34.91
CA GLY A 105 -7.98 -0.09 -34.07
C GLY A 105 -6.91 0.52 -33.19
N THR A 106 -7.37 1.21 -32.15
CA THR A 106 -6.50 1.88 -31.18
C THR A 106 -6.38 1.02 -29.92
N TYR A 107 -5.14 0.72 -29.52
CA TYR A 107 -4.88 -0.07 -28.33
C TYR A 107 -3.79 0.61 -27.51
N CYS A 108 -3.91 0.50 -26.19
CA CYS A 108 -2.93 1.08 -25.28
C CYS A 108 -2.60 0.09 -24.18
N PHE A 109 -1.49 0.35 -23.50
CA PHE A 109 -1.05 -0.51 -22.40
C PHE A 109 -0.31 0.31 -21.36
N TYR A 110 -0.49 -0.04 -20.09
CA TYR A 110 0.26 0.56 -19.00
C TYR A 110 0.61 -0.53 -18.00
N LEU A 111 1.53 -0.21 -17.09
CA LEU A 111 2.05 -1.18 -16.14
C LEU A 111 1.83 -0.70 -14.72
N SER A 112 1.41 -1.62 -13.85
CA SER A 112 1.28 -1.39 -12.42
C SER A 112 2.27 -2.27 -11.67
N PHE A 113 2.91 -1.72 -10.64
CA PHE A 113 3.94 -2.44 -9.92
C PHE A 113 3.96 -1.97 -8.47
N LYS A 114 4.75 -2.66 -7.66
CA LYS A 114 4.89 -2.32 -6.25
C LYS A 114 6.02 -1.31 -6.09
N ASN A 115 5.67 -0.13 -5.58
CA ASN A 115 6.65 0.93 -5.42
C ASN A 115 7.69 0.57 -4.35
N ASP A 116 8.78 1.32 -4.36
CA ASP A 116 9.77 1.20 -3.29
C ASP A 116 9.22 1.65 -1.95
N LYS A 117 8.10 2.38 -1.95
CA LYS A 117 7.37 2.69 -0.73
C LYS A 117 6.35 1.63 -0.36
N ASP A 118 6.42 0.45 -0.99
CA ASP A 118 5.44 -0.62 -0.83
C ASP A 118 4.04 -0.18 -1.23
N GLU A 119 3.94 0.87 -2.03
CA GLU A 119 2.68 1.38 -2.55
C GLU A 119 2.48 0.93 -3.99
N LEU A 120 1.29 1.21 -4.53
CA LEU A 120 0.96 0.91 -5.91
C LEU A 120 1.28 2.11 -6.79
N GLU A 121 1.88 1.86 -7.94
CA GLU A 121 2.25 2.92 -8.88
C GLU A 121 1.90 2.46 -10.30
N THR A 122 1.65 3.44 -11.17
CA THR A 122 1.25 3.17 -12.54
C THR A 122 2.02 4.08 -13.49
N THR A 123 2.39 3.54 -14.65
CA THR A 123 3.08 4.30 -15.69
C THR A 123 2.05 4.98 -16.59
N ARG A 124 2.55 5.68 -17.61
CA ARG A 124 1.67 6.29 -18.60
C ARG A 124 0.94 5.21 -19.41
N LYS A 125 -0.09 5.64 -20.12
CA LYS A 125 -0.70 4.80 -21.15
C LYS A 125 0.09 4.94 -22.44
N PHE A 126 0.52 3.80 -22.99
CA PHE A 126 1.31 3.77 -24.22
C PHE A 126 0.48 3.15 -25.33
N TYR A 127 0.24 3.91 -26.38
CA TYR A 127 -0.67 3.52 -27.45
C TYR A 127 0.10 2.95 -28.64
N PHE A 128 -0.62 2.16 -29.44
CA PHE A 128 -0.11 1.66 -30.72
C PHE A 128 -1.30 1.36 -31.61
N VAL A 129 -1.16 1.68 -32.89
CA VAL A 129 -2.27 1.63 -33.85
C VAL A 129 -2.05 0.47 -34.80
N VAL A 130 -3.12 -0.31 -35.03
CA VAL A 130 -3.13 -1.35 -36.06
C VAL A 130 -3.95 -0.80 -37.22
N LEU A 131 -3.31 -0.60 -38.37
CA LEU A 131 -3.97 0.03 -39.50
C LEU A 131 -5.04 -0.89 -40.08
N PRO A 132 -6.09 -0.31 -40.67
CA PRO A 132 -7.12 -1.13 -41.31
C PRO A 132 -6.61 -1.79 -42.58
N ILE A 133 -7.34 -2.81 -43.01
CA ILE A 133 -7.02 -3.56 -44.23
C ILE A 133 -7.97 -3.10 -45.32
N LEU A 134 -7.42 -2.49 -46.37
CA LEU A 134 -8.22 -1.91 -47.44
C LEU A 134 -8.09 -2.79 -48.68
N SER A 135 -9.18 -3.47 -49.03
CA SER A 135 -9.30 -4.20 -50.28
C SER A 135 -10.53 -3.69 -51.00
N VAL A 136 -10.56 -3.88 -52.32
CA VAL A 136 -11.64 -3.34 -53.14
C VAL A 136 -12.61 -4.46 -53.51
N ASN A 137 -12.12 -5.46 -54.24
CA ASN A 137 -12.88 -6.69 -54.49
C ASN A 137 -12.20 -7.85 -53.77
N ASP A 138 -11.03 -8.28 -54.25
CA ASP A 138 -10.18 -9.21 -53.52
C ASP A 138 -8.72 -8.83 -53.65
N LYS A 139 -8.41 -7.63 -54.16
CA LYS A 139 -7.04 -7.17 -54.32
C LYS A 139 -6.71 -6.17 -53.22
N PHE A 140 -5.61 -6.41 -52.51
CA PHE A 140 -5.22 -5.56 -51.40
C PHE A 140 -4.71 -4.21 -51.91
N ILE A 141 -5.13 -3.14 -51.25
CA ILE A 141 -4.72 -1.78 -51.57
C ILE A 141 -3.75 -1.31 -50.48
N PRO A 142 -2.46 -1.22 -50.75
CA PRO A 142 -1.54 -0.64 -49.76
C PRO A 142 -1.94 0.77 -49.41
N LEU A 143 -1.69 1.14 -48.14
CA LEU A 143 -2.15 2.43 -47.65
C LEU A 143 -1.44 3.59 -48.36
N ASN A 144 -0.19 3.40 -48.77
CA ASN A 144 0.56 4.45 -49.45
C ASN A 144 0.41 4.40 -50.96
N SER A 145 -0.62 3.72 -51.45
CA SER A 145 -0.96 3.72 -52.87
C SER A 145 -2.41 4.17 -53.07
N ILE A 146 -2.92 4.99 -52.17
CA ILE A 146 -4.30 5.45 -52.23
C ILE A 146 -4.36 6.74 -53.04
N ALA A 147 -5.22 6.76 -54.05
CA ALA A 147 -5.50 7.95 -54.84
C ALA A 147 -6.94 8.36 -54.55
N MET A 148 -7.11 9.50 -53.89
CA MET A 148 -8.40 9.95 -53.42
C MET A 148 -8.89 11.13 -54.26
N GLN A 149 -10.12 11.03 -54.76
CA GLN A 149 -10.75 12.11 -55.51
C GLN A 149 -11.89 12.66 -54.67
N SER A 150 -11.73 13.91 -54.21
CA SER A 150 -12.75 14.56 -53.40
C SER A 150 -13.76 15.26 -54.29
N VAL A 151 -15.04 14.92 -54.14
CA VAL A 151 -16.11 15.45 -54.95
C VAL A 151 -17.18 16.03 -54.04
N VAL A 152 -17.77 17.15 -54.46
CA VAL A 152 -18.84 17.82 -53.74
C VAL A 152 -20.17 17.34 -54.32
N SER A 153 -21.11 17.00 -53.44
CA SER A 153 -22.34 16.34 -53.87
C SER A 153 -23.20 17.25 -54.74
N LYS A 154 -23.45 18.47 -54.28
CA LYS A 154 -24.41 19.34 -54.95
C LYS A 154 -23.91 19.90 -56.28
N TRP A 155 -22.77 19.47 -56.82
CA TRP A 155 -22.28 19.94 -58.11
C TRP A 155 -22.09 18.79 -59.10
N MET A 156 -22.75 17.66 -58.87
CA MET A 156 -22.61 16.48 -59.72
C MET A 156 -23.88 16.14 -60.49
N GLY A 157 -24.93 16.94 -60.37
CA GLY A 157 -26.19 16.63 -60.99
C GLY A 157 -27.21 16.18 -59.97
N PRO A 158 -28.49 16.35 -60.27
CA PRO A 158 -29.54 16.02 -59.30
C PRO A 158 -29.94 14.55 -59.28
N THR A 159 -29.36 13.72 -60.14
CA THR A 159 -29.74 12.32 -60.24
C THR A 159 -28.55 11.42 -59.92
N ILE A 160 -28.86 10.17 -59.57
CA ILE A 160 -27.80 9.21 -59.27
C ILE A 160 -26.97 8.91 -60.52
N LYS A 161 -27.63 8.76 -61.67
CA LYS A 161 -26.88 8.51 -62.90
C LYS A 161 -26.07 9.72 -63.31
N ASP A 162 -26.54 10.93 -62.98
CA ASP A 162 -25.72 12.12 -63.18
C ASP A 162 -24.45 12.06 -62.36
N TRP A 163 -24.47 11.35 -61.24
CA TRP A 163 -23.25 11.16 -60.46
C TRP A 163 -22.36 10.08 -61.06
N GLU A 164 -22.96 8.97 -61.51
CA GLU A 164 -22.19 7.87 -62.08
C GLU A 164 -21.48 8.24 -63.37
N LYS A 165 -21.84 9.37 -64.00
CA LYS A 165 -21.04 9.89 -65.09
C LYS A 165 -19.73 10.49 -64.57
N VAL A 166 -19.80 11.18 -63.42
CA VAL A 166 -18.59 11.69 -62.79
C VAL A 166 -17.71 10.53 -62.30
N PHE A 167 -18.34 9.45 -61.83
CA PHE A 167 -17.59 8.30 -61.36
C PHE A 167 -16.75 7.69 -62.47
N ALA A 168 -17.31 7.62 -63.68
CA ALA A 168 -16.58 7.05 -64.80
C ALA A 168 -15.39 7.92 -65.21
N ARG A 169 -15.49 9.23 -65.00
CA ARG A 169 -14.37 10.11 -65.36
C ARG A 169 -13.20 9.92 -64.42
N VAL A 170 -13.46 9.87 -63.11
CA VAL A 170 -12.38 9.68 -62.15
C VAL A 170 -11.86 8.25 -62.18
N ALA A 171 -12.67 7.30 -62.67
CA ALA A 171 -12.19 5.94 -62.83
C ALA A 171 -11.22 5.83 -64.00
N SER A 172 -11.42 6.65 -65.04
CA SER A 172 -10.50 6.67 -66.16
C SER A 172 -9.15 7.27 -65.76
N LYS A 173 -9.17 8.26 -64.85
CA LYS A 173 -7.94 8.78 -64.28
C LYS A 173 -7.30 7.83 -63.28
N LYS A 174 -7.92 6.68 -63.02
CA LYS A 174 -7.36 5.62 -62.20
C LYS A 174 -7.20 6.02 -60.73
N TYR A 175 -8.12 6.85 -60.24
CA TYR A 175 -8.26 7.01 -58.80
C TYR A 175 -8.91 5.76 -58.21
N ASN A 176 -8.50 5.39 -57.00
CA ASN A 176 -9.03 4.20 -56.35
C ASN A 176 -9.83 4.52 -55.10
N MET A 177 -10.10 5.80 -54.84
CA MET A 177 -10.88 6.18 -53.66
C MET A 177 -11.54 7.52 -53.93
N ILE A 178 -12.76 7.68 -53.46
CA ILE A 178 -13.54 8.91 -53.64
C ILE A 178 -13.94 9.44 -52.28
N HIS A 179 -13.61 10.70 -52.02
CA HIS A 179 -14.00 11.40 -50.80
C HIS A 179 -15.26 12.22 -51.08
N PHE A 180 -16.27 12.05 -50.24
CA PHE A 180 -17.55 12.74 -50.40
C PHE A 180 -17.70 13.81 -49.35
N THR A 181 -18.06 15.01 -49.77
CA THR A 181 -18.68 15.95 -48.85
C THR A 181 -19.99 15.33 -48.36
N PRO A 182 -20.37 15.58 -47.11
CA PRO A 182 -21.46 14.79 -46.50
C PRO A 182 -22.72 14.79 -47.33
N LEU A 183 -23.21 13.58 -47.63
CA LEU A 183 -24.36 13.36 -48.49
C LEU A 183 -25.68 13.45 -47.73
N GLN A 184 -25.74 14.32 -46.73
CA GLN A 184 -26.93 14.46 -45.88
C GLN A 184 -27.76 15.66 -46.34
N HIS A 185 -28.97 15.74 -45.80
CA HIS A 185 -29.83 16.89 -46.08
C HIS A 185 -29.17 18.17 -45.56
N ARG A 186 -28.96 19.12 -46.46
CA ARG A 186 -28.24 20.33 -46.09
C ARG A 186 -29.17 21.39 -45.52
N GLY A 187 -28.57 22.35 -44.83
CA GLY A 187 -29.32 23.35 -44.08
C GLY A 187 -29.84 24.49 -44.93
N GLU A 188 -30.04 25.63 -44.25
CA GLU A 188 -30.61 26.81 -44.90
C GLU A 188 -29.68 27.33 -45.99
N SER A 189 -28.43 27.62 -45.63
CA SER A 189 -27.48 28.16 -46.60
C SER A 189 -27.01 27.13 -47.62
N ASN A 190 -27.45 25.87 -47.50
CA ASN A 190 -27.12 24.80 -48.42
C ASN A 190 -25.62 24.51 -48.48
N SER A 191 -24.87 24.96 -47.49
CA SER A 191 -23.47 24.59 -47.41
C SER A 191 -23.37 23.10 -47.05
N PRO A 192 -22.46 22.35 -47.69
CA PRO A 192 -22.40 20.90 -47.42
C PRO A 192 -22.08 20.56 -45.98
N TYR A 193 -21.46 21.46 -45.22
CA TYR A 193 -21.05 21.17 -43.85
C TYR A 193 -22.06 21.61 -42.80
N SER A 194 -23.10 22.36 -43.18
CA SER A 194 -24.19 22.71 -42.27
C SER A 194 -25.32 21.72 -42.53
N ILE A 195 -25.28 20.60 -41.81
CA ILE A 195 -26.18 19.48 -42.08
C ILE A 195 -27.51 19.72 -41.37
N TYR A 196 -28.59 19.74 -42.15
CA TYR A 196 -29.94 19.89 -41.59
C TYR A 196 -30.27 18.73 -40.66
N ASP A 197 -30.29 17.51 -41.20
CA ASP A 197 -30.59 16.32 -40.42
C ASP A 197 -29.49 15.29 -40.68
N GLN A 198 -28.92 14.77 -39.59
CA GLN A 198 -27.80 13.83 -39.71
C GLN A 198 -28.25 12.42 -40.04
N LEU A 199 -29.50 12.05 -39.72
CA LEU A 199 -29.94 10.67 -39.79
C LEU A 199 -30.56 10.29 -41.13
N GLU A 200 -30.72 11.24 -42.05
CA GLU A 200 -31.23 10.93 -43.37
C GLU A 200 -30.43 11.71 -44.41
N PHE A 201 -30.30 11.13 -45.59
CA PHE A 201 -29.46 11.68 -46.65
C PHE A 201 -30.22 12.77 -47.41
N ASP A 202 -29.62 13.27 -48.48
CA ASP A 202 -30.20 14.35 -49.26
C ASP A 202 -31.46 13.88 -49.95
N PRO A 203 -32.63 14.45 -49.65
CA PRO A 203 -33.86 14.01 -50.33
C PRO A 203 -33.87 14.34 -51.82
N THR A 204 -32.99 15.22 -52.29
CA THR A 204 -32.93 15.53 -53.71
C THR A 204 -32.47 14.33 -54.53
N VAL A 205 -31.60 13.49 -53.96
CA VAL A 205 -31.00 12.37 -54.67
C VAL A 205 -31.42 11.04 -54.05
N PHE A 206 -31.27 10.91 -52.74
CA PHE A 206 -31.52 9.64 -52.08
C PHE A 206 -32.76 9.75 -51.21
N LYS A 207 -33.21 8.58 -50.72
CA LYS A 207 -34.36 8.48 -49.83
C LYS A 207 -34.16 7.52 -48.66
N SER A 208 -33.30 6.51 -48.78
CA SER A 208 -33.08 5.52 -47.72
C SER A 208 -31.60 5.13 -47.71
N GLU A 209 -31.20 4.39 -46.66
CA GLU A 209 -29.82 3.93 -46.59
C GLU A 209 -29.49 2.97 -47.73
N LYS A 210 -30.43 2.11 -48.10
CA LYS A 210 -30.17 1.12 -49.14
C LYS A 210 -29.95 1.77 -50.51
N GLU A 211 -30.48 2.97 -50.73
CA GLU A 211 -30.28 3.63 -52.02
C GLU A 211 -28.86 4.17 -52.16
N VAL A 212 -28.30 4.69 -51.07
CA VAL A 212 -26.93 5.19 -51.13
C VAL A 212 -25.92 4.06 -50.90
N ALA A 213 -26.29 3.04 -50.12
CA ALA A 213 -25.40 1.91 -49.92
C ALA A 213 -25.19 1.13 -51.21
N ASP A 214 -26.21 1.05 -52.05
CA ASP A 214 -26.07 0.39 -53.35
C ASP A 214 -25.17 1.19 -54.28
N MET A 215 -25.21 2.52 -54.18
CA MET A 215 -24.35 3.35 -55.02
C MET A 215 -22.88 3.18 -54.66
N VAL A 216 -22.58 3.10 -53.37
CA VAL A 216 -21.20 2.92 -52.94
C VAL A 216 -20.71 1.52 -53.30
N GLU A 217 -21.54 0.51 -53.07
CA GLU A 217 -21.18 -0.85 -53.47
C GLU A 217 -21.06 -0.96 -54.99
N ARG A 218 -21.85 -0.16 -55.73
CA ARG A 218 -21.71 -0.12 -57.17
C ARG A 218 -20.36 0.48 -57.58
N LEU A 219 -19.92 1.53 -56.88
CA LEU A 219 -18.60 2.10 -57.13
C LEU A 219 -17.50 1.08 -56.87
N ARG A 220 -17.70 0.18 -55.92
CA ARG A 220 -16.68 -0.83 -55.61
C ARG A 220 -16.58 -1.87 -56.71
N THR A 221 -17.72 -2.39 -57.17
CA THR A 221 -17.70 -3.48 -58.14
C THR A 221 -17.45 -2.99 -59.57
N GLU A 222 -17.98 -1.81 -59.91
CA GLU A 222 -17.87 -1.32 -61.28
C GLU A 222 -16.48 -0.78 -61.57
N HIS A 223 -16.06 0.26 -60.85
CA HIS A 223 -14.85 0.99 -61.15
C HIS A 223 -13.70 0.68 -60.20
N ASN A 224 -13.88 -0.27 -59.28
CA ASN A 224 -12.86 -0.62 -58.29
C ASN A 224 -12.42 0.61 -57.49
N ILE A 225 -13.40 1.23 -56.84
CA ILE A 225 -13.18 2.48 -56.11
C ILE A 225 -13.87 2.40 -54.75
N LEU A 226 -13.12 2.69 -53.69
CA LEU A 226 -13.66 2.78 -52.36
C LEU A 226 -14.17 4.20 -52.08
N SER A 227 -14.95 4.35 -51.02
CA SER A 227 -15.62 5.61 -50.74
C SER A 227 -15.50 5.96 -49.26
N LEU A 228 -15.51 7.26 -48.97
CA LEU A 228 -15.53 7.78 -47.61
C LEU A 228 -16.10 9.18 -47.64
N THR A 229 -16.63 9.62 -46.50
CA THR A 229 -17.32 10.89 -46.39
C THR A 229 -16.67 11.77 -45.32
N ASP A 230 -17.09 13.04 -45.30
CA ASP A 230 -16.83 13.90 -44.16
C ASP A 230 -17.78 13.57 -43.03
N ILE A 231 -17.28 13.66 -41.80
CA ILE A 231 -18.09 13.50 -40.59
C ILE A 231 -17.91 14.76 -39.76
N VAL A 232 -19.01 15.44 -39.47
CA VAL A 232 -19.01 16.72 -38.76
C VAL A 232 -19.43 16.46 -37.32
N PHE A 233 -18.51 16.69 -36.37
CA PHE A 233 -18.82 16.58 -34.96
C PHE A 233 -19.04 17.93 -34.27
N ASN A 234 -18.46 19.01 -34.81
CA ASN A 234 -18.37 20.25 -34.06
C ASN A 234 -19.62 21.12 -34.16
N HIS A 235 -20.46 20.90 -35.17
CA HIS A 235 -21.58 21.80 -35.39
C HIS A 235 -22.68 21.10 -36.18
N THR A 236 -23.84 21.76 -36.26
CA THR A 236 -24.96 21.33 -37.07
C THR A 236 -25.65 22.57 -37.62
N ALA A 237 -26.56 22.37 -38.57
CA ALA A 237 -27.22 23.49 -39.22
C ALA A 237 -28.07 24.28 -38.23
N ASN A 238 -28.23 25.56 -38.51
CA ASN A 238 -28.92 26.49 -37.62
C ASN A 238 -30.44 26.39 -37.69
N ASN A 239 -30.97 25.37 -38.37
CA ASN A 239 -32.42 25.24 -38.56
C ASN A 239 -32.78 23.75 -38.59
N SER A 240 -32.41 23.04 -37.54
CA SER A 240 -32.71 21.62 -37.41
C SER A 240 -33.94 21.45 -36.53
N GLN A 241 -34.90 20.66 -37.01
CA GLN A 241 -36.14 20.45 -36.27
C GLN A 241 -35.93 19.71 -34.96
N TRP A 242 -34.78 19.03 -34.80
CA TRP A 242 -34.46 18.41 -33.52
C TRP A 242 -33.81 19.39 -32.55
N LEU A 243 -33.24 20.49 -33.04
CA LEU A 243 -32.76 21.52 -32.14
C LEU A 243 -33.90 22.21 -31.41
N LEU A 244 -35.09 22.23 -32.01
CA LEU A 244 -36.25 22.76 -31.32
C LEU A 244 -36.66 21.85 -30.17
N ASP A 245 -36.53 20.53 -30.34
CA ASP A 245 -36.87 19.60 -29.27
C ASP A 245 -35.79 19.55 -28.21
N HIS A 246 -34.51 19.54 -28.62
CA HIS A 246 -33.38 19.43 -27.71
C HIS A 246 -32.46 20.62 -27.92
N PRO A 247 -32.78 21.77 -27.31
CA PRO A 247 -31.88 22.93 -27.41
C PRO A 247 -30.63 22.82 -26.55
N GLU A 248 -30.58 21.89 -25.61
CA GLU A 248 -29.42 21.73 -24.76
C GLU A 248 -28.24 21.06 -25.47
N ALA A 249 -28.43 20.62 -26.72
CA ALA A 249 -27.32 20.02 -27.46
C ALA A 249 -26.21 21.02 -27.76
N GLY A 250 -26.52 22.33 -27.72
CA GLY A 250 -25.53 23.36 -27.86
C GLY A 250 -25.38 24.16 -26.57
N TYR A 251 -24.39 25.05 -26.58
CA TYR A 251 -24.14 25.92 -25.43
C TYR A 251 -25.14 27.07 -25.47
N ASN A 252 -26.02 27.14 -24.49
CA ASN A 252 -26.99 28.22 -24.36
C ASN A 252 -26.81 28.91 -23.01
N HIS A 253 -27.75 29.80 -22.67
CA HIS A 253 -27.68 30.53 -21.42
C HIS A 253 -27.88 29.62 -20.21
N LYS A 254 -28.50 28.46 -20.38
CA LYS A 254 -28.61 27.51 -19.28
C LYS A 254 -27.37 26.65 -19.16
N THR A 255 -26.92 26.06 -20.28
CA THR A 255 -25.80 25.14 -20.25
C THR A 255 -24.48 25.86 -20.06
N SER A 256 -24.26 26.96 -20.78
CA SER A 256 -23.05 27.77 -20.69
C SER A 256 -23.43 29.18 -20.27
N PRO A 257 -23.59 29.44 -18.97
CA PRO A 257 -24.05 30.76 -18.52
C PRO A 257 -23.02 31.87 -18.72
N HIS A 258 -21.76 31.54 -18.97
CA HIS A 258 -20.74 32.57 -19.13
C HIS A 258 -20.93 33.40 -20.39
N LEU A 259 -21.67 32.89 -21.37
CA LEU A 259 -21.91 33.58 -22.63
C LEU A 259 -23.14 34.48 -22.58
N ILE A 260 -23.78 34.60 -21.42
CA ILE A 260 -24.94 35.48 -21.30
C ILE A 260 -24.55 36.91 -21.63
N SER A 261 -23.35 37.33 -21.22
CA SER A 261 -22.88 38.68 -21.55
C SER A 261 -22.70 38.85 -23.05
N ALA A 262 -22.24 37.80 -23.73
CA ALA A 262 -22.03 37.88 -25.18
C ALA A 262 -23.34 37.80 -25.95
N ILE A 263 -24.37 37.16 -25.39
CA ILE A 263 -25.66 37.08 -26.07
C ILE A 263 -26.27 38.46 -26.22
N GLU A 264 -26.28 39.24 -25.13
CA GLU A 264 -26.87 40.57 -25.17
C GLU A 264 -26.07 41.54 -26.03
N LEU A 265 -24.79 41.27 -26.25
CA LEU A 265 -24.00 42.14 -27.11
C LEU A 265 -24.31 41.89 -28.59
N ASP A 266 -24.59 40.64 -28.94
CA ASP A 266 -24.91 40.30 -30.33
C ASP A 266 -26.22 40.91 -30.76
N LYS A 267 -27.25 40.71 -29.94
CA LYS A 267 -28.57 41.22 -30.29
C LYS A 267 -28.68 42.73 -30.13
N LYS A 268 -27.77 43.37 -29.38
CA LYS A 268 -27.75 44.83 -29.37
C LYS A 268 -27.10 45.40 -30.62
N LEU A 269 -26.20 44.63 -31.24
CA LEU A 269 -25.56 45.12 -32.45
C LEU A 269 -26.47 44.89 -33.64
N LEU A 270 -27.19 43.78 -33.63
CA LEU A 270 -28.19 43.53 -34.67
C LEU A 270 -29.33 44.53 -34.60
N ASP A 271 -29.68 45.03 -33.41
CA ASP A 271 -30.73 46.05 -33.34
C ASP A 271 -30.20 47.41 -33.77
N PHE A 272 -28.90 47.65 -33.61
CA PHE A 272 -28.33 48.90 -34.08
C PHE A 272 -28.27 48.91 -35.60
N SER A 273 -28.11 47.73 -36.20
CA SER A 273 -28.15 47.64 -37.65
C SER A 273 -29.55 47.98 -38.18
N GLU A 274 -30.61 47.73 -37.39
CA GLU A 274 -31.95 48.09 -37.84
C GLU A 274 -32.17 49.61 -37.83
N GLN A 275 -31.60 50.29 -36.83
CA GLN A 275 -31.69 51.73 -36.69
C GLN A 275 -30.31 52.35 -36.88
N MET A 276 -29.72 52.07 -38.03
CA MET A 276 -28.36 52.55 -38.26
C MET A 276 -28.39 53.99 -38.78
N GLU A 277 -28.78 54.20 -40.05
CA GLU A 277 -28.95 55.56 -40.56
C GLU A 277 -30.22 56.21 -40.04
N ALA A 278 -31.18 55.40 -39.58
CA ALA A 278 -32.38 55.86 -38.92
C ALA A 278 -32.04 56.63 -37.64
N LEU A 279 -31.03 56.15 -36.90
CA LEU A 279 -30.44 56.83 -35.74
C LEU A 279 -29.33 57.79 -36.10
N GLY A 280 -28.36 57.41 -36.94
CA GLY A 280 -27.32 58.35 -37.33
C GLY A 280 -27.24 58.65 -38.82
N TYR A 281 -26.17 58.20 -39.48
CA TYR A 281 -26.04 58.51 -40.90
C TYR A 281 -25.29 57.46 -41.73
N PRO A 282 -24.13 56.95 -41.29
CA PRO A 282 -23.36 56.03 -42.13
C PRO A 282 -24.07 54.69 -42.30
N VAL A 283 -24.46 54.37 -43.53
CA VAL A 283 -25.16 53.12 -43.78
C VAL A 283 -24.11 52.12 -44.24
N ASP A 284 -23.58 52.35 -45.45
CA ASP A 284 -22.51 51.52 -45.99
C ASP A 284 -21.65 52.35 -46.94
N LEU A 285 -20.84 53.23 -46.39
CA LEU A 285 -19.98 54.06 -47.21
C LEU A 285 -18.56 53.49 -47.22
N LYS A 286 -17.71 54.03 -48.08
CA LYS A 286 -16.36 53.51 -48.14
C LYS A 286 -15.37 54.55 -47.68
N THR A 287 -15.71 55.26 -46.61
CA THR A 287 -14.85 56.32 -46.10
C THR A 287 -14.25 55.80 -44.81
N VAL A 288 -13.01 56.21 -44.56
CA VAL A 288 -12.40 55.87 -43.29
C VAL A 288 -13.14 56.56 -42.15
N ASP A 289 -13.63 57.78 -42.41
CA ASP A 289 -14.49 58.46 -41.44
C ASP A 289 -15.83 57.75 -41.25
N ASP A 290 -16.34 57.09 -42.29
CA ASP A 290 -17.66 56.44 -42.16
C ASP A 290 -17.60 55.33 -41.13
N LEU A 291 -16.45 54.68 -41.03
CA LEU A 291 -16.27 53.64 -40.02
C LEU A 291 -16.24 54.27 -38.64
N ILE A 292 -15.47 55.34 -38.50
CA ILE A 292 -15.26 55.99 -37.20
C ILE A 292 -16.57 56.56 -36.68
N LYS A 293 -17.40 57.12 -37.56
CA LYS A 293 -18.66 57.71 -37.14
C LYS A 293 -19.65 56.64 -36.71
N VAL A 294 -19.65 55.50 -37.40
CA VAL A 294 -20.51 54.38 -37.04
C VAL A 294 -20.00 53.71 -35.78
N MET A 295 -18.68 53.70 -35.58
CA MET A 295 -18.11 53.15 -34.36
C MET A 295 -18.43 54.06 -33.17
N ASP A 296 -18.52 55.37 -33.41
CA ASP A 296 -18.92 56.29 -32.35
C ASP A 296 -20.40 56.15 -32.04
N GLY A 297 -21.19 55.72 -33.03
CA GLY A 297 -22.56 55.34 -32.75
C GLY A 297 -22.67 54.02 -32.02
N ILE A 298 -21.71 53.11 -32.24
CA ILE A 298 -21.72 51.85 -31.49
C ILE A 298 -21.35 52.10 -30.03
N LYS A 299 -20.42 53.02 -29.80
CA LYS A 299 -19.99 53.31 -28.44
C LYS A 299 -21.11 53.92 -27.62
N GLU A 300 -22.02 54.65 -28.28
CA GLU A 300 -23.04 55.43 -27.59
C GLU A 300 -24.40 54.77 -27.59
N HIS A 301 -24.67 53.87 -28.55
CA HIS A 301 -25.96 53.19 -28.68
C HIS A 301 -25.97 51.74 -28.24
N VAL A 302 -24.82 51.06 -28.18
CA VAL A 302 -24.79 49.66 -27.72
C VAL A 302 -23.78 49.46 -26.59
N ILE A 303 -22.55 49.93 -26.75
CA ILE A 303 -21.52 49.75 -25.71
C ILE A 303 -21.90 50.53 -24.46
N GLY A 304 -22.30 51.79 -24.65
CA GLY A 304 -22.71 52.67 -23.57
C GLY A 304 -24.12 52.42 -23.06
N GLU A 305 -24.78 51.37 -23.57
CA GLU A 305 -26.15 51.07 -23.15
C GLU A 305 -26.29 49.76 -22.38
N LEU A 306 -25.21 49.20 -21.84
CA LEU A 306 -25.32 47.99 -21.02
C LEU A 306 -24.85 48.25 -19.58
N LYS A 307 -25.05 49.45 -19.08
CA LYS A 307 -25.00 49.74 -17.64
C LYS A 307 -23.59 49.60 -17.07
N LEU A 308 -22.58 50.01 -17.84
CA LEU A 308 -21.17 49.94 -17.46
C LEU A 308 -20.71 48.51 -17.18
N TRP A 309 -21.55 47.53 -17.53
CA TRP A 309 -21.26 46.12 -17.37
C TRP A 309 -20.98 45.73 -15.92
N GLU A 310 -22.05 45.45 -15.18
CA GLU A 310 -21.94 44.89 -13.85
C GLU A 310 -21.52 43.43 -13.88
N PHE A 311 -21.28 42.85 -15.06
CA PHE A 311 -20.84 41.48 -15.16
C PHE A 311 -19.51 41.26 -14.45
N TYR A 312 -18.66 42.27 -14.40
CA TYR A 312 -17.40 42.19 -13.67
C TYR A 312 -17.45 42.93 -12.34
N VAL A 313 -18.03 44.12 -12.32
CA VAL A 313 -17.94 45.03 -11.18
C VAL A 313 -19.01 44.70 -10.15
N VAL A 314 -18.62 44.69 -8.87
CA VAL A 314 -19.57 44.52 -7.79
C VAL A 314 -20.44 45.76 -7.68
N ASP A 315 -21.75 45.56 -7.56
CA ASP A 315 -22.68 46.66 -7.37
C ASP A 315 -22.37 47.38 -6.06
N VAL A 316 -21.80 48.57 -6.13
CA VAL A 316 -21.26 49.23 -4.95
C VAL A 316 -22.39 49.66 -4.01
N LYS A 317 -23.28 50.54 -4.49
CA LYS A 317 -24.32 51.08 -3.61
C LYS A 317 -25.38 50.04 -3.27
N GLN A 318 -25.56 49.03 -4.12
CA GLN A 318 -26.49 47.96 -3.79
C GLN A 318 -25.91 46.97 -2.79
N THR A 319 -24.62 47.10 -2.46
CA THR A 319 -24.03 46.34 -1.37
C THR A 319 -24.14 47.09 -0.06
N VAL A 320 -23.94 48.41 -0.09
CA VAL A 320 -24.14 49.24 1.09
C VAL A 320 -25.61 49.22 1.50
N SER A 321 -26.52 49.24 0.52
CA SER A 321 -27.94 49.08 0.82
C SER A 321 -28.21 47.75 1.52
N GLU A 322 -27.53 46.69 1.08
CA GLU A 322 -27.61 45.39 1.73
C GLU A 322 -26.59 45.23 2.84
N LEU A 323 -26.21 46.33 3.49
CA LEU A 323 -25.40 46.30 4.71
C LEU A 323 -26.15 46.82 5.93
N ARG A 324 -26.99 47.85 5.77
CA ARG A 324 -27.91 48.34 6.80
C ARG A 324 -29.16 47.47 6.99
N GLU A 325 -29.52 46.65 6.01
CA GLU A 325 -30.77 45.89 6.09
C GLU A 325 -30.76 44.85 7.21
N LYS A 326 -29.66 44.11 7.38
CA LYS A 326 -29.58 43.15 8.47
C LYS A 326 -28.40 43.38 9.42
N TRP A 327 -27.74 44.55 9.35
CA TRP A 327 -26.65 44.89 10.27
C TRP A 327 -26.91 44.47 11.71
N GLY A 328 -26.52 43.23 12.05
CA GLY A 328 -26.65 42.68 13.39
C GLY A 328 -26.58 41.17 13.45
N ASN A 329 -27.05 40.46 12.42
CA ASN A 329 -26.87 39.01 12.42
C ASN A 329 -25.40 38.67 12.35
N SER A 330 -24.64 39.48 11.59
CA SER A 330 -23.18 39.45 11.54
C SER A 330 -22.63 39.89 12.89
N LYS A 331 -22.07 38.94 13.64
CA LYS A 331 -21.66 39.16 15.02
C LYS A 331 -20.14 39.14 15.11
N SER A 332 -19.54 40.14 14.47
CA SER A 332 -18.11 40.44 14.56
C SER A 332 -17.25 39.25 14.15
N TRP A 333 -15.94 39.41 14.35
CA TRP A 333 -14.97 38.36 14.11
C TRP A 333 -14.08 38.19 15.33
N SER A 334 -13.22 37.16 15.23
CA SER A 334 -12.22 36.86 16.25
C SER A 334 -10.84 36.69 15.64
N ASP A 335 -10.72 36.54 14.33
CA ASP A 335 -9.42 36.40 13.71
C ASP A 335 -8.68 37.72 13.79
N ASP A 336 -7.34 37.65 13.78
CA ASP A 336 -6.48 38.84 13.87
C ASP A 336 -5.65 39.07 12.62
N ASN A 337 -5.94 38.33 11.54
CA ASN A 337 -5.23 38.41 10.27
C ASN A 337 -5.67 39.60 9.40
N ILE A 338 -6.82 40.21 9.68
CA ILE A 338 -7.36 41.31 8.86
C ILE A 338 -6.34 42.43 8.74
N PRO A 339 -5.94 42.83 7.52
CA PRO A 339 -5.03 43.98 7.37
C PRO A 339 -5.69 45.27 7.82
N SER A 340 -4.86 46.23 8.24
CA SER A 340 -5.35 47.53 8.67
C SER A 340 -5.59 48.44 7.45
N LYS A 341 -6.19 49.60 7.71
CA LYS A 341 -6.44 50.56 6.64
C LYS A 341 -5.15 51.14 6.05
N ASP A 342 -4.00 50.88 6.68
CA ASP A 342 -2.73 51.33 6.13
C ASP A 342 -2.46 50.68 4.77
N ASP A 343 -2.56 49.36 4.71
CA ASP A 343 -2.41 48.63 3.46
C ASP A 343 -3.78 48.58 2.79
N SER A 344 -4.06 49.60 1.98
CA SER A 344 -5.39 49.74 1.37
C SER A 344 -5.64 48.73 0.26
N THR A 345 -4.62 48.02 -0.20
CA THR A 345 -4.78 47.02 -1.26
C THR A 345 -4.85 45.60 -0.73
N ASN A 346 -4.05 45.28 0.30
CA ASN A 346 -4.12 43.94 0.90
C ASN A 346 -5.44 43.74 1.62
N LEU A 347 -6.02 44.80 2.18
CA LEU A 347 -7.35 44.71 2.77
C LEU A 347 -8.42 44.50 1.70
N ALA A 348 -8.18 45.01 0.48
CA ALA A 348 -9.16 44.88 -0.59
C ALA A 348 -9.34 43.43 -1.01
N GLN A 349 -8.23 42.71 -1.21
CA GLN A 349 -8.32 41.33 -1.65
C GLN A 349 -8.58 40.36 -0.51
N PHE A 350 -8.33 40.78 0.73
CA PHE A 350 -8.64 39.93 1.88
C PHE A 350 -10.13 39.67 1.97
N VAL A 351 -10.95 40.69 1.69
CA VAL A 351 -12.40 40.50 1.66
C VAL A 351 -12.80 39.61 0.48
N ARG A 352 -12.03 39.66 -0.62
CA ARG A 352 -12.34 38.86 -1.79
C ARG A 352 -12.19 37.37 -1.51
N ASP A 353 -11.31 37.00 -0.57
CA ASP A 353 -11.07 35.60 -0.28
C ASP A 353 -12.01 35.01 0.77
N ASN A 354 -12.67 35.85 1.58
CA ASN A 354 -13.46 35.36 2.70
C ASN A 354 -14.95 35.62 2.56
N ALA A 355 -15.37 36.76 2.01
CA ALA A 355 -16.77 37.14 1.94
C ALA A 355 -17.19 37.26 0.47
N THR A 356 -17.29 36.12 -0.21
CA THR A 356 -17.71 36.09 -1.61
C THR A 356 -18.60 34.87 -1.85
N GLU A 357 -19.69 35.09 -2.58
CA GLU A 357 -20.53 33.99 -3.02
C GLU A 357 -19.78 33.15 -4.05
N PRO A 358 -20.18 31.89 -4.22
CA PRO A 358 -19.46 31.01 -5.17
C PRO A 358 -19.49 31.56 -6.59
N GLY A 359 -18.41 31.31 -7.32
CA GLY A 359 -18.28 31.81 -8.67
C GLY A 359 -17.84 33.25 -8.77
N PHE A 360 -17.03 33.72 -7.83
CA PHE A 360 -16.59 35.11 -7.83
C PHE A 360 -15.44 35.30 -8.81
N GLY A 361 -15.46 36.43 -9.52
CA GLY A 361 -14.49 36.76 -10.55
C GLY A 361 -14.86 36.22 -11.93
N SER A 362 -15.46 35.03 -11.98
CA SER A 362 -15.89 34.45 -13.23
C SER A 362 -17.19 35.10 -13.71
N LEU A 363 -17.53 34.85 -14.97
CA LEU A 363 -18.72 35.37 -15.63
C LEU A 363 -19.94 34.48 -15.37
N GLY A 364 -21.11 35.12 -15.36
CA GLY A 364 -22.39 34.43 -15.18
C GLY A 364 -23.57 35.25 -15.62
N GLU A 365 -24.46 35.59 -14.68
CA GLU A 365 -25.55 36.50 -14.96
C GLU A 365 -25.06 37.94 -14.85
N ARG A 366 -25.99 38.88 -14.91
CA ARG A 366 -25.64 40.29 -14.91
C ARG A 366 -24.87 40.68 -13.64
N GLY A 367 -25.42 40.32 -12.48
CA GLY A 367 -24.72 40.58 -11.23
C GLY A 367 -24.31 39.30 -10.53
N SER A 368 -23.54 38.46 -11.23
CA SER A 368 -23.13 37.18 -10.66
C SER A 368 -22.10 37.32 -9.56
N ASN A 369 -21.23 38.32 -9.63
CA ASN A 369 -20.19 38.49 -8.62
C ASN A 369 -20.74 39.41 -7.55
N LYS A 370 -20.88 38.87 -6.34
CA LYS A 370 -21.44 39.59 -5.22
C LYS A 370 -20.72 39.17 -3.94
N ILE A 371 -20.94 39.94 -2.89
CA ILE A 371 -20.26 39.77 -1.62
C ILE A 371 -21.19 39.07 -0.63
N ASN A 372 -20.63 38.12 0.11
CA ASN A 372 -21.36 37.53 1.23
C ASN A 372 -21.53 38.60 2.30
N ILE A 373 -22.76 39.07 2.48
CA ILE A 373 -23.01 40.20 3.37
C ILE A 373 -22.70 39.81 4.80
N ASP A 374 -23.11 38.60 5.20
CA ASP A 374 -22.96 38.18 6.59
C ASP A 374 -21.50 38.12 7.04
N LYS A 375 -20.57 37.80 6.13
CA LYS A 375 -19.17 37.78 6.52
C LYS A 375 -18.48 39.12 6.27
N PHE A 376 -19.01 39.93 5.35
CA PHE A 376 -18.39 41.23 5.07
C PHE A 376 -18.56 42.17 6.26
N ALA A 377 -19.78 42.31 6.76
CA ALA A 377 -20.01 43.19 7.90
C ALA A 377 -19.25 42.70 9.14
N ALA A 378 -19.03 41.40 9.25
CA ALA A 378 -18.25 40.89 10.38
C ALA A 378 -16.79 41.36 10.31
N ILE A 379 -16.25 41.46 9.09
CA ILE A 379 -14.90 41.98 8.92
C ILE A 379 -14.88 43.48 9.21
N LEU A 380 -15.92 44.20 8.79
CA LEU A 380 -16.00 45.64 9.00
C LEU A 380 -16.11 45.99 10.48
N LYS A 381 -16.87 45.19 11.24
CA LYS A 381 -17.11 45.45 12.64
C LYS A 381 -15.86 45.20 13.48
N LYS A 382 -15.07 44.21 13.11
CA LYS A 382 -13.86 43.92 13.86
C LYS A 382 -12.71 44.83 13.45
N LEU A 383 -12.82 45.50 12.30
CA LEU A 383 -11.78 46.41 11.85
C LEU A 383 -12.09 47.86 12.20
N HIS A 384 -13.37 48.28 12.18
CA HIS A 384 -13.72 49.66 12.47
C HIS A 384 -14.59 49.69 13.73
N SER A 385 -15.90 49.50 13.61
CA SER A 385 -16.79 49.62 14.76
C SER A 385 -18.05 48.80 14.53
N GLU A 386 -18.72 48.45 15.63
CA GLU A 386 -19.96 47.70 15.55
C GLU A 386 -21.16 48.57 15.21
N ASP A 387 -21.06 49.89 15.40
CA ASP A 387 -22.14 50.79 15.01
C ASP A 387 -21.96 51.19 13.55
N TYR A 388 -23.06 51.20 12.81
CA TYR A 388 -22.97 51.40 11.37
C TYR A 388 -22.57 52.83 11.01
N ASN A 389 -23.19 53.82 11.66
CA ASN A 389 -22.96 55.21 11.28
C ASN A 389 -21.54 55.69 11.56
N ASN A 390 -20.72 54.87 12.22
CA ASN A 390 -19.32 55.23 12.49
C ASN A 390 -18.48 54.99 11.25
N GLY A 391 -18.74 55.80 10.22
CA GLY A 391 -17.93 55.79 9.01
C GLY A 391 -17.84 54.47 8.29
N ILE A 392 -18.90 53.64 8.36
CA ILE A 392 -18.88 52.37 7.64
C ILE A 392 -19.21 52.58 6.16
N GLU A 393 -20.15 53.49 5.86
CA GLU A 393 -20.51 53.77 4.48
C GLU A 393 -19.29 54.24 3.68
N GLU A 394 -18.40 55.01 4.31
CA GLU A 394 -17.19 55.43 3.62
C GLU A 394 -16.18 54.28 3.52
N LEU A 395 -16.03 53.50 4.61
CA LEU A 395 -15.06 52.42 4.59
C LEU A 395 -15.52 51.28 3.69
N ALA A 396 -16.79 50.89 3.77
CA ALA A 396 -17.29 49.79 2.94
C ALA A 396 -17.23 50.16 1.46
N THR A 397 -17.50 51.42 1.13
CA THR A 397 -17.43 51.83 -0.28
C THR A 397 -15.98 51.93 -0.75
N LYS A 398 -15.08 52.39 0.12
CA LYS A 398 -13.68 52.47 -0.24
C LYS A 398 -13.10 51.09 -0.53
N ILE A 399 -13.51 50.09 0.26
CA ILE A 399 -13.02 48.72 0.05
C ILE A 399 -13.55 48.16 -1.26
N LEU A 400 -14.87 48.29 -1.48
CA LEU A 400 -15.47 47.72 -2.68
C LEU A 400 -14.97 48.41 -3.94
N ASN A 401 -14.71 49.72 -3.88
CA ASN A 401 -14.15 50.41 -5.04
C ASN A 401 -12.76 49.89 -5.36
N ASP A 402 -11.98 49.54 -4.34
CA ASP A 402 -10.66 48.97 -4.57
C ASP A 402 -10.75 47.53 -5.06
N ILE A 403 -11.80 46.81 -4.68
CA ILE A 403 -11.98 45.45 -5.17
C ILE A 403 -12.30 45.45 -6.66
N ASN A 404 -13.02 46.46 -7.14
CA ASN A 404 -13.40 46.55 -8.53
C ASN A 404 -12.35 47.21 -9.41
N LEU A 405 -11.23 47.64 -8.84
CA LEU A 405 -10.15 48.20 -9.64
C LEU A 405 -9.58 47.19 -10.64
N PRO A 406 -9.28 45.94 -10.26
CA PRO A 406 -8.85 44.97 -11.29
C PRO A 406 -9.97 44.58 -12.24
N PHE A 407 -11.23 44.64 -11.78
CA PHE A 407 -12.35 44.32 -12.68
C PHE A 407 -12.57 45.43 -13.69
N TYR A 408 -12.41 46.69 -13.28
CA TYR A 408 -12.56 47.79 -14.22
C TYR A 408 -11.46 47.78 -15.27
N LYS A 409 -10.22 47.51 -14.86
CA LYS A 409 -9.13 47.40 -15.82
C LYS A 409 -9.25 46.12 -16.65
N GLU A 410 -9.91 45.09 -16.11
CA GLU A 410 -10.29 43.95 -16.92
C GLU A 410 -11.38 44.30 -17.92
N TYR A 411 -12.14 45.36 -17.64
CA TYR A 411 -13.20 45.77 -18.55
C TYR A 411 -12.68 46.66 -19.68
N ASP A 412 -11.77 47.58 -19.36
CA ASP A 412 -11.20 48.44 -20.40
C ASP A 412 -10.37 47.64 -21.39
N ASP A 413 -9.68 46.59 -20.92
CA ASP A 413 -8.93 45.74 -21.83
C ASP A 413 -9.85 44.85 -22.66
N ASP A 414 -11.04 44.55 -22.15
CA ASP A 414 -12.00 43.77 -22.92
C ASP A 414 -12.69 44.62 -23.98
N ILE A 415 -13.17 45.81 -23.59
CA ILE A 415 -13.91 46.66 -24.51
C ILE A 415 -13.04 47.08 -25.69
N ASN A 416 -11.78 47.43 -25.42
CA ASN A 416 -10.89 47.83 -26.50
C ASN A 416 -10.75 46.74 -27.55
N GLU A 417 -10.65 45.48 -27.11
CA GLU A 417 -10.57 44.37 -28.05
C GLU A 417 -11.91 44.09 -28.72
N VAL A 418 -13.02 44.54 -28.14
CA VAL A 418 -14.33 44.32 -28.76
C VAL A 418 -14.47 45.18 -30.00
N LEU A 419 -14.15 46.47 -29.89
CA LEU A 419 -14.33 47.39 -31.01
C LEU A 419 -13.12 47.44 -31.93
N GLU A 420 -11.91 47.15 -31.43
CA GLU A 420 -10.77 47.04 -32.32
C GLU A 420 -10.93 45.88 -33.28
N GLN A 421 -11.46 44.75 -32.80
CA GLN A 421 -11.81 43.66 -33.68
C GLN A 421 -12.93 44.03 -34.63
N LEU A 422 -13.77 45.00 -34.25
CA LEU A 422 -14.92 45.38 -35.06
C LEU A 422 -14.52 46.21 -36.27
N PHE A 423 -13.82 47.32 -36.06
CA PHE A 423 -13.45 48.19 -37.17
C PHE A 423 -12.30 47.64 -37.99
N ASN A 424 -11.76 46.47 -37.64
CA ASN A 424 -10.78 45.79 -38.49
C ASN A 424 -11.42 44.80 -39.43
N ARG A 425 -12.51 44.13 -39.01
CA ARG A 425 -13.19 43.19 -39.88
C ARG A 425 -14.18 43.90 -40.80
N ILE A 426 -14.90 44.90 -40.27
CA ILE A 426 -15.90 45.60 -41.09
C ILE A 426 -15.22 46.29 -42.27
N LYS A 427 -13.97 46.71 -42.13
CA LYS A 427 -13.24 47.20 -43.29
C LYS A 427 -13.13 46.10 -44.35
N TYR A 428 -12.52 44.98 -43.96
CA TYR A 428 -12.38 43.84 -44.88
C TYR A 428 -13.73 43.27 -45.26
N LEU A 429 -14.73 43.39 -44.38
CA LEU A 429 -16.07 42.92 -44.70
C LEU A 429 -16.75 43.84 -45.73
N ARG A 430 -16.46 45.14 -45.67
CA ARG A 430 -17.07 46.10 -46.57
C ARG A 430 -16.04 46.82 -47.44
N ILE A 431 -15.15 47.63 -46.87
CA ILE A 431 -14.26 48.41 -47.72
C ILE A 431 -13.33 47.49 -48.47
N ASP A 432 -13.27 47.65 -49.79
CA ASP A 432 -12.52 46.71 -50.62
C ASP A 432 -11.03 46.75 -50.31
N ASP A 433 -10.59 46.17 -49.20
CA ASP A 433 -9.16 46.02 -49.00
C ASP A 433 -8.69 44.81 -49.80
N HIS A 434 -9.37 43.69 -49.61
CA HIS A 434 -9.27 42.54 -50.50
C HIS A 434 -10.61 41.80 -50.54
N GLY A 435 -11.62 42.31 -49.85
CA GLY A 435 -12.91 41.66 -49.77
C GLY A 435 -14.04 42.52 -50.31
N PRO A 436 -15.01 41.90 -50.96
CA PRO A 436 -16.03 42.69 -51.63
C PRO A 436 -17.32 42.79 -50.82
N LYS A 437 -18.43 42.97 -51.53
CA LYS A 437 -19.78 42.99 -50.97
C LYS A 437 -19.92 44.10 -49.92
N GLN A 438 -19.87 45.33 -50.41
CA GLN A 438 -20.15 46.51 -49.57
C GLN A 438 -21.59 46.96 -49.78
N GLY A 439 -22.52 46.03 -49.70
CA GLY A 439 -23.93 46.31 -49.83
C GLY A 439 -24.47 47.03 -48.61
N PRO A 440 -25.34 48.02 -48.81
CA PRO A 440 -25.93 48.70 -47.65
C PRO A 440 -26.49 47.67 -46.67
N ILE A 441 -26.30 47.93 -45.38
CA ILE A 441 -26.56 46.97 -44.32
C ILE A 441 -27.97 46.43 -44.44
N THR A 442 -28.08 45.17 -44.86
CA THR A 442 -29.37 44.52 -45.05
C THR A 442 -29.70 43.65 -43.84
N LYS A 443 -30.90 43.09 -43.86
CA LYS A 443 -31.27 42.14 -42.81
C LYS A 443 -30.42 40.87 -42.91
N LYS A 444 -30.05 40.47 -44.13
CA LYS A 444 -29.18 39.31 -44.31
C LYS A 444 -27.71 39.68 -44.12
N LEU A 445 -27.35 40.93 -44.39
CA LEU A 445 -25.97 41.42 -44.29
C LEU A 445 -25.99 42.61 -43.34
N PRO A 446 -26.10 42.38 -42.04
CA PRO A 446 -25.99 43.46 -41.06
C PRO A 446 -24.53 43.84 -40.83
N LEU A 447 -24.31 44.85 -39.98
CA LEU A 447 -22.95 45.28 -39.66
C LEU A 447 -22.17 44.24 -38.85
N SER A 448 -22.85 43.42 -38.05
CA SER A 448 -22.26 42.35 -37.25
C SER A 448 -22.75 40.99 -37.73
N GLU A 449 -21.82 40.10 -38.06
CA GLU A 449 -22.16 38.72 -38.37
C GLU A 449 -22.80 38.05 -37.15
N PRO A 450 -23.90 37.31 -37.33
CA PRO A 450 -24.61 36.73 -36.18
C PRO A 450 -23.73 35.79 -35.37
N TYR A 451 -23.43 36.19 -34.13
CA TYR A 451 -22.64 35.35 -33.23
C TYR A 451 -23.48 34.29 -32.54
N PHE A 452 -24.80 34.45 -32.57
CA PHE A 452 -25.75 33.55 -31.89
C PHE A 452 -26.97 33.33 -32.77
N THR A 453 -27.39 32.06 -32.88
CA THR A 453 -28.61 31.68 -33.56
C THR A 453 -29.78 31.65 -32.57
N ARG A 454 -30.74 32.55 -32.75
CA ARG A 454 -31.89 32.67 -31.87
C ARG A 454 -33.11 31.96 -32.44
N PHE A 455 -33.88 31.30 -31.57
CA PHE A 455 -35.06 30.53 -31.95
C PHE A 455 -35.93 30.28 -30.72
N LYS A 456 -37.23 30.08 -30.97
CA LYS A 456 -38.17 29.67 -29.93
C LYS A 456 -38.33 28.16 -29.98
N ALA A 457 -37.99 27.51 -28.87
CA ALA A 457 -37.93 26.06 -28.75
C ALA A 457 -39.32 25.46 -28.54
N LYS A 458 -39.38 24.13 -28.60
CA LYS A 458 -40.64 23.43 -28.40
C LYS A 458 -41.07 23.44 -26.95
N ASP A 459 -40.24 23.96 -26.06
CA ASP A 459 -40.59 24.10 -24.68
C ASP A 459 -41.13 25.47 -24.37
N GLY A 460 -41.49 26.22 -25.42
CA GLY A 460 -41.99 27.54 -25.31
C GLY A 460 -40.94 28.60 -25.03
N GLU A 461 -39.82 28.24 -24.38
CA GLU A 461 -38.89 29.29 -24.02
C GLU A 461 -38.00 29.66 -25.21
N GLU A 462 -37.28 30.76 -25.04
CA GLU A 462 -36.39 31.27 -26.07
C GLU A 462 -34.94 30.98 -25.70
N TYR A 463 -34.16 30.58 -26.69
CA TYR A 463 -32.78 30.22 -26.47
C TYR A 463 -31.89 31.01 -27.42
N ALA A 464 -30.58 30.81 -27.27
CA ALA A 464 -29.58 31.50 -28.07
C ALA A 464 -28.35 30.61 -28.19
N LEU A 465 -28.43 29.61 -29.08
CA LEU A 465 -27.29 28.77 -29.40
C LEU A 465 -26.42 29.53 -30.39
N ALA A 466 -25.13 29.63 -30.08
CA ALA A 466 -24.21 30.34 -30.94
C ALA A 466 -23.73 29.41 -32.07
N ASN A 467 -22.78 29.89 -32.85
CA ASN A 467 -22.22 29.13 -33.96
C ASN A 467 -20.70 29.15 -33.87
N ASN A 468 -20.09 27.98 -34.06
CA ASN A 468 -18.65 27.87 -33.92
C ASN A 468 -17.97 28.56 -35.11
N GLY A 469 -16.63 28.55 -35.07
CA GLY A 469 -15.82 29.16 -36.10
C GLY A 469 -14.36 28.85 -35.89
N ALA A 470 -13.53 29.89 -35.79
CA ALA A 470 -12.12 29.71 -35.54
C ALA A 470 -11.50 31.03 -35.08
N ILE A 471 -10.70 30.97 -34.03
CA ILE A 471 -9.91 32.11 -33.61
C ILE A 471 -8.76 32.30 -34.58
N TRP A 472 -8.33 33.55 -34.76
CA TRP A 472 -7.32 33.88 -35.76
C TRP A 472 -6.05 33.05 -35.58
N ASP A 473 -5.35 33.25 -34.46
CA ASP A 473 -4.12 32.52 -34.17
C ASP A 473 -4.18 31.83 -32.82
N GLY A 474 -5.39 31.51 -32.34
CA GLY A 474 -5.54 30.89 -31.05
C GLY A 474 -5.24 29.40 -31.05
N ASN A 475 -5.10 28.87 -29.84
CA ASN A 475 -4.85 27.44 -29.67
C ASN A 475 -6.12 26.65 -29.97
N PRO A 476 -6.13 25.79 -30.99
CA PRO A 476 -7.36 25.05 -31.31
C PRO A 476 -7.73 24.01 -30.26
N LEU A 477 -6.80 23.62 -29.39
CA LEU A 477 -7.10 22.65 -28.34
C LEU A 477 -8.01 23.20 -27.26
N VAL A 478 -8.19 24.52 -27.20
CA VAL A 478 -9.07 25.16 -26.22
C VAL A 478 -10.44 25.38 -26.85
N ASP A 479 -11.48 24.86 -26.19
CA ASP A 479 -12.85 25.07 -26.63
C ASP A 479 -13.20 26.54 -26.44
N PHE A 480 -13.24 27.30 -27.54
CA PHE A 480 -13.56 28.72 -27.43
C PHE A 480 -15.00 28.97 -27.02
N ALA A 481 -15.85 27.95 -27.04
CA ALA A 481 -17.22 28.10 -26.53
C ALA A 481 -17.30 27.77 -25.05
N SER A 482 -16.28 27.13 -24.49
CA SER A 482 -16.28 26.78 -23.08
C SER A 482 -16.03 28.03 -22.23
N SER A 483 -16.07 27.84 -20.91
CA SER A 483 -15.89 28.95 -19.99
C SER A 483 -14.45 29.45 -19.95
N GLN A 484 -13.48 28.65 -20.41
CA GLN A 484 -12.09 29.06 -20.34
C GLN A 484 -11.74 30.15 -21.34
N SER A 485 -12.59 30.39 -22.34
CA SER A 485 -12.34 31.38 -23.36
C SER A 485 -13.30 32.56 -23.22
N LYS A 486 -12.83 33.73 -23.62
CA LYS A 486 -13.63 34.96 -23.66
C LYS A 486 -13.74 35.47 -25.09
N ALA A 487 -13.72 34.54 -26.06
CA ALA A 487 -13.67 34.92 -27.47
C ALA A 487 -15.01 35.43 -27.98
N TYR A 488 -16.11 34.79 -27.56
CA TYR A 488 -17.43 35.25 -27.99
C TYR A 488 -17.78 36.61 -27.38
N LEU A 489 -17.19 36.93 -26.23
CA LEU A 489 -17.43 38.24 -25.63
C LEU A 489 -16.58 39.30 -26.30
N ARG A 490 -15.26 39.09 -26.35
CA ARG A 490 -14.36 40.04 -26.99
C ARG A 490 -14.44 40.03 -28.50
N ARG A 491 -15.38 39.27 -29.07
CA ARG A 491 -15.64 39.28 -30.51
C ARG A 491 -14.43 38.83 -31.31
N GLU A 492 -13.63 37.92 -30.75
CA GLU A 492 -12.46 37.37 -31.42
C GLU A 492 -12.78 36.08 -32.19
N VAL A 493 -13.99 35.96 -32.73
CA VAL A 493 -14.44 34.74 -33.39
C VAL A 493 -14.85 35.07 -34.81
N ILE A 494 -14.29 34.33 -35.77
CA ILE A 494 -14.74 34.36 -37.15
C ILE A 494 -15.78 33.26 -37.29
N VAL A 495 -17.05 33.65 -37.35
CA VAL A 495 -18.16 32.72 -37.15
C VAL A 495 -18.60 32.11 -38.48
N TRP A 496 -19.39 31.03 -38.39
CA TRP A 496 -20.05 30.41 -39.54
C TRP A 496 -21.55 30.40 -39.23
N GLY A 497 -22.27 31.36 -39.77
CA GLY A 497 -23.71 31.43 -39.54
C GLY A 497 -24.49 30.23 -40.04
N ASP A 498 -23.90 29.47 -40.97
CA ASP A 498 -24.58 28.27 -41.48
C ASP A 498 -24.75 27.22 -40.39
N CYS A 499 -23.81 27.15 -39.46
CA CYS A 499 -23.71 26.08 -38.47
C CYS A 499 -24.18 26.59 -37.10
N VAL A 500 -24.15 25.69 -36.12
CA VAL A 500 -24.56 25.96 -34.75
C VAL A 500 -23.83 25.01 -33.83
N LYS A 501 -23.46 25.50 -32.65
CA LYS A 501 -22.75 24.73 -31.62
C LYS A 501 -23.24 23.30 -31.46
N LEU A 502 -22.32 22.41 -31.06
CA LEU A 502 -22.68 21.08 -30.58
C LEU A 502 -21.95 20.87 -29.26
N ARG A 503 -22.68 20.95 -28.16
CA ARG A 503 -22.10 20.94 -26.82
C ARG A 503 -22.01 19.51 -26.32
N TYR A 504 -20.84 18.90 -26.50
CA TYR A 504 -20.51 17.68 -25.79
C TYR A 504 -19.93 18.02 -24.43
N GLY A 505 -20.16 17.15 -23.45
CA GLY A 505 -19.62 17.38 -22.13
C GLY A 505 -18.48 16.45 -21.81
N LYS A 506 -18.34 16.09 -20.54
CA LYS A 506 -17.38 15.07 -20.15
C LYS A 506 -17.80 13.67 -20.58
N GLY A 507 -19.03 13.52 -21.08
CA GLY A 507 -19.54 12.24 -21.53
C GLY A 507 -21.00 12.37 -21.93
N PRO A 508 -21.68 11.22 -22.05
CA PRO A 508 -23.11 11.27 -22.40
C PRO A 508 -23.99 11.89 -21.33
N SER A 509 -23.49 12.04 -20.10
CA SER A 509 -24.32 12.57 -19.02
C SER A 509 -24.60 14.06 -19.16
N ASP A 510 -23.76 14.79 -19.90
CA ASP A 510 -23.96 16.22 -20.06
C ASP A 510 -24.85 16.57 -21.24
N SER A 511 -24.92 15.70 -22.25
CA SER A 511 -25.79 15.92 -23.41
C SER A 511 -26.27 14.57 -23.89
N PRO A 512 -27.30 14.00 -23.26
CA PRO A 512 -27.70 12.63 -23.58
C PRO A 512 -28.16 12.43 -25.01
N TYR A 513 -29.04 13.32 -25.50
CA TYR A 513 -29.59 13.13 -26.84
C TYR A 513 -28.56 13.40 -27.92
N LEU A 514 -27.61 14.30 -27.66
CA LEU A 514 -26.58 14.59 -28.66
C LEU A 514 -25.68 13.38 -28.90
N TRP A 515 -25.27 12.70 -27.83
CA TRP A 515 -24.42 11.53 -27.97
C TRP A 515 -25.16 10.38 -28.63
N GLU A 516 -26.44 10.19 -28.29
CA GLU A 516 -27.23 9.13 -28.89
C GLU A 516 -27.47 9.39 -30.36
N ARG A 517 -27.69 10.65 -30.73
CA ARG A 517 -27.94 10.98 -32.13
C ARG A 517 -26.66 10.85 -32.96
N MET A 518 -25.54 11.38 -32.46
CA MET A 518 -24.29 11.28 -33.18
C MET A 518 -23.81 9.84 -33.28
N SER A 519 -24.12 9.01 -32.28
CA SER A 519 -23.75 7.60 -32.35
C SER A 519 -24.48 6.90 -33.50
N LYS A 520 -25.80 7.08 -33.58
CA LYS A 520 -26.56 6.47 -34.66
C LYS A 520 -26.22 7.09 -36.01
N TYR A 521 -25.78 8.34 -36.02
CA TYR A 521 -25.35 8.98 -37.26
C TYR A 521 -23.98 8.49 -37.71
N VAL A 522 -23.09 8.17 -36.76
CA VAL A 522 -21.76 7.68 -37.12
C VAL A 522 -21.86 6.27 -37.69
N GLU A 523 -22.53 5.36 -36.97
CA GLU A 523 -22.63 3.98 -37.42
C GLU A 523 -23.50 3.82 -38.66
N MET A 524 -24.26 4.85 -39.03
CA MET A 524 -25.02 4.79 -40.27
C MET A 524 -24.09 4.88 -41.48
N ASN A 525 -23.20 5.86 -41.50
CA ASN A 525 -22.20 5.96 -42.56
C ASN A 525 -21.14 4.87 -42.46
N ALA A 526 -20.93 4.31 -41.26
CA ALA A 526 -19.95 3.24 -41.11
C ALA A 526 -20.42 1.95 -41.76
N ARG A 527 -21.74 1.73 -41.82
CA ARG A 527 -22.26 0.54 -42.49
C ARG A 527 -22.05 0.62 -44.00
N ILE A 528 -21.96 1.82 -44.54
CA ILE A 528 -21.95 2.02 -45.99
C ILE A 528 -20.53 2.20 -46.51
N PHE A 529 -19.83 3.20 -45.99
CA PHE A 529 -18.57 3.64 -46.57
C PHE A 529 -17.39 2.94 -45.91
N ASN A 530 -16.22 3.08 -46.54
CA ASN A 530 -15.00 2.44 -46.06
C ASN A 530 -14.24 3.28 -45.05
N GLY A 531 -14.57 4.56 -44.91
CA GLY A 531 -13.85 5.39 -43.97
C GLY A 531 -14.52 6.73 -43.76
N PHE A 532 -13.83 7.57 -43.00
CA PHE A 532 -14.32 8.90 -42.64
C PHE A 532 -13.26 9.94 -42.97
N ARG A 533 -13.70 11.19 -43.02
CA ARG A 533 -12.82 12.35 -43.16
C ARG A 533 -13.28 13.39 -42.16
N ILE A 534 -12.36 13.91 -41.36
CA ILE A 534 -12.69 14.77 -40.23
C ILE A 534 -12.13 16.16 -40.51
N ASP A 535 -13.02 17.13 -40.70
CA ASP A 535 -12.61 18.51 -40.90
C ASP A 535 -12.34 19.17 -39.55
N ASN A 536 -11.18 19.82 -39.45
CA ASN A 536 -10.75 20.49 -38.22
C ASN A 536 -10.83 19.53 -37.02
N CYS A 537 -10.10 18.42 -37.14
CA CYS A 537 -10.10 17.41 -36.08
C CYS A 537 -9.49 17.96 -34.80
N HIS A 538 -8.59 18.94 -34.90
CA HIS A 538 -7.95 19.51 -33.73
C HIS A 538 -8.93 20.27 -32.84
N SER A 539 -10.05 20.73 -33.38
CA SER A 539 -11.05 21.42 -32.59
C SER A 539 -12.09 20.48 -31.97
N THR A 540 -12.14 19.23 -32.42
CA THR A 540 -13.00 18.25 -31.78
C THR A 540 -12.31 17.70 -30.54
N PRO A 541 -12.98 17.70 -29.38
CA PRO A 541 -12.33 17.21 -28.16
C PRO A 541 -11.91 15.75 -28.31
N LEU A 542 -10.83 15.39 -27.61
CA LEU A 542 -10.29 14.04 -27.71
C LEU A 542 -11.32 12.99 -27.32
N HIS A 543 -11.84 13.09 -26.09
CA HIS A 543 -12.79 12.09 -25.61
C HIS A 543 -14.05 12.03 -26.46
N VAL A 544 -14.40 13.12 -27.16
CA VAL A 544 -15.53 13.07 -28.09
C VAL A 544 -15.15 12.27 -29.33
N GLY A 545 -13.98 12.56 -29.90
CA GLY A 545 -13.54 11.84 -31.09
C GLY A 545 -13.20 10.39 -30.81
N GLN A 546 -12.74 10.08 -29.60
CA GLN A 546 -12.38 8.71 -29.26
C GLN A 546 -13.60 7.80 -29.21
N TYR A 547 -14.69 8.28 -28.60
CA TYR A 547 -15.85 7.42 -28.40
C TYR A 547 -16.51 7.04 -29.73
N PHE A 548 -16.74 8.03 -30.60
CA PHE A 548 -17.49 7.77 -31.81
C PHE A 548 -16.67 7.00 -32.84
N LEU A 549 -15.36 7.26 -32.90
CA LEU A 549 -14.52 6.50 -33.83
C LEU A 549 -14.44 5.03 -33.44
N ASP A 550 -14.54 4.72 -32.14
CA ASP A 550 -14.57 3.33 -31.72
C ASP A 550 -15.91 2.68 -32.02
N VAL A 551 -17.00 3.45 -31.95
CA VAL A 551 -18.32 2.94 -32.33
C VAL A 551 -18.32 2.60 -33.81
N ALA A 552 -17.69 3.45 -34.63
CA ALA A 552 -17.62 3.18 -36.07
C ALA A 552 -16.78 1.95 -36.36
N ARG A 553 -15.65 1.78 -35.66
CA ARG A 553 -14.81 0.62 -35.89
C ARG A 553 -15.46 -0.67 -35.43
N ARG A 554 -16.41 -0.61 -34.50
CA ARG A 554 -17.19 -1.79 -34.15
C ARG A 554 -18.13 -2.19 -35.28
N VAL A 555 -18.62 -1.21 -36.04
CA VAL A 555 -19.47 -1.50 -37.19
C VAL A 555 -18.61 -1.87 -38.40
N ASN A 556 -17.62 -1.04 -38.72
CA ASN A 556 -16.70 -1.31 -39.81
C ASN A 556 -15.30 -1.49 -39.24
N PRO A 557 -14.83 -2.73 -39.04
CA PRO A 557 -13.50 -2.93 -38.44
C PRO A 557 -12.36 -2.38 -39.28
N ASN A 558 -12.55 -2.20 -40.58
CA ASN A 558 -11.52 -1.65 -41.46
C ASN A 558 -11.81 -0.19 -41.81
N LEU A 559 -12.12 0.62 -40.80
CA LEU A 559 -12.44 2.01 -41.01
C LEU A 559 -11.18 2.82 -41.25
N TYR A 560 -11.12 3.54 -42.38
CA TYR A 560 -9.99 4.36 -42.76
C TYR A 560 -10.28 5.81 -42.38
N VAL A 561 -9.44 6.40 -41.54
CA VAL A 561 -9.69 7.70 -40.95
C VAL A 561 -8.71 8.71 -41.52
N VAL A 562 -9.24 9.80 -42.08
CA VAL A 562 -8.45 10.94 -42.53
C VAL A 562 -8.86 12.15 -41.71
N ALA A 563 -7.92 13.05 -41.47
CA ALA A 563 -8.19 14.21 -40.65
C ALA A 563 -7.26 15.36 -41.01
N GLU A 564 -7.83 16.56 -41.14
CA GLU A 564 -7.04 17.78 -41.28
C GLU A 564 -6.59 18.20 -39.89
N LEU A 565 -5.40 17.77 -39.50
CA LEU A 565 -4.92 17.92 -38.13
C LEU A 565 -3.74 18.89 -38.12
N PHE A 566 -3.98 20.10 -37.60
CA PHE A 566 -2.93 21.10 -37.40
C PHE A 566 -3.06 21.58 -35.95
N SER A 567 -2.54 20.78 -35.02
CA SER A 567 -2.58 21.12 -33.61
C SER A 567 -1.41 22.02 -33.25
N GLY A 568 -1.07 22.09 -31.96
CA GLY A 568 -0.02 23.01 -31.53
C GLY A 568 1.35 22.64 -32.06
N SER A 569 1.65 21.35 -32.13
CA SER A 569 2.98 20.88 -32.53
C SER A 569 2.85 19.48 -33.10
N GLU A 570 4.00 18.92 -33.50
CA GLU A 570 4.01 17.54 -33.97
C GLU A 570 3.69 16.55 -32.85
N ALA A 571 4.10 16.86 -31.63
CA ALA A 571 3.82 15.96 -30.50
C ALA A 571 2.32 15.83 -30.27
N MET A 572 1.60 16.96 -30.29
CA MET A 572 0.16 16.92 -30.16
C MET A 572 -0.49 16.22 -31.35
N ASP A 573 0.09 16.40 -32.54
CA ASP A 573 -0.40 15.67 -33.71
C ASP A 573 -0.26 14.16 -33.53
N CYS A 574 0.87 13.72 -32.96
CA CYS A 574 1.06 12.29 -32.75
C CYS A 574 0.11 11.75 -31.69
N LEU A 575 -0.15 12.54 -30.63
CA LEU A 575 -1.03 12.07 -29.57
C LEU A 575 -2.47 11.89 -30.08
N PHE A 576 -2.93 12.81 -30.93
CA PHE A 576 -4.24 12.64 -31.54
C PHE A 576 -4.28 11.40 -32.43
N VAL A 577 -3.22 11.17 -33.21
CA VAL A 577 -3.16 9.97 -34.03
C VAL A 577 -3.08 8.72 -33.16
N GLU A 578 -2.39 8.80 -32.02
CA GLU A 578 -2.27 7.65 -31.13
C GLU A 578 -3.63 7.24 -30.57
N ARG A 579 -4.36 8.19 -29.98
CA ARG A 579 -5.57 7.84 -29.24
C ARG A 579 -6.78 7.69 -30.15
N LEU A 580 -6.88 8.51 -31.19
CA LEU A 580 -8.03 8.44 -32.09
C LEU A 580 -7.90 7.34 -33.12
N GLY A 581 -6.69 6.86 -33.41
CA GLY A 581 -6.51 5.88 -34.45
C GLY A 581 -6.55 6.44 -35.85
N ILE A 582 -6.11 7.69 -36.03
CA ILE A 582 -6.10 8.31 -37.35
C ILE A 582 -5.14 7.54 -38.26
N SER A 583 -5.60 7.23 -39.46
CA SER A 583 -4.78 6.46 -40.38
C SER A 583 -3.90 7.32 -41.27
N SER A 584 -4.33 8.55 -41.55
CA SER A 584 -3.59 9.43 -42.45
C SER A 584 -3.89 10.88 -42.11
N LEU A 585 -2.87 11.73 -42.23
CA LEU A 585 -3.02 13.17 -42.02
C LEU A 585 -3.02 13.89 -43.35
N ILE A 586 -3.87 14.90 -43.47
CA ILE A 586 -3.97 15.67 -44.70
C ILE A 586 -2.87 16.72 -44.74
N ARG A 587 -2.11 16.73 -45.84
CA ARG A 587 -1.12 17.76 -46.12
C ARG A 587 -1.49 18.42 -47.44
N GLU A 588 -1.36 19.74 -47.50
CA GLU A 588 -1.78 20.52 -48.65
C GLU A 588 -0.55 21.06 -49.38
N ALA A 589 -0.48 20.81 -50.69
CA ALA A 589 0.64 21.28 -51.50
C ALA A 589 0.49 22.74 -51.90
N MET A 590 -0.74 23.27 -51.91
CA MET A 590 -0.96 24.66 -52.26
C MET A 590 -0.52 25.62 -51.17
N GLN A 591 -0.21 25.12 -49.97
CA GLN A 591 0.26 26.00 -48.90
C GLN A 591 1.65 26.55 -49.18
N ALA A 592 2.42 25.91 -50.04
CA ALA A 592 3.77 26.36 -50.36
C ALA A 592 3.71 27.71 -51.08
N TRP A 593 4.28 28.74 -50.47
CA TRP A 593 4.25 30.06 -51.06
C TRP A 593 5.25 30.22 -52.20
N SER A 594 6.38 29.51 -52.14
CA SER A 594 7.44 29.63 -53.13
C SER A 594 7.90 28.24 -53.56
N GLU A 595 8.91 28.22 -54.42
CA GLU A 595 9.46 26.94 -54.89
C GLU A 595 10.23 26.22 -53.79
N GLU A 596 10.91 26.97 -52.92
CA GLU A 596 11.68 26.33 -51.86
C GLU A 596 10.76 25.72 -50.80
N GLU A 597 9.63 26.35 -50.52
CA GLU A 597 8.68 25.77 -49.56
C GLU A 597 8.05 24.50 -50.11
N LEU A 598 7.85 24.43 -51.44
CA LEU A 598 7.29 23.21 -52.02
C LEU A 598 8.29 22.07 -51.99
N SER A 599 9.57 22.37 -52.27
CA SER A 599 10.60 21.33 -52.22
C SER A 599 10.78 20.80 -50.80
N ARG A 600 10.57 21.65 -49.79
CA ARG A 600 10.68 21.18 -48.40
C ARG A 600 9.46 20.38 -47.97
N LEU A 601 8.27 20.74 -48.46
CA LEU A 601 7.09 19.94 -48.19
C LEU A 601 7.20 18.56 -48.80
N VAL A 602 7.65 18.49 -50.06
CA VAL A 602 7.82 17.20 -50.72
C VAL A 602 8.93 16.39 -50.06
N HIS A 603 9.96 17.07 -49.55
CA HIS A 603 11.04 16.36 -48.86
C HIS A 603 10.57 15.70 -47.58
N ARG A 604 9.57 16.28 -46.92
CA ARG A 604 9.07 15.71 -45.67
C ARG A 604 8.35 14.40 -45.91
N HIS A 605 7.58 14.31 -46.99
CA HIS A 605 6.73 13.16 -47.26
C HIS A 605 7.22 12.33 -48.44
N GLY A 606 8.51 12.42 -48.78
CA GLY A 606 9.05 11.68 -49.89
C GLY A 606 9.67 10.36 -49.49
N GLY A 607 10.28 10.31 -48.30
CA GLY A 607 10.92 9.11 -47.83
C GLY A 607 12.22 9.38 -47.08
N ARG A 608 13.12 8.41 -47.08
CA ARG A 608 14.40 8.51 -46.41
C ARG A 608 15.51 8.74 -47.43
N PRO A 609 16.67 9.27 -47.01
CA PRO A 609 17.75 9.52 -47.96
C PRO A 609 18.22 8.25 -48.66
N ILE A 610 18.83 8.44 -49.83
CA ILE A 610 19.32 7.31 -50.61
C ILE A 610 20.56 6.74 -49.94
N GLY A 611 20.58 5.42 -49.76
CA GLY A 611 21.65 4.77 -49.04
C GLY A 611 21.48 4.77 -47.55
N SER A 612 20.24 4.82 -47.07
CA SER A 612 19.99 4.93 -45.64
C SER A 612 20.31 3.61 -44.93
N TYR A 613 20.75 3.72 -43.68
CA TYR A 613 21.17 2.56 -42.91
C TYR A 613 19.98 1.66 -42.57
N LYS A 614 20.25 0.36 -42.46
CA LYS A 614 19.25 -0.64 -42.13
C LYS A 614 19.46 -1.12 -40.69
N PHE A 615 18.34 -1.28 -39.97
CA PHE A 615 18.42 -1.68 -38.57
C PHE A 615 18.84 -3.14 -38.45
N VAL A 616 19.67 -3.43 -37.44
CA VAL A 616 20.10 -4.79 -37.14
C VAL A 616 20.24 -4.96 -35.62
N PRO A 617 19.88 -6.11 -35.07
CA PRO A 617 20.21 -6.39 -33.67
C PRO A 617 21.72 -6.47 -33.50
N LEU A 618 22.25 -5.70 -32.55
CA LEU A 618 23.68 -5.67 -32.32
C LEU A 618 24.01 -6.09 -30.89
N ASP A 619 24.91 -5.36 -30.23
CA ASP A 619 25.33 -5.68 -28.87
C ASP A 619 24.38 -5.13 -27.81
N ASP A 620 23.14 -4.82 -28.20
CA ASP A 620 22.13 -4.30 -27.29
C ASP A 620 20.90 -5.20 -27.22
N PHE A 621 21.03 -6.45 -27.64
CA PHE A 621 19.94 -7.42 -27.66
C PHE A 621 20.32 -8.67 -26.91
N PRO A 622 19.35 -9.39 -26.35
CA PRO A 622 19.61 -10.72 -25.81
C PRO A 622 19.65 -11.75 -26.93
N TYR A 623 20.58 -12.69 -26.83
CA TYR A 623 20.74 -13.77 -27.79
C TYR A 623 20.49 -15.08 -27.07
N PRO A 624 19.22 -15.49 -26.91
CA PRO A 624 18.92 -16.75 -26.23
C PRO A 624 19.42 -17.94 -27.05
N ALA A 625 20.18 -18.82 -26.38
CA ALA A 625 20.68 -20.02 -27.04
C ALA A 625 19.55 -20.92 -27.53
N ASP A 626 18.38 -20.85 -26.91
CA ASP A 626 17.22 -21.64 -27.32
C ASP A 626 16.27 -20.74 -28.12
N VAL A 627 16.66 -20.47 -29.36
CA VAL A 627 15.87 -19.63 -30.26
C VAL A 627 15.72 -20.34 -31.60
N LYS A 628 14.56 -20.15 -32.22
CA LYS A 628 14.34 -20.67 -33.57
C LYS A 628 15.15 -19.86 -34.57
N ILE A 629 15.54 -20.49 -35.67
CA ILE A 629 16.40 -19.84 -36.65
C ILE A 629 15.92 -20.17 -38.05
N ASP A 630 16.07 -19.21 -38.96
CA ASP A 630 15.91 -19.47 -40.39
C ASP A 630 17.31 -19.76 -40.89
N GLU A 631 17.66 -21.06 -40.91
CA GLU A 631 19.04 -21.45 -41.16
C GLU A 631 19.55 -20.91 -42.49
N GLU A 632 18.67 -20.70 -43.46
CA GLU A 632 19.06 -20.09 -44.72
C GLU A 632 18.06 -19.03 -45.17
N TYR A 633 17.40 -18.37 -44.21
CA TYR A 633 16.43 -17.31 -44.52
C TYR A 633 15.38 -17.78 -45.53
N CYS A 634 14.87 -18.98 -45.33
CA CYS A 634 13.99 -19.62 -46.30
C CYS A 634 12.59 -19.94 -45.78
N ALA A 635 12.34 -19.81 -44.48
CA ALA A 635 11.03 -20.15 -43.93
C ALA A 635 10.05 -19.00 -44.12
N TYR A 636 9.96 -18.48 -45.34
CA TYR A 636 9.02 -17.41 -45.68
C TYR A 636 8.29 -17.77 -46.96
N ASN A 637 6.98 -17.51 -46.98
CA ASN A 637 6.17 -17.71 -48.17
C ASN A 637 5.45 -16.40 -48.48
N PRO A 638 5.46 -15.95 -49.74
CA PRO A 638 4.81 -14.66 -50.05
C PRO A 638 3.32 -14.66 -49.78
N ASP A 639 2.65 -15.81 -49.88
CA ASP A 639 1.22 -15.87 -49.61
C ASP A 639 0.91 -15.75 -48.13
N ASP A 640 1.88 -16.03 -47.26
CA ASP A 640 1.66 -15.90 -45.83
C ASP A 640 1.55 -14.44 -45.42
N HIS A 641 2.21 -13.54 -46.15
CA HIS A 641 2.25 -12.12 -45.82
C HIS A 641 2.71 -11.89 -44.39
N SER A 642 3.85 -12.50 -44.06
CA SER A 642 4.41 -12.44 -42.72
C SER A 642 5.47 -11.35 -42.66
N VAL A 643 5.56 -10.68 -41.50
CA VAL A 643 6.60 -9.68 -41.30
C VAL A 643 7.93 -10.40 -41.11
N LYS A 644 8.96 -9.93 -41.81
CA LYS A 644 10.22 -10.65 -41.89
C LYS A 644 11.16 -10.24 -40.75
N CYS A 645 11.89 -11.23 -40.23
CA CYS A 645 12.95 -10.92 -39.29
C CYS A 645 14.13 -10.29 -40.01
N VAL A 646 15.07 -9.76 -39.22
CA VAL A 646 16.16 -8.98 -39.80
C VAL A 646 17.18 -9.88 -40.48
N SER A 647 17.39 -11.09 -39.97
CA SER A 647 18.44 -11.96 -40.51
C SER A 647 18.00 -13.41 -40.32
N GLU A 648 18.98 -14.32 -40.31
CA GLU A 648 18.69 -15.73 -40.06
C GLU A 648 18.23 -15.94 -38.62
N ILE A 649 18.79 -15.18 -37.68
CA ILE A 649 18.29 -15.21 -36.32
C ILE A 649 16.87 -14.68 -36.29
N MET A 650 16.00 -15.33 -35.52
CA MET A 650 14.59 -14.97 -35.49
C MET A 650 14.28 -14.06 -34.30
N ILE A 651 15.00 -12.95 -34.22
CA ILE A 651 14.60 -11.83 -33.38
C ILE A 651 13.60 -11.02 -34.19
N PRO A 652 12.33 -10.99 -33.79
CA PRO A 652 11.28 -10.43 -34.66
C PRO A 652 11.50 -8.96 -34.95
N LYS A 653 10.77 -8.49 -35.97
CA LYS A 653 10.88 -7.10 -36.39
C LYS A 653 10.47 -6.17 -35.26
N THR A 654 11.33 -5.18 -34.98
CA THR A 654 11.08 -4.28 -33.87
C THR A 654 9.96 -3.30 -34.19
N LEU A 655 9.18 -2.96 -33.16
CA LEU A 655 8.11 -1.98 -33.28
C LEU A 655 8.60 -0.65 -32.70
N THR A 656 8.81 0.33 -33.58
CA THR A 656 9.31 1.63 -33.19
C THR A 656 8.40 2.71 -33.73
N ALA A 657 8.37 3.85 -33.05
CA ALA A 657 7.55 4.96 -33.48
C ALA A 657 7.99 5.47 -34.84
N THR A 658 7.05 5.55 -35.78
CA THR A 658 7.26 6.10 -37.09
C THR A 658 6.31 7.28 -37.31
N PRO A 659 6.72 8.28 -38.08
CA PRO A 659 5.86 9.45 -38.31
C PRO A 659 4.52 9.03 -38.88
N PRO A 660 3.43 9.67 -38.45
CA PRO A 660 2.10 9.27 -38.92
C PRO A 660 1.97 9.39 -40.42
N HIS A 661 1.24 8.45 -41.02
CA HIS A 661 1.07 8.42 -42.46
C HIS A 661 0.39 9.69 -42.95
N ALA A 662 0.72 10.08 -44.18
CA ALA A 662 0.25 11.33 -44.77
C ALA A 662 -0.59 11.07 -46.00
N LEU A 663 -1.54 11.96 -46.26
CA LEU A 663 -2.35 11.96 -47.47
C LEU A 663 -2.09 13.30 -48.15
N PHE A 664 -1.14 13.31 -49.09
CA PHE A 664 -0.69 14.54 -49.73
C PHE A 664 -1.71 14.97 -50.76
N MET A 665 -2.36 16.11 -50.53
CA MET A 665 -3.34 16.67 -51.45
C MET A 665 -2.68 17.79 -52.26
N ASP A 666 -2.61 17.61 -53.58
CA ASP A 666 -2.11 18.69 -54.42
C ASP A 666 -3.04 19.90 -54.39
N CYS A 667 -4.33 19.67 -54.11
CA CYS A 667 -5.30 20.74 -53.94
C CYS A 667 -6.56 20.20 -53.29
N THR A 668 -6.96 20.78 -52.16
CA THR A 668 -8.17 20.37 -51.46
C THR A 668 -9.35 21.18 -51.97
N HIS A 669 -10.50 21.04 -51.30
CA HIS A 669 -11.71 21.77 -51.66
C HIS A 669 -11.83 23.08 -50.90
N ASP A 670 -10.78 23.52 -50.21
CA ASP A 670 -10.80 24.77 -49.47
C ASP A 670 -9.73 25.77 -49.89
N ASN A 671 -8.68 25.33 -50.57
CA ASN A 671 -7.60 26.22 -50.99
C ASN A 671 -7.84 26.72 -52.41
N GLU A 672 -7.18 27.83 -52.74
CA GLU A 672 -7.39 28.48 -54.01
C GLU A 672 -6.78 27.66 -55.16
N THR A 673 -7.28 27.93 -56.36
CA THR A 673 -6.84 27.20 -57.54
C THR A 673 -5.41 27.61 -57.90
N PRO A 674 -4.62 26.69 -58.48
CA PRO A 674 -3.36 27.12 -59.11
C PRO A 674 -3.51 28.32 -60.02
N ASN A 675 -4.65 28.46 -60.70
CA ASN A 675 -4.91 29.65 -61.50
C ASN A 675 -4.91 30.90 -60.62
N GLN A 676 -5.39 30.78 -59.39
CA GLN A 676 -5.47 31.93 -58.49
C GLN A 676 -4.13 32.19 -57.81
N LYS A 677 -3.62 31.21 -57.06
CA LYS A 677 -2.41 31.42 -56.27
C LYS A 677 -1.17 31.52 -57.16
N ARG A 678 -1.09 30.69 -58.20
CA ARG A 678 0.07 30.70 -59.10
C ARG A 678 -0.39 30.93 -60.53
N THR A 679 -0.25 29.92 -61.38
CA THR A 679 -0.82 29.95 -62.73
C THR A 679 -1.43 28.58 -63.02
N VAL A 680 -2.03 28.45 -64.20
CA VAL A 680 -2.65 27.18 -64.58
C VAL A 680 -1.60 26.16 -65.02
N GLU A 681 -0.46 26.63 -65.54
CA GLU A 681 0.56 25.72 -66.03
C GLU A 681 1.19 24.91 -64.89
N ASP A 682 1.18 25.44 -63.67
CA ASP A 682 1.77 24.75 -62.54
C ASP A 682 0.98 23.50 -62.13
N THR A 683 -0.22 23.31 -62.65
CA THR A 683 -1.03 22.16 -62.28
C THR A 683 -0.32 20.85 -62.64
N LEU A 684 0.46 20.83 -63.71
CA LEU A 684 1.14 19.62 -64.12
C LEU A 684 2.35 19.32 -63.24
N PRO A 685 3.30 20.24 -63.06
CA PRO A 685 4.46 19.90 -62.21
C PRO A 685 4.11 19.75 -60.75
N ASN A 686 3.10 20.47 -60.25
CA ASN A 686 2.71 20.34 -58.85
C ASN A 686 2.14 18.96 -58.57
N ALA A 687 1.25 18.48 -59.44
CA ALA A 687 0.64 17.16 -59.23
C ALA A 687 1.66 16.03 -59.41
N ALA A 688 2.70 16.26 -60.22
CA ALA A 688 3.71 15.23 -60.42
C ALA A 688 4.61 15.08 -59.20
N LEU A 689 5.00 16.20 -58.59
CA LEU A 689 5.82 16.14 -57.38
C LEU A 689 5.05 15.49 -56.23
N VAL A 690 3.74 15.71 -56.16
CA VAL A 690 2.94 15.10 -55.10
C VAL A 690 2.80 13.61 -55.34
N ALA A 691 2.52 13.22 -56.58
CA ALA A 691 2.31 11.80 -56.89
C ALA A 691 3.58 10.98 -56.67
N PHE A 692 4.75 11.61 -56.79
CA PHE A 692 6.02 10.91 -56.58
C PHE A 692 6.33 10.67 -55.11
N CYS A 693 5.64 11.33 -54.20
CA CYS A 693 5.88 11.12 -52.78
C CYS A 693 5.46 9.73 -52.36
N SER A 694 6.22 9.14 -51.42
CA SER A 694 5.95 7.80 -50.93
C SER A 694 4.91 7.89 -49.80
N SER A 695 3.67 8.15 -50.20
CA SER A 695 2.56 8.28 -49.28
C SER A 695 1.27 8.22 -50.09
N ALA A 696 0.14 8.44 -49.43
CA ALA A 696 -1.14 8.54 -50.12
C ALA A 696 -1.30 9.93 -50.72
N ILE A 697 -1.93 10.00 -51.89
CA ILE A 697 -2.11 11.26 -52.59
C ILE A 697 -3.60 11.45 -52.89
N GLY A 698 -3.96 12.70 -53.16
CA GLY A 698 -5.33 13.04 -53.47
C GLY A 698 -5.41 14.38 -54.17
N SER A 699 -6.58 14.64 -54.75
CA SER A 699 -6.83 15.88 -55.46
C SER A 699 -8.33 16.16 -55.47
N VAL A 700 -8.67 17.44 -55.51
CA VAL A 700 -10.06 17.83 -55.61
C VAL A 700 -10.47 17.83 -57.08
N TYR A 701 -11.75 17.56 -57.33
CA TYR A 701 -12.24 17.58 -58.71
C TYR A 701 -12.21 19.01 -59.23
N GLY A 702 -11.65 19.20 -60.42
CA GLY A 702 -11.43 20.50 -60.99
C GLY A 702 -9.96 20.89 -61.05
N TYR A 703 -9.14 20.34 -60.15
CA TYR A 703 -7.70 20.56 -60.25
C TYR A 703 -7.15 19.96 -61.54
N ASP A 704 -7.46 18.70 -61.79
CA ASP A 704 -7.07 18.07 -63.05
C ASP A 704 -7.81 18.68 -64.24
N GLU A 705 -9.04 19.13 -64.01
CA GLU A 705 -9.86 19.76 -65.05
C GLU A 705 -9.65 21.26 -65.13
N VAL A 706 -8.54 21.76 -64.57
CA VAL A 706 -8.15 23.17 -64.50
C VAL A 706 -9.33 24.12 -64.45
N PHE A 707 -10.12 24.03 -63.38
CA PHE A 707 -11.17 25.02 -63.14
C PHE A 707 -10.54 26.39 -62.88
N PRO A 708 -11.25 27.48 -63.21
CA PRO A 708 -10.65 28.81 -63.08
C PRO A 708 -10.37 29.22 -61.64
N GLN A 709 -11.37 29.18 -60.77
CA GLN A 709 -11.21 29.64 -59.41
C GLN A 709 -11.91 28.68 -58.45
N LEU A 710 -11.54 28.80 -57.16
CA LEU A 710 -12.08 27.94 -56.13
C LEU A 710 -13.59 28.09 -56.04
N LEU A 711 -14.29 26.96 -55.99
CA LEU A 711 -15.75 26.95 -55.99
C LEU A 711 -16.26 27.28 -54.60
N ASP A 712 -17.19 28.24 -54.52
CA ASP A 712 -17.81 28.62 -53.25
C ASP A 712 -18.73 27.51 -52.80
N LEU A 713 -18.38 26.84 -51.70
CA LEU A 713 -19.17 25.73 -51.19
C LEU A 713 -20.56 26.17 -50.74
N VAL A 714 -20.76 27.47 -50.50
CA VAL A 714 -22.00 27.97 -49.93
C VAL A 714 -22.99 28.31 -51.04
N GLN A 715 -22.58 29.18 -51.97
CA GLN A 715 -23.50 29.80 -52.91
C GLN A 715 -23.67 29.02 -54.20
N GLU A 716 -22.56 28.56 -54.80
CA GLU A 716 -22.58 28.12 -56.19
C GLU A 716 -23.47 26.89 -56.38
N LYS A 717 -24.20 26.88 -57.49
CA LYS A 717 -25.12 25.79 -57.83
C LYS A 717 -24.82 25.14 -59.16
N ARG A 718 -23.84 25.62 -59.90
CA ARG A 718 -23.51 25.04 -61.20
C ARG A 718 -22.99 23.61 -61.04
N THR A 719 -23.08 22.85 -62.12
CA THR A 719 -22.75 21.43 -62.13
C THR A 719 -21.41 21.22 -62.84
N TYR A 720 -20.71 20.16 -62.42
CA TYR A 720 -19.46 19.77 -63.07
C TYR A 720 -19.66 19.57 -64.57
N SER A 721 -18.64 19.89 -65.35
CA SER A 721 -18.69 19.67 -66.78
C SER A 721 -18.62 18.19 -67.12
N CYS A 722 -19.24 17.81 -68.23
CA CYS A 722 -19.05 16.48 -68.80
C CYS A 722 -17.85 16.43 -69.74
N ALA A 723 -17.09 17.52 -69.84
CA ALA A 723 -15.92 17.56 -70.71
C ALA A 723 -14.87 16.55 -70.24
N GLU A 724 -14.63 15.53 -71.05
CA GLU A 724 -13.75 14.44 -70.67
C GLU A 724 -12.32 14.71 -71.11
N ASN A 725 -11.37 14.16 -70.33
CA ASN A 725 -9.96 14.15 -70.69
C ASN A 725 -9.40 15.55 -70.87
N THR A 726 -9.74 16.44 -69.93
CA THR A 726 -9.26 17.81 -69.97
C THR A 726 -8.08 17.99 -69.03
N GLY A 727 -7.12 18.80 -69.47
CA GLY A 727 -5.97 19.13 -68.65
C GLY A 727 -5.08 17.94 -68.32
N ILE A 728 -4.98 17.63 -67.03
CA ILE A 728 -4.03 16.63 -66.55
C ILE A 728 -4.61 15.24 -66.47
N SER A 729 -5.87 15.05 -66.89
CA SER A 729 -6.52 13.75 -66.76
C SER A 729 -5.71 12.63 -67.41
N LYS A 730 -5.02 12.93 -68.51
CA LYS A 730 -4.16 11.92 -69.14
C LYS A 730 -2.95 11.62 -68.27
N VAL A 731 -2.38 12.64 -67.64
CA VAL A 731 -1.15 12.43 -66.86
C VAL A 731 -1.46 11.73 -65.55
N LYS A 732 -2.58 12.09 -64.90
CA LYS A 732 -2.97 11.42 -63.66
C LYS A 732 -3.24 9.94 -63.89
N THR A 733 -3.73 9.58 -65.07
CA THR A 733 -3.87 8.16 -65.40
C THR A 733 -2.51 7.48 -65.43
N LEU A 734 -1.49 8.17 -65.93
CA LEU A 734 -0.14 7.60 -65.95
C LEU A 734 0.44 7.53 -64.54
N LEU A 735 0.29 8.61 -63.76
CA LEU A 735 0.86 8.64 -62.43
C LEU A 735 0.22 7.60 -61.52
N ASN A 736 -1.10 7.47 -61.56
CA ASN A 736 -1.77 6.47 -60.72
C ASN A 736 -1.46 5.05 -61.18
N ASN A 737 -1.30 4.83 -62.49
CA ASN A 737 -0.95 3.50 -62.97
C ASN A 737 0.48 3.13 -62.60
N MET A 738 1.38 4.12 -62.54
CA MET A 738 2.76 3.83 -62.15
C MET A 738 2.86 3.48 -60.67
N ARG A 739 2.09 4.17 -59.83
CA ARG A 739 2.11 3.87 -58.40
C ARG A 739 1.53 2.50 -58.12
N GLU A 740 0.63 2.01 -58.99
CA GLU A 740 0.09 0.67 -58.84
C GLU A 740 1.15 -0.39 -59.04
N GLU A 741 2.13 -0.15 -59.93
CA GLU A 741 3.21 -1.10 -60.13
C GLU A 741 4.18 -1.07 -58.95
N ILE A 742 4.42 0.11 -58.37
CA ILE A 742 5.37 0.23 -57.28
C ILE A 742 4.79 -0.32 -55.97
N ALA A 743 3.48 -0.23 -55.78
CA ALA A 743 2.87 -0.64 -54.52
C ALA A 743 3.00 -2.13 -54.24
N SER A 744 3.33 -2.92 -55.25
CA SER A 744 3.32 -4.38 -55.07
C SER A 744 4.45 -4.86 -54.16
N GLU A 745 5.57 -4.14 -54.11
CA GLU A 745 6.74 -4.63 -53.40
C GLU A 745 7.25 -3.69 -52.30
N ALA A 746 6.99 -2.39 -52.40
CA ALA A 746 7.42 -1.47 -51.36
C ALA A 746 6.60 -1.66 -50.10
N VAL A 747 7.27 -1.86 -48.96
CA VAL A 747 6.59 -2.20 -47.72
C VAL A 747 6.85 -1.15 -46.64
N ASP A 748 7.97 -1.29 -45.93
CA ASP A 748 8.20 -0.54 -44.70
C ASP A 748 8.96 0.76 -44.98
N ILE A 749 9.26 1.49 -43.90
CA ILE A 749 9.85 2.82 -44.03
C ILE A 749 11.28 2.74 -44.57
N GLU A 750 11.98 1.64 -44.31
CA GLU A 750 13.34 1.46 -44.80
C GLU A 750 13.38 1.01 -46.26
N ASP A 751 12.22 0.79 -46.89
CA ASP A 751 12.17 0.19 -48.21
C ASP A 751 11.96 1.19 -49.34
N SER A 752 11.76 2.46 -49.01
CA SER A 752 11.57 3.50 -50.03
C SER A 752 12.45 4.69 -49.67
N GLU A 753 13.37 5.02 -50.57
CA GLU A 753 14.34 6.09 -50.34
C GLU A 753 14.13 7.18 -51.39
N MET A 754 14.75 8.34 -51.16
CA MET A 754 14.40 9.53 -51.92
C MET A 754 15.56 10.53 -51.89
N HIS A 755 15.73 11.26 -52.99
CA HIS A 755 16.58 12.44 -53.06
C HIS A 755 15.83 13.54 -53.78
N VAL A 756 15.83 14.74 -53.21
CA VAL A 756 15.11 15.89 -53.74
C VAL A 756 16.06 17.07 -53.86
N HIS A 757 16.02 17.75 -54.99
CA HIS A 757 16.87 18.91 -55.26
C HIS A 757 16.03 20.05 -55.81
N HIS A 758 16.34 21.27 -55.40
CA HIS A 758 15.63 22.46 -55.84
C HIS A 758 16.63 23.47 -56.39
N ASP A 759 16.47 23.82 -57.66
CA ASP A 759 17.32 24.80 -58.34
C ASP A 759 16.42 25.82 -59.03
N GLY A 760 16.29 27.00 -58.42
CA GLY A 760 15.46 28.05 -58.98
C GLY A 760 14.00 27.66 -59.06
N GLN A 761 13.54 27.47 -60.30
CA GLN A 761 12.17 27.07 -60.56
C GLN A 761 12.03 25.59 -60.87
N TYR A 762 13.12 24.86 -60.95
CA TYR A 762 13.11 23.42 -61.14
C TYR A 762 13.12 22.72 -59.78
N ILE A 763 12.46 21.57 -59.73
CA ILE A 763 12.47 20.70 -58.56
C ILE A 763 12.73 19.28 -59.04
N THR A 764 13.79 18.67 -58.52
CA THR A 764 14.17 17.30 -58.88
C THR A 764 13.70 16.35 -57.81
N PHE A 765 13.07 15.24 -58.23
CA PHE A 765 12.64 14.19 -57.33
C PHE A 765 13.15 12.85 -57.84
N HIS A 766 13.85 12.12 -56.98
CA HIS A 766 14.38 10.80 -57.32
C HIS A 766 13.81 9.78 -56.33
N ARG A 767 12.80 9.04 -56.79
CA ARG A 767 12.19 7.97 -56.00
C ARG A 767 12.97 6.68 -56.22
N THR A 768 13.34 6.00 -55.13
CA THR A 768 14.17 4.80 -55.22
C THR A 768 13.62 3.74 -54.28
N ASN A 769 13.50 2.51 -54.78
CA ASN A 769 13.19 1.35 -53.96
C ASN A 769 14.49 0.71 -53.49
N ALA A 770 14.65 0.58 -52.17
CA ALA A 770 15.90 0.12 -51.59
C ALA A 770 16.15 -1.38 -51.74
N LYS A 771 15.14 -2.14 -52.18
CA LYS A 771 15.29 -3.59 -52.27
C LYS A 771 15.88 -4.04 -53.59
N ASN A 772 15.34 -3.53 -54.71
CA ASN A 772 15.75 -3.95 -56.04
C ASN A 772 16.60 -2.92 -56.77
N GLY A 773 16.56 -1.65 -56.37
CA GLY A 773 17.27 -0.60 -57.06
C GLY A 773 16.45 0.11 -58.10
N LYS A 774 15.26 -0.39 -58.42
CA LYS A 774 14.36 0.29 -59.35
C LYS A 774 14.02 1.68 -58.81
N GLY A 775 13.83 2.61 -59.74
CA GLY A 775 13.54 3.97 -59.32
C GLY A 775 13.01 4.82 -60.45
N TRP A 776 12.46 5.96 -60.06
CA TRP A 776 11.96 6.96 -60.99
C TRP A 776 12.68 8.28 -60.75
N TYR A 777 12.89 9.04 -61.82
CA TYR A 777 13.51 10.35 -61.74
C TYR A 777 12.58 11.36 -62.39
N LEU A 778 12.22 12.41 -61.64
CA LEU A 778 11.27 13.42 -62.09
C LEU A 778 11.95 14.78 -62.13
N VAL A 779 11.89 15.44 -63.29
CA VAL A 779 12.33 16.82 -63.44
C VAL A 779 11.09 17.63 -63.79
N ALA A 780 10.68 18.50 -62.87
CA ALA A 780 9.47 19.31 -63.02
C ALA A 780 9.84 20.78 -62.93
N ARG A 781 9.58 21.52 -64.01
CA ARG A 781 9.77 22.97 -64.00
C ARG A 781 8.48 23.62 -63.53
N THR A 782 8.54 24.30 -62.39
CA THR A 782 7.34 24.86 -61.78
C THR A 782 6.98 26.20 -62.41
N LYS A 783 5.70 26.51 -62.40
CA LYS A 783 5.18 27.78 -62.89
C LYS A 783 4.42 28.47 -61.77
N PHE A 784 5.14 28.93 -60.75
CA PHE A 784 4.54 29.80 -59.74
C PHE A 784 4.20 31.15 -60.34
N HIS A 785 5.11 31.71 -61.15
CA HIS A 785 4.87 32.94 -61.89
C HIS A 785 5.75 32.91 -63.12
N SER A 786 5.41 33.77 -64.10
CA SER A 786 6.18 33.88 -65.33
C SER A 786 7.53 34.50 -64.98
N SER A 787 8.50 33.63 -64.63
CA SER A 787 9.77 34.16 -64.17
C SER A 787 10.83 34.25 -65.26
N GLY A 788 10.50 33.83 -66.49
CA GLY A 788 11.44 33.88 -67.59
C GLY A 788 12.11 32.54 -67.83
N ASP A 789 13.19 32.58 -68.60
CA ASP A 789 13.94 31.42 -69.03
C ASP A 789 15.05 31.09 -68.02
N GLN A 790 15.14 29.82 -67.63
CA GLN A 790 16.19 29.35 -66.72
C GLN A 790 16.64 27.99 -67.21
N MET A 791 17.95 27.79 -67.29
CA MET A 791 18.53 26.55 -67.80
C MET A 791 19.09 25.72 -66.65
N LEU A 792 18.67 24.46 -66.57
CA LEU A 792 19.09 23.54 -65.52
C LEU A 792 20.43 22.89 -65.88
N PRO A 793 21.33 22.76 -64.91
CA PRO A 793 22.62 22.12 -65.20
C PRO A 793 22.46 20.65 -65.54
N ARG A 794 23.58 20.05 -65.94
CA ARG A 794 23.59 18.64 -66.32
C ARG A 794 23.30 17.76 -65.12
N ILE A 795 22.35 16.84 -65.29
CA ILE A 795 21.98 15.90 -64.23
C ILE A 795 22.90 14.68 -64.34
N LYS A 796 23.48 14.29 -63.21
CA LYS A 796 24.43 13.19 -63.17
C LYS A 796 23.99 12.18 -62.13
N LEU A 797 23.86 10.92 -62.55
CA LEU A 797 23.49 9.81 -61.68
C LEU A 797 24.63 8.80 -61.67
N SER A 798 25.08 8.44 -60.47
CA SER A 798 26.23 7.55 -60.31
C SER A 798 25.77 6.10 -60.27
N GLN A 799 26.47 5.26 -61.04
CA GLN A 799 26.22 3.81 -61.04
C GLN A 799 24.75 3.49 -61.33
N THR A 800 24.15 4.24 -62.25
CA THR A 800 22.73 4.11 -62.53
C THR A 800 22.48 4.29 -64.02
N LYS A 801 21.52 3.54 -64.56
CA LYS A 801 21.08 3.64 -65.95
C LYS A 801 19.69 4.28 -66.00
N ALA A 802 19.46 5.10 -67.02
CA ALA A 802 18.22 5.83 -67.14
C ALA A 802 17.46 5.40 -68.40
N THR A 803 16.15 5.53 -68.35
CA THR A 803 15.27 5.18 -69.46
C THR A 803 14.14 6.20 -69.53
N PHE A 804 13.95 6.77 -70.71
CA PHE A 804 12.89 7.76 -70.89
C PHE A 804 11.53 7.11 -70.75
N LYS A 805 10.67 7.68 -69.90
CA LYS A 805 9.32 7.19 -69.68
C LYS A 805 8.30 8.06 -70.40
N ALA A 806 8.12 9.30 -69.98
CA ALA A 806 7.18 10.22 -70.62
C ALA A 806 7.53 11.65 -70.24
N ALA A 807 7.04 12.59 -71.04
CA ALA A 807 7.27 14.00 -70.78
C ALA A 807 6.10 14.79 -71.35
N PHE A 808 5.66 15.81 -70.63
CA PHE A 808 4.50 16.59 -71.04
C PHE A 808 4.71 18.05 -70.70
N SER A 809 4.00 18.92 -71.42
CA SER A 809 3.95 20.34 -71.15
C SER A 809 2.49 20.78 -71.16
N LEU A 810 2.14 21.66 -70.21
CA LEU A 810 0.79 22.18 -70.10
C LEU A 810 0.80 23.64 -70.53
N GLU A 811 0.02 23.97 -71.55
CA GLU A 811 -0.04 25.31 -72.11
C GLU A 811 -1.47 25.82 -72.08
N ARG A 812 -1.63 27.11 -71.83
CA ARG A 812 -2.94 27.74 -71.71
C ARG A 812 -3.37 28.28 -73.07
N THR A 813 -4.60 27.94 -73.46
CA THR A 813 -5.13 28.40 -74.73
C THR A 813 -6.26 29.40 -74.48
N GLY A 814 -5.95 30.54 -73.88
CA GLY A 814 -6.95 31.55 -73.61
C GLY A 814 -7.62 31.35 -72.27
N ASP A 815 -8.76 32.02 -72.11
CA ASP A 815 -9.52 32.01 -70.86
C ASP A 815 -10.60 30.93 -70.94
N ALA A 816 -11.29 30.75 -69.82
CA ALA A 816 -12.32 29.75 -69.64
C ALA A 816 -13.68 30.29 -70.08
N PRO A 817 -14.55 29.44 -70.60
CA PRO A 817 -15.89 29.88 -70.97
C PRO A 817 -16.67 30.33 -69.75
N ILE A 818 -17.70 31.14 -69.99
CA ILE A 818 -18.48 31.72 -68.91
C ILE A 818 -19.92 31.20 -68.99
N SER A 819 -20.15 30.02 -68.44
CA SER A 819 -21.48 29.43 -68.39
C SER A 819 -22.11 29.70 -67.03
N ASP A 820 -23.44 29.62 -66.98
CA ASP A 820 -24.19 29.84 -65.77
C ASP A 820 -24.86 28.58 -65.23
N GLU A 821 -24.76 27.48 -65.95
CA GLU A 821 -25.36 26.22 -65.52
C GLU A 821 -24.37 25.08 -65.41
N ILE A 822 -23.12 25.27 -65.83
CA ILE A 822 -22.11 24.22 -65.84
C ILE A 822 -20.76 24.86 -65.56
N ILE A 823 -19.94 24.18 -64.76
CA ILE A 823 -18.61 24.66 -64.39
C ILE A 823 -17.62 24.11 -65.42
N GLU A 824 -17.08 24.99 -66.25
CA GLU A 824 -16.14 24.61 -67.30
C GLU A 824 -14.75 25.16 -66.99
N GLY A 825 -13.73 24.38 -67.33
CA GLY A 825 -12.36 24.75 -67.05
C GLY A 825 -11.71 25.52 -68.19
N ILE A 826 -10.44 25.85 -67.98
CA ILE A 826 -9.67 26.62 -68.96
C ILE A 826 -9.16 25.69 -70.05
N PRO A 827 -9.33 26.02 -71.32
CA PRO A 827 -8.79 25.17 -72.39
C PRO A 827 -7.28 25.10 -72.32
N THR A 828 -6.75 23.87 -72.30
CA THR A 828 -5.33 23.63 -72.12
C THR A 828 -4.83 22.62 -73.15
N LYS A 829 -3.60 22.84 -73.61
CA LYS A 829 -2.92 21.91 -74.50
C LYS A 829 -1.92 21.09 -73.69
N LEU A 830 -1.86 19.79 -73.97
CA LEU A 830 -0.95 18.87 -73.30
C LEU A 830 0.01 18.32 -74.36
N ARG A 831 1.14 19.00 -74.55
CA ARG A 831 2.08 18.65 -75.60
C ARG A 831 3.16 17.73 -75.06
N GLU A 832 3.34 16.59 -75.75
CA GLU A 832 4.41 15.67 -75.39
C GLU A 832 5.75 16.23 -75.83
N LEU A 833 6.77 16.07 -74.98
CA LEU A 833 8.07 16.66 -75.21
C LEU A 833 9.09 15.60 -75.60
N THR A 834 10.15 16.06 -76.28
CA THR A 834 11.24 15.19 -76.71
C THR A 834 12.54 15.97 -76.61
N GLY A 835 13.65 15.32 -76.93
CA GLY A 835 14.95 15.96 -76.94
C GLY A 835 15.83 15.66 -75.74
N PHE A 836 15.36 14.83 -74.81
CA PHE A 836 16.11 14.52 -73.60
C PHE A 836 17.22 13.54 -73.95
N ASP A 837 18.47 13.98 -73.82
CA ASP A 837 19.63 13.17 -74.15
C ASP A 837 20.10 12.44 -72.90
N ILE A 838 20.16 11.12 -72.98
CA ILE A 838 20.57 10.28 -71.86
C ILE A 838 21.92 9.68 -72.22
N GLY A 839 23.00 10.30 -71.73
CA GLY A 839 24.34 9.82 -71.99
C GLY A 839 24.79 8.89 -70.87
N PHE A 840 25.38 7.77 -71.27
CA PHE A 840 25.83 6.75 -70.32
C PHE A 840 27.30 6.45 -70.58
N ASP A 841 28.13 6.63 -69.56
CA ASP A 841 29.55 6.35 -69.64
C ASP A 841 29.77 4.89 -69.23
N GLU A 842 30.09 4.04 -70.21
CA GLU A 842 30.28 2.62 -69.95
C GLU A 842 31.51 2.32 -69.11
N ASN A 843 32.33 3.33 -68.78
CA ASN A 843 33.50 3.14 -67.92
C ASN A 843 33.20 3.51 -66.48
N THR A 844 32.85 4.78 -66.22
CA THR A 844 32.50 5.23 -64.89
C THR A 844 31.09 4.84 -64.48
N LYS A 845 30.33 4.22 -65.39
CA LYS A 845 28.95 3.79 -65.11
C LYS A 845 28.08 4.96 -64.67
N GLU A 846 28.34 6.15 -65.22
CA GLU A 846 27.63 7.36 -64.84
C GLU A 846 26.70 7.79 -65.97
N THR A 847 25.46 8.12 -65.61
CA THR A 847 24.45 8.57 -66.57
C THR A 847 24.31 10.08 -66.49
N SER A 848 24.39 10.74 -67.64
CA SER A 848 24.18 12.18 -67.75
C SER A 848 22.89 12.45 -68.50
N ILE A 849 22.12 13.42 -68.03
CA ILE A 849 20.84 13.79 -68.62
C ILE A 849 20.87 15.28 -68.95
N LEU A 850 20.59 15.60 -70.21
CA LEU A 850 20.54 16.98 -70.68
C LEU A 850 19.12 17.31 -71.11
N LEU A 851 18.58 18.39 -70.58
CA LEU A 851 17.25 18.83 -70.94
C LEU A 851 17.25 19.55 -72.28
N PRO A 852 16.17 19.46 -73.04
CA PRO A 852 16.06 20.25 -74.27
C PRO A 852 15.66 21.68 -73.97
N GLN A 853 16.07 22.57 -74.87
CA GLN A 853 15.76 23.99 -74.69
C GLN A 853 14.26 24.27 -74.78
N ASP A 854 13.50 23.38 -75.44
CA ASP A 854 12.04 23.50 -75.48
C ASP A 854 11.48 22.73 -74.29
N PHE A 855 11.59 23.35 -73.11
CA PHE A 855 11.07 22.78 -71.87
C PHE A 855 10.49 23.93 -71.06
N PRO A 856 9.31 24.41 -71.44
CA PRO A 856 8.74 25.59 -70.79
C PRO A 856 8.30 25.30 -69.37
N GLN A 857 8.03 26.37 -68.62
CA GLN A 857 7.51 26.23 -67.27
C GLN A 857 6.15 25.56 -67.31
N GLY A 858 5.89 24.72 -66.31
CA GLY A 858 4.70 23.89 -66.33
C GLY A 858 4.88 22.58 -67.06
N SER A 859 6.09 22.04 -67.10
CA SER A 859 6.37 20.80 -67.81
C SER A 859 7.05 19.82 -66.87
N ILE A 860 6.99 18.53 -67.22
CA ILE A 860 7.61 17.46 -66.46
C ILE A 860 8.27 16.49 -67.42
N VAL A 861 9.13 15.63 -66.88
CA VAL A 861 9.72 14.52 -67.63
C VAL A 861 10.11 13.45 -66.63
N ILE A 862 9.67 12.21 -66.90
CA ILE A 862 9.86 11.09 -65.99
C ILE A 862 10.84 10.11 -66.62
N PHE A 863 11.82 9.67 -65.85
CA PHE A 863 12.78 8.66 -66.26
C PHE A 863 12.64 7.43 -65.38
N GLU A 864 12.69 6.26 -65.98
CA GLU A 864 12.82 5.01 -65.23
C GLU A 864 14.30 4.71 -65.03
N THR A 865 14.69 4.50 -63.78
CA THR A 865 16.09 4.32 -63.44
C THR A 865 16.28 3.01 -62.67
N GLN A 866 17.51 2.51 -62.70
CA GLN A 866 17.85 1.25 -62.04
C GLN A 866 19.31 1.33 -61.61
N GLN A 867 19.55 1.18 -60.31
CA GLN A 867 20.91 1.21 -59.80
C GLN A 867 21.64 -0.07 -60.17
N LEU A 868 22.89 0.09 -60.62
CA LEU A 868 23.67 -1.04 -61.12
C LEU A 868 24.24 -1.86 -59.97
N GLY A 869 24.16 -3.17 -60.10
CA GLY A 869 24.64 -4.09 -59.08
C GLY A 869 23.57 -4.59 -58.13
N ILE A 870 22.36 -4.03 -58.19
CA ILE A 870 21.28 -4.41 -57.29
C ILE A 870 20.21 -5.14 -58.09
N ASP A 871 19.91 -6.36 -57.68
CA ASP A 871 18.77 -7.12 -58.19
C ASP A 871 17.85 -7.47 -57.03
N ASP A 872 16.77 -8.19 -57.34
CA ASP A 872 15.84 -8.62 -56.30
C ASP A 872 16.47 -9.63 -55.34
N SER A 873 17.47 -10.38 -55.78
CA SER A 873 18.07 -11.43 -54.98
C SER A 873 19.22 -10.94 -54.11
N LEU A 874 19.41 -9.63 -53.97
CA LEU A 874 20.54 -9.13 -53.20
C LEU A 874 20.31 -9.28 -51.70
N ASP A 875 19.10 -8.97 -51.22
CA ASP A 875 18.83 -9.04 -49.79
C ASP A 875 18.91 -10.47 -49.26
N HIS A 876 18.47 -11.44 -50.05
CA HIS A 876 18.50 -12.83 -49.58
C HIS A 876 19.92 -13.33 -49.45
N PHE A 877 20.81 -12.95 -50.38
CA PHE A 877 22.20 -13.38 -50.31
C PHE A 877 22.92 -12.80 -49.10
N ILE A 878 22.53 -11.60 -48.67
CA ILE A 878 23.20 -10.97 -47.55
C ILE A 878 22.65 -11.48 -46.22
N ARG A 879 21.36 -11.79 -46.18
CA ARG A 879 20.69 -12.22 -44.95
C ARG A 879 20.72 -13.73 -44.76
N SER A 880 21.61 -14.44 -45.43
CA SER A 880 21.64 -15.90 -45.35
C SER A 880 23.08 -16.40 -45.31
N GLY A 881 23.24 -17.63 -44.84
CA GLY A 881 24.51 -18.32 -44.83
C GLY A 881 25.40 -18.04 -43.64
N ALA A 882 25.13 -16.99 -42.87
CA ALA A 882 26.03 -16.64 -41.77
C ALA A 882 25.95 -17.64 -40.62
N ILE A 883 24.78 -18.25 -40.40
CA ILE A 883 24.64 -19.23 -39.34
C ILE A 883 25.45 -20.48 -39.67
N LYS A 884 25.29 -21.00 -40.89
CA LYS A 884 26.07 -22.16 -41.30
C LYS A 884 27.56 -21.84 -41.32
N ALA A 885 27.92 -20.59 -41.60
CA ALA A 885 29.34 -20.22 -41.63
C ALA A 885 29.96 -20.23 -40.24
N THR A 886 29.16 -19.98 -39.21
CA THR A 886 29.64 -19.99 -37.82
C THR A 886 29.44 -21.35 -37.17
N GLU A 887 29.12 -22.39 -37.94
CA GLU A 887 28.81 -23.69 -37.36
C GLU A 887 30.00 -24.30 -36.64
N LYS A 888 31.22 -24.04 -37.12
CA LYS A 888 32.42 -24.65 -36.59
C LYS A 888 33.23 -23.69 -35.71
N LEU A 889 32.60 -22.64 -35.20
CA LEU A 889 33.28 -21.70 -34.32
C LEU A 889 33.34 -22.26 -32.90
N SER A 890 34.41 -21.90 -32.20
CA SER A 890 34.60 -22.26 -30.80
C SER A 890 34.71 -20.99 -29.96
N LEU A 891 34.58 -21.17 -28.64
CA LEU A 891 34.67 -20.01 -27.74
C LEU A 891 36.03 -19.33 -27.80
N GLU A 892 37.06 -20.02 -28.29
CA GLU A 892 38.34 -19.36 -28.50
C GLU A 892 38.40 -18.65 -29.85
N SER A 893 37.89 -19.30 -30.89
CA SER A 893 38.03 -18.75 -32.24
C SER A 893 37.18 -17.50 -32.44
N ILE A 894 36.10 -17.34 -31.66
CA ILE A 894 35.27 -16.15 -31.78
C ILE A 894 36.05 -14.91 -31.37
N ASN A 895 37.05 -15.07 -30.50
CA ASN A 895 37.86 -13.94 -30.05
C ASN A 895 38.56 -13.26 -31.22
N TYR A 896 39.04 -14.04 -32.19
CA TYR A 896 39.73 -13.48 -33.34
C TYR A 896 38.78 -12.85 -34.34
N VAL A 897 37.51 -13.27 -34.35
CA VAL A 897 36.55 -12.72 -35.29
C VAL A 897 35.95 -11.43 -34.76
N LEU A 898 35.76 -11.31 -33.45
CA LEU A 898 35.06 -10.18 -32.87
C LEU A 898 35.99 -9.17 -32.20
N TYR A 899 37.04 -9.62 -31.52
CA TYR A 899 37.79 -8.71 -30.66
C TYR A 899 39.20 -8.46 -31.17
N ARG A 900 40.21 -8.91 -30.40
CA ARG A 900 41.62 -8.66 -30.68
C ARG A 900 41.95 -7.17 -30.60
N ALA A 901 42.69 -6.77 -29.56
CA ALA A 901 43.21 -5.42 -29.51
C ALA A 901 44.33 -5.25 -30.55
N GLU A 902 44.71 -4.00 -30.80
CA GLU A 902 45.74 -3.75 -31.79
C GLU A 902 47.08 -4.36 -31.38
N GLN A 903 47.37 -4.36 -30.07
CA GLN A 903 48.58 -5.03 -29.59
C GLN A 903 48.47 -6.53 -29.75
N GLU A 904 47.27 -7.08 -29.51
CA GLU A 904 47.05 -8.51 -29.74
C GLU A 904 47.18 -8.86 -31.22
N GLU A 905 46.75 -7.96 -32.10
CA GLU A 905 46.86 -8.18 -33.53
C GLU A 905 48.30 -8.04 -33.99
N TYR A 906 49.05 -7.10 -33.38
CA TYR A 906 50.48 -6.98 -33.69
C TYR A 906 51.24 -8.24 -33.32
N ASP A 907 50.74 -9.00 -32.33
CA ASP A 907 51.39 -10.24 -31.95
C ASP A 907 51.33 -11.26 -33.08
N TYR A 908 50.18 -11.40 -33.73
CA TYR A 908 50.04 -12.35 -34.83
C TYR A 908 50.63 -11.83 -36.14
N SER A 909 50.69 -10.51 -36.31
CA SER A 909 51.15 -9.92 -37.56
C SER A 909 52.56 -9.37 -37.46
N GLU A 910 53.29 -9.67 -36.39
CA GLU A 910 54.67 -9.22 -36.18
C GLU A 910 54.79 -7.70 -36.20
N GLY A 911 53.69 -7.00 -35.93
CA GLY A 911 53.71 -5.54 -35.94
C GLY A 911 53.40 -4.89 -37.26
N ARG A 912 52.83 -5.63 -38.22
CA ARG A 912 52.53 -5.09 -39.55
C ARG A 912 51.08 -4.65 -39.70
N SER A 913 50.12 -5.38 -39.13
CA SER A 913 48.72 -5.10 -39.34
C SER A 913 48.19 -4.07 -38.35
N GLY A 914 47.42 -4.54 -37.37
CA GLY A 914 46.81 -3.64 -36.40
C GLY A 914 45.37 -3.33 -36.73
N ALA A 915 44.88 -2.18 -36.26
CA ALA A 915 43.50 -1.76 -36.46
C ALA A 915 43.41 -0.81 -37.64
N TYR A 916 42.29 -0.90 -38.35
CA TYR A 916 42.02 0.02 -39.45
C TYR A 916 41.94 1.45 -38.92
N ASP A 917 42.54 2.38 -39.66
CA ASP A 917 42.56 3.78 -39.27
C ASP A 917 41.51 4.52 -40.10
N ILE A 918 40.43 4.93 -39.44
CA ILE A 918 39.38 5.70 -40.11
C ILE A 918 39.84 7.15 -40.21
N PRO A 919 39.86 7.74 -41.40
CA PRO A 919 40.32 9.12 -41.52
C PRO A 919 39.41 10.08 -40.78
N ASP A 920 40.01 11.08 -40.15
CA ASP A 920 39.30 12.12 -39.40
C ASP A 920 38.47 11.53 -38.26
N TYR A 921 38.93 10.43 -37.67
CA TYR A 921 38.20 9.80 -36.57
C TYR A 921 39.15 9.04 -35.64
N GLY A 922 39.74 7.96 -36.14
CA GLY A 922 40.65 7.15 -35.36
C GLY A 922 40.46 5.69 -35.71
N LYS A 923 40.95 4.82 -34.83
CA LYS A 923 40.82 3.39 -35.07
C LYS A 923 39.75 2.79 -34.18
N PRO A 924 39.04 1.77 -34.65
CA PRO A 924 38.12 1.05 -33.77
C PRO A 924 38.86 0.42 -32.59
N VAL A 925 38.10 0.17 -31.53
CA VAL A 925 38.69 -0.31 -30.30
C VAL A 925 39.21 -1.74 -30.47
N TYR A 926 38.45 -2.58 -31.16
CA TYR A 926 38.88 -3.92 -31.51
C TYR A 926 39.11 -4.01 -33.02
N CYS A 927 39.97 -4.96 -33.41
CA CYS A 927 40.19 -5.21 -34.82
C CYS A 927 39.06 -6.03 -35.44
N GLY A 928 38.33 -6.79 -34.63
CA GLY A 928 37.23 -7.60 -35.12
C GLY A 928 35.95 -6.81 -35.26
N LEU A 929 34.84 -7.55 -35.28
CA LEU A 929 33.54 -6.94 -35.55
C LEU A 929 33.05 -6.09 -34.38
N GLN A 930 33.47 -6.42 -33.15
CA GLN A 930 33.02 -5.64 -31.99
C GLN A 930 33.49 -4.20 -32.11
N GLY A 931 34.70 -3.98 -32.64
CA GLY A 931 35.17 -2.62 -32.84
C GLY A 931 34.32 -1.85 -33.84
N TRP A 932 33.79 -2.53 -34.85
CA TRP A 932 32.90 -1.88 -35.80
C TRP A 932 31.51 -1.68 -35.21
N VAL A 933 30.98 -2.70 -34.52
CA VAL A 933 29.63 -2.62 -33.99
C VAL A 933 29.53 -1.55 -32.91
N SER A 934 30.58 -1.39 -32.11
CA SER A 934 30.57 -0.35 -31.08
C SER A 934 30.44 1.04 -31.69
N ILE A 935 30.95 1.22 -32.92
CA ILE A 935 30.86 2.51 -33.58
C ILE A 935 29.59 2.60 -34.44
N LEU A 936 29.16 1.50 -35.04
CA LEU A 936 28.05 1.53 -35.98
C LEU A 936 26.70 1.68 -35.29
N ARG A 937 26.57 1.24 -34.04
CA ARG A 937 25.28 1.25 -33.37
C ARG A 937 24.69 2.65 -33.29
N LYS A 938 25.51 3.63 -32.92
CA LYS A 938 25.01 5.00 -32.87
C LYS A 938 24.83 5.58 -34.27
N ILE A 939 25.61 5.11 -35.24
CA ILE A 939 25.47 5.61 -36.60
C ILE A 939 24.17 5.12 -37.22
N ILE A 940 23.84 3.84 -37.03
CA ILE A 940 22.59 3.31 -37.57
C ILE A 940 21.39 3.93 -36.88
N PHE A 941 21.54 4.26 -35.59
CA PHE A 941 20.41 4.81 -34.84
C PHE A 941 20.03 6.20 -35.35
N TYR A 942 21.02 7.01 -35.74
CA TYR A 942 20.78 8.37 -36.19
C TYR A 942 20.86 8.52 -37.70
N ASN A 943 21.17 7.44 -38.42
CA ASN A 943 21.35 7.49 -39.87
C ASN A 943 22.40 8.52 -40.26
N ASP A 944 23.48 8.56 -39.48
CA ASP A 944 24.57 9.53 -39.68
C ASP A 944 25.38 9.10 -40.90
N LEU A 945 24.89 9.51 -42.07
CA LEU A 945 25.62 9.30 -43.31
C LEU A 945 26.80 10.25 -43.47
N ALA A 946 26.91 11.26 -42.61
CA ALA A 946 28.03 12.20 -42.63
C ALA A 946 29.16 11.82 -41.68
N HIS A 947 29.05 10.68 -41.00
CA HIS A 947 30.08 10.24 -40.09
C HIS A 947 31.35 9.90 -40.86
N PRO A 948 32.53 10.16 -40.27
CA PRO A 948 33.79 9.83 -40.96
C PRO A 948 33.88 8.40 -41.45
N LEU A 949 33.30 7.44 -40.72
CA LEU A 949 33.27 6.06 -41.20
C LEU A 949 32.34 5.93 -42.39
N SER A 950 31.20 6.64 -42.36
CA SER A 950 30.29 6.64 -43.51
C SER A 950 30.95 7.28 -44.72
N ASN A 951 31.73 8.34 -44.51
CA ASN A 951 32.45 8.96 -45.61
C ASN A 951 33.49 8.02 -46.20
N ASN A 952 34.27 7.35 -45.34
CA ASN A 952 35.32 6.47 -45.81
C ASN A 952 34.76 5.25 -46.55
N LEU A 953 33.59 4.77 -46.14
CA LEU A 953 33.04 3.56 -46.74
C LEU A 953 32.59 3.78 -48.18
N ARG A 954 32.19 5.00 -48.53
CA ARG A 954 31.80 5.31 -49.89
C ARG A 954 32.93 5.96 -50.70
N ASN A 955 34.03 6.32 -50.05
CA ASN A 955 35.18 6.84 -50.79
C ASN A 955 36.04 5.71 -51.36
N GLY A 956 35.98 4.53 -50.76
CA GLY A 956 36.76 3.41 -51.24
C GLY A 956 36.35 2.13 -50.56
N HIS A 957 36.88 1.02 -51.06
CA HIS A 957 36.61 -0.32 -50.53
C HIS A 957 37.70 -0.79 -49.59
N TRP A 958 38.36 0.12 -48.87
CA TRP A 958 39.46 -0.25 -47.99
C TRP A 958 38.94 -0.98 -46.76
N ALA A 959 38.01 -0.37 -46.03
CA ALA A 959 37.46 -1.01 -44.84
C ALA A 959 36.70 -2.28 -45.18
N VAL A 960 36.15 -2.36 -46.40
CA VAL A 960 35.44 -3.56 -46.82
C VAL A 960 36.41 -4.73 -46.92
N ASP A 961 37.56 -4.52 -47.56
CA ASP A 961 38.56 -5.57 -47.67
C ASP A 961 39.33 -5.78 -46.37
N TYR A 962 39.36 -4.78 -45.48
CA TYR A 962 40.05 -4.94 -44.21
C TYR A 962 39.38 -5.98 -43.33
N VAL A 963 38.04 -6.07 -43.41
CA VAL A 963 37.31 -7.04 -42.60
C VAL A 963 37.66 -8.46 -43.03
N VAL A 964 37.83 -8.69 -44.33
CA VAL A 964 38.07 -10.04 -44.83
C VAL A 964 39.54 -10.42 -44.75
N ASN A 965 40.45 -9.47 -45.01
CA ASN A 965 41.87 -9.78 -45.02
C ASN A 965 42.45 -9.99 -43.63
N ARG A 966 41.77 -9.53 -42.58
CA ARG A 966 42.26 -9.74 -41.22
C ARG A 966 42.34 -11.22 -40.88
N LEU A 967 41.33 -11.98 -41.27
CA LEU A 967 41.22 -13.37 -40.87
C LEU A 967 42.25 -14.27 -41.52
N ASP A 968 43.12 -13.74 -42.39
CA ASP A 968 44.24 -14.54 -42.88
C ASP A 968 45.21 -14.88 -41.75
N LEU A 969 45.29 -14.02 -40.72
CA LEU A 969 46.16 -14.31 -39.58
C LEU A 969 45.63 -15.48 -38.76
N TYR A 970 44.31 -15.67 -38.73
CA TYR A 970 43.68 -16.70 -37.92
C TYR A 970 42.88 -17.68 -38.77
N LYS A 971 43.27 -17.87 -40.03
CA LYS A 971 42.50 -18.71 -40.94
C LYS A 971 42.50 -20.17 -40.48
N ASP A 972 43.61 -20.63 -39.93
CA ASP A 972 43.75 -22.03 -39.54
C ASP A 972 42.93 -22.39 -38.31
N LYS A 973 42.33 -21.42 -37.64
CA LYS A 973 41.60 -21.70 -36.41
C LYS A 973 40.19 -22.21 -36.73
N GLU A 974 39.55 -22.77 -35.71
CA GLU A 974 38.30 -23.50 -35.89
C GLU A 974 37.18 -22.59 -36.35
N GLY A 975 36.67 -22.84 -37.55
CA GLY A 975 35.54 -22.11 -38.09
C GLY A 975 35.85 -20.74 -38.63
N VAL A 976 37.07 -20.24 -38.47
CA VAL A 976 37.38 -18.89 -38.93
C VAL A 976 37.46 -18.85 -40.46
N ALA A 977 37.93 -19.94 -41.09
CA ALA A 977 38.03 -19.95 -42.54
C ALA A 977 36.66 -19.85 -43.20
N GLU A 978 35.67 -20.57 -42.67
CA GLU A 978 34.32 -20.51 -43.25
C GLU A 978 33.64 -19.17 -42.94
N VAL A 979 33.96 -18.56 -41.80
CA VAL A 979 33.44 -17.22 -41.51
C VAL A 979 34.06 -16.19 -42.46
N GLN A 980 35.35 -16.36 -42.76
CA GLN A 980 35.99 -15.44 -43.69
C GLN A 980 35.42 -15.58 -45.10
N GLU A 981 35.11 -16.80 -45.52
CA GLU A 981 34.56 -17.01 -46.85
C GLU A 981 33.17 -16.39 -46.98
N TRP A 982 32.36 -16.46 -45.92
CA TRP A 982 31.07 -15.79 -45.95
C TRP A 982 31.24 -14.27 -46.01
N LEU A 983 32.21 -13.74 -45.27
CA LEU A 983 32.49 -12.31 -45.36
C LEU A 983 33.10 -11.97 -46.71
N ARG A 984 33.96 -12.85 -47.25
CA ARG A 984 34.56 -12.60 -48.55
C ARG A 984 33.50 -12.56 -49.65
N SER A 985 32.57 -13.52 -49.64
CA SER A 985 31.55 -13.57 -50.68
C SER A 985 30.56 -12.41 -50.56
N ARG A 986 30.26 -11.97 -49.34
CA ARG A 986 29.31 -10.89 -49.17
C ARG A 986 29.95 -9.52 -49.42
N MET A 987 31.19 -9.34 -48.99
CA MET A 987 31.88 -8.08 -49.25
C MET A 987 32.24 -7.92 -50.72
N GLU A 988 32.48 -9.02 -51.42
CA GLU A 988 32.74 -8.94 -52.87
C GLU A 988 31.49 -8.46 -53.60
N ARG A 989 30.32 -8.99 -53.25
CA ARG A 989 29.08 -8.56 -53.87
C ARG A 989 28.76 -7.10 -53.54
N ILE A 990 29.21 -6.63 -52.37
CA ILE A 990 28.93 -5.25 -51.97
C ILE A 990 29.74 -4.28 -52.80
N LYS A 991 30.99 -4.65 -53.13
CA LYS A 991 31.85 -3.76 -53.90
C LYS A 991 31.31 -3.52 -55.31
N GLN A 992 30.40 -4.38 -55.79
CA GLN A 992 29.77 -4.17 -57.08
C GLN A 992 28.59 -3.21 -57.02
N LEU A 993 28.31 -2.62 -55.86
CA LEU A 993 27.21 -1.68 -55.67
C LEU A 993 27.70 -0.25 -55.85
N PRO A 994 26.78 0.70 -56.03
CA PRO A 994 27.18 2.11 -56.03
C PRO A 994 27.90 2.48 -54.74
N SER A 995 28.77 3.49 -54.85
CA SER A 995 29.58 3.88 -53.70
C SER A 995 28.71 4.37 -52.55
N TYR A 996 27.70 5.18 -52.85
CA TYR A 996 26.85 5.76 -51.80
C TYR A 996 26.02 4.72 -51.07
N LEU A 997 25.91 3.49 -51.59
CA LEU A 997 25.18 2.42 -50.93
C LEU A 997 26.07 1.48 -50.13
N VAL A 998 27.39 1.63 -50.25
CA VAL A 998 28.30 0.74 -49.52
C VAL A 998 28.17 0.87 -48.01
N PRO A 999 28.11 2.08 -47.43
CA PRO A 999 28.04 2.15 -45.95
C PRO A 999 26.84 1.42 -45.35
N SER A 1000 25.66 1.57 -45.94
CA SER A 1000 24.47 0.91 -45.40
C SER A 1000 24.58 -0.61 -45.48
N PHE A 1001 25.16 -1.11 -46.57
CA PHE A 1001 25.30 -2.56 -46.73
C PHE A 1001 26.51 -3.10 -45.98
N PHE A 1002 27.55 -2.28 -45.78
CA PHE A 1002 28.69 -2.72 -44.98
C PHE A 1002 28.28 -2.95 -43.53
N ALA A 1003 27.52 -2.02 -42.96
CA ALA A 1003 27.04 -2.18 -41.59
C ALA A 1003 26.04 -3.32 -41.47
N LEU A 1004 25.37 -3.69 -42.56
CA LEU A 1004 24.43 -4.79 -42.52
C LEU A 1004 25.13 -6.14 -42.50
N VAL A 1005 26.17 -6.29 -43.32
CA VAL A 1005 26.92 -7.54 -43.34
C VAL A 1005 27.67 -7.75 -42.03
N VAL A 1006 28.30 -6.70 -41.51
CA VAL A 1006 29.03 -6.82 -40.25
C VAL A 1006 28.05 -7.11 -39.11
N GLY A 1007 26.90 -6.44 -39.11
CA GLY A 1007 25.94 -6.65 -38.04
C GLY A 1007 25.33 -8.04 -38.03
N ILE A 1008 25.13 -8.62 -39.22
CA ILE A 1008 24.55 -9.97 -39.29
C ILE A 1008 25.54 -11.00 -38.78
N MET A 1009 26.79 -10.94 -39.25
CA MET A 1009 27.81 -11.87 -38.79
C MET A 1009 28.11 -11.68 -37.32
N TYR A 1010 28.02 -10.45 -36.82
CA TYR A 1010 28.21 -10.21 -35.39
C TYR A 1010 27.12 -10.89 -34.57
N GLY A 1011 25.86 -10.74 -34.98
CA GLY A 1011 24.78 -11.39 -34.26
C GLY A 1011 24.89 -12.90 -34.29
N CYS A 1012 25.33 -13.45 -35.42
CA CYS A 1012 25.53 -14.89 -35.50
C CYS A 1012 26.71 -15.35 -34.66
N CYS A 1013 27.77 -14.53 -34.56
CA CYS A 1013 28.89 -14.88 -33.69
C CYS A 1013 28.50 -14.80 -32.23
N ARG A 1014 27.71 -13.79 -31.85
CA ARG A 1014 27.29 -13.64 -30.47
C ARG A 1014 26.30 -14.73 -30.08
N LEU A 1015 25.44 -15.14 -31.00
CA LEU A 1015 24.53 -16.26 -30.71
C LEU A 1015 25.30 -17.56 -30.57
N ARG A 1016 26.28 -17.81 -31.45
CA ARG A 1016 27.09 -19.01 -31.35
C ARG A 1016 27.81 -19.08 -30.01
N ALA A 1017 28.22 -17.94 -29.47
CA ALA A 1017 28.87 -17.92 -28.16
C ALA A 1017 27.91 -18.34 -27.05
N MET A 1018 26.69 -17.80 -27.07
CA MET A 1018 25.70 -18.16 -26.05
C MET A 1018 25.29 -19.62 -26.16
N GLN A 1019 25.34 -20.21 -27.35
CA GLN A 1019 25.02 -21.62 -27.50
C GLN A 1019 26.12 -22.51 -26.92
N LEU A 1020 27.38 -22.11 -27.08
CA LEU A 1020 28.49 -22.89 -26.55
C LEU A 1020 28.64 -22.74 -25.04
N MET A 1021 28.05 -21.71 -24.45
CA MET A 1021 28.12 -21.50 -23.02
C MET A 1021 26.98 -22.24 -22.32
N SER A 1022 26.89 -22.05 -21.00
CA SER A 1022 25.92 -22.78 -20.19
C SER A 1022 24.54 -22.16 -20.31
N ASP A 1023 23.58 -22.74 -19.58
CA ASP A 1023 22.19 -22.32 -19.71
C ASP A 1023 21.92 -21.02 -18.95
N ASN A 1024 22.55 -20.84 -17.79
CA ASN A 1024 22.34 -19.62 -17.01
C ASN A 1024 22.75 -18.38 -17.79
N VAL A 1025 23.79 -18.49 -18.62
CA VAL A 1025 24.22 -17.37 -19.44
C VAL A 1025 23.40 -17.29 -20.72
N GLY A 1026 23.17 -18.42 -21.38
CA GLY A 1026 22.50 -18.45 -22.66
C GLY A 1026 21.01 -18.20 -22.63
N LYS A 1027 20.48 -17.78 -21.47
CA LYS A 1027 19.06 -17.49 -21.35
C LYS A 1027 18.80 -16.20 -20.58
N SER A 1028 19.82 -15.38 -20.37
CA SER A 1028 19.75 -14.26 -19.45
C SER A 1028 19.61 -12.92 -20.21
N THR A 1029 19.68 -11.84 -19.46
CA THR A 1029 19.55 -10.49 -19.99
C THR A 1029 20.77 -10.12 -20.83
N VAL A 1030 20.65 -9.01 -21.56
CA VAL A 1030 21.78 -8.48 -22.33
C VAL A 1030 22.96 -8.22 -21.41
N PHE A 1031 22.69 -7.72 -20.20
CA PHE A 1031 23.77 -7.37 -19.28
C PHE A 1031 24.59 -8.59 -18.90
N VAL A 1032 23.92 -9.70 -18.61
CA VAL A 1032 24.63 -10.92 -18.22
C VAL A 1032 25.41 -11.48 -19.40
N GLN A 1033 24.79 -11.50 -20.58
CA GLN A 1033 25.50 -12.00 -21.77
C GLN A 1033 26.64 -11.09 -22.16
N SER A 1034 26.47 -9.77 -21.97
CA SER A 1034 27.57 -8.85 -22.25
C SER A 1034 28.74 -9.10 -21.32
N LEU A 1035 28.47 -9.41 -20.05
CA LEU A 1035 29.54 -9.78 -19.13
C LEU A 1035 30.17 -11.10 -19.55
N ALA A 1036 29.37 -12.03 -20.06
CA ALA A 1036 29.92 -13.32 -20.46
C ALA A 1036 30.78 -13.22 -21.71
N MET A 1037 30.49 -12.26 -22.59
CA MET A 1037 31.31 -12.06 -23.78
C MET A 1037 32.72 -11.59 -23.44
N THR A 1038 32.92 -11.05 -22.23
CA THR A 1038 34.26 -10.67 -21.81
C THR A 1038 35.16 -11.89 -21.65
N SER A 1039 34.58 -13.06 -21.37
CA SER A 1039 35.38 -14.28 -21.28
C SER A 1039 36.07 -14.57 -22.60
N ILE A 1040 35.41 -14.28 -23.72
CA ILE A 1040 36.03 -14.51 -25.03
C ILE A 1040 37.07 -13.44 -25.33
N GLN A 1041 36.88 -12.23 -24.80
CA GLN A 1041 37.86 -11.16 -25.01
C GLN A 1041 39.22 -11.50 -24.41
N MET A 1042 39.23 -12.27 -23.32
CA MET A 1042 40.46 -12.53 -22.58
C MET A 1042 41.13 -13.84 -22.96
N VAL A 1043 40.37 -14.85 -23.34
CA VAL A 1043 40.91 -16.17 -23.64
C VAL A 1043 41.23 -16.24 -25.13
N SER A 1044 42.53 -16.23 -25.45
CA SER A 1044 42.99 -16.30 -26.83
C SER A 1044 44.35 -16.98 -26.86
N ALA A 1045 44.67 -17.58 -28.01
CA ALA A 1045 46.02 -18.10 -28.26
C ALA A 1045 46.87 -16.99 -28.85
N MET A 1046 48.14 -16.97 -28.46
CA MET A 1046 49.06 -15.92 -28.85
C MET A 1046 50.32 -16.52 -29.48
N LYS A 1047 51.22 -15.66 -29.90
CA LYS A 1047 52.52 -16.06 -30.41
C LYS A 1047 53.68 -15.68 -29.51
N SER A 1048 53.57 -14.58 -28.77
CA SER A 1048 54.63 -14.09 -27.91
C SER A 1048 54.50 -14.58 -26.47
N THR A 1049 53.42 -15.28 -26.12
CA THR A 1049 53.23 -15.78 -24.77
C THR A 1049 52.15 -16.86 -24.79
N SER A 1050 52.01 -17.53 -23.65
CA SER A 1050 51.02 -18.59 -23.46
C SER A 1050 50.99 -18.91 -21.96
N ILE A 1051 50.32 -20.00 -21.60
CA ILE A 1051 50.35 -20.51 -20.23
C ILE A 1051 51.25 -21.73 -20.10
N LEU A 1052 51.71 -22.32 -21.21
CA LEU A 1052 52.62 -23.44 -21.19
C LEU A 1052 53.94 -23.05 -21.86
N PRO A 1053 55.08 -23.45 -21.30
CA PRO A 1053 56.37 -23.06 -21.90
C PRO A 1053 56.71 -23.78 -23.19
N ASP A 1054 56.11 -24.96 -23.44
CA ASP A 1054 56.36 -25.74 -24.64
C ASP A 1054 55.45 -25.37 -25.82
N GLN A 1055 54.17 -25.12 -25.58
CA GLN A 1055 53.20 -24.84 -26.65
C GLN A 1055 52.64 -23.43 -26.55
N ASN A 1056 51.87 -23.06 -27.58
CA ASN A 1056 51.16 -21.78 -27.65
C ASN A 1056 49.66 -22.09 -27.70
N ILE A 1057 49.00 -22.02 -26.54
CA ILE A 1057 47.58 -22.33 -26.45
C ILE A 1057 46.81 -21.12 -25.93
N ALA A 1058 45.54 -21.32 -25.58
CA ALA A 1058 44.71 -20.23 -25.08
C ALA A 1058 45.17 -19.78 -23.70
N ALA A 1059 45.31 -18.47 -23.51
CA ALA A 1059 45.75 -17.91 -22.25
C ALA A 1059 44.88 -16.71 -21.91
N MET A 1060 44.31 -16.71 -20.71
CA MET A 1060 43.47 -15.61 -20.27
C MET A 1060 44.32 -14.38 -19.99
N ALA A 1061 44.01 -13.29 -20.68
CA ALA A 1061 44.70 -12.03 -20.45
C ALA A 1061 44.14 -11.35 -19.19
N ALA A 1062 45.00 -10.55 -18.56
CA ALA A 1062 44.56 -9.78 -17.40
C ALA A 1062 43.62 -8.65 -17.81
N GLY A 1063 43.95 -7.96 -18.90
CA GLY A 1063 43.10 -6.89 -19.38
C GLY A 1063 43.60 -6.38 -20.71
N LEU A 1064 42.67 -5.79 -21.46
CA LEU A 1064 43.03 -5.26 -22.76
C LEU A 1064 43.02 -3.73 -22.73
N PRO A 1065 43.99 -3.09 -23.40
CA PRO A 1065 45.09 -3.69 -24.15
C PRO A 1065 46.41 -3.73 -23.37
N HIS A 1066 46.40 -3.26 -22.12
CA HIS A 1066 47.64 -3.07 -21.38
C HIS A 1066 48.18 -4.34 -20.75
N PHE A 1067 47.44 -5.46 -20.80
CA PHE A 1067 47.89 -6.72 -20.22
C PHE A 1067 47.57 -7.87 -21.17
N SER A 1068 48.18 -7.87 -22.36
CA SER A 1068 47.82 -8.86 -23.36
C SER A 1068 49.00 -9.49 -24.10
N THR A 1069 50.20 -8.90 -24.08
CA THR A 1069 51.31 -9.39 -24.86
C THR A 1069 52.53 -9.62 -23.97
N ASN A 1070 53.30 -10.65 -24.32
CA ASN A 1070 54.59 -10.97 -23.70
C ASN A 1070 54.34 -11.30 -22.22
N TYR A 1071 55.22 -10.88 -21.32
CA TYR A 1071 55.14 -11.21 -19.90
C TYR A 1071 54.00 -10.50 -19.18
N MET A 1072 53.33 -9.56 -19.84
CA MET A 1072 52.30 -8.73 -19.21
C MET A 1072 50.91 -9.34 -19.31
N ARG A 1073 50.76 -10.48 -19.99
CA ARG A 1073 49.43 -11.04 -20.22
C ARG A 1073 48.93 -11.82 -19.01
N CYS A 1074 49.58 -12.93 -18.69
CA CYS A 1074 49.11 -13.85 -17.68
C CYS A 1074 49.59 -13.43 -16.30
N TRP A 1075 48.67 -13.41 -15.34
CA TRP A 1075 48.99 -13.15 -13.94
C TRP A 1075 48.22 -14.15 -13.08
N GLY A 1076 48.94 -14.94 -12.29
CA GLY A 1076 48.30 -16.00 -11.53
C GLY A 1076 47.21 -15.47 -10.60
N ARG A 1077 47.52 -14.39 -9.89
CA ARG A 1077 46.51 -13.76 -9.04
C ARG A 1077 45.31 -13.31 -9.86
N ASP A 1078 45.55 -12.73 -11.03
CA ASP A 1078 44.47 -12.21 -11.85
C ASP A 1078 43.70 -13.32 -12.56
N VAL A 1079 44.38 -14.42 -12.90
CA VAL A 1079 43.72 -15.49 -13.66
C VAL A 1079 42.70 -16.22 -12.80
N PHE A 1080 43.08 -16.58 -11.58
CA PHE A 1080 42.25 -17.43 -10.74
C PHE A 1080 41.20 -16.67 -9.94
N ILE A 1081 41.29 -15.33 -9.88
CA ILE A 1081 40.16 -14.56 -9.34
C ILE A 1081 39.02 -14.53 -10.34
N SER A 1082 39.34 -14.45 -11.63
CA SER A 1082 38.34 -14.41 -12.69
C SER A 1082 38.05 -15.80 -13.25
N LEU A 1083 38.68 -16.85 -12.72
CA LEU A 1083 38.48 -18.18 -13.28
C LEU A 1083 37.05 -18.68 -13.05
N ARG A 1084 36.51 -18.44 -11.86
CA ARG A 1084 35.16 -18.93 -11.57
C ARG A 1084 34.11 -18.18 -12.38
N GLY A 1085 34.31 -16.88 -12.57
CA GLY A 1085 33.34 -16.08 -13.28
C GLY A 1085 33.41 -16.22 -14.79
N LEU A 1086 34.62 -16.12 -15.35
CA LEU A 1086 34.77 -16.12 -16.79
C LEU A 1086 34.80 -17.52 -17.39
N LEU A 1087 35.12 -18.54 -16.60
CA LEU A 1087 35.26 -19.90 -17.13
C LEU A 1087 34.28 -20.89 -16.53
N LEU A 1088 34.06 -20.83 -15.21
CA LEU A 1088 33.18 -21.81 -14.59
C LEU A 1088 31.71 -21.41 -14.74
N THR A 1089 31.39 -20.13 -14.51
CA THR A 1089 30.03 -19.66 -14.70
C THR A 1089 29.60 -19.80 -16.16
N THR A 1090 30.54 -19.62 -17.09
CA THR A 1090 30.24 -19.70 -18.52
C THR A 1090 30.27 -21.12 -19.06
N GLY A 1091 30.91 -22.06 -18.36
CA GLY A 1091 30.98 -23.44 -18.81
C GLY A 1091 32.27 -23.85 -19.47
N ARG A 1092 33.30 -23.00 -19.45
CA ARG A 1092 34.61 -23.34 -20.02
C ARG A 1092 35.37 -24.23 -19.04
N TYR A 1093 34.91 -25.48 -18.92
CA TYR A 1093 35.51 -26.40 -17.96
C TYR A 1093 36.90 -26.84 -18.38
N GLU A 1094 37.04 -27.30 -19.64
CA GLU A 1094 38.33 -27.77 -20.11
C GLU A 1094 39.36 -26.64 -20.14
N GLU A 1095 38.93 -25.43 -20.47
CA GLU A 1095 39.86 -24.31 -20.45
C GLU A 1095 40.23 -23.90 -19.03
N ALA A 1096 39.30 -24.05 -18.08
CA ALA A 1096 39.62 -23.77 -16.69
C ALA A 1096 40.59 -24.80 -16.13
N LYS A 1097 40.54 -26.03 -16.62
CA LYS A 1097 41.48 -27.05 -16.17
C LYS A 1097 42.89 -26.76 -16.70
N GLU A 1098 42.99 -26.30 -17.96
CA GLU A 1098 44.30 -26.01 -18.53
C GLU A 1098 45.05 -24.96 -17.71
N HIS A 1099 44.33 -23.92 -17.25
CA HIS A 1099 44.99 -22.87 -16.49
C HIS A 1099 45.39 -23.35 -15.10
N ILE A 1100 44.61 -24.25 -14.49
CA ILE A 1100 45.00 -24.79 -13.19
C ILE A 1100 46.22 -25.70 -13.34
N LEU A 1101 46.25 -26.51 -14.40
CA LEU A 1101 47.39 -27.40 -14.61
C LEU A 1101 48.65 -26.63 -14.99
N ALA A 1102 48.50 -25.59 -15.82
CA ALA A 1102 49.66 -24.84 -16.28
C ALA A 1102 50.38 -24.15 -15.14
N PHE A 1103 49.63 -23.55 -14.20
CA PHE A 1103 50.26 -22.89 -13.07
C PHE A 1103 50.77 -23.89 -12.03
N ALA A 1104 50.19 -25.09 -11.99
CA ALA A 1104 50.63 -26.15 -11.08
C ALA A 1104 52.05 -26.60 -11.37
N LYS A 1105 52.51 -26.36 -12.61
CA LYS A 1105 53.86 -26.66 -13.04
C LYS A 1105 54.88 -25.70 -12.48
N THR A 1106 54.48 -24.48 -12.15
CA THR A 1106 55.39 -23.44 -11.70
C THR A 1106 55.33 -23.22 -10.19
N LEU A 1107 55.04 -24.24 -9.41
CA LEU A 1107 55.01 -24.07 -7.96
C LEU A 1107 56.42 -24.00 -7.41
N LYS A 1108 56.62 -23.10 -6.45
CA LYS A 1108 57.91 -22.86 -5.84
C LYS A 1108 57.72 -22.12 -4.53
N HIS A 1109 58.53 -22.47 -3.54
CA HIS A 1109 58.40 -21.96 -2.19
C HIS A 1109 57.00 -22.19 -1.63
N GLY A 1110 56.29 -23.20 -2.16
CA GLY A 1110 54.89 -23.37 -1.80
C GLY A 1110 54.03 -22.22 -2.25
N LEU A 1111 54.35 -21.59 -3.38
CA LEU A 1111 53.66 -20.40 -3.80
C LEU A 1111 53.42 -20.48 -5.30
N ILE A 1112 52.35 -19.83 -5.76
CA ILE A 1112 52.05 -19.72 -7.18
C ILE A 1112 52.52 -18.35 -7.66
N PRO A 1113 53.28 -18.28 -8.76
CA PRO A 1113 53.83 -16.98 -9.16
C PRO A 1113 52.76 -16.05 -9.72
N ASN A 1114 52.90 -14.76 -9.39
CA ASN A 1114 52.01 -13.75 -9.96
C ASN A 1114 52.34 -13.50 -11.42
N LEU A 1115 53.57 -13.08 -11.70
CA LEU A 1115 53.98 -12.86 -13.08
C LEU A 1115 54.35 -14.20 -13.65
N LEU A 1116 53.54 -14.68 -14.58
CA LEU A 1116 53.79 -15.92 -15.27
C LEU A 1116 54.36 -15.59 -16.63
N ASP A 1117 55.62 -15.94 -16.84
CA ASP A 1117 56.25 -15.78 -18.14
C ASP A 1117 56.10 -17.05 -18.96
N ALA A 1118 54.85 -17.48 -19.09
CA ALA A 1118 54.44 -18.70 -19.79
C ALA A 1118 55.08 -19.95 -19.20
N GLY A 1119 55.57 -19.86 -17.96
CA GLY A 1119 56.18 -20.99 -17.28
C GLY A 1119 57.68 -21.06 -17.36
N ARG A 1120 58.35 -20.07 -17.94
CA ARG A 1120 59.80 -19.95 -17.92
C ARG A 1120 60.18 -18.73 -17.10
N ASN A 1121 60.88 -18.95 -15.99
CA ASN A 1121 61.35 -17.88 -15.12
C ASN A 1121 60.23 -16.98 -14.61
N PRO A 1122 59.30 -17.50 -13.83
CA PRO A 1122 58.21 -16.65 -13.34
C PRO A 1122 58.57 -15.97 -12.02
N ARG A 1123 57.89 -14.85 -11.78
CA ARG A 1123 58.16 -14.00 -10.62
C ARG A 1123 57.35 -14.48 -9.43
N TYR A 1124 58.03 -14.82 -8.34
CA TYR A 1124 57.33 -15.29 -7.14
C TYR A 1124 57.23 -14.18 -6.12
N ASN A 1125 56.67 -13.03 -6.48
CA ASN A 1125 56.50 -11.92 -5.53
C ASN A 1125 55.08 -11.85 -5.00
N ALA A 1126 54.36 -12.96 -4.96
CA ALA A 1126 52.95 -12.95 -4.60
C ALA A 1126 52.72 -13.96 -3.50
N ARG A 1127 52.04 -13.52 -2.44
CA ARG A 1127 51.52 -14.43 -1.46
C ARG A 1127 50.01 -14.62 -1.61
N ASP A 1128 49.40 -13.83 -2.50
CA ASP A 1128 47.95 -13.92 -2.70
C ASP A 1128 47.62 -15.02 -3.69
N ALA A 1129 48.47 -15.16 -4.70
CA ALA A 1129 48.15 -16.00 -5.84
C ALA A 1129 47.97 -17.45 -5.42
N ALA A 1130 48.82 -17.94 -4.51
CA ALA A 1130 48.77 -19.36 -4.16
C ALA A 1130 47.43 -19.74 -3.53
N TRP A 1131 46.80 -18.80 -2.82
CA TRP A 1131 45.55 -19.08 -2.13
C TRP A 1131 44.32 -18.79 -3.00
N PHE A 1132 44.41 -17.81 -3.89
CA PHE A 1132 43.40 -17.67 -4.93
C PHE A 1132 43.45 -18.85 -5.90
N PHE A 1133 44.65 -19.39 -6.13
CA PHE A 1133 44.80 -20.58 -6.98
C PHE A 1133 44.14 -21.79 -6.33
N VAL A 1134 44.38 -21.99 -5.03
CA VAL A 1134 43.79 -23.13 -4.34
C VAL A 1134 42.29 -22.95 -4.15
N GLN A 1135 41.82 -21.69 -4.14
CA GLN A 1135 40.38 -21.45 -4.09
C GLN A 1135 39.74 -21.78 -5.43
N ALA A 1136 40.43 -21.49 -6.54
CA ALA A 1136 39.88 -21.84 -7.85
C ALA A 1136 39.78 -23.34 -8.03
N ILE A 1137 40.70 -24.10 -7.43
CA ILE A 1137 40.62 -25.56 -7.46
C ILE A 1137 39.35 -26.03 -6.74
N GLN A 1138 39.06 -25.44 -5.58
CA GLN A 1138 37.82 -25.76 -4.89
C GLN A 1138 36.61 -25.37 -5.73
N ASP A 1139 36.67 -24.20 -6.38
CA ASP A 1139 35.55 -23.78 -7.22
C ASP A 1139 35.38 -24.73 -8.41
N TYR A 1140 36.49 -25.25 -8.93
CA TYR A 1140 36.41 -26.22 -10.03
C TYR A 1140 35.75 -27.52 -9.58
N VAL A 1141 36.21 -28.10 -8.47
CA VAL A 1141 35.66 -29.36 -8.00
C VAL A 1141 34.19 -29.21 -7.60
N THR A 1142 33.83 -28.05 -7.05
CA THR A 1142 32.45 -27.84 -6.61
C THR A 1142 31.48 -27.77 -7.78
N ILE A 1143 31.89 -27.14 -8.88
CA ILE A 1143 30.98 -26.82 -9.99
C ILE A 1143 31.07 -27.86 -11.10
N VAL A 1144 32.28 -28.19 -11.54
CA VAL A 1144 32.46 -29.12 -12.66
C VAL A 1144 31.97 -30.51 -12.27
N PRO A 1145 31.09 -31.12 -13.05
CA PRO A 1145 30.66 -32.50 -12.76
C PRO A 1145 31.85 -33.45 -12.86
N GLY A 1146 32.05 -34.24 -11.81
CA GLY A 1146 33.23 -35.09 -11.75
C GLY A 1146 34.51 -34.29 -11.59
N GLY A 1147 34.44 -33.12 -10.97
CA GLY A 1147 35.61 -32.26 -10.83
C GLY A 1147 36.66 -32.82 -9.90
N VAL A 1148 36.33 -33.84 -9.11
CA VAL A 1148 37.32 -34.50 -8.27
C VAL A 1148 38.40 -35.15 -9.11
N SER A 1149 38.15 -35.39 -10.40
CA SER A 1149 39.17 -35.97 -11.27
C SER A 1149 40.35 -35.03 -11.45
N LEU A 1150 40.19 -33.75 -11.15
CA LEU A 1150 41.31 -32.82 -11.23
C LEU A 1150 42.40 -33.11 -10.19
N LEU A 1151 42.04 -33.65 -9.03
CA LEU A 1151 43.04 -33.89 -8.00
C LEU A 1151 44.10 -34.90 -8.42
N GLN A 1152 43.74 -35.88 -9.24
CA GLN A 1152 44.69 -36.90 -9.67
C GLN A 1152 45.31 -36.60 -11.03
N GLU A 1153 45.12 -35.40 -11.56
CA GLU A 1153 45.78 -35.01 -12.80
C GLU A 1153 47.25 -34.71 -12.52
N LYS A 1154 48.14 -35.34 -13.28
CA LYS A 1154 49.57 -35.20 -13.06
C LYS A 1154 50.11 -34.11 -13.97
N VAL A 1155 50.73 -33.10 -13.39
CA VAL A 1155 51.41 -32.06 -14.16
C VAL A 1155 52.91 -32.31 -14.05
N THR A 1156 53.65 -31.83 -15.04
CA THR A 1156 55.09 -31.98 -15.06
C THR A 1156 55.70 -30.84 -14.25
N ARG A 1157 56.11 -31.15 -13.04
CA ARG A 1157 56.66 -30.12 -12.16
C ARG A 1157 57.98 -29.63 -12.78
N ARG A 1158 57.95 -28.47 -13.46
CA ARG A 1158 59.15 -27.90 -14.06
C ARG A 1158 59.91 -26.97 -13.13
N PHE A 1159 59.92 -27.24 -11.83
CA PHE A 1159 60.77 -26.48 -10.95
C PHE A 1159 61.11 -27.48 -9.86
N PRO A 1160 62.37 -27.57 -9.43
CA PRO A 1160 62.74 -28.58 -8.45
C PRO A 1160 62.08 -28.35 -7.10
N LEU A 1161 61.88 -29.47 -6.38
CA LEU A 1161 61.19 -29.44 -5.10
C LEU A 1161 61.98 -28.69 -4.03
N ASP A 1162 63.30 -28.71 -4.10
CA ASP A 1162 64.17 -28.04 -3.14
C ASP A 1162 64.36 -26.54 -3.42
N ASP A 1163 63.39 -25.88 -4.07
CA ASP A 1163 63.48 -24.48 -4.51
C ASP A 1163 64.86 -24.19 -5.09
N GLU A 1164 65.12 -24.75 -6.27
CA GLU A 1164 66.44 -24.54 -6.86
C GLU A 1164 66.44 -23.28 -7.70
N TYR A 1165 67.34 -23.19 -8.67
CA TYR A 1165 67.42 -21.91 -9.37
C TYR A 1165 66.52 -21.96 -10.59
N ILE A 1166 67.00 -21.45 -11.72
CA ILE A 1166 66.21 -21.48 -12.94
C ILE A 1166 66.82 -22.45 -13.94
N PRO A 1167 66.56 -23.76 -13.83
CA PRO A 1167 67.11 -24.72 -14.82
C PRO A 1167 66.12 -25.02 -15.94
N TYR A 1168 65.80 -23.98 -16.72
CA TYR A 1168 64.80 -24.09 -17.77
C TYR A 1168 65.21 -25.09 -18.85
N ASP A 1169 66.49 -25.13 -19.20
CA ASP A 1169 66.96 -26.04 -20.23
C ASP A 1169 67.52 -27.33 -19.67
N ASP A 1170 67.57 -27.47 -18.34
CA ASP A 1170 68.16 -28.65 -17.75
C ASP A 1170 67.22 -29.85 -17.90
N PRO A 1171 67.76 -31.07 -17.88
CA PRO A 1171 66.90 -32.26 -17.84
C PRO A 1171 66.10 -32.39 -16.56
N LYS A 1172 66.52 -31.71 -15.48
CA LYS A 1172 65.82 -31.71 -14.20
C LYS A 1172 64.55 -30.84 -14.21
N ALA A 1173 64.21 -30.22 -15.35
CA ALA A 1173 62.94 -29.49 -15.49
C ALA A 1173 61.76 -30.47 -15.61
N PHE A 1174 61.74 -31.31 -16.67
CA PHE A 1174 60.83 -32.43 -16.94
C PHE A 1174 61.05 -33.64 -16.00
N SER A 1175 61.93 -33.46 -15.02
CA SER A 1175 62.30 -34.48 -14.04
C SER A 1175 61.11 -35.26 -13.48
N TYR A 1176 60.41 -34.69 -12.50
CA TYR A 1176 59.39 -35.40 -11.74
C TYR A 1176 58.01 -34.80 -11.94
N SER A 1177 57.01 -35.65 -11.72
CA SER A 1177 55.60 -35.28 -11.81
C SER A 1177 55.02 -34.95 -10.43
N SER A 1178 53.82 -34.37 -10.44
CA SER A 1178 53.13 -33.95 -9.23
C SER A 1178 51.63 -33.87 -9.49
N THR A 1179 50.84 -34.65 -8.75
CA THR A 1179 49.39 -34.55 -8.83
C THR A 1179 48.90 -33.28 -8.13
N ILE A 1180 47.70 -32.84 -8.53
CA ILE A 1180 47.09 -31.67 -7.91
C ILE A 1180 46.81 -31.93 -6.43
N GLU A 1181 46.54 -33.19 -6.08
CA GLU A 1181 46.30 -33.55 -4.68
C GLU A 1181 47.50 -33.20 -3.81
N GLU A 1182 48.71 -33.55 -4.26
CA GLU A 1182 49.90 -33.21 -3.48
C GLU A 1182 50.35 -31.77 -3.69
N ILE A 1183 49.94 -31.13 -4.79
CA ILE A 1183 50.23 -29.72 -4.96
C ILE A 1183 49.50 -28.88 -3.92
N ILE A 1184 48.23 -29.23 -3.65
CA ILE A 1184 47.47 -28.52 -2.63
C ILE A 1184 48.12 -28.73 -1.26
N TYR A 1185 48.45 -29.98 -0.93
CA TYR A 1185 49.12 -30.26 0.34
C TYR A 1185 50.51 -29.64 0.39
N GLU A 1186 51.19 -29.54 -0.75
CA GLU A 1186 52.51 -28.91 -0.76
C GLU A 1186 52.43 -27.44 -0.37
N ILE A 1187 51.30 -26.78 -0.67
CA ILE A 1187 51.14 -25.39 -0.27
C ILE A 1187 50.80 -25.30 1.21
N LEU A 1188 49.87 -26.13 1.68
CA LEU A 1188 49.45 -26.09 3.08
C LEU A 1188 50.59 -26.46 4.02
N ASN A 1189 51.39 -27.46 3.64
CA ASN A 1189 52.44 -27.95 4.53
C ASN A 1189 53.67 -27.05 4.50
N ARG A 1190 53.99 -26.50 3.34
CA ARG A 1190 55.14 -25.61 3.22
C ARG A 1190 54.92 -24.32 3.99
N HIS A 1191 53.72 -23.76 3.95
CA HIS A 1191 53.46 -22.56 4.75
C HIS A 1191 53.60 -22.87 6.23
N ALA A 1192 53.04 -23.99 6.66
CA ALA A 1192 53.08 -24.34 8.08
C ALA A 1192 54.49 -24.68 8.53
N GLY A 1193 55.21 -25.50 7.74
CA GLY A 1193 56.58 -25.82 8.09
C GLY A 1193 57.55 -24.65 8.01
N GLY A 1194 57.08 -23.48 7.61
CA GLY A 1194 57.94 -22.32 7.49
C GLY A 1194 58.71 -22.27 6.19
N ILE A 1195 58.69 -21.12 5.52
CA ILE A 1195 59.44 -20.90 4.29
C ILE A 1195 60.39 -19.73 4.53
N LYS A 1196 61.60 -19.84 4.01
CA LYS A 1196 62.54 -18.74 4.19
C LYS A 1196 63.48 -18.76 2.99
N TYR A 1197 63.42 -17.70 2.18
CA TYR A 1197 64.23 -17.60 0.97
C TYR A 1197 64.28 -16.13 0.54
N ARG A 1198 65.33 -15.81 -0.22
CA ARG A 1198 65.39 -14.59 -1.02
C ARG A 1198 65.11 -14.93 -2.47
N GLU A 1199 64.41 -14.02 -3.16
CA GLU A 1199 63.92 -14.24 -4.52
C GLU A 1199 65.02 -14.68 -5.46
N ALA A 1200 64.70 -15.61 -6.36
CA ALA A 1200 65.66 -16.08 -7.34
C ALA A 1200 66.03 -14.97 -8.31
N ASN A 1201 67.29 -14.98 -8.76
CA ASN A 1201 67.81 -13.93 -9.64
C ASN A 1201 67.65 -12.56 -8.99
N ALA A 1202 67.84 -12.51 -7.68
CA ALA A 1202 67.63 -11.26 -6.97
C ALA A 1202 68.60 -10.20 -7.46
N GLY A 1203 68.07 -9.00 -7.65
CA GLY A 1203 68.79 -7.85 -8.12
C GLY A 1203 67.92 -6.99 -9.02
N PRO A 1204 68.51 -5.93 -9.57
CA PRO A 1204 67.73 -5.00 -10.41
C PRO A 1204 67.22 -5.58 -11.72
N ASN A 1205 67.88 -6.60 -12.28
CA ASN A 1205 67.49 -7.14 -13.57
C ASN A 1205 66.05 -7.63 -13.55
N LEU A 1206 65.50 -7.91 -12.37
CA LEU A 1206 64.08 -8.19 -12.24
C LEU A 1206 63.40 -6.85 -11.97
N ASP A 1207 63.26 -6.48 -10.70
CA ASP A 1207 62.69 -5.19 -10.30
C ASP A 1207 63.80 -4.12 -10.21
N ARG A 1208 63.84 -3.19 -11.16
CA ARG A 1208 64.89 -2.17 -11.16
C ARG A 1208 64.66 -1.05 -10.15
N VAL A 1209 63.69 -1.19 -9.24
CA VAL A 1209 63.45 -0.22 -8.19
C VAL A 1209 63.31 -0.85 -6.82
N MET A 1210 62.99 -2.14 -6.73
CA MET A 1210 62.86 -2.81 -5.44
C MET A 1210 64.21 -2.79 -4.74
N LYS A 1211 64.19 -2.56 -3.43
CA LYS A 1211 65.42 -2.46 -2.68
C LYS A 1211 66.02 -3.85 -2.43
N ASP A 1212 67.26 -3.87 -1.96
CA ASP A 1212 67.96 -5.14 -1.77
C ASP A 1212 67.26 -6.00 -0.73
N GLU A 1213 66.86 -5.41 0.40
CA GLU A 1213 66.15 -6.16 1.42
C GLU A 1213 64.75 -6.54 0.98
N GLY A 1214 64.21 -5.88 -0.04
CA GLY A 1214 62.88 -6.20 -0.53
C GLY A 1214 62.78 -7.54 -1.22
N PHE A 1215 63.87 -8.02 -1.84
CA PHE A 1215 63.83 -9.30 -2.51
C PHE A 1215 63.72 -10.48 -1.56
N ASN A 1216 64.19 -10.36 -0.32
CA ASN A 1216 63.99 -11.43 0.67
C ASN A 1216 62.68 -11.19 1.41
N VAL A 1217 61.63 -11.83 0.92
CA VAL A 1217 60.30 -11.73 1.54
C VAL A 1217 60.29 -12.90 2.51
N GLU A 1218 59.16 -13.16 3.18
CA GLU A 1218 58.82 -14.50 3.63
C GLU A 1218 57.56 -14.60 4.49
N VAL A 1219 57.11 -15.84 4.69
CA VAL A 1219 55.81 -16.19 5.29
C VAL A 1219 55.97 -17.28 6.33
N ASN A 1220 55.27 -17.13 7.47
CA ASN A 1220 55.10 -18.19 8.45
C ASN A 1220 53.78 -17.98 9.21
N VAL A 1221 53.39 -19.02 9.96
CA VAL A 1221 52.09 -19.07 10.64
C VAL A 1221 52.32 -18.94 12.15
N ASP A 1222 51.64 -17.98 12.77
CA ASP A 1222 51.60 -17.84 14.22
C ASP A 1222 50.59 -18.84 14.77
N TRP A 1223 51.09 -19.89 15.42
CA TRP A 1223 50.26 -21.01 15.83
C TRP A 1223 49.49 -20.76 17.12
N GLU A 1224 49.65 -19.60 17.75
CA GLU A 1224 48.76 -19.22 18.85
C GLU A 1224 47.45 -18.68 18.33
N THR A 1225 47.39 -18.36 17.05
CA THR A 1225 46.18 -17.89 16.39
C THR A 1225 45.86 -18.73 15.16
N GLY A 1226 46.87 -19.32 14.53
CA GLY A 1226 46.67 -20.17 13.35
C GLY A 1226 46.64 -19.48 11.99
N LEU A 1227 46.88 -18.17 11.93
CA LEU A 1227 46.84 -17.40 10.68
C LEU A 1227 48.23 -17.18 10.10
N ILE A 1228 48.25 -16.90 8.78
CA ILE A 1228 49.45 -16.75 7.97
C ILE A 1228 49.91 -15.29 7.94
N HIS A 1229 51.14 -15.03 8.39
CA HIS A 1229 51.81 -13.74 8.25
C HIS A 1229 52.74 -13.76 7.04
N GLY A 1230 53.32 -12.61 6.74
CA GLY A 1230 54.28 -12.49 5.66
C GLY A 1230 54.33 -11.09 5.11
N GLY A 1231 55.49 -10.76 4.54
CA GLY A 1231 55.73 -9.45 3.94
C GLY A 1231 56.69 -8.63 4.78
N SER A 1232 57.01 -7.45 4.25
CA SER A 1232 57.89 -6.48 4.91
C SER A 1232 57.52 -5.10 4.37
N GLN A 1233 58.17 -4.06 4.89
CA GLN A 1233 57.95 -2.69 4.42
C GLN A 1233 58.62 -2.38 3.08
N PHE A 1234 59.29 -3.35 2.48
CA PHE A 1234 59.92 -3.22 1.16
C PHE A 1234 59.28 -4.21 0.20
N ASN A 1235 58.03 -4.58 0.46
CA ASN A 1235 57.40 -5.69 -0.23
C ASN A 1235 56.08 -5.30 -0.89
N CYS A 1236 55.73 -6.02 -1.96
CA CYS A 1236 54.40 -5.92 -2.54
C CYS A 1236 53.85 -7.34 -2.79
N GLY A 1237 53.55 -8.07 -1.73
CA GLY A 1237 53.14 -9.45 -1.96
C GLY A 1237 51.67 -9.71 -2.15
N THR A 1238 50.85 -8.68 -2.03
CA THR A 1238 49.41 -8.78 -2.12
C THR A 1238 48.99 -8.21 -3.47
N TRP A 1239 47.68 -8.10 -3.67
CA TRP A 1239 47.19 -7.54 -4.93
C TRP A 1239 47.42 -6.04 -5.00
N MET A 1240 47.58 -5.38 -3.85
CA MET A 1240 47.90 -3.95 -3.82
C MET A 1240 49.42 -3.79 -3.93
N ASP A 1241 49.94 -4.24 -5.08
CA ASP A 1241 51.38 -4.30 -5.32
C ASP A 1241 51.94 -3.13 -6.13
N LYS A 1242 51.69 -1.89 -5.69
CA LYS A 1242 52.22 -0.72 -6.38
C LYS A 1242 53.54 -0.27 -5.75
N MET A 1243 54.64 -0.46 -6.48
CA MET A 1243 55.98 -0.09 -6.03
C MET A 1243 56.36 1.31 -6.47
N GLY A 1244 56.76 2.14 -5.52
CA GLY A 1244 57.13 3.51 -5.84
C GLY A 1244 58.37 3.60 -6.72
N GLU A 1245 58.44 4.68 -7.50
CA GLU A 1245 59.54 4.85 -8.43
C GLU A 1245 59.88 6.32 -8.69
N SER A 1246 59.29 7.24 -7.93
CA SER A 1246 59.44 8.66 -8.21
C SER A 1246 60.70 9.20 -7.52
N GLU A 1247 61.63 9.71 -8.32
CA GLU A 1247 62.83 10.30 -7.76
C GLU A 1247 62.66 11.76 -7.36
N LYS A 1248 61.72 12.48 -7.99
CA LYS A 1248 61.46 13.86 -7.57
C LYS A 1248 60.65 13.93 -6.30
N ALA A 1249 59.92 12.87 -5.97
CA ALA A 1249 59.11 12.83 -4.76
C ALA A 1249 59.75 11.98 -3.68
N ASN A 1250 60.93 11.42 -3.95
CA ASN A 1250 61.70 10.62 -3.00
C ASN A 1250 60.87 9.42 -2.51
N SER A 1251 60.56 8.54 -3.47
CA SER A 1251 59.82 7.32 -3.15
C SER A 1251 60.31 6.09 -3.91
N VAL A 1252 61.49 6.14 -4.52
CA VAL A 1252 62.01 5.00 -5.29
C VAL A 1252 62.26 3.83 -4.36
N GLY A 1253 61.54 2.73 -4.59
CA GLY A 1253 61.67 1.52 -3.80
C GLY A 1253 60.75 1.43 -2.61
N VAL A 1254 59.99 2.47 -2.32
CA VAL A 1254 59.04 2.48 -1.22
C VAL A 1254 57.69 2.02 -1.76
N PRO A 1255 57.16 0.89 -1.31
CA PRO A 1255 55.88 0.41 -1.81
C PRO A 1255 54.73 1.28 -1.31
N GLY A 1256 53.80 1.59 -2.23
CA GLY A 1256 52.66 2.40 -1.84
C GLY A 1256 51.75 1.71 -0.85
N THR A 1257 51.58 0.40 -0.99
CA THR A 1257 50.73 -0.38 -0.08
C THR A 1257 51.37 -1.73 0.23
N PRO A 1258 52.41 -1.74 1.08
CA PRO A 1258 52.93 -3.04 1.54
C PRO A 1258 52.00 -3.60 2.60
N ARG A 1259 51.54 -4.82 2.38
CA ARG A 1259 50.59 -5.49 3.26
C ARG A 1259 51.28 -6.64 3.97
N ASP A 1260 52.26 -6.27 4.80
CA ASP A 1260 53.03 -7.23 5.58
C ASP A 1260 52.19 -7.78 6.73
N GLY A 1261 52.44 -9.04 7.06
CA GLY A 1261 51.71 -9.66 8.16
C GLY A 1261 50.54 -10.49 7.70
N ALA A 1262 49.50 -10.55 8.53
CA ALA A 1262 48.33 -11.36 8.27
C ALA A 1262 47.35 -10.59 7.40
N ALA A 1263 47.20 -11.03 6.15
CA ALA A 1263 46.22 -10.46 5.23
C ALA A 1263 44.89 -11.20 5.35
N VAL A 1264 43.80 -10.44 5.32
CA VAL A 1264 42.47 -11.01 5.51
C VAL A 1264 42.14 -11.98 4.39
N GLU A 1265 42.50 -11.65 3.15
CA GLU A 1265 42.20 -12.54 2.03
C GLU A 1265 42.98 -13.84 2.13
N ILE A 1266 44.27 -13.75 2.47
CA ILE A 1266 45.11 -14.95 2.57
C ILE A 1266 44.55 -15.91 3.60
N ASN A 1267 44.23 -15.39 4.80
CA ASN A 1267 43.72 -16.28 5.84
C ASN A 1267 42.29 -16.71 5.55
N GLY A 1268 41.50 -15.86 4.91
CA GLY A 1268 40.16 -16.28 4.54
C GLY A 1268 40.17 -17.41 3.51
N LEU A 1269 41.07 -17.33 2.54
CA LEU A 1269 41.22 -18.43 1.59
C LEU A 1269 41.89 -19.64 2.24
N LEU A 1270 42.75 -19.40 3.23
CA LEU A 1270 43.33 -20.49 4.00
C LEU A 1270 42.25 -21.28 4.73
N LYS A 1271 41.32 -20.57 5.39
CA LYS A 1271 40.21 -21.23 6.05
C LYS A 1271 39.33 -21.96 5.05
N SER A 1272 39.12 -21.37 3.87
CA SER A 1272 38.35 -22.03 2.83
C SER A 1272 39.05 -23.27 2.31
N CYS A 1273 40.38 -23.26 2.26
CA CYS A 1273 41.13 -24.42 1.80
C CYS A 1273 41.11 -25.53 2.83
N LEU A 1274 41.21 -25.18 4.11
CA LEU A 1274 41.17 -26.18 5.18
C LEU A 1274 39.81 -26.86 5.24
N ARG A 1275 38.74 -26.07 5.16
CA ARG A 1275 37.40 -26.64 5.11
C ARG A 1275 37.20 -27.52 3.88
N PHE A 1276 37.87 -27.18 2.78
CA PHE A 1276 37.72 -27.95 1.55
C PHE A 1276 38.39 -29.31 1.66
N VAL A 1277 39.61 -29.35 2.18
CA VAL A 1277 40.34 -30.62 2.25
C VAL A 1277 39.82 -31.51 3.37
N LEU A 1278 39.21 -30.93 4.40
CA LEU A 1278 38.67 -31.73 5.49
C LEU A 1278 37.49 -32.57 5.02
N GLN A 1279 36.50 -31.93 4.38
CA GLN A 1279 35.38 -32.67 3.82
C GLN A 1279 35.83 -33.57 2.67
N LEU A 1280 36.92 -33.21 2.00
CA LEU A 1280 37.44 -34.05 0.93
C LEU A 1280 38.05 -35.33 1.48
N SER A 1281 38.75 -35.25 2.62
CA SER A 1281 39.27 -36.45 3.26
C SER A 1281 38.13 -37.32 3.79
N LYS A 1282 37.02 -36.70 4.17
CA LYS A 1282 35.85 -37.47 4.63
C LYS A 1282 35.28 -38.32 3.50
N ASP A 1283 35.45 -37.89 2.25
CA ASP A 1283 34.94 -38.61 1.09
C ASP A 1283 36.00 -39.47 0.40
N GLY A 1284 37.19 -39.58 0.99
CA GLY A 1284 38.23 -40.42 0.43
C GLY A 1284 38.89 -39.88 -0.82
N LYS A 1285 38.89 -38.56 -0.99
CA LYS A 1285 39.52 -37.91 -2.13
C LYS A 1285 40.82 -37.21 -1.78
N PHE A 1286 41.04 -36.90 -0.50
CA PHE A 1286 42.29 -36.30 -0.04
C PHE A 1286 42.93 -37.23 0.99
N LYS A 1287 44.22 -37.55 0.84
CA LYS A 1287 44.83 -38.55 1.71
C LYS A 1287 45.60 -37.98 2.88
N TYR A 1288 45.60 -36.67 3.08
CA TYR A 1288 46.57 -36.07 3.98
C TYR A 1288 45.89 -35.30 5.10
N THR A 1289 46.37 -35.53 6.30
CA THR A 1289 45.95 -34.81 7.49
C THR A 1289 47.14 -34.35 8.31
N GLU A 1290 48.36 -34.75 7.97
CA GLU A 1290 49.51 -34.37 8.78
C GLU A 1290 50.10 -33.07 8.26
N VAL A 1291 50.63 -32.28 9.20
CA VAL A 1291 51.18 -30.97 8.89
C VAL A 1291 52.40 -30.73 9.77
N THR A 1292 53.56 -30.53 9.16
CA THR A 1292 54.80 -30.35 9.89
C THR A 1292 55.04 -28.87 10.22
N LYS A 1293 55.65 -28.64 11.39
CA LYS A 1293 56.09 -27.41 12.01
C LYS A 1293 57.59 -27.27 11.88
N PRO A 1294 58.15 -26.04 11.88
CA PRO A 1294 59.59 -25.85 11.71
C PRO A 1294 60.43 -26.72 12.65
N ASP A 1295 59.97 -26.92 13.89
CA ASP A 1295 60.72 -27.76 14.81
C ASP A 1295 60.61 -29.24 14.48
N GLY A 1296 59.41 -29.71 14.17
CA GLY A 1296 59.20 -31.13 13.91
C GLY A 1296 57.81 -31.60 14.30
N SER A 1297 57.08 -30.73 14.99
CA SER A 1297 55.74 -31.00 15.52
C SER A 1297 54.73 -31.22 14.39
N LYS A 1298 53.65 -31.95 14.71
CA LYS A 1298 52.58 -32.22 13.75
C LYS A 1298 51.24 -31.70 14.26
N ILE A 1299 50.49 -31.02 13.40
CA ILE A 1299 49.12 -30.56 13.70
C ILE A 1299 48.17 -31.11 12.64
N SER A 1300 47.07 -31.71 13.10
CA SER A 1300 46.03 -32.19 12.19
C SER A 1300 45.36 -31.01 11.48
N LEU A 1301 44.94 -31.25 10.23
CA LEU A 1301 44.31 -30.21 9.43
C LEU A 1301 43.05 -29.65 10.11
N SER A 1302 42.34 -30.50 10.86
CA SER A 1302 41.16 -30.02 11.59
C SER A 1302 41.54 -29.09 12.73
N SER A 1303 42.67 -29.34 13.40
CA SER A 1303 43.10 -28.46 14.48
C SER A 1303 43.50 -27.09 13.95
N TRP A 1304 44.25 -27.06 12.84
CA TRP A 1304 44.56 -25.80 12.18
C TRP A 1304 43.28 -25.12 11.71
N ASN A 1305 42.30 -25.90 11.24
CA ASN A 1305 41.01 -25.34 10.87
C ASN A 1305 40.29 -24.76 12.08
N ASP A 1306 40.34 -25.45 13.22
CA ASP A 1306 39.69 -24.94 14.42
C ASP A 1306 40.46 -23.77 15.02
N LEU A 1307 41.77 -23.73 14.83
CA LEU A 1307 42.55 -22.60 15.34
C LEU A 1307 42.10 -21.30 14.70
N LEU A 1308 41.86 -21.31 13.39
CA LEU A 1308 41.34 -20.13 12.72
C LEU A 1308 39.91 -19.83 13.17
N GLN A 1309 39.09 -20.86 13.32
CA GLN A 1309 37.70 -20.65 13.75
C GLN A 1309 37.63 -20.01 15.13
N GLU A 1310 38.61 -20.26 15.99
CA GLU A 1310 38.61 -19.73 17.35
C GLU A 1310 39.36 -18.40 17.47
N ASN A 1311 40.16 -18.01 16.48
CA ASN A 1311 41.05 -16.86 16.63
C ASN A 1311 41.01 -15.86 15.49
N PHE A 1312 40.35 -16.18 14.36
CA PHE A 1312 40.35 -15.24 13.23
C PHE A 1312 39.60 -13.97 13.58
N GLU A 1313 38.30 -14.09 13.88
CA GLU A 1313 37.51 -12.91 14.21
C GLU A 1313 38.04 -12.19 15.43
N ARG A 1314 38.70 -12.91 16.34
CA ARG A 1314 39.27 -12.28 17.52
C ARG A 1314 40.41 -11.34 17.16
N CYS A 1315 41.17 -11.66 16.10
CA CYS A 1315 42.33 -10.84 15.75
C CYS A 1315 41.94 -9.66 14.87
N PHE A 1316 40.94 -9.81 14.01
CA PHE A 1316 40.64 -8.80 13.00
C PHE A 1316 39.47 -7.88 13.37
N TYR A 1317 38.47 -8.38 14.09
CA TYR A 1317 37.27 -7.58 14.32
C TYR A 1317 37.58 -6.42 15.27
N VAL A 1318 37.10 -5.24 14.91
CA VAL A 1318 37.23 -4.06 15.77
C VAL A 1318 35.84 -3.77 16.32
N PRO A 1319 35.58 -4.08 17.59
CA PRO A 1319 34.21 -3.98 18.10
C PRO A 1319 33.74 -2.55 18.25
N LYS A 1320 32.49 -2.32 17.87
CA LYS A 1320 31.88 -1.03 18.09
C LYS A 1320 31.71 -0.74 19.57
N ASN A 1321 31.56 -1.78 20.39
CA ASN A 1321 31.45 -1.56 21.83
C ASN A 1321 32.84 -1.19 22.35
N LYS A 1322 32.95 0.00 22.96
CA LYS A 1322 34.23 0.42 23.52
C LYS A 1322 34.65 -0.42 24.73
N GLU A 1323 33.71 -1.14 25.34
CA GLU A 1323 33.98 -2.01 26.47
C GLU A 1323 34.57 -3.35 26.06
N ASP A 1324 34.24 -3.85 24.86
CA ASP A 1324 34.71 -5.14 24.35
C ASP A 1324 36.08 -5.08 23.69
N ASP A 1325 36.85 -4.04 24.01
CA ASP A 1325 38.21 -3.91 23.50
C ASP A 1325 39.18 -4.84 24.21
N ASN A 1326 38.79 -5.46 25.31
CA ASN A 1326 39.69 -6.32 26.07
C ASN A 1326 39.71 -7.76 25.57
N LYS A 1327 38.99 -8.06 24.48
CA LYS A 1327 38.94 -9.41 23.95
C LYS A 1327 39.37 -9.52 22.50
N PHE A 1328 39.28 -8.44 21.71
CA PHE A 1328 39.55 -8.50 20.28
C PHE A 1328 40.91 -7.90 19.91
N GLU A 1329 41.80 -7.73 20.89
CA GLU A 1329 43.15 -7.22 20.66
C GLU A 1329 43.16 -5.93 19.87
N ILE A 1330 42.93 -4.79 20.54
CA ILE A 1330 42.83 -3.50 19.88
C ILE A 1330 43.57 -2.47 20.73
N ASP A 1331 44.42 -1.67 20.08
CA ASP A 1331 45.05 -0.51 20.68
C ASP A 1331 44.25 0.71 20.21
N ALA A 1332 43.38 1.22 21.09
CA ALA A 1332 42.39 2.21 20.70
C ALA A 1332 42.99 3.54 20.27
N THR A 1333 44.29 3.76 20.51
CA THR A 1333 44.89 5.02 20.10
C THR A 1333 44.98 5.15 18.58
N ILE A 1334 45.37 4.07 17.91
CA ILE A 1334 45.46 4.05 16.45
C ILE A 1334 44.20 3.34 15.95
N ILE A 1335 43.14 4.11 15.71
CA ILE A 1335 41.87 3.58 15.24
C ILE A 1335 41.20 4.62 14.36
N ASN A 1336 40.29 4.15 13.50
CA ASN A 1336 39.55 5.03 12.60
C ASN A 1336 38.05 4.88 12.84
N ARG A 1337 37.46 3.75 12.47
CA ARG A 1337 36.08 3.44 12.77
C ARG A 1337 36.01 2.06 13.39
N ARG A 1338 35.14 1.90 14.39
CA ARG A 1338 34.89 0.58 14.95
C ARG A 1338 33.70 -0.07 14.24
N GLY A 1339 33.43 -1.32 14.59
CA GLY A 1339 32.50 -2.11 13.81
C GLY A 1339 33.06 -2.48 12.46
N ILE A 1340 34.38 -2.60 12.37
CA ILE A 1340 35.11 -2.83 11.14
C ILE A 1340 35.97 -4.07 11.32
N TYR A 1341 36.05 -4.89 10.28
CA TYR A 1341 37.00 -6.00 10.26
C TYR A 1341 38.34 -5.48 9.76
N LYS A 1342 39.43 -5.86 10.45
CA LYS A 1342 40.75 -5.34 10.14
C LYS A 1342 41.17 -5.58 8.70
N ASP A 1343 42.10 -4.77 8.23
CA ASP A 1343 42.74 -4.99 6.95
C ASP A 1343 44.02 -5.81 7.07
N LEU A 1344 44.73 -5.69 8.20
CA LEU A 1344 45.95 -6.46 8.45
C LEU A 1344 46.08 -6.69 9.94
N TYR A 1345 46.86 -7.71 10.31
CA TYR A 1345 47.14 -7.98 11.72
C TYR A 1345 48.63 -7.90 11.94
N ARG A 1346 49.03 -7.10 12.92
CA ARG A 1346 50.43 -6.84 13.27
C ARG A 1346 51.29 -6.58 12.02
N SER A 1347 50.87 -5.58 11.25
CA SER A 1347 51.60 -5.15 10.05
C SER A 1347 52.74 -4.23 10.49
N GLY A 1348 53.55 -3.77 9.54
CA GLY A 1348 54.64 -2.88 9.90
C GLY A 1348 54.21 -1.57 10.56
N LYS A 1349 53.45 -0.74 9.85
CA LYS A 1349 52.84 0.44 10.47
C LYS A 1349 51.53 0.05 11.11
N PRO A 1350 51.38 0.16 12.44
CA PRO A 1350 50.16 -0.34 13.09
C PRO A 1350 48.88 0.35 12.67
N TYR A 1351 48.93 1.58 12.12
CA TYR A 1351 47.67 2.22 11.74
C TYR A 1351 47.12 1.64 10.45
N GLU A 1352 47.97 1.05 9.61
CA GLU A 1352 47.49 0.34 8.43
C GLU A 1352 46.71 -0.91 8.77
N ASP A 1353 46.83 -1.44 10.00
CA ASP A 1353 45.98 -2.53 10.44
C ASP A 1353 44.52 -2.11 10.51
N TYR A 1354 44.26 -0.95 11.09
CA TYR A 1354 42.89 -0.47 11.34
C TYR A 1354 42.43 0.48 10.25
N GLN A 1355 42.58 0.05 9.00
CA GLN A 1355 42.11 0.82 7.85
C GLN A 1355 40.95 0.10 7.18
N PHE A 1356 39.93 0.86 6.80
CA PHE A 1356 38.76 0.33 6.11
C PHE A 1356 39.11 0.10 4.65
N ARG A 1357 39.23 -1.16 4.27
CA ARG A 1357 39.55 -1.56 2.91
C ARG A 1357 38.66 -2.71 2.47
N PRO A 1358 38.39 -2.82 1.17
CA PRO A 1358 37.44 -3.83 0.71
C PRO A 1358 38.02 -5.24 0.58
N ASN A 1359 39.16 -5.53 1.22
CA ASN A 1359 39.76 -6.84 1.05
C ASN A 1359 39.17 -7.87 1.99
N PHE A 1360 38.56 -7.42 3.10
CA PHE A 1360 37.97 -8.37 4.04
C PHE A 1360 36.78 -9.10 3.44
N THR A 1361 36.13 -8.52 2.42
CA THR A 1361 34.99 -9.18 1.82
C THR A 1361 35.38 -10.44 1.08
N ILE A 1362 36.64 -10.56 0.66
CA ILE A 1362 37.10 -11.81 0.05
C ILE A 1362 37.00 -12.94 1.06
N ALA A 1363 37.36 -12.67 2.32
CA ALA A 1363 37.23 -13.68 3.36
C ALA A 1363 35.77 -13.95 3.71
N MET A 1364 34.92 -12.92 3.66
CA MET A 1364 33.50 -13.12 3.93
C MET A 1364 32.85 -14.04 2.92
N VAL A 1365 33.32 -14.02 1.67
CA VAL A 1365 32.69 -14.84 0.62
C VAL A 1365 33.20 -16.27 0.68
N VAL A 1366 34.51 -16.46 0.81
CA VAL A 1366 35.09 -17.79 0.75
C VAL A 1366 35.06 -18.52 2.09
N ALA A 1367 34.98 -17.80 3.20
CA ALA A 1367 34.96 -18.41 4.53
C ALA A 1367 33.93 -17.68 5.40
N PRO A 1368 32.64 -17.90 5.14
CA PRO A 1368 31.61 -17.24 5.95
C PRO A 1368 31.52 -17.77 7.37
N GLU A 1369 32.10 -18.93 7.66
CA GLU A 1369 32.03 -19.49 9.01
C GLU A 1369 32.88 -18.71 10.00
N LEU A 1370 33.84 -17.92 9.52
CA LEU A 1370 34.72 -17.14 10.38
C LEU A 1370 34.04 -15.90 10.96
N PHE A 1371 32.79 -15.62 10.57
CA PHE A 1371 32.14 -14.37 10.90
C PHE A 1371 30.83 -14.62 11.64
N THR A 1372 30.66 -13.99 12.79
CA THR A 1372 29.35 -13.95 13.41
C THR A 1372 28.44 -13.04 12.59
N PRO A 1373 27.18 -13.44 12.35
CA PRO A 1373 26.35 -12.71 11.38
C PRO A 1373 26.16 -11.24 11.69
N ASP A 1374 25.86 -10.90 12.95
CA ASP A 1374 25.57 -9.51 13.29
C ASP A 1374 26.80 -8.62 13.18
N TYR A 1375 27.99 -9.17 13.46
CA TYR A 1375 29.22 -8.40 13.31
C TYR A 1375 29.53 -8.14 11.83
N ALA A 1376 29.35 -9.16 10.98
CA ALA A 1376 29.67 -9.02 9.57
C ALA A 1376 28.68 -8.12 8.85
N ALA A 1377 27.38 -8.25 9.18
CA ALA A 1377 26.36 -7.46 8.50
C ALA A 1377 26.56 -5.96 8.74
N GLY A 1378 26.88 -5.58 9.98
CA GLY A 1378 27.13 -4.18 10.26
C GLY A 1378 28.41 -3.66 9.63
N ALA A 1379 29.43 -4.51 9.51
CA ALA A 1379 30.68 -4.09 8.91
C ALA A 1379 30.54 -3.89 7.41
N ILE A 1380 29.80 -4.77 6.75
CA ILE A 1380 29.59 -4.63 5.31
C ILE A 1380 28.60 -3.52 4.99
N GLU A 1381 27.77 -3.13 5.96
CA GLU A 1381 26.90 -1.97 5.77
C GLU A 1381 27.70 -0.68 5.79
N LEU A 1382 28.77 -0.62 6.60
CA LEU A 1382 29.66 0.53 6.57
C LEU A 1382 30.39 0.65 5.23
N ALA A 1383 30.82 -0.49 4.68
CA ALA A 1383 31.50 -0.46 3.39
C ALA A 1383 30.56 0.01 2.28
N ASP A 1384 29.27 -0.34 2.38
CA ASP A 1384 28.30 0.12 1.39
C ASP A 1384 28.13 1.63 1.44
N GLN A 1385 28.15 2.21 2.65
CA GLN A 1385 27.96 3.65 2.78
C GLN A 1385 29.24 4.43 2.50
N VAL A 1386 30.40 3.85 2.83
CA VAL A 1386 31.67 4.57 2.81
C VAL A 1386 32.54 4.17 1.64
N LEU A 1387 32.81 2.87 1.49
CA LEU A 1387 33.79 2.40 0.52
C LEU A 1387 33.21 2.08 -0.85
N ARG A 1388 31.89 2.06 -0.99
CA ARG A 1388 31.27 1.65 -2.24
C ARG A 1388 31.13 2.86 -3.18
N GLY A 1389 31.80 2.79 -4.33
CA GLY A 1389 31.63 3.77 -5.37
C GLY A 1389 30.54 3.34 -6.34
N PRO A 1390 30.34 4.11 -7.42
CA PRO A 1390 29.28 3.76 -8.37
C PRO A 1390 29.59 2.51 -9.17
N VAL A 1391 30.83 2.35 -9.64
CA VAL A 1391 31.21 1.19 -10.44
C VAL A 1391 32.36 0.47 -9.76
N GLY A 1392 33.26 1.21 -9.13
CA GLY A 1392 34.40 0.61 -8.47
C GLY A 1392 34.34 0.70 -6.95
N MET A 1393 35.15 -0.11 -6.28
CA MET A 1393 35.20 -0.13 -4.82
C MET A 1393 36.39 0.69 -4.35
N ARG A 1394 36.14 1.67 -3.49
CA ARG A 1394 37.20 2.52 -2.97
C ARG A 1394 38.21 1.69 -2.19
N THR A 1395 39.49 1.79 -2.60
CA THR A 1395 40.55 1.00 -1.99
C THR A 1395 40.98 1.52 -0.62
N LEU A 1396 40.45 2.65 -0.17
CA LEU A 1396 40.85 3.20 1.11
C LEU A 1396 39.78 4.15 1.62
N ASP A 1397 39.61 4.18 2.94
CA ASP A 1397 38.61 5.02 3.59
C ASP A 1397 38.82 6.48 3.24
N PRO A 1398 37.83 7.17 2.67
CA PRO A 1398 38.01 8.59 2.35
C PRO A 1398 38.35 9.46 3.54
N SER A 1399 37.94 9.07 4.76
CA SER A 1399 38.25 9.85 5.95
C SER A 1399 39.69 9.71 6.39
N ASP A 1400 40.47 8.83 5.76
CA ASP A 1400 41.86 8.65 6.13
C ASP A 1400 42.70 9.80 5.60
N TYR A 1401 43.83 10.04 6.27
CA TYR A 1401 44.71 11.14 5.90
C TYR A 1401 45.53 10.82 4.65
N ASN A 1402 45.75 9.54 4.36
CA ASN A 1402 46.48 9.10 3.19
C ASN A 1402 45.59 8.98 1.95
N TYR A 1403 44.36 9.48 2.01
CA TYR A 1403 43.38 9.25 0.95
C TYR A 1403 43.65 10.17 -0.24
N ARG A 1404 44.13 9.59 -1.33
CA ARG A 1404 44.30 10.30 -2.60
C ARG A 1404 43.65 9.45 -3.69
N PRO A 1405 42.42 9.77 -4.08
CA PRO A 1405 41.65 8.87 -4.97
C PRO A 1405 41.90 9.03 -6.45
N TYR A 1406 42.82 9.89 -6.87
CA TYR A 1406 43.09 10.12 -8.29
C TYR A 1406 44.43 9.51 -8.65
N TYR A 1407 44.44 8.70 -9.72
CA TYR A 1407 45.59 7.93 -10.14
C TYR A 1407 46.10 8.46 -11.48
N ASN A 1408 47.36 8.86 -11.49
CA ASN A 1408 48.05 9.41 -12.66
C ASN A 1408 49.44 8.78 -12.69
N ASN A 1409 49.63 7.79 -13.56
CA ASN A 1409 50.90 7.08 -13.63
C ASN A 1409 52.03 7.93 -14.19
N GLY A 1410 51.73 9.18 -14.57
CA GLY A 1410 52.66 10.11 -15.18
C GLY A 1410 52.93 11.34 -14.33
N GLU A 1411 52.49 11.30 -13.07
CA GLU A 1411 52.65 12.44 -12.18
C GLU A 1411 54.12 12.67 -11.90
N ASP A 1412 54.63 13.82 -12.33
CA ASP A 1412 56.02 14.20 -12.19
C ASP A 1412 56.23 15.28 -11.13
N SER A 1413 55.49 15.21 -10.03
CA SER A 1413 55.59 16.20 -8.98
C SER A 1413 56.34 15.60 -7.80
N ASP A 1414 56.55 16.41 -6.77
CA ASP A 1414 57.29 16.00 -5.58
C ASP A 1414 56.38 15.49 -4.46
N ASP A 1415 55.19 15.00 -4.79
CA ASP A 1415 54.26 14.50 -3.77
C ASP A 1415 54.64 13.06 -3.46
N PHE A 1416 54.94 12.77 -2.19
CA PHE A 1416 55.42 11.45 -1.81
C PHE A 1416 54.36 10.37 -1.91
N ALA A 1417 53.12 10.74 -2.21
CA ALA A 1417 52.03 9.79 -2.14
C ALA A 1417 51.33 9.62 -3.49
N THR A 1418 51.31 10.68 -4.29
CA THR A 1418 50.66 10.71 -5.59
C THR A 1418 51.58 10.50 -6.79
N SER A 1419 52.88 10.82 -6.69
CA SER A 1419 53.74 10.85 -7.87
C SER A 1419 54.01 9.46 -8.46
N LYS A 1420 53.96 9.36 -9.79
CA LYS A 1420 54.25 8.12 -10.52
C LYS A 1420 53.30 6.98 -10.14
N GLY A 1421 52.09 7.31 -9.69
CA GLY A 1421 51.07 6.31 -9.47
C GLY A 1421 51.09 5.60 -8.14
N ARG A 1422 51.71 6.17 -7.11
CA ARG A 1422 51.64 5.54 -5.79
C ARG A 1422 50.24 5.53 -5.22
N ASN A 1423 49.29 6.20 -5.88
CA ASN A 1423 47.92 6.27 -5.40
C ASN A 1423 47.14 5.00 -5.67
N TYR A 1424 47.67 4.14 -6.53
CA TYR A 1424 47.02 2.99 -7.14
C TYR A 1424 45.99 2.32 -6.24
N HIS A 1425 46.33 2.06 -4.99
CA HIS A 1425 45.46 1.35 -4.08
C HIS A 1425 45.21 2.15 -2.80
N GLN A 1426 45.09 3.47 -2.92
CA GLN A 1426 44.89 4.36 -1.78
C GLN A 1426 43.74 5.32 -2.06
N GLY A 1427 42.64 4.81 -2.62
CA GLY A 1427 41.54 5.66 -3.00
C GLY A 1427 40.82 5.29 -4.28
N PRO A 1428 41.57 5.08 -5.37
CA PRO A 1428 40.94 4.70 -6.64
C PRO A 1428 40.00 3.52 -6.49
N GLU A 1429 38.97 3.50 -7.33
CA GLU A 1429 37.85 2.56 -7.19
C GLU A 1429 38.04 1.43 -8.20
N TRP A 1430 38.25 0.21 -7.69
CA TRP A 1430 38.43 -0.97 -8.51
C TRP A 1430 37.11 -1.73 -8.61
N VAL A 1431 36.87 -2.32 -9.77
CA VAL A 1431 35.56 -2.90 -10.07
C VAL A 1431 35.42 -4.33 -9.53
N TRP A 1432 36.51 -5.09 -9.46
CA TRP A 1432 36.40 -6.48 -9.03
C TRP A 1432 36.06 -6.58 -7.54
N CYS A 1433 36.60 -5.68 -6.73
CA CYS A 1433 36.25 -5.67 -5.31
C CYS A 1433 34.77 -5.41 -5.11
N TYR A 1434 34.13 -4.71 -6.05
CA TYR A 1434 32.68 -4.56 -6.02
C TYR A 1434 31.98 -5.90 -6.14
N GLY A 1435 32.55 -6.83 -6.92
CA GLY A 1435 31.95 -8.14 -7.07
C GLY A 1435 31.96 -8.92 -5.77
N TYR A 1436 33.13 -9.04 -5.14
CA TYR A 1436 33.21 -9.71 -3.84
C TYR A 1436 32.38 -8.99 -2.79
N PHE A 1437 32.26 -7.67 -2.89
CA PHE A 1437 31.47 -6.92 -1.93
C PHE A 1437 30.00 -7.29 -2.00
N ILE A 1438 29.41 -7.19 -3.20
CA ILE A 1438 27.98 -7.43 -3.34
C ILE A 1438 27.63 -8.91 -3.15
N ARG A 1439 28.58 -9.81 -3.40
CA ARG A 1439 28.33 -11.23 -3.15
C ARG A 1439 28.13 -11.49 -1.66
N ALA A 1440 28.94 -10.86 -0.82
CA ALA A 1440 28.75 -10.99 0.62
C ALA A 1440 27.69 -10.05 1.15
N TYR A 1441 27.48 -8.91 0.47
CA TYR A 1441 26.38 -8.02 0.84
C TYR A 1441 25.04 -8.72 0.65
N HIS A 1442 24.93 -9.56 -0.38
CA HIS A 1442 23.70 -10.33 -0.56
C HIS A 1442 23.61 -11.46 0.45
N TYR A 1443 24.75 -12.07 0.78
CA TYR A 1443 24.73 -13.26 1.65
C TYR A 1443 24.40 -12.89 3.09
N PHE A 1444 25.00 -11.84 3.62
CA PHE A 1444 24.81 -11.48 5.02
C PHE A 1444 23.56 -10.64 5.25
N ASN A 1445 23.08 -9.91 4.25
CA ASN A 1445 21.76 -9.28 4.37
C ASN A 1445 20.65 -10.32 4.31
N PHE A 1446 20.90 -11.44 3.64
CA PHE A 1446 19.94 -12.54 3.57
C PHE A 1446 19.89 -13.33 4.88
N LEU A 1447 20.96 -13.31 5.67
CA LEU A 1447 20.98 -14.02 6.95
C LEU A 1447 20.57 -13.14 8.12
N THR A 1448 20.83 -11.84 8.06
CA THR A 1448 20.59 -10.94 9.18
C THR A 1448 19.25 -10.23 9.07
N ASN A 1449 19.07 -9.43 8.03
CA ASN A 1449 17.87 -8.61 7.90
C ASN A 1449 16.66 -9.49 7.64
N PRO A 1450 15.62 -9.45 8.49
CA PRO A 1450 14.43 -10.26 8.24
C PRO A 1450 13.64 -9.81 7.02
N LYS A 1451 13.75 -8.55 6.59
CA LYS A 1451 13.03 -8.09 5.41
C LYS A 1451 13.60 -8.64 4.12
N CYS A 1452 14.77 -9.27 4.16
CA CYS A 1452 15.42 -9.81 2.99
C CYS A 1452 15.10 -11.29 2.75
N GLN A 1453 14.08 -11.82 3.41
CA GLN A 1453 13.71 -13.22 3.25
C GLN A 1453 12.22 -13.37 2.97
N VAL A 1454 11.87 -14.39 2.19
CA VAL A 1454 10.48 -14.75 1.94
C VAL A 1454 10.41 -16.26 1.73
N GLU A 1455 9.28 -16.84 2.12
CA GLU A 1455 9.03 -18.28 1.98
C GLU A 1455 8.85 -18.64 0.52
N GLY A 1456 9.03 -19.92 0.20
CA GLY A 1456 9.06 -20.36 -1.18
C GLY A 1456 9.01 -21.86 -1.36
N SER A 1457 9.79 -22.37 -2.32
CA SER A 1457 9.77 -23.79 -2.65
C SER A 1457 10.23 -24.59 -1.45
N ALA A 1458 9.43 -25.61 -1.08
CA ALA A 1458 9.71 -26.47 0.06
C ALA A 1458 9.93 -25.67 1.34
N LYS A 1459 9.25 -24.52 1.45
CA LYS A 1459 9.38 -23.61 2.60
C LYS A 1459 10.81 -23.13 2.82
N LYS A 1460 11.67 -23.36 1.82
CA LYS A 1460 13.04 -22.85 1.83
C LYS A 1460 13.08 -21.36 1.57
N LEU A 1461 13.82 -20.63 2.40
CA LEU A 1461 13.87 -19.18 2.35
C LEU A 1461 14.65 -18.74 1.11
N LYS A 1462 13.99 -17.99 0.25
CA LYS A 1462 14.60 -17.32 -0.89
C LYS A 1462 14.60 -15.83 -0.66
N PRO A 1463 15.50 -15.06 -1.29
CA PRO A 1463 15.55 -13.62 -1.01
C PRO A 1463 14.25 -12.92 -1.41
N SER A 1464 13.86 -11.94 -0.59
CA SER A 1464 12.67 -11.18 -0.89
C SER A 1464 12.93 -10.23 -2.06
N SER A 1465 11.85 -9.70 -2.63
CA SER A 1465 11.98 -8.67 -3.65
C SER A 1465 12.60 -7.40 -3.09
N TYR A 1466 12.58 -7.22 -1.77
CA TYR A 1466 13.25 -6.09 -1.15
C TYR A 1466 14.76 -6.19 -1.29
N LEU A 1467 15.31 -7.41 -1.23
CA LEU A 1467 16.75 -7.58 -1.39
C LEU A 1467 17.15 -7.55 -2.87
N TYR A 1468 16.37 -8.20 -3.74
CA TYR A 1468 16.64 -8.13 -5.17
C TYR A 1468 16.63 -6.69 -5.65
N ARG A 1469 15.72 -5.87 -5.09
CA ARG A 1469 15.68 -4.45 -5.44
C ARG A 1469 16.96 -3.75 -5.03
N LYS A 1470 17.47 -4.04 -3.83
CA LYS A 1470 18.72 -3.43 -3.40
C LYS A 1470 19.91 -3.94 -4.20
N LEU A 1471 19.87 -5.21 -4.64
CA LEU A 1471 20.94 -5.73 -5.47
C LEU A 1471 20.90 -5.13 -6.87
N TYR A 1472 19.70 -5.01 -7.44
CA TYR A 1472 19.57 -4.49 -8.79
C TYR A 1472 20.04 -3.05 -8.90
N SER A 1473 19.76 -2.24 -7.86
CA SER A 1473 20.13 -0.83 -7.90
C SER A 1473 21.64 -0.63 -7.90
N ARG A 1474 22.39 -1.54 -7.26
CA ARG A 1474 23.84 -1.42 -7.18
C ARG A 1474 24.54 -1.94 -8.44
N LEU A 1475 23.80 -2.35 -9.46
CA LEU A 1475 24.38 -2.80 -10.70
C LEU A 1475 23.97 -1.96 -11.91
N LEU A 1476 23.19 -0.89 -11.70
CA LEU A 1476 22.78 -0.05 -12.82
C LEU A 1476 23.97 0.68 -13.43
N LYS A 1477 24.87 1.20 -12.60
CA LYS A 1477 26.06 1.86 -13.12
C LYS A 1477 26.95 0.88 -13.88
N HIS A 1478 26.93 -0.40 -13.49
CA HIS A 1478 27.69 -1.40 -14.22
C HIS A 1478 27.04 -1.70 -15.56
N ARG A 1479 25.70 -1.75 -15.59
CA ARG A 1479 25.01 -1.99 -16.86
C ARG A 1479 25.13 -0.80 -17.79
N GLU A 1480 25.15 0.42 -17.24
CA GLU A 1480 25.39 1.60 -18.07
C GLU A 1480 26.81 1.61 -18.63
N TRP A 1481 27.77 1.17 -17.82
CA TRP A 1481 29.17 1.23 -18.24
C TRP A 1481 29.41 0.36 -19.46
N ILE A 1482 29.00 -0.91 -19.40
CA ILE A 1482 29.24 -1.83 -20.51
C ILE A 1482 28.37 -1.50 -21.71
N GLU A 1483 27.26 -0.77 -21.50
CA GLU A 1483 26.44 -0.33 -22.63
C GLU A 1483 27.13 0.78 -23.41
N ASN A 1484 27.57 1.82 -22.71
CA ASN A 1484 28.14 3.02 -23.32
C ASN A 1484 29.66 3.04 -23.28
N SER A 1485 30.31 1.89 -23.53
CA SER A 1485 31.75 1.83 -23.61
C SER A 1485 32.17 1.25 -24.96
N PRO A 1486 33.14 1.86 -25.64
CA PRO A 1486 33.63 1.26 -26.90
C PRO A 1486 34.17 -0.14 -26.70
N TRP A 1487 34.93 -0.36 -25.63
CA TRP A 1487 35.29 -1.71 -25.21
C TRP A 1487 34.08 -2.35 -24.54
N ALA A 1488 33.74 -3.56 -24.95
CA ALA A 1488 32.53 -4.23 -24.47
C ALA A 1488 32.80 -4.97 -23.16
N GLY A 1489 33.15 -4.20 -22.14
CA GLY A 1489 33.44 -4.76 -20.85
C GLY A 1489 33.40 -3.71 -19.75
N LEU A 1490 34.00 -4.06 -18.61
CA LEU A 1490 34.09 -3.18 -17.46
C LEU A 1490 35.54 -2.80 -17.20
N ALA A 1491 35.75 -1.54 -16.82
CA ALA A 1491 37.10 -1.03 -16.62
C ALA A 1491 37.79 -1.73 -15.46
N GLU A 1492 39.11 -1.58 -15.43
CA GLU A 1492 39.89 -2.10 -14.32
C GLU A 1492 39.82 -1.19 -13.10
N LEU A 1493 39.88 0.12 -13.32
CA LEU A 1493 39.97 1.09 -12.26
C LEU A 1493 39.12 2.30 -12.61
N THR A 1494 38.73 3.04 -11.58
CA THR A 1494 37.95 4.26 -11.73
C THR A 1494 38.39 5.25 -10.67
N ASN A 1495 38.51 6.53 -11.06
CA ASN A 1495 38.89 7.57 -10.12
C ASN A 1495 37.73 7.82 -9.15
N LYS A 1496 37.80 8.93 -8.41
CA LYS A 1496 36.83 9.18 -7.35
C LYS A 1496 35.45 9.45 -7.93
N ASP A 1497 34.46 8.71 -7.43
CA ASP A 1497 33.05 8.92 -7.75
C ASP A 1497 32.78 8.83 -9.26
N GLY A 1498 33.14 7.68 -9.82
CA GLY A 1498 32.83 7.39 -11.20
C GLY A 1498 33.66 8.14 -12.23
N GLU A 1499 34.61 8.95 -11.81
CA GLU A 1499 35.43 9.70 -12.75
C GLU A 1499 36.30 8.74 -13.55
N VAL A 1500 36.25 8.87 -14.88
CA VAL A 1500 36.98 7.96 -15.76
C VAL A 1500 38.47 8.18 -15.57
N CYS A 1501 39.21 7.08 -15.36
CA CYS A 1501 40.66 7.11 -15.24
C CYS A 1501 41.26 6.73 -16.59
N ASN A 1502 42.05 7.63 -17.17
CA ASN A 1502 42.59 7.37 -18.51
C ASN A 1502 43.65 6.28 -18.50
N ASP A 1503 44.43 6.18 -17.42
CA ASP A 1503 45.46 5.14 -17.36
C ASP A 1503 44.88 3.76 -17.10
N SER A 1504 43.65 3.67 -16.60
CA SER A 1504 43.05 2.38 -16.30
C SER A 1504 42.75 1.60 -17.58
N SER A 1505 42.96 0.29 -17.52
CA SER A 1505 42.61 -0.55 -18.64
C SER A 1505 41.09 -0.60 -18.80
N PRO A 1506 40.57 -0.33 -19.99
CA PRO A 1506 39.11 -0.17 -20.14
C PRO A 1506 38.32 -1.47 -20.01
N THR A 1507 38.97 -2.63 -20.13
CA THR A 1507 38.31 -3.91 -19.93
C THR A 1507 39.25 -4.84 -19.18
N GLN A 1508 38.80 -5.35 -18.05
CA GLN A 1508 39.63 -6.22 -17.22
C GLN A 1508 38.92 -7.55 -16.98
N ALA A 1509 39.73 -8.61 -16.91
CA ALA A 1509 39.18 -9.95 -16.78
C ALA A 1509 38.44 -10.12 -15.45
N TRP A 1510 39.09 -9.79 -14.35
CA TRP A 1510 38.48 -9.99 -13.04
C TRP A 1510 37.48 -8.91 -12.68
N SER A 1511 37.40 -7.81 -13.43
CA SER A 1511 36.37 -6.81 -13.18
C SER A 1511 34.99 -7.33 -13.55
N THR A 1512 34.89 -8.07 -14.66
CA THR A 1512 33.62 -8.66 -15.07
C THR A 1512 33.39 -10.04 -14.49
N GLY A 1513 34.46 -10.79 -14.23
CA GLY A 1513 34.30 -12.14 -13.70
C GLY A 1513 33.72 -12.18 -12.31
N CYS A 1514 34.00 -11.17 -11.49
CA CYS A 1514 33.46 -11.12 -10.14
C CYS A 1514 31.98 -10.76 -10.12
N LEU A 1515 31.51 -10.05 -11.14
CA LEU A 1515 30.07 -9.81 -11.25
C LEU A 1515 29.33 -11.03 -11.76
N LEU A 1516 29.98 -11.84 -12.62
CA LEU A 1516 29.38 -13.11 -13.02
C LEU A 1516 29.30 -14.08 -11.85
N ASP A 1517 30.20 -13.93 -10.87
CA ASP A 1517 30.13 -14.77 -9.68
C ASP A 1517 28.84 -14.52 -8.91
N LEU A 1518 28.38 -13.27 -8.86
CA LEU A 1518 27.15 -12.95 -8.14
C LEU A 1518 25.93 -13.60 -8.81
N PHE A 1519 25.84 -13.50 -10.14
CA PHE A 1519 24.71 -14.09 -10.84
C PHE A 1519 24.68 -15.60 -10.70
N TYR A 1520 25.84 -16.24 -10.58
CA TYR A 1520 25.85 -17.68 -10.38
C TYR A 1520 25.40 -18.05 -8.97
N ASP A 1521 25.71 -17.22 -7.99
CA ASP A 1521 25.23 -17.46 -6.63
C ASP A 1521 23.71 -17.45 -6.58
N LEU A 1522 23.11 -16.41 -7.15
CA LEU A 1522 21.65 -16.31 -7.16
C LEU A 1522 21.00 -17.37 -8.03
N TRP A 1523 21.73 -17.87 -9.03
CA TRP A 1523 21.18 -18.88 -9.93
C TRP A 1523 21.28 -20.27 -9.32
N ILE A 1524 22.47 -20.65 -8.85
CA ILE A 1524 22.69 -22.01 -8.38
C ILE A 1524 22.03 -22.30 -7.04
N SER A 1525 21.52 -21.27 -6.36
CA SER A 1525 20.92 -21.45 -5.04
C SER A 1525 19.43 -21.21 -5.00
N TYR A 1526 18.85 -20.55 -5.99
CA TYR A 1526 17.44 -20.19 -5.93
C TYR A 1526 16.65 -20.58 -7.17
N GLU A 1527 17.25 -20.47 -8.35
CA GLU A 1527 16.53 -20.67 -9.62
C GLU A 1527 16.45 -22.17 -9.92
N GLU A 1528 15.70 -22.88 -9.10
CA GLU A 1528 15.50 -24.31 -9.28
C GLU A 1528 14.00 -24.65 -9.34
N ALA B 3 3.60 -26.97 17.93
CA ALA B 3 2.35 -27.32 17.29
C ALA B 3 1.48 -26.09 17.07
N HIS B 4 0.65 -25.76 18.06
CA HIS B 4 -0.29 -24.65 17.98
C HIS B 4 -0.19 -23.83 19.27
N ARG B 5 0.65 -22.80 19.25
CA ARG B 5 0.76 -21.90 20.39
C ARG B 5 0.29 -20.51 20.00
N THR B 6 -0.99 -20.40 19.61
CA THR B 6 -1.56 -19.18 19.07
C THR B 6 -2.71 -18.73 19.97
N LEU B 7 -2.74 -17.44 20.29
CA LEU B 7 -3.80 -16.85 21.09
C LEU B 7 -4.50 -15.77 20.28
N LEU B 8 -5.83 -15.73 20.37
CA LEU B 8 -6.63 -14.78 19.62
C LEU B 8 -6.91 -13.55 20.48
N LEU B 9 -6.46 -12.39 20.00
CA LEU B 9 -6.71 -11.11 20.67
C LEU B 9 -7.56 -10.26 19.75
N ARG B 10 -8.87 -10.25 19.99
CA ARG B 10 -9.79 -9.44 19.20
C ARG B 10 -9.69 -7.98 19.61
N LEU B 11 -9.77 -7.09 18.62
CA LEU B 11 -9.74 -5.66 18.86
C LEU B 11 -11.11 -5.04 18.57
N SER B 12 -11.38 -3.91 19.22
CA SER B 12 -12.63 -3.19 19.00
C SER B 12 -12.50 -2.31 17.76
N ASP B 13 -13.51 -1.48 17.53
CA ASP B 13 -13.48 -0.55 16.41
C ASP B 13 -12.55 0.64 16.66
N SER B 14 -12.11 0.84 17.90
CA SER B 14 -11.16 1.89 18.24
C SER B 14 -9.77 1.35 18.52
N GLY B 15 -9.52 0.08 18.20
CA GLY B 15 -8.23 -0.52 18.41
C GLY B 15 -7.96 -1.02 19.81
N GLU B 16 -8.95 -0.99 20.70
CA GLU B 16 -8.70 -1.47 22.06
C GLU B 16 -8.98 -2.96 22.16
N PRO B 17 -8.20 -3.70 22.94
CA PRO B 17 -8.45 -5.14 23.09
C PRO B 17 -9.78 -5.39 23.81
N VAL B 18 -10.48 -6.44 23.39
CA VAL B 18 -11.80 -6.78 23.89
C VAL B 18 -11.64 -7.82 25.00
N THR B 19 -12.33 -7.60 26.12
CA THR B 19 -12.33 -8.54 27.23
C THR B 19 -13.32 -9.66 26.96
N SER B 20 -12.83 -10.89 26.83
CA SER B 20 -13.70 -12.04 26.60
C SER B 20 -14.42 -12.47 27.87
N CYS B 21 -13.84 -12.19 29.04
CA CYS B 21 -14.46 -12.51 30.31
C CYS B 21 -14.16 -11.39 31.30
N SER B 22 -14.92 -11.36 32.39
CA SER B 22 -14.79 -10.33 33.41
C SER B 22 -14.03 -10.91 34.60
N TYR B 23 -12.71 -10.96 34.45
CA TYR B 23 -11.84 -11.40 35.54
C TYR B 23 -11.43 -10.26 36.46
N GLY B 24 -11.87 -9.04 36.18
CA GLY B 24 -11.50 -7.89 36.96
C GLY B 24 -10.37 -7.11 36.32
N GLN B 25 -9.89 -6.11 37.08
CA GLN B 25 -8.76 -5.30 36.62
C GLN B 25 -7.52 -6.16 36.48
N GLY B 26 -7.04 -6.34 35.25
CA GLY B 26 -5.92 -7.23 35.03
C GLY B 26 -4.97 -6.82 33.91
N VAL B 27 -4.15 -7.78 33.48
CA VAL B 27 -3.11 -7.55 32.48
C VAL B 27 -3.16 -8.69 31.47
N LEU B 28 -2.98 -8.35 30.19
CA LEU B 28 -2.91 -9.35 29.12
C LEU B 28 -1.66 -10.20 29.32
N THR B 29 -1.79 -11.21 30.17
CA THR B 29 -0.68 -12.10 30.49
C THR B 29 -0.83 -13.39 29.70
N LEU B 30 0.28 -13.86 29.13
CA LEU B 30 0.21 -15.12 28.41
C LEU B 30 0.64 -16.26 29.33
N PRO B 31 -0.04 -17.40 29.25
CA PRO B 31 0.19 -18.46 30.24
C PRO B 31 1.60 -19.02 30.15
N SER B 32 2.23 -19.19 31.30
CA SER B 32 3.58 -19.76 31.36
C SER B 32 3.51 -21.25 31.07
N LEU B 33 4.17 -21.67 29.98
CA LEU B 33 4.19 -23.06 29.56
C LEU B 33 5.59 -23.41 29.10
N PRO B 34 6.01 -24.66 29.30
CA PRO B 34 7.35 -25.05 28.83
C PRO B 34 7.39 -25.15 27.31
N LEU B 35 8.61 -25.03 26.78
CA LEU B 35 8.82 -25.17 25.35
C LEU B 35 8.51 -26.60 24.93
N PRO B 36 8.24 -26.82 23.63
CA PRO B 36 8.03 -28.18 23.13
C PRO B 36 9.23 -29.07 23.41
N GLN B 37 9.00 -30.38 23.23
CA GLN B 37 9.99 -31.40 23.56
C GLN B 37 11.31 -31.16 22.84
N GLY B 38 12.35 -30.80 23.59
CA GLY B 38 13.67 -30.61 23.03
C GLY B 38 13.81 -29.40 22.14
N LYS B 39 13.19 -28.28 22.51
CA LYS B 39 13.25 -27.05 21.74
C LYS B 39 13.76 -25.93 22.64
N LYS B 40 14.68 -25.12 22.11
CA LYS B 40 15.26 -24.01 22.85
C LYS B 40 14.65 -22.69 22.36
N LEU B 41 15.04 -21.60 23.03
CA LEU B 41 14.59 -20.27 22.63
C LEU B 41 15.21 -19.91 21.29
N GLY B 42 14.37 -19.81 20.26
CA GLY B 42 14.79 -19.46 18.92
C GLY B 42 14.40 -20.48 17.87
N ASP B 43 14.18 -21.74 18.26
CA ASP B 43 13.78 -22.76 17.31
C ASP B 43 12.40 -22.46 16.72
N MET B 44 11.55 -21.79 17.47
CA MET B 44 10.19 -21.48 17.05
C MET B 44 9.65 -20.37 17.93
N PRO B 45 8.63 -19.65 17.48
CA PRO B 45 8.02 -18.62 18.34
C PRO B 45 7.42 -19.24 19.60
N VAL B 46 7.66 -18.58 20.73
CA VAL B 46 7.07 -19.02 21.99
C VAL B 46 5.55 -18.89 21.94
N TYR B 47 5.05 -17.77 21.42
CA TYR B 47 3.63 -17.57 21.24
C TYR B 47 3.39 -16.73 20.00
N THR B 48 2.16 -16.81 19.48
CA THR B 48 1.73 -16.03 18.33
C THR B 48 0.39 -15.40 18.66
N VAL B 49 0.36 -14.07 18.70
CA VAL B 49 -0.84 -13.32 19.03
C VAL B 49 -1.55 -12.94 17.73
N LYS B 50 -2.74 -13.49 17.53
CA LYS B 50 -3.53 -13.21 16.34
C LYS B 50 -4.41 -11.99 16.62
N LEU B 51 -4.07 -10.86 16.02
CA LEU B 51 -4.86 -9.65 16.19
C LEU B 51 -6.01 -9.65 15.17
N ALA B 52 -7.23 -9.43 15.67
CA ALA B 52 -8.43 -9.43 14.83
C ALA B 52 -8.98 -8.00 14.78
N ILE B 53 -8.90 -7.38 13.62
CA ILE B 53 -9.38 -6.02 13.42
C ILE B 53 -10.73 -6.10 12.70
N PRO B 54 -11.76 -5.41 13.19
CA PRO B 54 -13.08 -5.49 12.53
C PRO B 54 -13.03 -4.90 11.13
N ALA B 55 -13.81 -5.52 10.23
CA ALA B 55 -13.87 -5.06 8.85
C ALA B 55 -14.62 -3.74 8.76
N GLY B 56 -14.08 -2.80 7.99
CA GLY B 56 -14.71 -1.50 7.82
C GLY B 56 -14.59 -0.57 9.01
N SER B 57 -13.88 -0.97 10.06
CA SER B 57 -13.75 -0.13 11.24
C SER B 57 -12.95 1.14 10.90
N PRO B 58 -13.15 2.21 11.68
CA PRO B 58 -12.42 3.46 11.40
C PRO B 58 -10.90 3.31 11.48
N VAL B 59 -10.40 2.28 12.15
CA VAL B 59 -8.95 2.08 12.22
C VAL B 59 -8.41 1.50 10.91
N THR B 60 -9.24 0.75 10.18
CA THR B 60 -8.77 0.11 8.95
C THR B 60 -8.45 1.11 7.85
N ARG B 61 -8.88 2.36 7.98
CA ARG B 61 -8.64 3.36 6.94
C ARG B 61 -7.17 3.74 6.96
N ASP B 62 -6.41 3.21 6.00
CA ASP B 62 -4.96 3.39 5.94
C ASP B 62 -4.31 3.01 7.26
N GLY B 63 -4.77 1.89 7.82
CA GLY B 63 -4.35 1.48 9.15
C GLY B 63 -3.04 0.71 9.14
N LEU B 64 -2.23 0.95 10.18
CA LEU B 64 -0.97 0.24 10.38
C LEU B 64 -0.91 -0.23 11.83
N ILE B 65 -0.42 -1.44 12.02
CA ILE B 65 -0.21 -1.99 13.35
C ILE B 65 1.26 -1.81 13.71
N TRP B 66 1.50 -1.05 14.78
CA TRP B 66 2.84 -0.81 15.30
C TRP B 66 3.06 -1.70 16.51
N THR B 67 4.28 -2.23 16.63
CA THR B 67 4.63 -3.08 17.75
C THR B 67 6.14 -3.12 17.87
N ASN B 68 6.61 -3.15 19.11
CA ASN B 68 8.03 -3.29 19.39
C ASN B 68 8.46 -4.75 19.45
N CYS B 69 7.63 -5.67 19.00
CA CYS B 69 8.02 -7.08 18.97
C CYS B 69 9.07 -7.27 17.88
N PRO B 70 10.23 -7.86 18.21
CA PRO B 70 11.24 -8.12 17.18
C PRO B 70 10.68 -9.05 16.12
N PRO B 71 11.06 -8.85 14.85
CA PRO B 71 10.52 -9.70 13.78
C PRO B 71 11.06 -11.11 13.81
N ASP B 72 12.23 -11.34 14.40
CA ASP B 72 12.78 -12.68 14.51
C ASP B 72 13.67 -12.74 15.74
N PHE B 73 14.13 -13.96 16.05
CA PHE B 73 14.94 -14.16 17.24
C PHE B 73 16.30 -13.49 17.13
N SER B 74 16.80 -13.27 15.92
CA SER B 74 18.10 -12.63 15.74
C SER B 74 18.05 -11.17 16.19
N THR B 75 16.92 -10.50 15.98
CA THR B 75 16.78 -9.10 16.33
C THR B 75 16.58 -8.94 17.82
N GLN B 76 17.37 -8.05 18.44
CA GLN B 76 17.19 -7.75 19.85
C GLN B 76 15.94 -6.90 20.05
N PHE B 77 15.52 -6.79 21.31
CA PHE B 77 14.34 -6.04 21.68
C PHE B 77 14.70 -4.59 21.99
N ASP B 78 13.95 -3.66 21.41
CA ASP B 78 14.10 -2.24 21.70
C ASP B 78 12.73 -1.69 22.09
N ARG B 79 12.70 -0.93 23.19
CA ARG B 79 11.43 -0.39 23.68
C ARG B 79 10.78 0.56 22.68
N GLU B 80 11.60 1.35 21.98
CA GLU B 80 11.08 2.45 21.17
C GLU B 80 11.28 2.24 19.68
N LYS B 81 11.70 1.04 19.25
CA LYS B 81 11.75 0.73 17.83
C LYS B 81 10.54 -0.13 17.49
N PHE B 82 9.56 0.47 16.85
CA PHE B 82 8.34 -0.21 16.44
C PHE B 82 8.43 -0.57 14.96
N TYR B 83 7.72 -1.64 14.59
CA TYR B 83 7.75 -2.15 13.23
C TYR B 83 6.38 -2.02 12.60
N LYS B 84 6.37 -1.85 11.28
CA LYS B 84 5.14 -1.62 10.54
C LYS B 84 4.44 -2.94 10.22
N LYS B 85 3.12 -2.90 10.22
CA LYS B 85 2.28 -4.01 9.77
C LYS B 85 1.05 -3.42 9.06
N ILE B 86 0.74 -3.95 7.88
CA ILE B 86 -0.31 -3.38 7.05
C ILE B 86 -1.62 -4.10 7.34
N ILE B 87 -2.67 -3.32 7.57
CA ILE B 87 -4.01 -3.84 7.80
C ILE B 87 -4.71 -3.98 6.46
N LYS B 88 -5.15 -5.20 6.13
CA LYS B 88 -5.82 -5.46 4.86
C LYS B 88 -7.28 -5.04 5.01
N THR B 89 -7.60 -3.84 4.55
CA THR B 89 -8.94 -3.29 4.71
C THR B 89 -9.95 -4.04 3.86
N SER B 90 -11.12 -4.29 4.45
CA SER B 90 -12.24 -4.88 3.74
C SER B 90 -13.52 -4.46 4.43
N PHE B 91 -14.60 -4.35 3.66
CA PHE B 91 -15.91 -4.07 4.22
C PHE B 91 -16.65 -5.33 4.63
N HIS B 92 -16.16 -6.51 4.23
CA HIS B 92 -16.79 -7.78 4.57
C HIS B 92 -15.95 -8.62 5.52
N GLU B 93 -14.66 -8.77 5.22
CA GLU B 93 -13.80 -9.73 5.90
C GLU B 93 -12.91 -9.02 6.91
N ASP B 94 -12.85 -9.57 8.12
CA ASP B 94 -11.87 -9.09 9.10
C ASP B 94 -10.47 -9.52 8.69
N ASP B 95 -9.48 -8.74 9.14
CA ASP B 95 -8.08 -9.03 8.86
C ASP B 95 -7.40 -9.54 10.12
N HIS B 96 -6.56 -10.56 9.95
CA HIS B 96 -5.81 -11.16 11.04
C HIS B 96 -4.33 -10.93 10.81
N ILE B 97 -3.66 -10.40 11.83
CA ILE B 97 -2.23 -10.09 11.75
C ILE B 97 -1.52 -10.78 12.90
N ASP B 98 -0.56 -11.64 12.58
CA ASP B 98 0.15 -12.42 13.59
C ASP B 98 1.34 -11.64 14.14
N LEU B 99 1.59 -11.85 15.43
CA LEU B 99 2.76 -11.29 16.12
C LEU B 99 3.55 -12.46 16.70
N ASP B 100 4.59 -12.89 16.01
CA ASP B 100 5.42 -14.00 16.48
C ASP B 100 6.35 -13.50 17.58
N ILE B 101 6.28 -14.11 18.75
CA ILE B 101 7.11 -13.76 19.90
C ILE B 101 8.04 -14.93 20.18
N TYR B 102 9.35 -14.64 20.25
CA TYR B 102 10.36 -15.67 20.44
C TYR B 102 10.99 -15.66 21.82
N VAL B 103 10.83 -14.59 22.59
CA VAL B 103 11.51 -14.43 23.87
C VAL B 103 10.57 -13.72 24.84
N PRO B 104 10.50 -14.17 26.10
CA PRO B 104 9.63 -13.50 27.07
C PRO B 104 10.08 -12.06 27.32
N GLY B 105 9.11 -11.23 27.68
CA GLY B 105 9.41 -9.83 27.98
C GLY B 105 8.13 -8.99 27.92
N THR B 106 8.34 -7.68 27.85
CA THR B 106 7.26 -6.71 27.77
C THR B 106 7.12 -6.25 26.32
N TYR B 107 5.91 -6.38 25.77
CA TYR B 107 5.62 -5.98 24.42
C TYR B 107 4.35 -5.15 24.39
N CYS B 108 4.33 -4.15 23.51
CA CYS B 108 3.18 -3.28 23.37
C CYS B 108 2.88 -3.05 21.90
N PHE B 109 1.68 -2.56 21.62
CA PHE B 109 1.27 -2.29 20.25
C PHE B 109 0.29 -1.13 20.24
N TYR B 110 0.37 -0.32 19.19
CA TYR B 110 -0.58 0.75 18.96
C TYR B 110 -0.88 0.81 17.47
N LEU B 111 -1.95 1.51 17.11
CA LEU B 111 -2.45 1.56 15.75
C LEU B 111 -2.47 3.00 15.26
N SER B 112 -2.04 3.18 14.01
CA SER B 112 -2.11 4.46 13.33
C SER B 112 -3.06 4.35 12.15
N PHE B 113 -3.89 5.38 11.95
CA PHE B 113 -4.91 5.34 10.93
C PHE B 113 -5.18 6.76 10.46
N LYS B 114 -5.97 6.86 9.39
CA LYS B 114 -6.36 8.14 8.82
C LYS B 114 -7.65 8.62 9.48
N ASN B 115 -7.58 9.78 10.13
CA ASN B 115 -8.73 10.34 10.83
C ASN B 115 -9.80 10.77 9.83
N ASP B 116 -11.01 10.99 10.35
CA ASP B 116 -12.09 11.53 9.53
C ASP B 116 -11.80 12.96 9.06
N LYS B 117 -10.84 13.64 9.69
CA LYS B 117 -10.35 14.93 9.23
C LYS B 117 -9.20 14.80 8.24
N ASP B 118 -8.98 13.60 7.70
CA ASP B 118 -7.85 13.28 6.83
C ASP B 118 -6.51 13.52 7.51
N GLU B 119 -6.49 13.55 8.84
CA GLU B 119 -5.26 13.70 9.60
C GLU B 119 -4.83 12.34 10.15
N LEU B 120 -3.63 12.32 10.75
CA LEU B 120 -3.11 11.12 11.36
C LEU B 120 -3.49 11.07 12.84
N GLU B 121 -3.88 9.89 13.30
CA GLU B 121 -4.29 9.69 14.67
C GLU B 121 -3.67 8.39 15.18
N THR B 122 -3.47 8.33 16.50
CA THR B 122 -2.83 7.20 17.13
C THR B 122 -3.60 6.81 18.38
N THR B 123 -3.72 5.51 18.62
CA THR B 123 -4.39 4.99 19.80
C THR B 123 -3.39 4.84 20.95
N ARG B 124 -3.87 4.34 22.09
CA ARG B 124 -3.00 4.07 23.22
C ARG B 124 -2.02 2.96 22.88
N LYS B 125 -0.99 2.84 23.70
CA LYS B 125 -0.11 1.67 23.69
C LYS B 125 -0.73 0.60 24.57
N PHE B 126 -0.94 -0.59 24.01
CA PHE B 126 -1.54 -1.70 24.72
C PHE B 126 -0.50 -2.78 24.93
N TYR B 127 -0.23 -3.11 26.19
CA TYR B 127 0.86 -4.00 26.57
C TYR B 127 0.35 -5.40 26.82
N PHE B 128 1.26 -6.37 26.70
CA PHE B 128 0.98 -7.75 27.06
C PHE B 128 2.29 -8.42 27.44
N VAL B 129 2.24 -9.26 28.48
CA VAL B 129 3.43 -9.83 29.10
C VAL B 129 3.53 -11.30 28.73
N VAL B 130 4.72 -11.73 28.33
CA VAL B 130 5.04 -13.14 28.13
C VAL B 130 5.88 -13.58 29.31
N LEU B 131 5.34 -14.49 30.11
CA LEU B 131 6.00 -14.88 31.34
C LEU B 131 7.26 -15.69 31.04
N PRO B 132 8.27 -15.62 31.90
CA PRO B 132 9.48 -16.41 31.70
C PRO B 132 9.22 -17.88 31.95
N ILE B 133 10.13 -18.71 31.43
CA ILE B 133 10.06 -20.16 31.58
C ILE B 133 11.08 -20.57 32.64
N LEU B 134 10.58 -21.12 33.74
CA LEU B 134 11.41 -21.45 34.90
C LEU B 134 11.61 -22.96 34.96
N SER B 135 12.83 -23.40 34.72
CA SER B 135 13.24 -24.78 34.94
C SER B 135 14.45 -24.80 35.86
N VAL B 136 14.66 -25.93 36.53
CA VAL B 136 15.74 -26.05 37.51
C VAL B 136 16.90 -26.85 36.90
N ASN B 137 16.64 -28.11 36.53
CA ASN B 137 17.60 -28.89 35.75
C ASN B 137 17.02 -29.16 34.37
N ASP B 138 16.00 -30.02 34.28
CA ASP B 138 15.24 -30.19 33.06
C ASP B 138 13.75 -30.35 33.35
N LYS B 139 13.31 -30.08 34.59
CA LYS B 139 11.92 -30.20 34.98
C LYS B 139 11.30 -28.82 35.03
N PHE B 140 10.19 -28.63 34.33
CA PHE B 140 9.55 -27.33 34.28
C PHE B 140 8.86 -27.01 35.60
N ILE B 141 9.03 -25.78 36.06
CA ILE B 141 8.44 -25.30 37.31
C ILE B 141 7.30 -24.35 36.95
N PRO B 142 6.04 -24.75 37.11
CA PRO B 142 4.94 -23.82 36.87
C PRO B 142 5.04 -22.61 37.79
N LEU B 143 4.61 -21.46 37.27
CA LEU B 143 4.78 -20.21 37.99
C LEU B 143 3.97 -20.18 39.28
N ASN B 144 2.82 -20.86 39.30
CA ASN B 144 1.95 -20.89 40.47
C ASN B 144 2.26 -22.06 41.41
N SER B 145 3.44 -22.67 41.27
CA SER B 145 3.91 -23.70 42.19
C SER B 145 5.27 -23.34 42.77
N ILE B 146 5.53 -22.05 42.91
CA ILE B 146 6.81 -21.55 43.40
C ILE B 146 6.77 -21.45 44.92
N ALA B 147 7.76 -22.04 45.58
CA ALA B 147 7.96 -21.91 47.01
C ALA B 147 9.26 -21.15 47.23
N MET B 148 9.15 -19.93 47.76
CA MET B 148 10.28 -19.03 47.91
C MET B 148 10.68 -18.91 49.38
N GLN B 149 11.96 -19.12 49.66
CA GLN B 149 12.51 -18.95 51.00
C GLN B 149 13.46 -17.74 50.97
N SER B 150 13.08 -16.68 51.67
CA SER B 150 13.88 -15.47 51.74
C SER B 150 14.87 -15.58 52.89
N VAL B 151 16.15 -15.39 52.60
CA VAL B 151 17.21 -15.52 53.58
C VAL B 151 18.04 -14.23 53.58
N VAL B 152 18.45 -13.81 54.77
CA VAL B 152 19.29 -12.63 54.93
C VAL B 152 20.75 -13.07 54.99
N SER B 153 21.61 -12.37 54.25
CA SER B 153 22.98 -12.82 54.07
C SER B 153 23.77 -12.79 55.37
N LYS B 154 23.74 -11.66 56.09
CA LYS B 154 24.64 -11.50 57.24
C LYS B 154 24.21 -12.31 58.46
N TRP B 155 23.22 -13.21 58.37
CA TRP B 155 22.81 -14.03 59.51
C TRP B 155 22.94 -15.52 59.19
N MET B 156 23.78 -15.88 58.21
CA MET B 156 23.95 -17.27 57.81
C MET B 156 25.35 -17.81 58.07
N GLY B 157 26.24 -17.01 58.67
CA GLY B 157 27.61 -17.41 58.86
C GLY B 157 28.54 -16.70 57.90
N PRO B 158 29.82 -16.58 58.28
CA PRO B 158 30.77 -15.82 57.45
C PRO B 158 31.38 -16.61 56.31
N THR B 159 31.06 -17.88 56.16
CA THR B 159 31.67 -18.73 55.14
C THR B 159 30.60 -19.26 54.19
N ILE B 160 31.04 -19.68 53.00
CA ILE B 160 30.12 -20.22 52.01
C ILE B 160 29.50 -21.52 52.50
N LYS B 161 30.30 -22.39 53.11
CA LYS B 161 29.77 -23.65 53.62
C LYS B 161 28.82 -23.42 54.79
N ASP B 162 29.04 -22.35 55.58
CA ASP B 162 28.07 -21.99 56.61
C ASP B 162 26.73 -21.64 56.00
N TRP B 163 26.72 -21.16 54.76
CA TRP B 163 25.47 -20.89 54.05
C TRP B 163 24.86 -22.17 53.50
N GLU B 164 25.71 -23.06 52.95
CA GLU B 164 25.21 -24.31 52.38
C GLU B 164 24.60 -25.23 53.43
N LYS B 165 24.83 -24.96 54.72
CA LYS B 165 24.07 -25.64 55.76
C LYS B 165 22.64 -25.10 55.81
N VAL B 166 22.47 -23.79 55.61
CA VAL B 166 21.13 -23.22 55.52
C VAL B 166 20.43 -23.73 54.26
N PHE B 167 21.17 -23.89 53.17
CA PHE B 167 20.57 -24.38 51.93
C PHE B 167 20.00 -25.78 52.09
N ALA B 168 20.71 -26.65 52.81
CA ALA B 168 20.23 -28.01 53.02
C ALA B 168 18.98 -28.03 53.90
N ARG B 169 18.86 -27.06 54.81
CA ARG B 169 17.69 -27.01 55.69
C ARG B 169 16.45 -26.62 54.92
N VAL B 170 16.54 -25.59 54.06
CA VAL B 170 15.39 -25.18 53.27
C VAL B 170 15.09 -26.17 52.14
N ALA B 171 16.06 -26.99 51.75
CA ALA B 171 15.79 -28.04 50.78
C ALA B 171 14.98 -29.17 51.38
N SER B 172 15.17 -29.45 52.68
CA SER B 172 14.36 -30.46 53.34
C SER B 172 12.91 -30.03 53.47
N LYS B 173 12.67 -28.74 53.68
CA LYS B 173 11.31 -28.21 53.67
C LYS B 173 10.72 -28.14 52.27
N LYS B 174 11.49 -28.52 51.25
CA LYS B 174 11.04 -28.64 49.86
C LYS B 174 10.66 -27.29 49.25
N TYR B 175 11.33 -26.22 49.64
CA TYR B 175 11.28 -24.99 48.86
C TYR B 175 12.09 -25.17 47.57
N ASN B 176 11.62 -24.53 46.50
CA ASN B 176 12.28 -24.64 45.20
C ASN B 176 12.87 -23.31 44.72
N MET B 177 12.86 -22.28 45.57
CA MET B 177 13.40 -20.98 45.20
C MET B 177 13.85 -20.25 46.46
N ILE B 178 14.96 -19.54 46.35
CA ILE B 178 15.54 -18.79 47.46
C ILE B 178 15.67 -17.33 47.06
N HIS B 179 15.09 -16.44 47.86
CA HIS B 179 15.22 -15.00 47.67
C HIS B 179 16.33 -14.48 48.57
N PHE B 180 17.27 -13.75 47.99
CA PHE B 180 18.42 -13.22 48.70
C PHE B 180 18.28 -11.72 48.90
N THR B 181 18.47 -11.26 50.13
CA THR B 181 18.81 -9.87 50.35
C THR B 181 20.15 -9.60 49.66
N PRO B 182 20.34 -8.41 49.10
CA PRO B 182 21.47 -8.18 48.20
C PRO B 182 22.82 -8.58 48.78
N LEU B 183 23.53 -9.44 48.07
CA LEU B 183 24.81 -10.02 48.52
C LEU B 183 25.98 -9.12 48.21
N GLN B 184 25.77 -7.81 48.26
CA GLN B 184 26.80 -6.84 47.93
C GLN B 184 27.47 -6.31 49.20
N HIS B 185 28.58 -5.62 49.01
CA HIS B 185 29.26 -4.96 50.12
C HIS B 185 28.34 -3.90 50.72
N ARG B 186 28.07 -4.02 52.01
CA ARG B 186 27.11 -3.20 52.72
C ARG B 186 27.77 -1.91 53.21
N GLY B 187 26.94 -0.93 53.54
CA GLY B 187 27.41 0.40 53.88
C GLY B 187 27.87 0.52 55.32
N GLU B 188 27.80 1.76 55.84
CA GLU B 188 28.28 2.04 57.19
C GLU B 188 27.45 1.31 58.24
N SER B 189 26.13 1.49 58.21
CA SER B 189 25.24 0.87 59.19
C SER B 189 25.07 -0.62 58.97
N ASN B 190 25.69 -1.18 57.93
CA ASN B 190 25.67 -2.61 57.63
C ASN B 190 24.26 -3.12 57.35
N SER B 191 23.33 -2.22 57.03
CA SER B 191 22.01 -2.66 56.60
C SER B 191 22.10 -3.29 55.21
N PRO B 192 21.40 -4.39 54.97
CA PRO B 192 21.52 -5.07 53.67
C PRO B 192 21.08 -4.22 52.50
N TYR B 193 20.24 -3.20 52.71
CA TYR B 193 19.72 -2.39 51.61
C TYR B 193 20.51 -1.12 51.37
N SER B 194 21.46 -0.78 52.23
CA SER B 194 22.36 0.35 52.00
C SER B 194 23.66 -0.23 51.43
N ILE B 195 23.71 -0.34 50.11
CA ILE B 195 24.79 -1.04 49.43
C ILE B 195 25.97 -0.09 49.25
N TYR B 196 27.12 -0.47 49.80
CA TYR B 196 28.34 0.33 49.66
C TYR B 196 28.73 0.44 48.18
N ASP B 197 29.01 -0.70 47.55
CA ASP B 197 29.39 -0.74 46.14
C ASP B 197 28.51 -1.76 45.43
N GLN B 198 27.89 -1.35 44.32
CA GLN B 198 26.97 -2.20 43.59
C GLN B 198 27.68 -3.23 42.74
N LEU B 199 28.93 -2.98 42.35
CA LEU B 199 29.61 -3.78 41.34
C LEU B 199 30.43 -4.94 41.89
N GLU B 200 30.55 -5.07 43.22
CA GLU B 200 31.26 -6.20 43.79
C GLU B 200 30.52 -6.69 45.02
N PHE B 201 30.63 -7.99 45.28
CA PHE B 201 29.87 -8.64 46.32
C PHE B 201 30.55 -8.44 47.68
N ASP B 202 30.01 -9.09 48.70
CA ASP B 202 30.51 -8.95 50.05
C ASP B 202 31.91 -9.54 50.17
N PRO B 203 32.94 -8.74 50.50
CA PRO B 203 34.28 -9.30 50.63
C PRO B 203 34.43 -10.28 51.79
N THR B 204 33.49 -10.29 52.74
CA THR B 204 33.55 -11.22 53.85
C THR B 204 33.37 -12.66 53.39
N VAL B 205 32.58 -12.90 52.34
CA VAL B 205 32.24 -14.23 51.87
C VAL B 205 32.79 -14.49 50.47
N PHE B 206 32.54 -13.58 49.55
CA PHE B 206 32.90 -13.76 48.15
C PHE B 206 34.00 -12.79 47.76
N LYS B 207 34.55 -13.04 46.56
CA LYS B 207 35.61 -12.20 46.00
C LYS B 207 35.43 -11.93 44.51
N SER B 208 34.72 -12.78 43.76
CA SER B 208 34.55 -12.59 42.33
C SER B 208 33.15 -13.06 41.95
N GLU B 209 32.77 -12.74 40.72
CA GLU B 209 31.49 -13.22 40.19
C GLU B 209 31.46 -14.73 40.12
N LYS B 210 32.58 -15.34 39.72
CA LYS B 210 32.62 -16.79 39.57
C LYS B 210 32.47 -17.51 40.90
N GLU B 211 32.80 -16.85 42.02
CA GLU B 211 32.65 -17.48 43.32
C GLU B 211 31.19 -17.52 43.75
N VAL B 212 30.41 -16.49 43.44
CA VAL B 212 29.00 -16.50 43.79
C VAL B 212 28.17 -17.19 42.71
N ALA B 213 28.60 -17.13 41.45
CA ALA B 213 27.88 -17.82 40.39
C ALA B 213 27.96 -19.33 40.56
N ASP B 214 29.09 -19.84 41.05
CA ASP B 214 29.20 -21.28 41.30
C ASP B 214 28.29 -21.70 42.45
N MET B 215 28.12 -20.85 43.46
CA MET B 215 27.25 -21.18 44.58
C MET B 215 25.79 -21.25 44.16
N VAL B 216 25.37 -20.32 43.30
CA VAL B 216 23.99 -20.33 42.81
C VAL B 216 23.75 -21.54 41.91
N GLU B 217 24.69 -21.82 41.01
CA GLU B 217 24.58 -23.03 40.19
C GLU B 217 24.66 -24.27 41.05
N ARG B 218 25.39 -24.22 42.17
CA ARG B 218 25.40 -25.33 43.10
C ARG B 218 24.03 -25.56 43.71
N LEU B 219 23.33 -24.47 44.06
CA LEU B 219 21.96 -24.60 44.56
C LEU B 219 21.05 -25.26 43.52
N ARG B 220 21.30 -25.01 42.23
CA ARG B 220 20.46 -25.58 41.19
C ARG B 220 20.66 -27.08 41.06
N THR B 221 21.93 -27.52 41.01
CA THR B 221 22.21 -28.93 40.76
C THR B 221 22.07 -29.77 42.03
N GLU B 222 22.44 -29.22 43.18
CA GLU B 222 22.41 -30.01 44.42
C GLU B 222 20.99 -30.15 44.97
N HIS B 223 20.35 -29.02 45.30
CA HIS B 223 19.09 -29.02 46.02
C HIS B 223 17.88 -28.73 45.16
N ASN B 224 18.05 -28.57 43.84
CA ASN B 224 16.96 -28.24 42.92
C ASN B 224 16.25 -26.96 43.35
N ILE B 225 17.04 -25.89 43.45
CA ILE B 225 16.56 -24.61 43.96
C ILE B 225 17.07 -23.49 43.07
N LEU B 226 16.16 -22.65 42.61
CA LEU B 226 16.50 -21.45 41.86
C LEU B 226 16.75 -20.29 42.81
N SER B 227 17.36 -19.22 42.29
CA SER B 227 17.79 -18.11 43.13
C SER B 227 17.42 -16.77 42.49
N LEU B 228 17.19 -15.78 43.36
CA LEU B 228 16.97 -14.41 42.92
C LEU B 228 17.30 -13.49 44.09
N THR B 229 17.61 -12.24 43.76
CA THR B 229 18.05 -11.26 44.75
C THR B 229 17.15 -10.03 44.74
N ASP B 230 17.34 -9.19 45.75
CA ASP B 230 16.82 -7.84 45.71
C ASP B 230 17.70 -6.98 44.82
N ILE B 231 17.08 -6.07 44.08
CA ILE B 231 17.79 -5.08 43.29
C ILE B 231 17.30 -3.71 43.73
N VAL B 232 18.21 -2.87 44.21
CA VAL B 232 17.88 -1.58 44.77
C VAL B 232 18.20 -0.51 43.74
N PHE B 233 17.16 0.18 43.27
CA PHE B 233 17.32 1.27 42.32
C PHE B 233 17.24 2.64 42.98
N ASN B 234 16.56 2.75 44.12
CA ASN B 234 16.17 4.05 44.66
C ASN B 234 17.25 4.72 45.50
N HIS B 235 18.25 3.98 45.99
CA HIS B 235 19.20 4.58 46.90
C HIS B 235 20.49 3.77 46.92
N THR B 236 21.52 4.34 47.55
CA THR B 236 22.80 3.70 47.78
C THR B 236 23.34 4.14 49.13
N ALA B 237 24.40 3.47 49.57
CA ALA B 237 24.96 3.75 50.90
C ALA B 237 25.50 5.17 50.96
N ASN B 238 25.47 5.73 52.17
CA ASN B 238 25.87 7.12 52.43
C ASN B 238 27.38 7.31 52.50
N ASN B 239 28.17 6.31 52.13
CA ASN B 239 29.62 6.37 52.25
C ASN B 239 30.26 5.58 51.11
N SER B 240 29.90 5.92 49.88
CA SER B 240 30.44 5.27 48.70
C SER B 240 31.56 6.12 48.10
N GLN B 241 32.69 5.48 47.82
CA GLN B 241 33.83 6.20 47.28
C GLN B 241 33.57 6.74 45.88
N TRP B 242 32.55 6.22 45.18
CA TRP B 242 32.16 6.79 43.89
C TRP B 242 31.22 7.98 44.06
N LEU B 243 30.56 8.10 45.21
CA LEU B 243 29.77 9.30 45.49
C LEU B 243 30.67 10.53 45.65
N LEU B 244 31.92 10.32 46.08
CA LEU B 244 32.87 11.43 46.13
C LEU B 244 33.26 11.89 44.73
N ASP B 245 33.38 10.95 43.79
CA ASP B 245 33.72 11.29 42.42
C ASP B 245 32.52 11.86 41.67
N HIS B 246 31.34 11.28 41.86
CA HIS B 246 30.12 11.69 41.16
C HIS B 246 29.06 12.07 42.18
N PRO B 247 29.12 13.28 42.74
CA PRO B 247 28.06 13.71 43.67
C PRO B 247 26.77 14.10 42.96
N GLU B 248 26.79 14.30 41.64
CA GLU B 248 25.60 14.67 40.90
C GLU B 248 24.64 13.50 40.69
N ALA B 249 25.05 12.29 41.07
CA ALA B 249 24.17 11.13 40.95
C ALA B 249 22.95 11.24 41.86
N GLY B 250 23.03 12.08 42.90
CA GLY B 250 21.89 12.36 43.76
C GLY B 250 21.46 13.81 43.62
N TYR B 251 20.34 14.12 44.28
CA TYR B 251 19.81 15.48 44.26
C TYR B 251 20.59 16.33 45.26
N ASN B 252 21.32 17.32 44.76
CA ASN B 252 22.07 18.24 45.61
C ASN B 252 21.60 19.67 45.33
N HIS B 253 22.32 20.65 45.89
CA HIS B 253 21.95 22.04 45.71
C HIS B 253 22.14 22.50 44.26
N LYS B 254 22.96 21.79 43.49
CA LYS B 254 23.11 22.11 42.07
C LYS B 254 22.01 21.47 41.24
N THR B 255 21.80 20.16 41.42
CA THR B 255 20.86 19.44 40.58
C THR B 255 19.41 19.76 40.96
N SER B 256 19.10 19.75 42.25
CA SER B 256 17.77 20.07 42.76
C SER B 256 17.89 21.27 43.70
N PRO B 257 17.88 22.49 43.16
CA PRO B 257 18.09 23.67 44.02
C PRO B 257 16.94 23.95 44.96
N HIS B 258 15.76 23.34 44.77
CA HIS B 258 14.63 23.64 45.62
C HIS B 258 14.82 23.16 47.06
N LEU B 259 15.73 22.21 47.27
CA LEU B 259 15.99 21.67 48.61
C LEU B 259 17.03 22.46 49.38
N ILE B 260 17.52 23.58 48.84
CA ILE B 260 18.48 24.41 49.57
C ILE B 260 17.86 24.91 50.86
N SER B 261 16.56 25.23 50.84
CA SER B 261 15.87 25.64 52.05
C SER B 261 15.85 24.52 53.08
N ALA B 262 15.70 23.27 52.62
CA ALA B 262 15.67 22.16 53.56
C ALA B 262 17.06 21.80 54.06
N ILE B 263 18.10 22.09 53.26
CA ILE B 263 19.46 21.81 53.69
C ILE B 263 19.83 22.70 54.87
N GLU B 264 19.54 24.00 54.77
CA GLU B 264 19.91 24.94 55.83
C GLU B 264 19.10 24.69 57.09
N LEU B 265 17.94 24.05 56.98
CA LEU B 265 17.19 23.64 58.15
C LEU B 265 17.72 22.35 58.76
N ASP B 266 18.21 21.41 57.94
CA ASP B 266 18.76 20.18 58.48
C ASP B 266 20.07 20.44 59.22
N LYS B 267 21.00 21.20 58.62
CA LYS B 267 22.24 21.52 59.32
C LYS B 267 22.03 22.52 60.45
N LYS B 268 20.85 23.16 60.49
CA LYS B 268 20.47 23.99 61.62
C LYS B 268 20.12 23.14 62.83
N LEU B 269 19.91 21.83 62.64
CA LEU B 269 19.68 20.89 63.74
C LEU B 269 20.92 20.09 64.16
N LEU B 270 21.76 19.66 63.21
CA LEU B 270 23.03 19.02 63.57
C LEU B 270 23.92 20.01 64.29
N ASP B 271 23.77 21.30 63.97
CA ASP B 271 24.42 22.38 64.69
C ASP B 271 23.69 22.71 66.00
N PHE B 272 22.38 22.52 66.07
CA PHE B 272 21.60 22.77 67.26
C PHE B 272 21.67 21.66 68.31
N SER B 273 21.58 20.40 67.89
CA SER B 273 21.62 19.27 68.82
C SER B 273 23.00 19.10 69.45
N GLU B 274 24.06 19.51 68.76
CA GLU B 274 25.40 19.42 69.32
C GLU B 274 25.57 20.41 70.47
N GLN B 275 24.92 21.57 70.42
CA GLN B 275 24.90 22.47 71.56
C GLN B 275 23.48 22.64 72.11
N MET B 276 22.75 21.53 72.24
CA MET B 276 21.36 21.55 72.71
C MET B 276 21.30 21.55 74.22
N GLU B 277 21.87 20.52 74.84
CA GLU B 277 22.00 20.41 76.27
C GLU B 277 22.80 21.55 76.90
N ALA B 278 23.45 22.43 76.15
CA ALA B 278 24.10 23.57 76.80
C ALA B 278 23.08 24.40 77.57
N LEU B 279 21.96 24.73 76.94
CA LEU B 279 20.84 25.26 77.70
C LEU B 279 19.94 24.11 78.14
N GLY B 280 19.63 23.22 77.20
CA GLY B 280 18.89 22.00 77.37
C GLY B 280 17.91 21.96 78.52
N TYR B 281 16.83 22.73 78.45
CA TYR B 281 15.87 22.73 79.54
C TYR B 281 15.28 21.35 79.81
N PRO B 282 14.97 20.51 78.80
CA PRO B 282 14.35 19.21 79.11
C PRO B 282 15.00 18.03 78.40
N VAL B 283 16.29 18.19 78.04
CA VAL B 283 17.11 17.25 77.27
C VAL B 283 16.42 15.96 76.83
N ASP B 284 16.12 15.08 77.79
CA ASP B 284 15.50 13.77 77.52
C ASP B 284 14.62 13.36 78.69
N LEU B 285 13.48 14.04 78.84
CA LEU B 285 12.48 13.73 79.86
C LEU B 285 11.19 13.26 79.21
N LYS B 286 10.29 12.74 80.04
CA LYS B 286 8.97 12.23 79.67
C LYS B 286 7.88 13.07 80.35
N THR B 287 7.85 14.37 80.07
CA THR B 287 6.86 15.26 80.67
C THR B 287 6.23 16.19 79.63
N VAL B 288 4.98 16.59 79.89
CA VAL B 288 4.36 17.63 79.07
C VAL B 288 5.08 18.96 79.26
N ASP B 289 5.56 19.23 80.48
CA ASP B 289 6.36 20.42 80.71
C ASP B 289 7.65 20.35 79.91
N ASP B 290 8.20 19.14 79.79
CA ASP B 290 9.41 18.92 79.00
C ASP B 290 9.14 19.05 77.49
N LEU B 291 7.95 18.69 77.01
CA LEU B 291 7.68 18.78 75.58
C LEU B 291 7.67 20.21 75.07
N ILE B 292 6.91 21.10 75.71
CA ILE B 292 6.78 22.46 75.18
C ILE B 292 8.09 23.23 75.27
N LYS B 293 8.95 22.93 76.24
CA LYS B 293 10.22 23.65 76.34
C LYS B 293 11.13 23.38 75.13
N VAL B 294 11.01 22.21 74.49
CA VAL B 294 11.82 21.96 73.31
C VAL B 294 11.35 22.83 72.15
N MET B 295 10.04 23.08 72.04
CA MET B 295 9.53 23.94 70.97
C MET B 295 9.91 25.39 71.18
N ASP B 296 10.03 25.83 72.44
CA ASP B 296 10.50 27.17 72.72
C ASP B 296 11.99 27.34 72.51
N GLY B 297 12.78 26.26 72.61
CA GLY B 297 14.16 26.32 72.17
C GLY B 297 14.25 26.32 70.66
N ILE B 298 13.31 25.63 70.01
CA ILE B 298 13.15 25.69 68.56
C ILE B 298 12.52 27.01 68.13
N LYS B 299 11.67 27.59 68.98
CA LYS B 299 10.97 28.83 68.61
C LYS B 299 11.94 29.97 68.33
N GLU B 300 13.00 30.11 69.12
CA GLU B 300 13.91 31.23 68.97
C GLU B 300 15.27 30.88 68.42
N HIS B 301 15.74 29.65 68.52
CA HIS B 301 17.15 29.40 68.18
C HIS B 301 17.33 28.95 66.74
N VAL B 302 16.28 28.43 66.12
CA VAL B 302 16.33 28.00 64.73
C VAL B 302 15.28 28.73 63.90
N ILE B 303 14.04 28.76 64.39
CA ILE B 303 12.98 29.41 63.63
C ILE B 303 13.22 30.91 63.55
N GLY B 304 13.49 31.55 64.68
CA GLY B 304 13.71 32.99 64.63
C GLY B 304 15.10 33.37 64.16
N GLU B 305 15.94 32.40 63.81
CA GLU B 305 17.28 32.64 63.35
C GLU B 305 17.47 32.22 61.91
N LEU B 306 16.35 32.02 61.20
CA LEU B 306 16.33 31.66 59.80
C LEU B 306 15.68 32.74 58.94
N LYS B 307 15.82 34.00 59.37
CA LYS B 307 15.61 35.20 58.57
C LYS B 307 14.16 35.40 58.14
N LEU B 308 13.19 34.93 58.92
CA LEU B 308 11.78 35.00 58.56
C LEU B 308 11.50 34.32 57.22
N TRP B 309 12.49 33.63 56.66
CA TRP B 309 12.42 32.91 55.40
C TRP B 309 12.06 33.80 54.22
N GLU B 310 13.08 34.45 53.63
CA GLU B 310 12.92 35.18 52.38
C GLU B 310 12.77 34.26 51.18
N PHE B 311 12.77 32.94 51.41
CA PHE B 311 12.60 31.98 50.32
C PHE B 311 11.25 32.16 49.64
N TYR B 312 10.23 32.60 50.38
CA TYR B 312 8.92 32.87 49.80
C TYR B 312 8.65 34.35 49.60
N VAL B 313 9.00 35.18 50.58
CA VAL B 313 8.60 36.58 50.61
C VAL B 313 9.58 37.40 49.80
N VAL B 314 9.04 38.31 48.98
CA VAL B 314 9.88 39.25 48.25
C VAL B 314 10.48 40.25 49.23
N ASP B 315 11.78 40.50 49.10
CA ASP B 315 12.45 41.48 49.95
C ASP B 315 11.86 42.87 49.72
N VAL B 316 11.10 43.35 50.71
CA VAL B 316 10.31 44.57 50.51
C VAL B 316 11.22 45.78 50.34
N LYS B 317 12.04 46.06 51.36
CA LYS B 317 12.86 47.27 51.32
C LYS B 317 14.02 47.17 50.33
N GLN B 318 14.48 45.95 50.02
CA GLN B 318 15.53 45.80 49.02
C GLN B 318 15.02 45.89 47.60
N THR B 319 13.70 45.93 47.40
CA THR B 319 13.12 46.23 46.11
C THR B 319 12.90 47.72 45.91
N VAL B 320 12.50 48.42 46.97
CA VAL B 320 12.41 49.88 46.91
C VAL B 320 13.78 50.49 46.69
N SER B 321 14.80 49.92 47.34
CA SER B 321 16.18 50.36 47.11
C SER B 321 16.56 50.19 45.65
N GLU B 322 16.16 49.07 45.04
CA GLU B 322 16.37 48.83 43.62
C GLU B 322 15.22 49.33 42.77
N LEU B 323 14.50 50.36 43.20
CA LEU B 323 13.50 51.02 42.36
C LEU B 323 13.90 52.43 42.00
N ARG B 324 14.44 53.20 42.95
CA ARG B 324 14.96 54.50 42.59
C ARG B 324 16.29 54.31 41.88
N GLU B 325 16.90 53.14 42.05
CA GLU B 325 18.18 52.81 41.45
C GLU B 325 18.08 52.76 39.94
N LYS B 326 17.03 52.13 39.43
CA LYS B 326 16.84 51.98 38.00
C LYS B 326 15.68 52.82 37.50
N TRP B 327 15.19 53.72 38.35
CA TRP B 327 14.14 54.67 38.01
C TRP B 327 14.70 55.58 36.94
N GLY B 328 14.55 55.19 35.67
CA GLY B 328 15.14 55.94 34.59
C GLY B 328 15.22 55.17 33.29
N ASN B 329 15.31 53.84 33.39
CA ASN B 329 15.31 52.93 32.25
C ASN B 329 13.98 52.81 31.49
N SER B 330 13.49 51.58 31.32
CA SER B 330 12.20 51.37 30.69
C SER B 330 11.11 51.94 31.58
N LYS B 331 10.68 53.17 31.29
CA LYS B 331 9.74 53.90 32.13
C LYS B 331 8.47 54.26 31.34
N SER B 332 7.73 53.22 30.91
CA SER B 332 6.43 53.43 30.28
C SER B 332 5.71 52.10 30.12
N TRP B 333 4.40 52.09 30.35
CA TRP B 333 3.56 50.92 30.16
C TRP B 333 2.39 51.39 29.30
N SER B 334 2.45 51.10 27.99
CA SER B 334 1.47 51.61 27.05
C SER B 334 0.07 51.03 27.21
N ASP B 335 -0.06 49.86 27.84
CA ASP B 335 -1.33 49.16 27.98
C ASP B 335 -2.23 49.85 28.99
N ASP B 336 -3.52 49.52 28.96
CA ASP B 336 -4.50 50.09 29.87
C ASP B 336 -5.05 49.08 30.87
N ASN B 337 -4.50 47.87 30.92
CA ASN B 337 -5.16 46.82 31.68
C ASN B 337 -4.96 46.99 33.17
N ILE B 338 -3.98 47.79 33.57
CA ILE B 338 -3.55 47.95 34.95
C ILE B 338 -4.75 48.34 35.82
N PRO B 339 -5.12 47.50 36.78
CA PRO B 339 -6.21 47.88 37.68
C PRO B 339 -5.82 49.06 38.55
N SER B 340 -6.83 49.79 38.99
CA SER B 340 -6.62 50.96 39.83
C SER B 340 -6.40 50.55 41.28
N LYS B 341 -6.04 51.54 42.10
CA LYS B 341 -5.84 51.30 43.53
C LYS B 341 -7.11 50.90 44.24
N ASP B 342 -8.28 51.00 43.58
CA ASP B 342 -9.53 50.57 44.19
C ASP B 342 -9.48 49.08 44.52
N ASP B 343 -9.15 48.25 43.53
CA ASP B 343 -8.99 46.82 43.73
C ASP B 343 -7.56 46.57 44.17
N SER B 344 -7.34 46.60 45.48
CA SER B 344 -5.99 46.48 46.04
C SER B 344 -5.42 45.07 45.91
N THR B 345 -6.24 44.08 45.55
CA THR B 345 -5.77 42.70 45.40
C THR B 345 -5.53 42.33 43.95
N ASN B 346 -6.39 42.77 43.04
CA ASN B 346 -6.16 42.49 41.62
C ASN B 346 -4.94 43.25 41.10
N LEU B 347 -4.66 44.43 41.65
CA LEU B 347 -3.42 45.13 41.31
C LEU B 347 -2.21 44.41 41.86
N ALA B 348 -2.36 43.69 42.99
CA ALA B 348 -1.23 42.99 43.58
C ALA B 348 -0.77 41.85 42.69
N GLN B 349 -1.71 41.06 42.16
CA GLN B 349 -1.35 39.91 41.33
C GLN B 349 -1.09 40.30 39.89
N PHE B 350 -1.56 41.48 39.44
CA PHE B 350 -1.26 41.92 38.09
C PHE B 350 0.24 42.14 37.90
N VAL B 351 0.92 42.69 38.90
CA VAL B 351 2.36 42.85 38.83
C VAL B 351 3.05 41.49 38.85
N ARG B 352 2.44 40.51 39.52
CA ARG B 352 3.03 39.17 39.59
C ARG B 352 3.07 38.49 38.23
N ASP B 353 2.16 38.84 37.34
CA ASP B 353 2.11 38.21 36.03
C ASP B 353 3.00 38.87 35.00
N ASN B 354 3.41 40.12 35.22
CA ASN B 354 4.12 40.90 34.22
C ASN B 354 5.54 41.26 34.63
N ALA B 355 5.78 41.56 35.90
CA ALA B 355 7.08 42.04 36.36
C ALA B 355 7.65 41.05 37.37
N THR B 356 8.05 39.88 36.88
CA THR B 356 8.66 38.86 37.71
C THR B 356 9.77 38.16 36.94
N GLU B 357 10.90 37.93 37.61
CA GLU B 357 11.97 37.13 37.04
C GLU B 357 11.49 35.68 36.93
N PRO B 358 12.10 34.89 36.05
CA PRO B 358 11.65 33.51 35.87
C PRO B 358 11.78 32.70 37.15
N GLY B 359 10.85 31.77 37.34
CA GLY B 359 10.83 30.96 38.53
C GLY B 359 10.21 31.62 39.74
N PHE B 360 9.22 32.48 39.54
CA PHE B 360 8.60 33.19 40.64
C PHE B 360 7.56 32.31 41.33
N GLY B 361 7.53 32.36 42.65
CA GLY B 361 6.57 31.54 43.38
C GLY B 361 7.01 30.12 43.61
N SER B 362 8.31 29.90 43.83
CA SER B 362 8.79 28.55 44.04
C SER B 362 10.04 28.62 44.91
N LEU B 363 10.41 27.46 45.43
CA LEU B 363 11.56 27.36 46.32
C LEU B 363 12.84 27.28 45.48
N GLY B 364 13.90 27.89 45.99
CA GLY B 364 15.16 27.86 45.28
C GLY B 364 16.32 28.33 46.12
N GLU B 365 16.93 29.45 45.73
CA GLU B 365 17.95 30.08 46.54
C GLU B 365 17.28 30.95 47.61
N ARG B 366 18.09 31.64 48.42
CA ARG B 366 17.53 32.45 49.50
C ARG B 366 16.59 33.53 48.97
N GLY B 367 16.97 34.18 47.87
CA GLY B 367 16.13 35.18 47.24
C GLY B 367 15.61 34.72 45.90
N SER B 368 14.85 33.62 45.91
CA SER B 368 14.45 32.97 44.66
C SER B 368 13.38 33.76 43.93
N ASN B 369 12.43 34.35 44.67
CA ASN B 369 11.33 35.13 44.12
C ASN B 369 11.68 36.61 44.07
N LYS B 370 11.71 37.20 42.86
CA LYS B 370 12.12 38.60 42.73
C LYS B 370 11.27 39.27 41.65
N ILE B 371 11.29 40.61 41.67
CA ILE B 371 10.47 41.44 40.77
C ILE B 371 11.38 42.01 39.69
N ASN B 372 10.90 41.99 38.44
CA ASN B 372 11.59 42.65 37.34
C ASN B 372 11.43 44.17 37.49
N ILE B 373 12.54 44.86 37.74
CA ILE B 373 12.50 46.26 38.16
C ILE B 373 12.01 47.18 37.06
N ASP B 374 12.67 47.17 35.89
CA ASP B 374 12.34 48.12 34.83
C ASP B 374 10.93 47.93 34.33
N LYS B 375 10.36 46.74 34.54
CA LYS B 375 8.97 46.50 34.21
C LYS B 375 8.01 46.88 35.33
N PHE B 376 8.49 46.90 36.58
CA PHE B 376 7.69 47.35 37.71
C PHE B 376 7.54 48.86 37.72
N ALA B 377 8.67 49.59 37.66
CA ALA B 377 8.65 51.04 37.68
C ALA B 377 7.95 51.62 36.46
N ALA B 378 7.94 50.89 35.34
CA ALA B 378 7.17 51.33 34.18
C ALA B 378 5.69 51.32 34.47
N ILE B 379 5.22 50.36 35.27
CA ILE B 379 3.83 50.35 35.70
C ILE B 379 3.57 51.44 36.73
N LEU B 380 4.52 51.68 37.63
CA LEU B 380 4.32 52.72 38.64
C LEU B 380 4.22 54.10 37.98
N LYS B 381 5.00 54.35 36.93
CA LYS B 381 4.87 55.65 36.27
C LYS B 381 3.56 55.77 35.51
N LYS B 382 3.04 54.66 34.99
CA LYS B 382 1.76 54.68 34.27
C LYS B 382 0.56 54.72 35.20
N LEU B 383 0.74 54.31 36.46
CA LEU B 383 -0.40 54.26 37.36
C LEU B 383 -0.49 55.48 38.27
N HIS B 384 0.66 55.96 38.76
CA HIS B 384 0.70 57.06 39.73
C HIS B 384 1.43 58.27 39.17
N SER B 385 2.76 58.29 39.16
CA SER B 385 3.48 59.46 38.70
C SER B 385 4.84 59.06 38.15
N GLU B 386 5.37 59.90 37.26
CA GLU B 386 6.71 59.68 36.72
C GLU B 386 7.80 60.14 37.67
N ASP B 387 7.46 60.98 38.64
CA ASP B 387 8.39 61.40 39.68
C ASP B 387 8.32 60.43 40.85
N TYR B 388 9.50 60.07 41.38
CA TYR B 388 9.56 59.03 42.40
C TYR B 388 8.98 59.49 43.72
N ASN B 389 9.37 60.68 44.20
CA ASN B 389 8.95 61.12 45.52
C ASN B 389 7.44 61.34 45.63
N ASN B 390 6.70 61.25 44.52
CA ASN B 390 5.25 61.36 44.55
C ASN B 390 4.65 60.04 45.04
N GLY B 391 4.87 59.77 46.32
CA GLY B 391 4.25 58.65 47.01
C GLY B 391 4.49 57.29 46.39
N ILE B 392 5.63 57.10 45.73
CA ILE B 392 5.95 55.79 45.19
C ILE B 392 6.46 54.86 46.28
N GLU B 393 7.24 55.40 47.23
CA GLU B 393 7.72 54.59 48.34
C GLU B 393 6.56 54.00 49.13
N GLU B 394 5.47 54.74 49.26
CA GLU B 394 4.28 54.21 49.92
C GLU B 394 3.52 53.24 49.02
N LEU B 395 3.36 53.57 47.74
CA LEU B 395 2.58 52.72 46.84
C LEU B 395 3.31 51.43 46.53
N ALA B 396 4.61 51.50 46.22
CA ALA B 396 5.35 50.30 45.90
C ALA B 396 5.42 49.34 47.08
N THR B 397 5.52 49.87 48.30
CA THR B 397 5.55 49.01 49.48
C THR B 397 4.19 48.41 49.76
N LYS B 398 3.12 49.16 49.52
CA LYS B 398 1.77 48.63 49.72
C LYS B 398 1.50 47.46 48.78
N ILE B 399 1.95 47.56 47.54
CA ILE B 399 1.72 46.50 46.57
C ILE B 399 2.50 45.24 46.95
N LEU B 400 3.78 45.40 47.28
CA LEU B 400 4.62 44.25 47.60
C LEU B 400 4.17 43.56 48.88
N ASN B 401 3.67 44.32 49.86
CA ASN B 401 3.14 43.70 51.06
C ASN B 401 1.90 42.85 50.74
N ASP B 402 1.08 43.31 49.78
CA ASP B 402 -0.07 42.54 49.38
C ASP B 402 0.33 41.33 48.54
N ILE B 403 1.44 41.43 47.80
CA ILE B 403 1.93 40.28 47.04
C ILE B 403 2.43 39.20 47.98
N ASN B 404 3.02 39.57 49.12
CA ASN B 404 3.57 38.62 50.06
C ASN B 404 2.54 38.11 51.07
N LEU B 405 1.30 38.59 51.02
CA LEU B 405 0.26 38.06 51.91
C LEU B 405 -0.01 36.58 51.66
N PRO B 406 -0.18 36.10 50.43
CA PRO B 406 -0.31 34.65 50.25
C PRO B 406 0.97 33.88 50.55
N PHE B 407 2.14 34.51 50.38
CA PHE B 407 3.38 33.84 50.72
C PHE B 407 3.57 33.72 52.23
N TYR B 408 3.13 34.73 52.98
CA TYR B 408 3.20 34.64 54.44
C TYR B 408 2.26 33.57 54.97
N LYS B 409 1.05 33.47 54.41
CA LYS B 409 0.14 32.41 54.82
C LYS B 409 0.60 31.05 54.31
N GLU B 410 1.35 31.02 53.20
CA GLU B 410 2.00 29.79 52.78
C GLU B 410 3.14 29.42 53.73
N TYR B 411 3.69 30.41 54.44
CA TYR B 411 4.76 30.16 55.40
C TYR B 411 4.23 29.69 56.75
N ASP B 412 3.15 30.29 57.22
CA ASP B 412 2.57 29.88 58.50
C ASP B 412 2.02 28.45 58.43
N ASP B 413 1.48 28.05 57.28
CA ASP B 413 1.02 26.67 57.13
C ASP B 413 2.18 25.70 56.97
N ASP B 414 3.34 26.17 56.52
CA ASP B 414 4.51 25.32 56.44
C ASP B 414 5.16 25.13 57.80
N ILE B 415 5.36 26.22 58.54
CA ILE B 415 6.05 26.16 59.83
C ILE B 415 5.28 25.29 60.82
N ASN B 416 3.96 25.44 60.87
CA ASN B 416 3.15 24.63 61.77
C ASN B 416 3.33 23.14 61.47
N GLU B 417 3.38 22.78 60.19
CA GLU B 417 3.61 21.38 59.84
C GLU B 417 5.05 20.94 60.09
N VAL B 418 5.99 21.89 60.19
CA VAL B 418 7.38 21.53 60.45
C VAL B 418 7.54 21.05 61.89
N LEU B 419 7.02 21.82 62.84
CA LEU B 419 7.19 21.48 64.25
C LEU B 419 6.11 20.54 64.77
N GLU B 420 4.92 20.53 64.19
CA GLU B 420 3.93 19.53 64.56
C GLU B 420 4.42 18.14 64.20
N GLN B 421 5.04 18.01 63.03
CA GLN B 421 5.69 16.74 62.69
C GLN B 421 6.85 16.43 63.62
N LEU B 422 7.46 17.47 64.22
CA LEU B 422 8.63 17.27 65.08
C LEU B 422 8.24 16.71 66.44
N PHE B 423 7.33 17.37 67.15
CA PHE B 423 6.98 16.91 68.48
C PHE B 423 6.03 15.71 68.45
N ASN B 424 5.68 15.21 67.27
CA ASN B 424 4.95 13.96 67.14
C ASN B 424 5.88 12.76 66.94
N ARG B 425 7.00 12.96 66.24
CA ARG B 425 7.94 11.86 66.06
C ARG B 425 8.89 11.73 67.25
N ILE B 426 9.33 12.85 67.82
CA ILE B 426 10.21 12.81 68.98
C ILE B 426 9.47 12.19 70.16
N LYS B 427 8.16 12.44 70.27
CA LYS B 427 7.34 11.82 71.28
C LYS B 427 7.34 10.30 71.15
N TYR B 428 7.08 9.80 69.94
CA TYR B 428 7.03 8.36 69.74
C TYR B 428 8.37 7.70 70.00
N LEU B 429 9.47 8.42 69.80
CA LEU B 429 10.78 7.86 70.08
C LEU B 429 11.01 7.72 71.58
N ARG B 430 10.39 8.58 72.39
CA ARG B 430 10.63 8.60 73.83
C ARG B 430 9.37 8.28 74.61
N ILE B 431 8.41 9.20 74.62
CA ILE B 431 7.27 9.16 75.54
C ILE B 431 6.25 8.10 75.14
N ASP B 432 5.84 8.08 73.86
CA ASP B 432 4.79 7.18 73.42
C ASP B 432 5.21 5.72 73.62
N ASP B 433 4.48 5.01 74.48
CA ASP B 433 4.73 3.60 74.74
C ASP B 433 4.08 2.69 73.70
N HIS B 434 4.62 2.75 72.48
CA HIS B 434 4.25 1.81 71.42
C HIS B 434 5.50 1.27 70.73
N GLY B 435 6.67 1.66 71.21
CA GLY B 435 7.95 1.23 70.69
C GLY B 435 8.99 2.31 70.95
N PRO B 436 9.36 2.52 72.23
CA PRO B 436 10.22 3.66 72.57
C PRO B 436 11.69 3.29 72.79
N LYS B 437 12.51 4.33 72.91
CA LYS B 437 13.93 4.25 73.26
C LYS B 437 14.43 5.66 73.54
N GLN B 438 14.35 6.09 74.79
CA GLN B 438 14.70 7.45 75.17
C GLN B 438 16.19 7.58 75.45
N GLY B 439 16.99 7.25 74.42
CA GLY B 439 18.41 7.43 74.50
C GLY B 439 18.76 8.89 74.46
N PRO B 440 19.59 9.31 75.41
CA PRO B 440 20.05 10.71 75.47
C PRO B 440 20.74 11.13 74.18
N ILE B 441 20.47 12.36 73.74
CA ILE B 441 20.94 12.85 72.45
C ILE B 441 22.46 12.76 72.37
N THR B 442 22.94 11.77 71.62
CA THR B 442 24.36 11.56 71.40
C THR B 442 24.72 12.01 69.98
N LYS B 443 26.01 11.89 69.65
CA LYS B 443 26.45 12.17 68.27
C LYS B 443 25.87 11.16 67.28
N LYS B 444 25.60 9.94 67.74
CA LYS B 444 25.02 8.93 66.85
C LYS B 444 23.52 9.09 66.70
N LEU B 445 22.83 9.57 67.73
CA LEU B 445 21.38 9.73 67.72
C LEU B 445 20.98 11.13 68.18
N PRO B 446 21.01 12.11 67.28
CA PRO B 446 20.51 13.44 67.65
C PRO B 446 18.98 13.43 67.63
N LEU B 447 18.42 14.54 68.09
CA LEU B 447 16.97 14.67 68.12
C LEU B 447 16.40 14.72 66.71
N SER B 448 17.21 15.17 65.74
CA SER B 448 16.73 15.27 64.38
C SER B 448 17.32 14.12 63.58
N GLU B 449 16.44 13.30 63.03
CA GLU B 449 16.91 12.26 62.14
C GLU B 449 17.51 12.94 60.92
N PRO B 450 18.76 12.66 60.57
CA PRO B 450 19.44 13.42 59.52
C PRO B 450 18.73 13.32 58.18
N TYR B 451 18.22 14.46 57.71
CA TYR B 451 17.56 14.55 56.43
C TYR B 451 18.51 14.66 55.26
N PHE B 452 19.76 15.06 55.47
CA PHE B 452 20.70 15.23 54.37
C PHE B 452 22.04 14.65 54.80
N THR B 453 22.60 13.79 53.95
CA THR B 453 23.92 13.23 54.22
C THR B 453 24.93 14.18 53.59
N ARG B 454 25.62 14.93 54.46
CA ARG B 454 26.57 15.93 54.01
C ARG B 454 27.96 15.32 53.96
N PHE B 455 28.73 15.71 52.97
CA PHE B 455 30.02 15.06 52.77
C PHE B 455 30.94 15.99 52.02
N LYS B 456 32.24 15.74 52.15
CA LYS B 456 33.26 16.47 51.41
C LYS B 456 33.57 15.72 50.13
N ALA B 457 33.34 16.35 48.98
CA ALA B 457 33.54 15.64 47.74
C ALA B 457 35.00 15.64 47.32
N LYS B 458 35.35 14.71 46.43
CA LYS B 458 36.68 14.61 45.84
C LYS B 458 36.85 15.50 44.62
N ASP B 459 35.84 16.29 44.25
CA ASP B 459 35.98 17.27 43.17
C ASP B 459 36.27 18.68 43.67
N GLY B 460 36.74 18.84 44.90
CA GLY B 460 37.08 20.17 45.40
C GLY B 460 35.87 20.98 45.81
N GLU B 461 34.86 20.32 46.35
CA GLU B 461 33.59 20.95 46.68
C GLU B 461 33.00 20.21 47.87
N GLU B 462 31.95 20.80 48.45
CA GLU B 462 31.17 20.16 49.50
C GLU B 462 29.69 20.16 49.08
N TYR B 463 29.02 19.03 49.27
CA TYR B 463 27.62 18.86 48.87
C TYR B 463 26.78 18.38 50.05
N ALA B 464 25.47 18.21 49.80
CA ALA B 464 24.56 17.77 50.85
C ALA B 464 23.46 16.92 50.18
N LEU B 465 23.81 15.67 49.91
CA LEU B 465 22.85 14.71 49.37
C LEU B 465 21.94 14.19 50.47
N ALA B 466 20.63 14.22 50.24
CA ALA B 466 19.69 13.73 51.24
C ALA B 466 19.58 12.22 51.14
N ASN B 467 18.66 11.65 51.92
CA ASN B 467 18.41 10.22 51.96
C ASN B 467 16.91 9.98 51.81
N ASN B 468 16.55 9.03 50.97
CA ASN B 468 15.13 8.80 50.68
C ASN B 468 14.45 8.14 51.87
N GLY B 469 13.15 7.92 51.73
CA GLY B 469 12.35 7.29 52.77
C GLY B 469 10.95 7.00 52.29
N ALA B 470 9.95 7.51 53.03
CA ALA B 470 8.56 7.37 52.62
C ALA B 470 7.68 8.35 53.36
N ILE B 471 6.78 9.01 52.64
CA ILE B 471 5.77 9.85 53.29
C ILE B 471 4.76 8.94 53.98
N TRP B 472 4.20 9.43 55.08
CA TRP B 472 3.32 8.63 55.93
C TRP B 472 2.18 8.00 55.13
N ASP B 473 1.29 8.84 54.58
CA ASP B 473 0.17 8.35 53.78
C ASP B 473 0.15 9.03 52.41
N GLY B 474 1.32 9.47 51.94
CA GLY B 474 1.40 10.17 50.67
C GLY B 474 1.38 9.22 49.49
N ASN B 475 1.19 9.80 48.31
CA ASN B 475 1.17 9.04 47.08
C ASN B 475 2.59 8.60 46.72
N PRO B 476 2.87 7.29 46.67
CA PRO B 476 4.23 6.85 46.35
C PRO B 476 4.66 7.13 44.93
N LEU B 477 3.71 7.39 44.02
CA LEU B 477 4.04 7.71 42.64
C LEU B 477 4.69 9.08 42.50
N VAL B 478 4.63 9.92 43.52
CA VAL B 478 5.24 11.25 43.49
C VAL B 478 6.63 11.15 44.09
N ASP B 479 7.63 11.58 43.34
CA ASP B 479 9.01 11.64 43.83
C ASP B 479 9.07 12.74 44.87
N PHE B 480 9.13 12.35 46.15
CA PHE B 480 9.19 13.33 47.23
C PHE B 480 10.50 14.11 47.25
N ALA B 481 11.51 13.69 46.49
CA ALA B 481 12.73 14.46 46.34
C ALA B 481 12.68 15.46 45.19
N SER B 482 11.73 15.32 44.28
CA SER B 482 11.62 16.21 43.14
C SER B 482 11.06 17.58 43.58
N SER B 483 10.98 18.50 42.63
CA SER B 483 10.50 19.85 42.93
C SER B 483 9.00 19.89 43.23
N GLN B 484 8.26 18.85 42.85
CA GLN B 484 6.82 18.84 43.04
C GLN B 484 6.41 18.63 44.50
N SER B 485 7.32 18.14 45.34
CA SER B 485 7.00 17.87 46.74
C SER B 485 7.72 18.85 47.66
N LYS B 486 7.11 19.10 48.81
CA LYS B 486 7.68 19.94 49.85
C LYS B 486 7.88 19.14 51.13
N ALA B 487 8.15 17.84 51.01
CA ALA B 487 8.21 16.97 52.17
C ALA B 487 9.51 17.15 52.96
N TYR B 488 10.63 17.32 52.27
CA TYR B 488 11.89 17.54 52.97
C TYR B 488 11.93 18.88 53.68
N LEU B 489 11.16 19.87 53.20
CA LEU B 489 11.09 21.15 53.89
C LEU B 489 10.15 21.06 55.10
N ARG B 490 8.92 20.61 54.88
CA ARG B 490 7.95 20.47 55.96
C ARG B 490 8.24 19.28 56.87
N ARG B 491 9.36 18.59 56.66
CA ARG B 491 9.82 17.51 57.53
C ARG B 491 8.83 16.36 57.58
N GLU B 492 8.13 16.10 56.47
CA GLU B 492 7.16 15.01 56.37
C GLU B 492 7.78 13.73 55.82
N VAL B 493 9.04 13.46 56.14
CA VAL B 493 9.78 12.32 55.60
C VAL B 493 10.27 11.46 56.75
N ILE B 494 9.98 10.15 56.67
CA ILE B 494 10.57 9.16 57.57
C ILE B 494 11.81 8.63 56.87
N VAL B 495 12.98 9.07 57.31
CA VAL B 495 14.20 8.89 56.55
C VAL B 495 14.91 7.60 56.95
N TRP B 496 15.85 7.18 56.11
CA TRP B 496 16.75 6.06 56.36
C TRP B 496 18.17 6.61 56.22
N GLY B 497 18.82 6.91 57.35
CA GLY B 497 20.16 7.44 57.31
C GLY B 497 21.17 6.52 56.66
N ASP B 498 20.84 5.22 56.55
CA ASP B 498 21.74 4.28 55.91
C ASP B 498 21.89 4.55 54.43
N CYS B 499 20.84 5.07 53.79
CA CYS B 499 20.79 5.21 52.35
C CYS B 499 21.02 6.66 51.94
N VAL B 500 21.01 6.88 50.62
CA VAL B 500 21.24 8.20 50.04
C VAL B 500 20.57 8.24 48.67
N LYS B 501 20.01 9.41 48.33
CA LYS B 501 19.34 9.64 47.04
C LYS B 501 20.03 8.99 45.85
N LEU B 502 19.24 8.61 44.85
CA LEU B 502 19.74 8.26 43.52
C LEU B 502 18.91 9.03 42.51
N ARG B 503 19.49 10.08 41.94
CA ARG B 503 18.76 11.01 41.09
C ARG B 503 18.85 10.55 39.64
N TYR B 504 17.84 9.82 39.19
CA TYR B 504 17.63 9.59 37.77
C TYR B 504 16.82 10.74 37.20
N GLY B 505 17.07 11.05 35.92
CA GLY B 505 16.33 12.11 35.27
C GLY B 505 15.34 11.58 34.26
N LYS B 506 15.12 12.34 33.19
CA LYS B 506 14.29 11.85 32.09
C LYS B 506 14.99 10.77 31.28
N GLY B 507 16.27 10.53 31.55
CA GLY B 507 17.04 9.52 30.87
C GLY B 507 18.49 9.56 31.28
N PRO B 508 19.36 8.90 30.51
CA PRO B 508 20.79 8.95 30.85
C PRO B 508 21.39 10.33 30.69
N SER B 509 20.72 11.27 30.02
CA SER B 509 21.28 12.59 29.80
C SER B 509 21.32 13.44 31.06
N ASP B 510 20.50 13.13 32.06
CA ASP B 510 20.48 13.91 33.30
C ASP B 510 21.45 13.39 34.34
N SER B 511 21.80 12.11 34.30
CA SER B 511 22.76 11.52 35.23
C SER B 511 23.52 10.42 34.51
N PRO B 512 24.54 10.77 33.73
CA PRO B 512 25.19 9.75 32.86
C PRO B 512 25.84 8.61 33.62
N TYR B 513 26.60 8.92 34.67
CA TYR B 513 27.34 7.86 35.37
C TYR B 513 26.42 6.96 36.19
N LEU B 514 25.31 7.50 36.69
CA LEU B 514 24.39 6.69 37.47
C LEU B 514 23.73 5.61 36.61
N TRP B 515 23.31 5.97 35.40
CA TRP B 515 22.68 5.00 34.52
C TRP B 515 23.66 3.94 34.06
N GLU B 516 24.91 4.34 33.76
CA GLU B 516 25.89 3.37 33.32
C GLU B 516 26.29 2.42 34.45
N ARG B 517 26.36 2.94 35.69
CA ARG B 517 26.73 2.09 36.82
C ARG B 517 25.61 1.11 37.17
N MET B 518 24.38 1.59 37.22
CA MET B 518 23.26 0.71 37.53
C MET B 518 23.03 -0.31 36.43
N SER B 519 23.34 0.05 35.18
CA SER B 519 23.21 -0.91 34.09
C SER B 519 24.16 -2.08 34.29
N LYS B 520 25.44 -1.78 34.55
CA LYS B 520 26.42 -2.84 34.79
C LYS B 520 26.14 -3.59 36.09
N TYR B 521 25.49 -2.93 37.05
CA TYR B 521 25.10 -3.59 38.29
C TYR B 521 23.92 -4.53 38.08
N VAL B 522 22.99 -4.17 37.19
CA VAL B 522 21.83 -5.02 36.94
C VAL B 522 22.24 -6.27 36.17
N GLU B 523 22.98 -6.11 35.08
CA GLU B 523 23.37 -7.25 34.26
C GLU B 523 24.39 -8.16 34.94
N MET B 524 25.02 -7.71 36.02
CA MET B 524 25.92 -8.59 36.76
C MET B 524 25.13 -9.67 37.50
N ASN B 525 24.09 -9.27 38.23
CA ASN B 525 23.23 -10.24 38.88
C ASN B 525 22.38 -11.01 37.89
N ALA B 526 22.14 -10.43 36.71
CA ALA B 526 21.33 -11.11 35.70
C ALA B 526 22.08 -12.31 35.10
N ARG B 527 23.42 -12.25 35.05
CA ARG B 527 24.19 -13.38 34.56
C ARG B 527 24.14 -14.55 35.54
N ILE B 528 23.92 -14.27 36.82
CA ILE B 528 24.05 -15.28 37.87
C ILE B 528 22.70 -15.85 38.25
N PHE B 529 21.79 -14.97 38.66
CA PHE B 529 20.54 -15.38 39.28
C PHE B 529 19.42 -15.52 38.25
N ASN B 530 18.32 -16.14 38.68
CA ASN B 530 17.18 -16.40 37.83
C ASN B 530 16.16 -15.26 37.82
N GLY B 531 16.26 -14.31 38.74
CA GLY B 531 15.30 -13.22 38.78
C GLY B 531 15.69 -12.15 39.76
N PHE B 532 14.80 -11.17 39.91
CA PHE B 532 15.02 -10.03 40.78
C PHE B 532 13.85 -9.86 41.75
N ARG B 533 14.08 -9.06 42.78
CA ARG B 533 13.05 -8.64 43.72
C ARG B 533 13.21 -7.15 43.95
N ILE B 534 12.13 -6.39 43.81
CA ILE B 534 12.19 -4.92 43.82
C ILE B 534 11.43 -4.44 45.05
N ASP B 535 12.16 -3.85 46.01
CA ASP B 535 11.55 -3.30 47.20
C ASP B 535 11.01 -1.90 46.90
N ASN B 536 9.75 -1.65 47.30
CA ASN B 536 9.08 -0.38 47.06
C ASN B 536 9.16 0.00 45.58
N CYS B 537 8.67 -0.90 44.73
CA CYS B 537 8.71 -0.66 43.29
C CYS B 537 7.84 0.51 42.90
N HIS B 538 6.81 0.82 43.70
CA HIS B 538 5.93 1.94 43.40
C HIS B 538 6.64 3.28 43.48
N SER B 539 7.74 3.37 44.23
CA SER B 539 8.51 4.60 44.32
C SER B 539 9.59 4.72 43.26
N THR B 540 9.90 3.64 42.56
CA THR B 540 10.84 3.71 41.45
C THR B 540 10.11 4.22 40.21
N PRO B 541 10.62 5.25 39.54
CA PRO B 541 9.94 5.78 38.35
C PRO B 541 9.83 4.73 37.25
N LEU B 542 8.77 4.85 36.47
CA LEU B 542 8.49 3.86 35.42
C LEU B 542 9.64 3.75 34.44
N HIS B 543 10.00 4.87 33.80
CA HIS B 543 11.03 4.87 32.77
C HIS B 543 12.38 4.41 33.32
N VAL B 544 12.62 4.56 34.62
CA VAL B 544 13.83 4.01 35.22
C VAL B 544 13.73 2.49 35.34
N GLY B 545 12.59 2.01 35.86
CA GLY B 545 12.40 0.57 35.99
C GLY B 545 12.27 -0.15 34.66
N GLN B 546 11.72 0.54 33.65
CA GLN B 546 11.56 -0.09 32.34
C GLN B 546 12.92 -0.35 31.69
N TYR B 547 13.83 0.62 31.77
CA TYR B 547 15.10 0.50 31.07
C TYR B 547 15.95 -0.62 31.65
N PHE B 548 16.10 -0.66 32.97
CA PHE B 548 17.01 -1.63 33.58
C PHE B 548 16.43 -3.05 33.56
N LEU B 549 15.11 -3.19 33.67
CA LEU B 549 14.52 -4.52 33.57
C LEU B 549 14.66 -5.08 32.15
N ASP B 550 14.67 -4.23 31.14
CA ASP B 550 14.92 -4.69 29.78
C ASP B 550 16.38 -5.04 29.55
N VAL B 551 17.29 -4.31 30.21
CA VAL B 551 18.71 -4.67 30.15
C VAL B 551 18.94 -6.03 30.78
N ALA B 552 18.25 -6.30 31.89
CA ALA B 552 18.38 -7.60 32.55
C ALA B 552 17.81 -8.72 31.70
N ARG B 553 16.65 -8.49 31.08
CA ARG B 553 16.03 -9.52 30.25
C ARG B 553 16.84 -9.80 28.98
N ARG B 554 17.64 -8.83 28.52
CA ARG B 554 18.56 -9.12 27.43
C ARG B 554 19.69 -10.04 27.87
N VAL B 555 20.08 -9.96 29.14
CA VAL B 555 21.10 -10.86 29.67
C VAL B 555 20.47 -12.20 30.07
N ASN B 556 19.41 -12.16 30.87
CA ASN B 556 18.68 -13.34 31.29
C ASN B 556 17.28 -13.29 30.69
N PRO B 557 17.03 -13.97 29.56
CA PRO B 557 15.70 -13.89 28.93
C PRO B 557 14.58 -14.44 29.79
N ASN B 558 14.89 -15.33 30.73
CA ASN B 558 13.88 -15.90 31.63
C ASN B 558 13.96 -15.26 33.01
N LEU B 559 14.00 -13.94 33.05
CA LEU B 559 14.10 -13.20 34.31
C LEU B 559 12.75 -13.20 35.00
N TYR B 560 12.70 -13.67 36.24
CA TYR B 560 11.49 -13.70 37.05
C TYR B 560 11.48 -12.49 37.97
N VAL B 561 10.46 -11.64 37.82
CA VAL B 561 10.43 -10.36 38.51
C VAL B 561 9.33 -10.39 39.56
N VAL B 562 9.71 -10.10 40.81
CA VAL B 562 8.78 -9.92 41.91
C VAL B 562 8.93 -8.48 42.41
N ALA B 563 7.84 -7.93 42.92
CA ALA B 563 7.85 -6.54 43.35
C ALA B 563 6.81 -6.32 44.45
N GLU B 564 7.21 -5.61 45.50
CA GLU B 564 6.30 -5.15 46.55
C GLU B 564 5.61 -3.90 46.01
N LEU B 565 4.45 -4.09 45.40
CA LEU B 565 3.77 -3.04 44.66
C LEU B 565 2.47 -2.67 45.38
N PHE B 566 2.46 -1.49 45.99
CA PHE B 566 1.27 -0.91 46.62
C PHE B 566 1.15 0.53 46.10
N SER B 567 0.63 0.67 44.88
CA SER B 567 0.45 1.98 44.27
C SER B 567 -0.91 2.56 44.71
N GLY B 568 -1.42 3.54 43.97
CA GLY B 568 -2.64 4.21 44.37
C GLY B 568 -3.86 3.32 44.29
N SER B 569 -3.92 2.45 43.27
CA SER B 569 -5.09 1.62 43.05
C SER B 569 -4.67 0.36 42.30
N GLU B 570 -5.66 -0.50 42.03
CA GLU B 570 -5.39 -1.71 41.24
C GLU B 570 -5.03 -1.37 39.81
N ALA B 571 -5.61 -0.30 39.25
CA ALA B 571 -5.31 0.09 37.88
C ALA B 571 -3.84 0.47 37.72
N MET B 572 -3.31 1.25 38.66
CA MET B 572 -1.88 1.59 38.61
C MET B 572 -1.02 0.36 38.82
N ASP B 573 -1.47 -0.57 39.67
CA ASP B 573 -0.72 -1.81 39.85
C ASP B 573 -0.62 -2.58 38.55
N CYS B 574 -1.71 -2.64 37.79
CA CYS B 574 -1.71 -3.35 36.52
C CYS B 574 -0.83 -2.65 35.49
N LEU B 575 -0.83 -1.31 35.49
CA LEU B 575 -0.02 -0.57 34.53
C LEU B 575 1.46 -0.79 34.79
N PHE B 576 1.88 -0.82 36.05
CA PHE B 576 3.26 -1.14 36.37
C PHE B 576 3.61 -2.57 35.95
N VAL B 577 2.69 -3.51 36.17
CA VAL B 577 2.91 -4.88 35.74
C VAL B 577 2.95 -4.96 34.21
N GLU B 578 2.14 -4.15 33.54
CA GLU B 578 2.11 -4.15 32.07
C GLU B 578 3.45 -3.70 31.50
N ARG B 579 3.93 -2.52 31.92
CA ARG B 579 5.07 -1.90 31.27
C ARG B 579 6.40 -2.43 31.80
N LEU B 580 6.50 -2.75 33.09
CA LEU B 580 7.75 -3.24 33.64
C LEU B 580 7.97 -4.72 33.38
N GLY B 581 6.91 -5.47 33.10
CA GLY B 581 7.02 -6.91 32.94
C GLY B 581 7.11 -7.66 34.24
N ILE B 582 6.51 -7.15 35.31
CA ILE B 582 6.52 -7.85 36.57
C ILE B 582 5.72 -9.14 36.44
N SER B 583 6.31 -10.25 36.90
CA SER B 583 5.68 -11.56 36.81
C SER B 583 4.86 -11.92 38.04
N SER B 584 5.17 -11.34 39.21
CA SER B 584 4.42 -11.65 40.42
C SER B 584 4.47 -10.47 41.36
N LEU B 585 3.35 -10.25 42.07
CA LEU B 585 3.22 -9.22 43.08
C LEU B 585 3.24 -9.85 44.47
N ILE B 586 3.90 -9.17 45.40
CA ILE B 586 4.01 -9.68 46.77
C ILE B 586 2.74 -9.36 47.54
N ARG B 587 2.15 -10.38 48.15
CA ARG B 587 1.03 -10.21 49.07
C ARG B 587 1.43 -10.77 50.42
N GLU B 588 1.06 -10.06 51.49
CA GLU B 588 1.48 -10.39 52.84
C GLU B 588 0.29 -10.89 53.64
N ALA B 589 0.43 -12.07 54.24
CA ALA B 589 -0.65 -12.63 55.05
C ALA B 589 -0.69 -12.06 56.45
N MET B 590 0.44 -11.56 56.96
CA MET B 590 0.47 -10.99 58.31
C MET B 590 -0.25 -9.65 58.41
N GLN B 591 -0.62 -9.04 57.27
CA GLN B 591 -1.34 -7.78 57.32
C GLN B 591 -2.76 -7.94 57.83
N ALA B 592 -3.31 -9.15 57.77
CA ALA B 592 -4.67 -9.38 58.25
C ALA B 592 -4.75 -9.15 59.75
N TRP B 593 -5.53 -8.15 60.16
CA TRP B 593 -5.65 -7.84 61.58
C TRP B 593 -6.55 -8.82 62.32
N SER B 594 -7.54 -9.38 61.64
CA SER B 594 -8.50 -10.28 62.26
C SER B 594 -8.67 -11.52 61.39
N GLU B 595 -9.56 -12.42 61.83
CA GLU B 595 -9.82 -13.65 61.09
C GLU B 595 -10.56 -13.38 59.79
N GLU B 596 -11.47 -12.40 59.78
CA GLU B 596 -12.24 -12.12 58.58
C GLU B 596 -11.37 -11.50 57.49
N GLU B 597 -10.40 -10.67 57.87
CA GLU B 597 -9.50 -10.07 56.90
C GLU B 597 -8.60 -11.13 56.26
N LEU B 598 -8.23 -12.16 57.02
CA LEU B 598 -7.42 -13.23 56.45
C LEU B 598 -8.23 -14.07 55.47
N SER B 599 -9.49 -14.35 55.81
CA SER B 599 -10.34 -15.11 54.89
C SER B 599 -10.58 -14.34 53.60
N ARG B 600 -10.61 -13.01 53.68
CA ARG B 600 -10.81 -12.20 52.47
C ARG B 600 -9.53 -12.12 51.65
N LEU B 601 -8.37 -12.06 52.30
CA LEU B 601 -7.10 -12.09 51.58
C LEU B 601 -6.91 -13.44 50.89
N VAL B 602 -7.19 -14.53 51.60
CA VAL B 602 -7.07 -15.86 51.03
C VAL B 602 -8.09 -16.06 49.91
N HIS B 603 -9.26 -15.44 50.04
CA HIS B 603 -10.27 -15.54 48.99
C HIS B 603 -9.82 -14.86 47.70
N ARG B 604 -9.00 -13.82 47.82
CA ARG B 604 -8.56 -13.07 46.64
C ARG B 604 -7.60 -13.89 45.79
N HIS B 605 -6.70 -14.65 46.41
CA HIS B 605 -5.66 -15.38 45.70
C HIS B 605 -5.87 -16.88 45.73
N GLY B 606 -7.11 -17.34 45.94
CA GLY B 606 -7.39 -18.76 46.00
C GLY B 606 -7.83 -19.35 44.67
N GLY B 607 -8.55 -18.57 43.89
CA GLY B 607 -9.03 -19.03 42.60
C GLY B 607 -10.42 -18.53 42.27
N ARG B 608 -11.14 -19.27 41.45
CA ARG B 608 -12.50 -18.93 41.04
C ARG B 608 -13.50 -19.79 41.77
N PRO B 609 -14.77 -19.36 41.86
CA PRO B 609 -15.77 -20.15 42.59
C PRO B 609 -15.95 -21.55 42.01
N ILE B 610 -16.42 -22.45 42.86
CA ILE B 610 -16.63 -23.83 42.45
C ILE B 610 -17.85 -23.92 41.55
N GLY B 611 -17.69 -24.58 40.40
CA GLY B 611 -18.75 -24.61 39.41
C GLY B 611 -18.77 -23.42 38.50
N SER B 612 -17.62 -22.79 38.27
CA SER B 612 -17.56 -21.56 37.50
C SER B 612 -17.77 -21.84 36.01
N TYR B 613 -18.39 -20.88 35.33
CA TYR B 613 -18.69 -21.05 33.91
C TYR B 613 -17.42 -21.06 33.07
N LYS B 614 -17.48 -21.81 31.97
CA LYS B 614 -16.35 -21.94 31.05
C LYS B 614 -16.64 -21.13 29.79
N PHE B 615 -15.60 -20.45 29.30
CA PHE B 615 -15.76 -19.62 28.12
C PHE B 615 -15.92 -20.47 26.87
N VAL B 616 -16.81 -20.04 25.98
CA VAL B 616 -17.02 -20.69 24.69
C VAL B 616 -17.32 -19.62 23.64
N PRO B 617 -16.84 -19.80 22.41
CA PRO B 617 -17.30 -18.92 21.33
C PRO B 617 -18.79 -19.12 21.08
N LEU B 618 -19.52 -18.01 21.07
CA LEU B 618 -20.97 -18.06 20.90
C LEU B 618 -21.40 -17.31 19.66
N ASP B 619 -22.47 -16.50 19.77
CA ASP B 619 -22.99 -15.73 18.65
C ASP B 619 -22.27 -14.39 18.46
N ASP B 620 -21.05 -14.25 18.98
CA ASP B 620 -20.28 -13.02 18.84
C ASP B 620 -18.93 -13.28 18.16
N PHE B 621 -18.79 -14.40 17.47
CA PHE B 621 -17.55 -14.77 16.81
C PHE B 621 -17.77 -15.02 15.32
N PRO B 622 -16.74 -14.82 14.50
CA PRO B 622 -16.84 -15.25 13.10
C PRO B 622 -16.59 -16.75 12.98
N TYR B 623 -17.36 -17.40 12.10
CA TYR B 623 -17.23 -18.82 11.81
C TYR B 623 -16.85 -18.98 10.35
N PRO B 624 -15.56 -18.88 10.01
CA PRO B 624 -15.16 -19.03 8.61
C PRO B 624 -15.38 -20.46 8.14
N ALA B 625 -16.07 -20.59 7.01
CA ALA B 625 -16.33 -21.92 6.46
C ALA B 625 -15.03 -22.63 6.10
N ASP B 626 -13.98 -21.86 5.80
CA ASP B 626 -12.67 -22.42 5.49
C ASP B 626 -11.77 -22.30 6.72
N VAL B 627 -12.06 -23.17 7.69
CA VAL B 627 -11.32 -23.21 8.95
C VAL B 627 -10.90 -24.65 9.22
N LYS B 628 -9.72 -24.80 9.82
CA LYS B 628 -9.27 -26.11 10.24
C LYS B 628 -10.09 -26.59 11.44
N ILE B 629 -10.23 -27.90 11.56
CA ILE B 629 -11.06 -28.50 12.60
C ILE B 629 -10.35 -29.72 13.15
N ASP B 630 -10.53 -29.95 14.46
CA ASP B 630 -10.09 -31.16 15.16
C ASP B 630 -11.25 -32.14 15.22
N GLU B 631 -11.23 -33.16 14.36
CA GLU B 631 -12.39 -34.01 14.14
C GLU B 631 -12.92 -34.63 15.43
N GLU B 632 -12.03 -35.02 16.35
CA GLU B 632 -12.46 -35.62 17.61
C GLU B 632 -11.61 -35.10 18.77
N TYR B 633 -11.18 -33.84 18.68
CA TYR B 633 -10.36 -33.18 19.70
C TYR B 633 -9.11 -34.01 19.98
N CYS B 634 -8.47 -34.46 18.91
CA CYS B 634 -7.37 -35.42 19.00
C CYS B 634 -6.06 -34.89 18.46
N ALA B 635 -6.04 -33.73 17.79
CA ALA B 635 -4.79 -33.20 17.24
C ALA B 635 -3.99 -32.50 18.32
N TYR B 636 -3.81 -33.15 19.47
CA TYR B 636 -3.03 -32.63 20.57
C TYR B 636 -2.08 -33.71 21.08
N ASN B 637 -0.85 -33.31 21.40
CA ASN B 637 0.13 -34.19 22.01
C ASN B 637 0.66 -33.53 23.27
N PRO B 638 0.73 -34.25 24.39
CA PRO B 638 1.19 -33.64 25.64
C PRO B 638 2.59 -33.10 25.59
N ASP B 639 3.46 -33.69 24.77
CA ASP B 639 4.84 -33.23 24.64
C ASP B 639 4.97 -31.94 23.85
N ASP B 640 3.98 -31.61 23.00
CA ASP B 640 4.05 -30.36 22.25
C ASP B 640 3.86 -29.15 23.15
N HIS B 641 3.11 -29.30 24.24
CA HIS B 641 2.81 -28.20 25.15
C HIS B 641 2.15 -27.02 24.41
N SER B 642 1.09 -27.34 23.68
CA SER B 642 0.36 -26.36 22.89
C SER B 642 -0.86 -25.87 23.66
N VAL B 643 -1.19 -24.59 23.48
CA VAL B 643 -2.40 -24.04 24.09
C VAL B 643 -3.61 -24.56 23.31
N LYS B 644 -4.61 -25.03 24.05
CA LYS B 644 -5.73 -25.77 23.45
C LYS B 644 -6.84 -24.83 23.01
N CYS B 645 -7.47 -25.16 21.88
CA CYS B 645 -8.68 -24.50 21.46
C CYS B 645 -9.84 -24.92 22.35
N VAL B 646 -10.96 -24.19 22.23
CA VAL B 646 -12.08 -24.42 23.14
C VAL B 646 -12.82 -25.72 22.79
N SER B 647 -12.89 -26.07 21.51
CA SER B 647 -13.67 -27.23 21.10
C SER B 647 -13.03 -27.83 19.85
N GLU B 648 -13.82 -28.57 19.08
CA GLU B 648 -13.35 -29.14 17.83
C GLU B 648 -13.05 -28.06 16.80
N ILE B 649 -13.83 -26.98 16.80
CA ILE B 649 -13.52 -25.82 15.97
C ILE B 649 -12.20 -25.22 16.44
N MET B 650 -11.39 -24.80 15.48
CA MET B 650 -10.05 -24.28 15.79
C MET B 650 -10.05 -22.75 15.81
N ILE B 651 -10.94 -22.19 16.63
CA ILE B 651 -10.85 -20.79 17.04
C ILE B 651 -9.90 -20.74 18.23
N PRO B 652 -8.72 -20.11 18.08
CA PRO B 652 -7.68 -20.25 19.10
C PRO B 652 -8.10 -19.68 20.45
N LYS B 653 -7.35 -20.05 21.48
CA LYS B 653 -7.62 -19.60 22.84
C LYS B 653 -7.54 -18.08 22.92
N THR B 654 -8.58 -17.47 23.48
CA THR B 654 -8.65 -16.02 23.56
C THR B 654 -7.69 -15.47 24.59
N LEU B 655 -7.13 -14.30 24.30
CA LEU B 655 -6.22 -13.59 25.20
C LEU B 655 -7.02 -12.47 25.87
N THR B 656 -7.26 -12.61 27.17
CA THR B 656 -8.05 -11.67 27.94
C THR B 656 -7.26 -11.23 29.17
N ALA B 657 -7.58 -10.03 29.64
CA ALA B 657 -6.93 -9.50 30.84
C ALA B 657 -7.22 -10.38 32.04
N THR B 658 -6.15 -10.82 32.72
CA THR B 658 -6.25 -11.57 33.96
C THR B 658 -5.52 -10.83 35.06
N PRO B 659 -5.99 -10.91 36.30
CA PRO B 659 -5.31 -10.23 37.41
C PRO B 659 -3.86 -10.65 37.51
N PRO B 660 -2.96 -9.72 37.82
CA PRO B 660 -1.53 -10.07 37.85
C PRO B 660 -1.24 -11.16 38.88
N HIS B 661 -0.31 -12.04 38.53
CA HIS B 661 0.02 -13.16 39.40
C HIS B 661 0.55 -12.65 40.74
N ALA B 662 0.29 -13.43 41.78
CA ALA B 662 0.63 -13.04 43.15
C ALA B 662 1.62 -14.04 43.75
N LEU B 663 2.45 -13.54 44.65
CA LEU B 663 3.37 -14.36 45.42
C LEU B 663 2.99 -14.15 46.89
N PHE B 664 2.15 -15.05 47.40
CA PHE B 664 1.57 -14.91 48.73
C PHE B 664 2.62 -15.27 49.78
N MET B 665 3.04 -14.28 50.56
CA MET B 665 4.03 -14.48 51.61
C MET B 665 3.32 -14.58 52.96
N ASP B 666 3.44 -15.73 53.61
CA ASP B 666 2.89 -15.86 54.96
C ASP B 666 3.62 -14.96 55.95
N CYS B 667 4.88 -14.60 55.65
CA CYS B 667 5.65 -13.66 56.47
C CYS B 667 6.87 -13.19 55.69
N THR B 668 7.00 -11.88 55.51
CA THR B 668 8.16 -11.31 54.83
C THR B 668 9.24 -10.98 55.84
N HIS B 669 10.30 -10.30 55.40
CA HIS B 669 11.40 -9.90 56.27
C HIS B 669 11.21 -8.52 56.87
N ASP B 670 10.02 -7.93 56.73
CA ASP B 670 9.73 -6.60 57.28
C ASP B 670 8.57 -6.58 58.26
N ASN B 671 7.70 -7.59 58.25
CA ASN B 671 6.54 -7.59 59.13
C ASN B 671 6.86 -8.38 60.40
N GLU B 672 6.06 -8.10 61.44
CA GLU B 672 6.30 -8.69 62.75
C GLU B 672 6.00 -10.18 62.76
N THR B 673 6.57 -10.88 63.74
CA THR B 673 6.41 -12.31 63.87
C THR B 673 4.99 -12.65 64.33
N PRO B 674 4.46 -13.80 63.90
CA PRO B 674 3.23 -14.30 64.53
C PRO B 674 3.27 -14.28 66.05
N ASN B 675 4.44 -14.51 66.64
CA ASN B 675 4.58 -14.37 68.08
C ASN B 675 4.27 -12.95 68.54
N GLN B 676 4.63 -11.95 67.72
CA GLN B 676 4.40 -10.55 68.10
C GLN B 676 2.97 -10.12 67.81
N LYS B 677 2.55 -10.21 66.55
CA LYS B 677 1.23 -9.70 66.17
C LYS B 677 0.12 -10.59 66.70
N ARG B 678 0.30 -11.90 66.66
CA ARG B 678 -0.72 -12.83 67.15
C ARG B 678 -0.15 -13.72 68.24
N THR B 679 -0.01 -15.02 67.95
CA THR B 679 0.69 -15.95 68.82
C THR B 679 1.58 -16.86 67.99
N VAL B 680 2.31 -17.74 68.66
CA VAL B 680 3.17 -18.68 67.95
C VAL B 680 2.37 -19.82 67.34
N GLU B 681 1.22 -20.18 67.95
CA GLU B 681 0.44 -21.29 67.45
C GLU B 681 -0.16 -20.98 66.08
N ASP B 682 -0.37 -19.71 65.77
CA ASP B 682 -0.96 -19.33 64.48
C ASP B 682 -0.02 -19.57 63.31
N THR B 683 1.26 -19.87 63.56
CA THR B 683 2.19 -20.11 62.47
C THR B 683 1.76 -21.31 61.61
N LEU B 684 1.11 -22.30 62.21
CA LEU B 684 0.69 -23.48 61.46
C LEU B 684 -0.53 -23.20 60.59
N PRO B 685 -1.65 -22.70 61.13
CA PRO B 685 -2.82 -22.48 60.26
C PRO B 685 -2.63 -21.37 59.26
N ASN B 686 -1.82 -20.36 59.58
CA ASN B 686 -1.61 -19.26 58.64
C ASN B 686 -0.86 -19.75 57.40
N ALA B 687 0.21 -20.53 57.59
CA ALA B 687 0.97 -21.04 56.45
C ALA B 687 0.17 -22.06 55.66
N ALA B 688 -0.77 -22.76 56.30
CA ALA B 688 -1.59 -23.73 55.58
C ALA B 688 -2.60 -23.05 54.68
N LEU B 689 -3.23 -21.98 55.18
CA LEU B 689 -4.17 -21.23 54.34
C LEU B 689 -3.47 -20.57 53.17
N VAL B 690 -2.22 -20.13 53.36
CA VAL B 690 -1.46 -19.52 52.28
C VAL B 690 -1.04 -20.56 51.25
N ALA B 691 -0.55 -21.72 51.72
CA ALA B 691 -0.09 -22.75 50.80
C ALA B 691 -1.24 -23.32 49.97
N PHE B 692 -2.47 -23.26 50.48
CA PHE B 692 -3.61 -23.77 49.74
C PHE B 692 -4.05 -22.84 48.61
N CYS B 693 -3.59 -21.59 48.61
CA CYS B 693 -3.94 -20.67 47.55
C CYS B 693 -3.32 -21.09 46.23
N SER B 694 -4.05 -20.88 45.13
CA SER B 694 -3.57 -21.24 43.80
C SER B 694 -2.75 -20.08 43.24
N SER B 695 -1.55 -19.95 43.76
CA SER B 695 -0.61 -18.91 43.35
C SER B 695 0.77 -19.30 43.87
N ALA B 696 1.74 -18.40 43.71
CA ALA B 696 3.07 -18.61 44.27
C ALA B 696 3.05 -18.25 45.74
N ILE B 697 3.81 -19.01 46.55
CA ILE B 697 3.87 -18.79 47.98
C ILE B 697 5.32 -18.61 48.40
N GLY B 698 5.50 -18.01 49.58
CA GLY B 698 6.83 -17.78 50.11
C GLY B 698 6.77 -17.54 51.60
N SER B 699 7.94 -17.60 52.22
CA SER B 699 8.07 -17.40 53.65
C SER B 699 9.48 -16.93 53.97
N VAL B 700 9.59 -16.16 55.05
CA VAL B 700 10.89 -15.71 55.54
C VAL B 700 11.48 -16.78 56.45
N TYR B 701 12.81 -16.86 56.47
CA TYR B 701 13.47 -17.80 57.36
C TYR B 701 13.28 -17.37 58.80
N GLY B 702 12.85 -18.31 59.66
CA GLY B 702 12.49 -18.04 61.03
C GLY B 702 11.01 -18.16 61.29
N TYR B 703 10.19 -17.93 60.26
CA TYR B 703 8.75 -18.16 60.39
C TYR B 703 8.46 -19.63 60.67
N ASP B 704 9.01 -20.52 59.85
CA ASP B 704 8.87 -21.95 60.10
C ASP B 704 9.62 -22.36 61.35
N GLU B 705 10.72 -21.69 61.66
CA GLU B 705 11.53 -21.97 62.83
C GLU B 705 11.07 -21.19 64.07
N VAL B 706 9.83 -20.69 64.05
CA VAL B 706 9.19 -19.89 65.10
C VAL B 706 10.20 -19.03 65.86
N PHE B 707 10.84 -18.11 65.16
CA PHE B 707 11.67 -17.12 65.84
C PHE B 707 10.79 -16.22 66.70
N PRO B 708 11.33 -15.68 67.80
CA PRO B 708 10.48 -14.91 68.72
C PRO B 708 9.97 -13.60 68.14
N GLN B 709 10.86 -12.75 67.66
CA GLN B 709 10.46 -11.43 67.20
C GLN B 709 11.18 -11.09 65.90
N LEU B 710 10.65 -10.08 65.21
CA LEU B 710 11.21 -9.66 63.93
C LEU B 710 12.66 -9.24 64.08
N LEU B 711 13.51 -9.75 63.19
CA LEU B 711 14.94 -9.50 63.27
C LEU B 711 15.27 -8.10 62.76
N ASP B 712 16.02 -7.35 63.56
CA ASP B 712 16.43 -6.00 63.17
C ASP B 712 17.48 -6.12 62.06
N LEU B 713 17.10 -5.70 60.85
CA LEU B 713 18.00 -5.80 59.70
C LEU B 713 19.23 -4.91 59.84
N VAL B 714 19.18 -3.91 60.72
CA VAL B 714 20.26 -2.94 60.83
C VAL B 714 21.32 -3.40 61.83
N GLN B 715 20.88 -3.69 63.06
CA GLN B 715 21.80 -3.88 64.17
C GLN B 715 22.25 -5.33 64.34
N GLU B 716 21.31 -6.28 64.29
CA GLU B 716 21.57 -7.63 64.77
C GLU B 716 22.65 -8.31 63.94
N LYS B 717 23.52 -9.05 64.65
CA LYS B 717 24.63 -9.77 64.03
C LYS B 717 24.59 -11.26 64.31
N ARG B 718 23.64 -11.75 65.10
CA ARG B 718 23.58 -13.16 65.42
C ARG B 718 23.25 -13.98 64.18
N THR B 719 23.59 -15.27 64.25
CA THR B 719 23.46 -16.18 63.11
C THR B 719 22.27 -17.10 63.30
N TYR B 720 21.68 -17.52 62.17
CA TYR B 720 20.59 -18.49 62.21
C TYR B 720 21.01 -19.76 62.93
N SER B 721 20.04 -20.38 63.61
CA SER B 721 20.32 -21.64 64.28
C SER B 721 20.50 -22.76 63.27
N CYS B 722 21.35 -23.72 63.61
CA CYS B 722 21.49 -24.95 62.87
C CYS B 722 20.51 -26.02 63.35
N ALA B 723 19.65 -25.68 64.31
CA ALA B 723 18.63 -26.59 64.83
C ALA B 723 17.67 -27.01 63.73
N GLU B 724 17.68 -28.28 63.36
CA GLU B 724 16.92 -28.79 62.23
C GLU B 724 15.54 -29.25 62.66
N ASN B 725 14.59 -29.14 61.73
CA ASN B 725 13.24 -29.71 61.88
C ASN B 725 12.50 -29.14 63.09
N THR B 726 12.58 -27.82 63.25
CA THR B 726 11.89 -27.12 64.33
C THR B 726 10.60 -26.50 63.81
N GLY B 727 9.54 -26.56 64.64
CA GLY B 727 8.27 -25.95 64.30
C GLY B 727 7.54 -26.56 63.12
N ILE B 728 7.36 -25.76 62.06
CA ILE B 728 6.53 -26.15 60.92
C ILE B 728 7.33 -26.85 59.83
N SER B 729 8.64 -27.06 60.04
CA SER B 729 9.48 -27.64 58.99
C SER B 729 8.93 -28.97 58.47
N LYS B 730 8.28 -29.74 59.34
CA LYS B 730 7.65 -30.99 58.90
C LYS B 730 6.44 -30.72 58.02
N VAL B 731 5.66 -29.69 58.36
CA VAL B 731 4.43 -29.41 57.61
C VAL B 731 4.73 -28.75 56.27
N LYS B 732 5.69 -27.83 56.23
CA LYS B 732 6.04 -27.20 54.96
C LYS B 732 6.59 -28.20 53.96
N THR B 733 7.27 -29.24 54.44
CA THR B 733 7.67 -30.33 53.55
C THR B 733 6.44 -31.01 52.95
N LEU B 734 5.39 -31.18 53.75
CA LEU B 734 4.16 -31.77 53.24
C LEU B 734 3.44 -30.82 52.29
N LEU B 735 3.33 -29.54 52.66
CA LEU B 735 2.60 -28.59 51.84
C LEU B 735 3.27 -28.39 50.48
N ASN B 736 4.60 -28.23 50.48
CA ASN B 736 5.31 -28.01 49.22
C ASN B 736 5.32 -29.26 48.35
N ASN B 737 5.36 -30.45 48.96
CA ASN B 737 5.31 -31.68 48.18
C ASN B 737 3.93 -31.92 47.58
N MET B 738 2.88 -31.49 48.27
CA MET B 738 1.54 -31.65 47.73
C MET B 738 1.31 -30.72 46.54
N ARG B 739 1.82 -29.49 46.63
CA ARG B 739 1.69 -28.56 45.51
C ARG B 739 2.48 -29.03 44.30
N GLU B 740 3.53 -29.83 44.51
CA GLU B 740 4.27 -30.39 43.39
C GLU B 740 3.43 -31.40 42.61
N GLU B 741 2.54 -32.11 43.31
CA GLU B 741 1.66 -33.06 42.63
C GLU B 741 0.57 -32.33 41.84
N ILE B 742 0.08 -31.21 42.37
CA ILE B 742 -0.98 -30.47 41.70
C ILE B 742 -0.45 -29.72 40.49
N ALA B 743 0.81 -29.27 40.55
CA ALA B 743 1.37 -28.43 39.50
C ALA B 743 1.47 -29.14 38.16
N SER B 744 1.38 -30.47 38.14
CA SER B 744 1.61 -31.21 36.90
C SER B 744 0.50 -31.00 35.89
N GLU B 745 -0.72 -30.74 36.34
CA GLU B 745 -1.87 -30.67 35.43
C GLU B 745 -2.64 -29.36 35.49
N ALA B 746 -2.62 -28.63 36.60
CA ALA B 746 -3.33 -27.38 36.67
C ALA B 746 -2.66 -26.33 35.80
N VAL B 747 -3.45 -25.68 34.93
CA VAL B 747 -2.89 -24.77 33.94
C VAL B 747 -3.45 -23.36 34.13
N ASP B 748 -4.61 -23.09 33.52
CA ASP B 748 -5.09 -21.73 33.38
C ASP B 748 -6.02 -21.36 34.52
N ILE B 749 -6.58 -20.14 34.46
CA ILE B 749 -7.36 -19.60 35.56
C ILE B 749 -8.68 -20.33 35.72
N GLU B 750 -9.22 -20.89 34.65
CA GLU B 750 -10.47 -21.64 34.73
C GLU B 750 -10.28 -23.07 35.21
N ASP B 751 -9.05 -23.49 35.47
CA ASP B 751 -8.76 -24.89 35.77
C ASP B 751 -8.59 -25.16 37.26
N SER B 752 -8.62 -24.14 38.10
CA SER B 752 -8.51 -24.31 39.56
C SER B 752 -9.57 -23.48 40.24
N GLU B 753 -10.45 -24.13 41.00
CA GLU B 753 -11.58 -23.48 41.64
C GLU B 753 -11.44 -23.60 43.17
N MET B 754 -12.24 -22.82 43.87
CA MET B 754 -12.00 -22.59 45.30
C MET B 754 -13.28 -22.17 46.00
N HIS B 755 -13.42 -22.62 47.25
CA HIS B 755 -14.45 -22.11 48.15
C HIS B 755 -13.81 -21.86 49.52
N VAL B 756 -14.07 -20.70 50.09
CA VAL B 756 -13.49 -20.30 51.37
C VAL B 756 -14.61 -19.88 52.31
N HIS B 757 -14.56 -20.37 53.56
CA HIS B 757 -15.57 -20.09 54.57
C HIS B 757 -14.87 -19.67 55.86
N HIS B 758 -15.45 -18.68 56.54
CA HIS B 758 -14.93 -18.17 57.79
C HIS B 758 -16.03 -18.20 58.84
N ASP B 759 -15.81 -18.96 59.92
CA ASP B 759 -16.74 -19.03 61.04
C ASP B 759 -15.94 -18.79 62.31
N GLY B 760 -16.05 -17.58 62.86
CA GLY B 760 -15.33 -17.23 64.07
C GLY B 760 -13.83 -17.29 63.91
N GLN B 761 -13.19 -18.27 64.55
CA GLN B 761 -11.75 -18.45 64.48
C GLN B 761 -11.33 -19.54 63.50
N TYR B 762 -12.27 -20.24 62.90
CA TYR B 762 -11.97 -21.23 61.88
C TYR B 762 -12.01 -20.59 60.50
N ILE B 763 -11.18 -21.11 59.59
CA ILE B 763 -11.19 -20.71 58.19
C ILE B 763 -11.15 -21.99 57.36
N THR B 764 -12.15 -22.15 56.50
CA THR B 764 -12.26 -23.32 55.62
C THR B 764 -11.75 -22.97 54.23
N PHE B 765 -10.90 -23.85 53.69
CA PHE B 765 -10.41 -23.70 52.32
C PHE B 765 -10.64 -25.00 51.57
N HIS B 766 -11.31 -24.90 50.42
CA HIS B 766 -11.57 -26.04 49.56
C HIS B 766 -10.96 -25.76 48.18
N ARG B 767 -9.81 -26.37 47.91
CA ARG B 767 -9.16 -26.26 46.61
C ARG B 767 -9.68 -27.38 45.71
N THR B 768 -10.10 -27.01 44.50
CA THR B 768 -10.69 -27.97 43.57
C THR B 768 -10.11 -27.76 42.18
N ASN B 769 -9.71 -28.86 41.54
CA ASN B 769 -9.31 -28.83 40.14
C ASN B 769 -10.53 -29.12 39.27
N ALA B 770 -10.84 -28.20 38.35
CA ALA B 770 -12.06 -28.28 37.57
C ALA B 770 -12.00 -29.33 36.46
N LYS B 771 -10.81 -29.89 36.19
CA LYS B 771 -10.66 -30.85 35.09
C LYS B 771 -10.97 -32.27 35.53
N ASN B 772 -10.40 -32.72 36.64
CA ASN B 772 -10.56 -34.10 37.09
C ASN B 772 -11.49 -34.27 38.30
N GLY B 773 -11.71 -33.22 39.08
CA GLY B 773 -12.50 -33.31 40.28
C GLY B 773 -11.72 -33.56 41.55
N LYS B 774 -10.42 -33.85 41.45
CA LYS B 774 -9.60 -33.99 42.65
C LYS B 774 -9.57 -32.66 43.42
N GLY B 775 -9.45 -32.76 44.73
CA GLY B 775 -9.43 -31.54 45.53
C GLY B 775 -8.91 -31.79 46.93
N TRP B 776 -8.61 -30.68 47.61
CA TRP B 776 -8.17 -30.69 48.99
C TRP B 776 -9.13 -29.86 49.84
N TYR B 777 -9.31 -30.28 51.08
CA TYR B 777 -10.15 -29.56 52.03
C TYR B 777 -9.32 -29.27 53.28
N LEU B 778 -9.27 -27.99 53.65
CA LEU B 778 -8.48 -27.53 54.79
C LEU B 778 -9.37 -26.90 55.82
N VAL B 779 -9.28 -27.39 57.06
CA VAL B 779 -9.92 -26.77 58.21
C VAL B 779 -8.79 -26.27 59.11
N ALA B 780 -8.68 -24.95 59.24
CA ALA B 780 -7.61 -24.34 60.01
C ALA B 780 -8.22 -23.48 61.11
N ARG B 781 -7.94 -23.83 62.36
CA ARG B 781 -8.35 -23.03 63.50
C ARG B 781 -7.25 -22.02 63.82
N THR B 782 -7.56 -20.74 63.65
CA THR B 782 -6.56 -19.68 63.81
C THR B 782 -6.41 -19.31 65.28
N LYS B 783 -5.21 -18.85 65.62
CA LYS B 783 -4.88 -18.39 66.97
C LYS B 783 -4.38 -16.95 66.87
N PHE B 784 -5.30 -16.03 66.57
CA PHE B 784 -4.98 -14.61 66.67
C PHE B 784 -4.85 -14.20 68.14
N HIS B 785 -5.77 -14.68 68.97
CA HIS B 785 -5.72 -14.50 70.41
C HIS B 785 -6.36 -15.72 71.07
N SER B 786 -6.00 -15.95 72.33
CA SER B 786 -6.65 -17.02 73.07
C SER B 786 -8.07 -16.62 73.44
N SER B 787 -9.01 -16.84 72.51
CA SER B 787 -10.40 -16.38 72.63
C SER B 787 -11.36 -17.48 73.10
N GLY B 788 -10.85 -18.52 73.75
CA GLY B 788 -11.73 -19.51 74.35
C GLY B 788 -11.99 -20.66 73.40
N ASP B 789 -12.89 -21.56 73.82
CA ASP B 789 -13.22 -22.72 72.99
C ASP B 789 -14.42 -22.41 72.08
N GLN B 790 -14.27 -22.79 70.81
CA GLN B 790 -15.32 -22.59 69.82
C GLN B 790 -15.48 -23.87 69.01
N MET B 791 -16.73 -24.28 68.83
CA MET B 791 -17.06 -25.51 68.13
C MET B 791 -17.58 -25.21 66.74
N LEU B 792 -16.99 -25.86 65.74
CA LEU B 792 -17.35 -25.70 64.33
C LEU B 792 -18.53 -26.61 63.99
N PRO B 793 -19.50 -26.13 63.23
CA PRO B 793 -20.63 -26.98 62.84
C PRO B 793 -20.19 -28.12 61.92
N ARG B 794 -21.15 -28.99 61.63
CA ARG B 794 -20.89 -30.14 60.76
C ARG B 794 -20.57 -29.67 59.35
N ILE B 795 -19.48 -30.18 58.79
CA ILE B 795 -19.07 -29.87 57.43
C ILE B 795 -19.73 -30.86 56.48
N LYS B 796 -20.36 -30.34 55.43
CA LYS B 796 -21.10 -31.17 54.48
C LYS B 796 -20.62 -30.88 53.07
N LEU B 797 -20.23 -31.94 52.36
CA LEU B 797 -19.81 -31.85 50.97
C LEU B 797 -20.77 -32.65 50.11
N SER B 798 -21.32 -32.02 49.07
CA SER B 798 -22.32 -32.65 48.22
C SER B 798 -21.64 -33.40 47.09
N GLN B 799 -22.07 -34.65 46.87
CA GLN B 799 -21.61 -35.48 45.76
C GLN B 799 -20.09 -35.60 45.75
N THR B 800 -19.51 -35.77 46.94
CA THR B 800 -18.06 -35.80 47.11
C THR B 800 -17.68 -36.81 48.17
N LYS B 801 -16.56 -37.49 47.94
CA LYS B 801 -15.98 -38.41 48.92
C LYS B 801 -14.71 -37.80 49.49
N ALA B 802 -14.48 -38.01 50.78
CA ALA B 802 -13.36 -37.40 51.49
C ALA B 802 -12.42 -38.48 52.02
N THR B 803 -11.15 -38.10 52.18
CA THR B 803 -10.11 -38.99 52.67
C THR B 803 -9.18 -38.22 53.58
N PHE B 804 -8.95 -38.73 54.79
CA PHE B 804 -8.05 -38.08 55.73
C PHE B 804 -6.62 -38.12 55.21
N LYS B 805 -5.97 -36.96 55.16
CA LYS B 805 -4.59 -36.87 54.69
C LYS B 805 -3.64 -36.70 55.86
N ALA B 806 -3.75 -35.58 56.57
CA ALA B 806 -2.88 -35.32 57.71
C ALA B 806 -3.54 -34.26 58.58
N ALA B 807 -3.11 -34.22 59.84
CA ALA B 807 -3.60 -33.25 60.80
C ALA B 807 -2.52 -33.00 61.85
N PHE B 808 -2.36 -31.74 62.23
CA PHE B 808 -1.31 -31.36 63.16
C PHE B 808 -1.82 -30.26 64.09
N SER B 809 -1.18 -30.16 65.25
CA SER B 809 -1.41 -29.08 66.20
C SER B 809 -0.05 -28.54 66.64
N LEU B 810 0.03 -27.22 66.77
CA LEU B 810 1.25 -26.55 67.21
C LEU B 810 1.04 -26.04 68.62
N GLU B 811 1.90 -26.48 69.55
CA GLU B 811 1.81 -26.13 70.96
C GLU B 811 3.12 -25.51 71.41
N ARG B 812 3.02 -24.51 72.29
CA ARG B 812 4.20 -23.81 72.78
C ARG B 812 4.72 -24.45 74.05
N THR B 813 6.02 -24.73 74.09
CA THR B 813 6.65 -25.33 75.27
C THR B 813 7.59 -24.33 75.92
N GLY B 814 7.04 -23.23 76.44
CA GLY B 814 7.81 -22.22 77.10
C GLY B 814 8.32 -21.14 76.17
N ASP B 815 9.31 -20.39 76.66
CA ASP B 815 9.86 -19.27 75.94
C ASP B 815 11.11 -19.68 75.14
N ALA B 816 11.63 -18.73 74.37
CA ALA B 816 12.80 -18.96 73.51
C ALA B 816 14.08 -18.70 74.29
N PRO B 817 15.14 -19.45 73.98
CA PRO B 817 16.44 -19.20 74.63
C PRO B 817 17.00 -17.83 74.24
N ILE B 818 17.92 -17.35 75.08
CA ILE B 818 18.51 -16.03 74.89
C ILE B 818 20.02 -16.15 74.66
N SER B 819 20.42 -16.41 73.43
CA SER B 819 21.82 -16.50 73.06
C SER B 819 22.29 -15.19 72.46
N ASP B 820 23.63 -15.01 72.45
CA ASP B 820 24.25 -13.81 71.90
C ASP B 820 25.02 -14.08 70.62
N GLU B 821 25.12 -15.34 70.19
CA GLU B 821 25.76 -15.70 68.93
C GLU B 821 24.87 -16.48 67.98
N ILE B 822 23.68 -16.90 68.39
CA ILE B 822 22.82 -17.70 67.53
C ILE B 822 21.37 -17.31 67.78
N ILE B 823 20.60 -17.24 66.69
CA ILE B 823 19.19 -16.89 66.77
C ILE B 823 18.41 -18.18 66.92
N GLU B 824 17.85 -18.41 68.11
CA GLU B 824 17.11 -19.64 68.40
C GLU B 824 15.63 -19.34 68.57
N GLY B 825 14.80 -20.26 68.09
CA GLY B 825 13.37 -20.09 68.12
C GLY B 825 12.73 -20.65 69.37
N ILE B 826 11.41 -20.55 69.40
CA ILE B 826 10.64 -21.00 70.57
C ILE B 826 10.42 -22.51 70.47
N PRO B 827 10.70 -23.26 71.53
CA PRO B 827 10.44 -24.71 71.48
C PRO B 827 8.96 -25.00 71.31
N THR B 828 8.63 -25.81 70.31
CA THR B 828 7.25 -26.10 69.95
C THR B 828 7.06 -27.58 69.73
N LYS B 829 5.90 -28.08 70.12
CA LYS B 829 5.51 -29.47 69.88
C LYS B 829 4.58 -29.54 68.68
N LEU B 830 4.79 -30.54 67.83
CA LEU B 830 3.98 -30.75 66.63
C LEU B 830 3.28 -32.09 66.79
N ARG B 831 2.09 -32.06 67.40
CA ARG B 831 1.35 -33.27 67.74
C ARG B 831 0.36 -33.62 66.64
N GLU B 832 0.44 -34.85 66.15
CA GLU B 832 -0.52 -35.33 65.16
C GLU B 832 -1.87 -35.60 65.82
N LEU B 833 -2.94 -35.22 65.14
CA LEU B 833 -4.29 -35.30 65.69
C LEU B 833 -5.08 -36.43 65.03
N THR B 834 -6.11 -36.88 65.74
CA THR B 834 -6.99 -37.94 65.28
C THR B 834 -8.41 -37.62 65.76
N GLY B 835 -9.37 -38.46 65.35
CA GLY B 835 -10.75 -38.31 65.75
C GLY B 835 -11.67 -37.72 64.71
N PHE B 836 -11.16 -37.41 63.51
CA PHE B 836 -11.98 -36.81 62.46
C PHE B 836 -12.87 -37.88 61.83
N ASP B 837 -14.18 -37.75 62.01
CA ASP B 837 -15.14 -38.71 61.49
C ASP B 837 -15.63 -38.26 60.11
N ILE B 838 -15.47 -39.13 59.12
CA ILE B 838 -15.87 -38.84 57.75
C ILE B 838 -17.04 -39.77 57.42
N GLY B 839 -18.26 -39.24 57.54
CA GLY B 839 -19.45 -40.02 57.23
C GLY B 839 -19.89 -39.80 55.79
N PHE B 840 -20.23 -40.90 55.11
CA PHE B 840 -20.64 -40.87 53.71
C PHE B 840 -21.99 -41.56 53.57
N ASP B 841 -22.96 -40.83 53.04
CA ASP B 841 -24.31 -41.35 52.81
C ASP B 841 -24.35 -41.98 51.42
N GLU B 842 -24.44 -43.31 51.37
CA GLU B 842 -24.45 -44.01 50.09
C GLU B 842 -25.71 -43.74 49.26
N ASN B 843 -26.68 -43.01 49.79
CA ASN B 843 -27.88 -42.65 49.04
C ASN B 843 -27.78 -41.24 48.47
N THR B 844 -27.67 -40.23 49.33
CA THR B 844 -27.53 -38.85 48.89
C THR B 844 -26.13 -38.50 48.41
N LYS B 845 -25.17 -39.43 48.53
CA LYS B 845 -23.79 -39.23 48.09
C LYS B 845 -23.17 -38.00 48.74
N GLU B 846 -23.53 -37.74 50.00
CA GLU B 846 -23.09 -36.56 50.73
C GLU B 846 -22.11 -36.97 51.82
N THR B 847 -20.99 -36.24 51.91
CA THR B 847 -19.97 -36.51 52.91
C THR B 847 -20.10 -35.53 54.05
N SER B 848 -20.15 -36.06 55.27
CA SER B 848 -20.19 -35.24 56.49
C SER B 848 -18.88 -35.41 57.24
N ILE B 849 -18.37 -34.29 57.77
CA ILE B 849 -17.10 -34.27 58.49
C ILE B 849 -17.33 -33.65 59.86
N LEU B 850 -16.95 -34.38 60.90
CA LEU B 850 -17.07 -33.93 62.28
C LEU B 850 -15.69 -33.78 62.89
N LEU B 851 -15.40 -32.61 63.46
CA LEU B 851 -14.11 -32.40 64.09
C LEU B 851 -14.11 -32.99 65.50
N PRO B 852 -12.95 -33.44 65.98
CA PRO B 852 -12.87 -33.88 67.38
C PRO B 852 -12.74 -32.70 68.31
N GLN B 853 -13.21 -32.89 69.54
CA GLN B 853 -13.17 -31.82 70.52
C GLN B 853 -11.74 -31.44 70.89
N ASP B 854 -10.79 -32.35 70.70
CA ASP B 854 -9.36 -32.06 70.89
C ASP B 854 -8.82 -31.51 69.59
N PHE B 855 -9.15 -30.24 69.32
CA PHE B 855 -8.66 -29.52 68.14
C PHE B 855 -8.37 -28.09 68.56
N PRO B 856 -7.26 -27.88 69.26
CA PRO B 856 -6.98 -26.55 69.82
C PRO B 856 -6.66 -25.55 68.72
N GLN B 857 -6.67 -24.27 69.11
CA GLN B 857 -6.31 -23.22 68.19
C GLN B 857 -4.85 -23.37 67.75
N GLY B 858 -4.58 -23.03 66.50
CA GLY B 858 -3.27 -23.28 65.93
C GLY B 858 -3.10 -24.66 65.37
N SER B 859 -4.20 -25.27 64.91
CA SER B 859 -4.19 -26.62 64.37
C SER B 859 -4.84 -26.62 63.00
N ILE B 860 -4.52 -27.65 62.21
CA ILE B 860 -5.06 -27.83 60.88
C ILE B 860 -5.42 -29.29 60.68
N VAL B 861 -6.18 -29.56 59.61
CA VAL B 861 -6.47 -30.90 59.16
C VAL B 861 -6.75 -30.85 57.67
N ILE B 862 -6.07 -31.70 56.90
CA ILE B 862 -6.15 -31.70 55.45
C ILE B 862 -6.87 -32.95 55.01
N PHE B 863 -7.85 -32.79 54.11
CA PHE B 863 -8.58 -33.90 53.53
C PHE B 863 -8.35 -33.94 52.03
N GLU B 864 -8.15 -35.14 51.51
CA GLU B 864 -8.17 -35.38 50.07
C GLU B 864 -9.59 -35.69 49.64
N THR B 865 -10.10 -34.94 48.67
CA THR B 865 -11.49 -35.07 48.26
C THR B 865 -11.56 -35.31 46.75
N GLN B 866 -12.68 -35.87 46.31
CA GLN B 866 -12.88 -36.20 44.91
C GLN B 866 -14.36 -36.07 44.57
N GLN B 867 -14.68 -35.21 43.61
CA GLN B 867 -16.06 -35.02 43.19
C GLN B 867 -16.53 -36.22 42.37
N LEU B 868 -17.74 -36.68 42.65
CA LEU B 868 -18.27 -37.88 42.03
C LEU B 868 -18.81 -37.58 40.63
N GLY B 869 -18.52 -38.48 39.69
CA GLY B 869 -18.95 -38.31 38.33
C GLY B 869 -17.92 -37.67 37.41
N ILE B 870 -16.83 -37.15 37.96
CA ILE B 870 -15.80 -36.47 37.18
C ILE B 870 -14.55 -37.33 37.17
N ASP B 871 -14.08 -37.68 35.99
CA ASP B 871 -12.78 -38.29 35.78
C ASP B 871 -11.97 -37.40 34.84
N ASP B 872 -10.75 -37.85 34.52
CA ASP B 872 -9.90 -37.10 33.61
C ASP B 872 -10.47 -37.05 32.20
N SER B 873 -11.29 -38.03 31.83
CA SER B 873 -11.82 -38.15 30.47
C SER B 873 -13.13 -37.40 30.27
N LEU B 874 -13.53 -36.54 31.23
CA LEU B 874 -14.81 -35.85 31.10
C LEU B 874 -14.74 -34.73 30.07
N ASP B 875 -13.66 -33.94 30.08
CA ASP B 875 -13.55 -32.81 29.17
C ASP B 875 -13.46 -33.28 27.72
N HIS B 876 -12.78 -34.39 27.47
CA HIS B 876 -12.64 -34.88 26.11
C HIS B 876 -13.98 -35.38 25.57
N PHE B 877 -14.78 -36.04 26.42
CA PHE B 877 -16.07 -36.55 25.97
C PHE B 877 -17.03 -35.44 25.61
N ILE B 878 -16.91 -34.28 26.27
CA ILE B 878 -17.81 -33.17 26.00
C ILE B 878 -17.34 -32.33 24.81
N ARG B 879 -16.03 -32.20 24.60
CA ARG B 879 -15.48 -31.35 23.56
C ARG B 879 -15.25 -32.10 22.23
N SER B 880 -15.91 -33.24 22.03
CA SER B 880 -15.68 -34.03 20.82
C SER B 880 -17.01 -34.57 20.31
N GLY B 881 -17.01 -34.94 19.03
CA GLY B 881 -18.15 -35.58 18.41
C GLY B 881 -19.21 -34.66 17.88
N ALA B 882 -19.21 -33.38 18.28
CA ALA B 882 -20.28 -32.47 17.87
C ALA B 882 -20.20 -32.13 16.40
N ILE B 883 -19.00 -32.07 15.82
CA ILE B 883 -18.87 -31.81 14.40
C ILE B 883 -19.42 -32.97 13.58
N LYS B 884 -19.03 -34.20 13.94
CA LYS B 884 -19.56 -35.37 13.27
C LYS B 884 -21.07 -35.49 13.42
N ALA B 885 -21.61 -35.03 14.56
CA ALA B 885 -23.05 -35.12 14.79
C ALA B 885 -23.82 -34.15 13.90
N THR B 886 -23.20 -33.03 13.53
CA THR B 886 -23.82 -32.04 12.65
C THR B 886 -23.48 -32.26 11.18
N GLU B 887 -22.92 -33.43 10.84
CA GLU B 887 -22.47 -33.68 9.48
C GLU B 887 -23.62 -33.70 8.48
N LYS B 888 -24.79 -34.18 8.90
CA LYS B 888 -25.93 -34.34 8.01
C LYS B 888 -26.98 -33.25 8.18
N LEU B 889 -26.61 -32.12 8.76
CA LEU B 889 -27.54 -31.01 8.93
C LEU B 889 -27.66 -30.21 7.63
N SER B 890 -28.85 -29.63 7.43
CA SER B 890 -29.11 -28.76 6.30
C SER B 890 -29.53 -27.38 6.82
N LEU B 891 -29.53 -26.40 5.92
CA LEU B 891 -29.92 -25.05 6.29
C LEU B 891 -31.36 -24.98 6.77
N GLU B 892 -32.18 -25.98 6.43
CA GLU B 892 -33.52 -26.08 6.98
C GLU B 892 -33.53 -26.73 8.35
N SER B 893 -32.79 -27.83 8.52
CA SER B 893 -32.80 -28.56 9.78
C SER B 893 -32.14 -27.79 10.92
N ILE B 894 -31.22 -26.87 10.61
CA ILE B 894 -30.60 -26.07 11.65
C ILE B 894 -31.63 -25.18 12.33
N ASN B 895 -32.69 -24.79 11.61
CA ASN B 895 -33.72 -23.94 12.18
C ASN B 895 -34.37 -24.59 13.40
N TYR B 896 -34.59 -25.89 13.35
CA TYR B 896 -35.21 -26.60 14.47
C TYR B 896 -34.25 -26.83 15.62
N VAL B 897 -32.94 -26.84 15.36
CA VAL B 897 -31.97 -27.07 16.42
C VAL B 897 -31.65 -25.78 17.16
N LEU B 898 -31.65 -24.65 16.47
CA LEU B 898 -31.21 -23.39 17.05
C LEU B 898 -32.37 -22.45 17.42
N TYR B 899 -33.41 -22.38 16.60
CA TYR B 899 -34.40 -21.33 16.77
C TYR B 899 -35.76 -21.88 17.20
N ARG B 900 -36.76 -21.76 16.34
CA ARG B 900 -38.14 -22.14 16.64
C ARG B 900 -38.72 -21.28 17.76
N ALA B 901 -39.58 -20.32 17.41
CA ALA B 901 -40.31 -19.58 18.43
C ALA B 901 -41.35 -20.49 19.09
N GLU B 902 -41.93 -20.01 20.19
CA GLU B 902 -42.89 -20.82 20.91
C GLU B 902 -44.14 -21.10 20.07
N GLN B 903 -44.54 -20.15 19.23
CA GLN B 903 -45.64 -20.39 18.32
C GLN B 903 -45.24 -21.39 17.24
N GLU B 904 -43.99 -21.32 16.76
CA GLU B 904 -43.51 -22.32 15.81
C GLU B 904 -43.44 -23.70 16.44
N GLU B 905 -43.08 -23.78 17.73
CA GLU B 905 -43.04 -25.06 18.41
C GLU B 905 -44.43 -25.59 18.70
N TYR B 906 -45.40 -24.72 18.99
CA TYR B 906 -46.77 -25.14 19.19
C TYR B 906 -47.35 -25.77 17.92
N ASP B 907 -46.85 -25.37 16.75
CA ASP B 907 -47.33 -25.94 15.50
C ASP B 907 -47.00 -27.42 15.40
N TYR B 908 -45.77 -27.79 15.75
CA TYR B 908 -45.35 -29.18 15.67
C TYR B 908 -45.85 -30.00 16.84
N SER B 909 -46.11 -29.39 17.98
CA SER B 909 -46.54 -30.10 19.18
C SER B 909 -48.02 -29.94 19.47
N GLU B 910 -48.79 -29.37 18.55
CA GLU B 910 -50.23 -29.19 18.69
C GLU B 910 -50.59 -28.35 19.93
N GLY B 911 -49.66 -27.54 20.40
CA GLY B 911 -49.89 -26.67 21.54
C GLY B 911 -49.57 -27.25 22.89
N ARG B 912 -48.79 -28.34 22.94
CA ARG B 912 -48.47 -29.00 24.19
C ARG B 912 -47.11 -28.59 24.76
N SER B 913 -46.11 -28.40 23.90
CA SER B 913 -44.75 -28.14 24.35
C SER B 913 -44.51 -26.65 24.59
N GLY B 914 -43.79 -26.02 23.67
CA GLY B 914 -43.41 -24.63 23.81
C GLY B 914 -42.00 -24.46 24.32
N ALA B 915 -41.77 -23.31 24.96
CA ALA B 915 -40.46 -22.98 25.49
C ALA B 915 -40.38 -23.28 26.98
N TYR B 916 -39.20 -23.70 27.42
CA TYR B 916 -38.97 -23.93 28.84
C TYR B 916 -39.15 -22.64 29.62
N ASP B 917 -39.78 -22.74 30.79
CA ASP B 917 -40.04 -21.58 31.63
C ASP B 917 -39.03 -21.56 32.78
N ILE B 918 -38.13 -20.58 32.75
CA ILE B 918 -37.15 -20.40 33.83
C ILE B 918 -37.82 -19.69 35.00
N PRO B 919 -37.75 -20.24 36.21
CA PRO B 919 -38.38 -19.59 37.36
C PRO B 919 -37.76 -18.23 37.65
N ASP B 920 -38.62 -17.28 38.02
CA ASP B 920 -38.20 -15.93 38.39
C ASP B 920 -37.48 -15.22 37.25
N TYR B 921 -37.82 -15.54 36.00
CA TYR B 921 -37.17 -14.93 34.86
C TYR B 921 -38.09 -14.90 33.65
N GLY B 922 -38.40 -16.06 33.11
CA GLY B 922 -39.25 -16.16 31.94
C GLY B 922 -38.77 -17.27 31.04
N LYS B 923 -39.20 -17.23 29.79
CA LYS B 923 -38.83 -18.24 28.81
C LYS B 923 -37.77 -17.71 27.86
N PRO B 924 -36.87 -18.56 27.36
CA PRO B 924 -35.95 -18.13 26.32
C PRO B 924 -36.71 -17.70 25.07
N VAL B 925 -36.05 -16.86 24.28
CA VAL B 925 -36.70 -16.26 23.12
C VAL B 925 -36.97 -17.31 22.04
N TYR B 926 -36.03 -18.23 21.82
CA TYR B 926 -36.22 -19.36 20.94
C TYR B 926 -36.25 -20.65 21.75
N CYS B 927 -36.89 -21.67 21.19
CA CYS B 927 -36.89 -22.98 21.82
C CYS B 927 -35.59 -23.73 21.61
N GLY B 928 -34.82 -23.39 20.58
CA GLY B 928 -33.57 -24.06 20.30
C GLY B 928 -32.42 -23.52 21.12
N LEU B 929 -31.21 -23.74 20.61
CA LEU B 929 -30.02 -23.37 21.36
C LEU B 929 -29.81 -21.86 21.38
N GLN B 930 -30.30 -21.15 20.36
CA GLN B 930 -30.14 -19.69 20.34
C GLN B 930 -30.82 -19.03 21.52
N GLY B 931 -31.96 -19.57 21.96
CA GLY B 931 -32.62 -19.02 23.14
C GLY B 931 -31.78 -19.13 24.39
N TRP B 932 -31.00 -20.20 24.50
CA TRP B 932 -30.10 -20.34 25.64
C TRP B 932 -28.87 -19.46 25.49
N VAL B 933 -28.29 -19.42 24.29
CA VAL B 933 -27.05 -18.67 24.06
C VAL B 933 -27.28 -17.18 24.26
N SER B 934 -28.45 -16.68 23.85
CA SER B 934 -28.76 -15.27 24.03
C SER B 934 -28.77 -14.88 25.50
N ILE B 935 -29.12 -15.81 26.39
CA ILE B 935 -29.12 -15.53 27.82
C ILE B 935 -27.79 -15.90 28.46
N LEU B 936 -27.14 -16.96 27.98
CA LEU B 936 -25.94 -17.47 28.63
C LEU B 936 -24.72 -16.59 28.37
N ARG B 937 -24.70 -15.85 27.26
CA ARG B 937 -23.50 -15.08 26.92
C ARG B 937 -23.18 -14.05 28.01
N LYS B 938 -24.20 -13.35 28.51
CA LYS B 938 -23.96 -12.41 29.59
C LYS B 938 -23.69 -13.13 30.91
N ILE B 939 -24.24 -14.32 31.08
CA ILE B 939 -24.01 -15.09 32.31
C ILE B 939 -22.58 -15.61 32.34
N ILE B 940 -22.12 -16.18 31.23
CA ILE B 940 -20.75 -16.69 31.17
C ILE B 940 -19.74 -15.55 31.27
N PHE B 941 -20.07 -14.38 30.73
CA PHE B 941 -19.12 -13.26 30.77
C PHE B 941 -18.92 -12.75 32.19
N TYR B 942 -19.97 -12.76 33.01
CA TYR B 942 -19.91 -12.25 34.37
C TYR B 942 -19.85 -13.35 35.43
N ASN B 943 -19.89 -14.63 35.02
CA ASN B 943 -19.91 -15.75 35.95
C ASN B 943 -21.04 -15.62 36.97
N ASP B 944 -22.21 -15.19 36.49
CA ASP B 944 -23.37 -14.99 37.34
C ASP B 944 -23.98 -16.34 37.72
N LEU B 945 -23.42 -16.94 38.77
CA LEU B 945 -23.98 -18.17 39.30
C LEU B 945 -25.26 -17.95 40.11
N ALA B 946 -25.62 -16.69 40.36
CA ALA B 946 -26.85 -16.37 41.07
C ALA B 946 -28.01 -16.07 40.13
N HIS B 947 -27.80 -16.20 38.82
CA HIS B 947 -28.87 -15.96 37.87
C HIS B 947 -29.96 -17.01 38.01
N PRO B 948 -31.22 -16.64 37.80
CA PRO B 948 -32.32 -17.62 37.89
C PRO B 948 -32.10 -18.87 37.04
N LEU B 949 -31.45 -18.74 35.88
CA LEU B 949 -31.13 -19.91 35.09
C LEU B 949 -30.04 -20.75 35.75
N SER B 950 -29.05 -20.09 36.36
CA SER B 950 -28.02 -20.83 37.08
C SER B 950 -28.61 -21.55 38.29
N ASN B 951 -29.55 -20.91 38.98
CA ASN B 951 -30.20 -21.54 40.12
C ASN B 951 -31.02 -22.76 39.68
N ASN B 952 -31.78 -22.62 38.59
CA ASN B 952 -32.64 -23.71 38.13
C ASN B 952 -31.81 -24.89 37.64
N LEU B 953 -30.63 -24.64 37.06
CA LEU B 953 -29.84 -25.72 36.50
C LEU B 953 -29.27 -26.64 37.58
N ARG B 954 -29.02 -26.10 38.78
CA ARG B 954 -28.53 -26.91 39.88
C ARG B 954 -29.63 -27.36 40.84
N ASN B 955 -30.86 -26.85 40.68
CA ASN B 955 -31.99 -27.34 41.45
C ASN B 955 -32.61 -28.58 40.85
N GLY B 956 -32.44 -28.81 39.55
CA GLY B 956 -32.99 -29.99 38.91
C GLY B 956 -32.43 -30.13 37.51
N HIS B 957 -32.71 -31.28 36.91
CA HIS B 957 -32.27 -31.60 35.56
C HIS B 957 -33.37 -31.34 34.53
N TRP B 958 -34.25 -30.37 34.78
CA TRP B 958 -35.37 -30.13 33.89
C TRP B 958 -34.90 -29.50 32.58
N ALA B 959 -34.17 -28.39 32.68
CA ALA B 959 -33.66 -27.74 31.46
C ALA B 959 -32.67 -28.62 30.73
N VAL B 960 -31.98 -29.52 31.45
CA VAL B 960 -31.04 -30.43 30.80
C VAL B 960 -31.78 -31.40 29.88
N ASP B 961 -32.86 -32.00 30.39
CA ASP B 961 -33.64 -32.93 29.58
C ASP B 961 -34.52 -32.20 28.56
N TYR B 962 -34.84 -30.94 28.80
CA TYR B 962 -35.65 -30.18 27.85
C TYR B 962 -34.91 -29.97 26.52
N VAL B 963 -33.59 -29.80 26.58
CA VAL B 963 -32.83 -29.57 25.36
C VAL B 963 -32.85 -30.81 24.48
N VAL B 964 -32.81 -32.00 25.08
CA VAL B 964 -32.75 -33.23 24.32
C VAL B 964 -34.14 -33.67 23.87
N ASN B 965 -35.15 -33.48 24.73
CA ASN B 965 -36.49 -33.96 24.43
C ASN B 965 -37.21 -33.11 23.39
N ARG B 966 -36.74 -31.89 23.11
CA ARG B 966 -37.35 -31.07 22.08
C ARG B 966 -37.23 -31.73 20.70
N LEU B 967 -36.06 -32.28 20.39
CA LEU B 967 -35.76 -32.77 19.05
C LEU B 967 -36.55 -34.01 18.67
N ASP B 968 -37.38 -34.54 19.58
CA ASP B 968 -38.29 -35.62 19.20
C ASP B 968 -39.33 -35.13 18.20
N LEU B 969 -39.67 -33.83 18.26
CA LEU B 969 -40.62 -33.27 17.30
C LEU B 969 -40.05 -33.22 15.89
N TYR B 970 -38.73 -33.05 15.77
CA TYR B 970 -38.06 -32.90 14.48
C TYR B 970 -37.01 -33.99 14.27
N LYS B 971 -37.22 -35.16 14.87
CA LYS B 971 -36.22 -36.22 14.80
C LYS B 971 -36.04 -36.73 13.37
N ASP B 972 -37.12 -36.80 12.59
CA ASP B 972 -37.05 -37.33 11.25
C ASP B 972 -36.32 -36.42 10.27
N LYS B 973 -35.95 -35.21 10.68
CA LYS B 973 -35.33 -34.27 9.77
C LYS B 973 -33.85 -34.59 9.61
N GLU B 974 -33.25 -33.99 8.58
CA GLU B 974 -31.89 -34.33 8.17
C GLU B 974 -30.89 -33.94 9.24
N GLY B 975 -30.19 -34.94 9.80
CA GLY B 975 -29.13 -34.70 10.75
C GLY B 975 -29.58 -34.37 12.16
N VAL B 976 -30.88 -34.18 12.39
CA VAL B 976 -31.34 -33.81 13.73
C VAL B 976 -31.23 -34.99 14.68
N ALA B 977 -31.42 -36.22 14.18
CA ALA B 977 -31.33 -37.40 15.03
C ALA B 977 -29.92 -37.56 15.60
N GLU B 978 -28.90 -37.35 14.78
CA GLU B 978 -27.52 -37.48 15.26
C GLU B 978 -27.14 -36.31 16.15
N VAL B 979 -27.70 -35.12 15.90
CA VAL B 979 -27.47 -33.99 16.81
C VAL B 979 -28.13 -34.25 18.16
N GLN B 980 -29.32 -34.85 18.15
CA GLN B 980 -30.00 -35.18 19.40
C GLN B 980 -29.22 -36.23 20.19
N GLU B 981 -28.66 -37.23 19.50
CA GLU B 981 -27.93 -38.28 20.20
C GLU B 981 -26.66 -37.75 20.85
N TRP B 982 -25.99 -36.79 20.21
CA TRP B 982 -24.85 -36.16 20.85
C TRP B 982 -25.27 -35.39 22.09
N LEU B 983 -26.40 -34.69 22.02
CA LEU B 983 -26.92 -34.01 23.19
C LEU B 983 -27.39 -35.00 24.24
N ARG B 984 -28.02 -36.11 23.81
CA ARG B 984 -28.50 -37.11 24.75
C ARG B 984 -27.36 -37.75 25.53
N SER B 985 -26.29 -38.13 24.83
CA SER B 985 -25.16 -38.78 25.49
C SER B 985 -24.39 -37.80 26.37
N ARG B 986 -24.32 -36.53 25.97
CA ARG B 986 -23.57 -35.56 26.76
C ARG B 986 -24.39 -35.04 27.95
N MET B 987 -25.69 -34.85 27.76
CA MET B 987 -26.53 -34.43 28.89
C MET B 987 -26.71 -35.54 29.91
N GLU B 988 -26.70 -36.80 29.46
CA GLU B 988 -26.77 -37.92 30.39
C GLU B 988 -25.53 -37.97 31.26
N ARG B 989 -24.35 -37.75 30.67
CA ARG B 989 -23.12 -37.72 31.44
C ARG B 989 -23.09 -36.53 32.40
N ILE B 990 -23.77 -35.44 32.05
CA ILE B 990 -23.76 -34.25 32.89
C ILE B 990 -24.61 -34.47 34.15
N LYS B 991 -25.74 -35.17 34.01
CA LYS B 991 -26.62 -35.38 35.15
C LYS B 991 -25.97 -36.22 36.25
N GLN B 992 -24.91 -36.95 35.93
CA GLN B 992 -24.17 -37.73 36.92
C GLN B 992 -23.18 -36.89 37.70
N LEU B 993 -23.14 -35.59 37.48
CA LEU B 993 -22.23 -34.68 38.16
C LEU B 993 -22.90 -34.08 39.37
N PRO B 994 -22.13 -33.46 40.28
CA PRO B 994 -22.75 -32.69 41.36
C PRO B 994 -23.65 -31.60 40.80
N SER B 995 -24.67 -31.24 41.60
CA SER B 995 -25.65 -30.26 41.13
C SER B 995 -25.02 -28.90 40.86
N TYR B 996 -24.14 -28.45 41.76
CA TYR B 996 -23.52 -27.13 41.62
C TYR B 996 -22.63 -27.00 40.40
N LEU B 997 -22.27 -28.11 39.76
CA LEU B 997 -21.46 -28.08 38.54
C LEU B 997 -22.30 -28.17 37.27
N VAL B 998 -23.60 -28.43 37.38
CA VAL B 998 -24.44 -28.56 36.18
C VAL B 998 -24.51 -27.26 35.37
N PRO B 999 -24.73 -26.08 35.97
CA PRO B 999 -24.83 -24.87 35.15
C PRO B 999 -23.61 -24.61 34.27
N SER B 1000 -22.40 -24.79 34.81
CA SER B 1000 -21.21 -24.54 34.03
C SER B 1000 -21.08 -25.53 32.88
N PHE B 1001 -21.44 -26.79 33.12
CA PHE B 1001 -21.34 -27.79 32.06
C PHE B 1001 -22.52 -27.75 31.10
N PHE B 1002 -23.69 -27.31 31.57
CA PHE B 1002 -24.83 -27.14 30.67
C PHE B 1002 -24.53 -26.08 29.62
N ALA B 1003 -24.00 -24.93 30.05
CA ALA B 1003 -23.65 -23.87 29.11
C ALA B 1003 -22.50 -24.27 28.21
N LEU B 1004 -21.67 -25.21 28.63
CA LEU B 1004 -20.56 -25.65 27.79
C LEU B 1004 -21.04 -26.58 26.68
N VAL B 1005 -21.94 -27.51 26.99
CA VAL B 1005 -22.46 -28.41 25.97
C VAL B 1005 -23.32 -27.65 24.96
N VAL B 1006 -24.17 -26.75 25.45
CA VAL B 1006 -25.01 -25.97 24.55
C VAL B 1006 -24.16 -25.07 23.67
N GLY B 1007 -23.13 -24.45 24.24
CA GLY B 1007 -22.28 -23.56 23.47
C GLY B 1007 -21.50 -24.27 22.39
N ILE B 1008 -21.05 -25.51 22.66
CA ILE B 1008 -20.30 -26.26 21.67
C ILE B 1008 -21.18 -26.65 20.49
N MET B 1009 -22.34 -27.24 20.78
CA MET B 1009 -23.25 -27.65 19.72
C MET B 1009 -23.78 -26.45 18.94
N TYR B 1010 -23.94 -25.31 19.61
CA TYR B 1010 -24.38 -24.10 18.92
C TYR B 1010 -23.33 -23.65 17.90
N GLY B 1011 -22.07 -23.59 18.33
CA GLY B 1011 -21.01 -23.17 17.42
C GLY B 1011 -20.83 -24.12 16.25
N CYS B 1012 -21.00 -25.43 16.49
CA CYS B 1012 -20.89 -26.39 15.41
C CYS B 1012 -22.05 -26.25 14.42
N CYS B 1013 -23.25 -25.95 14.94
CA CYS B 1013 -24.38 -25.70 14.07
C CYS B 1013 -24.20 -24.41 13.28
N ARG B 1014 -23.67 -23.37 13.93
CA ARG B 1014 -23.44 -22.11 13.25
C ARG B 1014 -22.30 -22.22 12.25
N LEU B 1015 -21.28 -23.02 12.55
CA LEU B 1015 -20.23 -23.26 11.57
C LEU B 1015 -20.77 -24.05 10.37
N ARG B 1016 -21.60 -25.06 10.64
CA ARG B 1016 -22.20 -25.84 9.56
C ARG B 1016 -23.03 -24.96 8.63
N ALA B 1017 -23.67 -23.92 9.19
CA ALA B 1017 -24.45 -23.01 8.37
C ALA B 1017 -23.56 -22.21 7.43
N MET B 1018 -22.45 -21.68 7.95
CA MET B 1018 -21.54 -20.91 7.11
C MET B 1018 -20.89 -21.78 6.03
N GLN B 1019 -20.73 -23.08 6.29
CA GLN B 1019 -20.15 -23.97 5.29
C GLN B 1019 -21.14 -24.23 4.17
N LEU B 1020 -22.43 -24.34 4.49
CA LEU B 1020 -23.45 -24.58 3.48
C LEU B 1020 -23.77 -23.34 2.66
N MET B 1021 -23.44 -22.16 3.16
CA MET B 1021 -23.73 -20.92 2.45
C MET B 1021 -22.58 -20.56 1.51
N SER B 1022 -22.70 -19.41 0.86
CA SER B 1022 -21.75 -18.97 -0.15
C SER B 1022 -20.48 -18.41 0.51
N ASP B 1023 -19.55 -17.97 -0.33
CA ASP B 1023 -18.25 -17.50 0.16
C ASP B 1023 -18.32 -16.09 0.73
N ASN B 1024 -19.12 -15.21 0.13
CA ASN B 1024 -19.21 -13.85 0.63
C ASN B 1024 -19.75 -13.81 2.06
N VAL B 1025 -20.62 -14.75 2.41
CA VAL B 1025 -21.13 -14.84 3.77
C VAL B 1025 -20.19 -15.66 4.65
N GLY B 1026 -19.70 -16.79 4.15
CA GLY B 1026 -18.86 -17.68 4.90
C GLY B 1026 -17.44 -17.21 5.14
N LYS B 1027 -17.14 -15.95 4.83
CA LYS B 1027 -15.81 -15.39 5.05
C LYS B 1027 -15.86 -13.99 5.64
N SER B 1028 -17.01 -13.54 6.13
CA SER B 1028 -17.22 -12.14 6.45
C SER B 1028 -17.19 -11.92 7.97
N THR B 1029 -17.52 -10.69 8.39
CA THR B 1029 -17.52 -10.32 9.78
C THR B 1029 -18.68 -11.01 10.52
N VAL B 1030 -18.62 -10.94 11.85
CA VAL B 1030 -19.71 -11.47 12.67
C VAL B 1030 -21.03 -10.81 12.29
N PHE B 1031 -20.99 -9.51 12.00
CA PHE B 1031 -22.22 -8.79 11.69
C PHE B 1031 -22.89 -9.33 10.43
N VAL B 1032 -22.09 -9.63 9.40
CA VAL B 1032 -22.67 -10.18 8.18
C VAL B 1032 -23.18 -11.60 8.41
N GLN B 1033 -22.42 -12.41 9.14
CA GLN B 1033 -22.87 -13.76 9.45
C GLN B 1033 -24.07 -13.75 10.38
N SER B 1034 -24.12 -12.78 11.31
CA SER B 1034 -25.30 -12.66 12.17
C SER B 1034 -26.53 -12.30 11.35
N LEU B 1035 -26.37 -11.44 10.34
CA LEU B 1035 -27.46 -11.17 9.42
C LEU B 1035 -27.82 -12.39 8.59
N ALA B 1036 -26.82 -13.21 8.23
CA ALA B 1036 -27.08 -14.38 7.40
C ALA B 1036 -27.82 -15.46 8.17
N MET B 1037 -27.62 -15.54 9.49
CA MET B 1037 -28.34 -16.54 10.28
C MET B 1037 -29.83 -16.26 10.35
N THR B 1038 -30.27 -15.04 10.00
CA THR B 1038 -31.69 -14.76 9.94
C THR B 1038 -32.38 -15.57 8.85
N SER B 1039 -31.64 -15.95 7.81
CA SER B 1039 -32.20 -16.79 6.76
C SER B 1039 -32.68 -18.13 7.32
N ILE B 1040 -31.93 -18.68 8.28
CA ILE B 1040 -32.34 -19.95 8.88
C ILE B 1040 -33.49 -19.75 9.85
N GLN B 1041 -33.57 -18.59 10.50
CA GLN B 1041 -34.66 -18.32 11.42
C GLN B 1041 -36.01 -18.30 10.71
N MET B 1042 -36.02 -17.89 9.44
CA MET B 1042 -37.26 -17.69 8.70
C MET B 1042 -37.66 -18.88 7.84
N VAL B 1043 -36.70 -19.63 7.30
CA VAL B 1043 -36.99 -20.73 6.39
C VAL B 1043 -37.15 -22.00 7.21
N SER B 1044 -38.38 -22.49 7.30
CA SER B 1044 -38.67 -23.70 8.05
C SER B 1044 -39.86 -24.40 7.43
N ALA B 1045 -39.91 -25.73 7.60
CA ALA B 1045 -41.09 -26.50 7.24
C ALA B 1045 -42.03 -26.56 8.43
N MET B 1046 -43.33 -26.50 8.16
CA MET B 1046 -44.34 -26.41 9.20
C MET B 1046 -45.38 -27.51 8.99
N LYS B 1047 -46.37 -27.54 9.89
CA LYS B 1047 -47.50 -28.45 9.80
C LYS B 1047 -48.81 -27.76 9.48
N SER B 1048 -48.99 -26.51 9.93
CA SER B 1048 -50.23 -25.78 9.73
C SER B 1048 -50.20 -24.89 8.50
N THR B 1049 -49.07 -24.77 7.82
CA THR B 1049 -48.96 -23.92 6.64
C THR B 1049 -47.72 -24.31 5.86
N SER B 1050 -47.63 -23.77 4.65
CA SER B 1050 -46.51 -24.01 3.73
C SER B 1050 -46.66 -23.03 2.58
N ILE B 1051 -45.86 -23.22 1.52
CA ILE B 1051 -46.01 -22.45 0.30
C ILE B 1051 -46.72 -23.24 -0.78
N LEU B 1052 -46.92 -24.54 -0.60
CA LEU B 1052 -47.62 -25.41 -1.53
C LEU B 1052 -48.84 -26.04 -0.86
N PRO B 1053 -49.96 -26.14 -1.56
CA PRO B 1053 -51.14 -26.79 -0.95
C PRO B 1053 -51.02 -28.29 -0.87
N ASP B 1054 -50.11 -28.88 -1.64
CA ASP B 1054 -50.01 -30.33 -1.66
C ASP B 1054 -49.15 -30.85 -0.51
N GLN B 1055 -47.91 -30.39 -0.43
CA GLN B 1055 -47.01 -30.86 0.59
C GLN B 1055 -46.67 -29.69 1.53
N ASN B 1056 -46.00 -30.02 2.62
CA ASN B 1056 -45.58 -29.02 3.59
C ASN B 1056 -44.06 -28.96 3.56
N ILE B 1057 -43.53 -27.97 2.85
CA ILE B 1057 -42.09 -27.82 2.70
C ILE B 1057 -41.65 -26.52 3.36
N ALA B 1058 -40.40 -26.12 3.08
CA ALA B 1058 -39.84 -24.93 3.70
C ALA B 1058 -40.54 -23.68 3.19
N ALA B 1059 -40.91 -22.79 4.12
CA ALA B 1059 -41.59 -21.55 3.79
C ALA B 1059 -40.99 -20.41 4.58
N MET B 1060 -40.60 -19.34 3.88
CA MET B 1060 -40.02 -18.18 4.54
C MET B 1060 -41.09 -17.43 5.32
N ALA B 1061 -40.88 -17.29 6.62
CA ALA B 1061 -41.81 -16.55 7.46
C ALA B 1061 -41.55 -15.05 7.30
N ALA B 1062 -42.60 -14.26 7.53
CA ALA B 1062 -42.45 -12.81 7.49
C ALA B 1062 -41.65 -12.32 8.69
N GLY B 1063 -41.95 -12.84 9.87
CA GLY B 1063 -41.23 -12.44 11.07
C GLY B 1063 -41.63 -13.29 12.25
N LEU B 1064 -40.75 -13.32 13.24
CA LEU B 1064 -41.01 -14.10 14.45
C LEU B 1064 -41.31 -13.17 15.61
N PRO B 1065 -42.25 -13.56 16.50
CA PRO B 1065 -43.02 -14.79 16.40
C PRO B 1065 -44.44 -14.61 15.86
N HIS B 1066 -44.80 -13.37 15.55
CA HIS B 1066 -46.18 -13.02 15.22
C HIS B 1066 -46.54 -13.29 13.77
N PHE B 1067 -45.59 -13.73 12.94
CA PHE B 1067 -45.85 -14.04 11.53
C PHE B 1067 -45.18 -15.37 11.17
N SER B 1068 -45.63 -16.44 11.82
CA SER B 1068 -44.99 -17.74 11.66
C SER B 1068 -45.95 -18.92 11.54
N THR B 1069 -47.21 -18.80 11.94
CA THR B 1069 -48.12 -19.92 11.98
C THR B 1069 -49.39 -19.62 11.17
N ASN B 1070 -49.93 -20.66 10.55
CA ASN B 1070 -51.21 -20.63 9.84
C ASN B 1070 -51.10 -19.63 8.68
N TYR B 1071 -52.15 -18.85 8.41
CA TYR B 1071 -52.17 -17.91 7.30
C TYR B 1071 -51.27 -16.71 7.53
N MET B 1072 -50.69 -16.55 8.73
CA MET B 1072 -49.90 -15.37 9.07
C MET B 1072 -48.43 -15.51 8.71
N ARG B 1073 -48.00 -16.66 8.19
CA ARG B 1073 -46.57 -16.88 7.95
C ARG B 1073 -46.14 -16.27 6.62
N CYS B 1074 -46.65 -16.79 5.51
CA CYS B 1074 -46.18 -16.40 4.19
C CYS B 1074 -46.92 -15.16 3.70
N TRP B 1075 -46.18 -14.18 3.21
CA TRP B 1075 -46.73 -12.98 2.58
C TRP B 1075 -45.95 -12.70 1.31
N GLY B 1076 -46.66 -12.62 0.18
CA GLY B 1076 -45.98 -12.48 -1.11
C GLY B 1076 -45.10 -11.25 -1.18
N ARG B 1077 -45.62 -10.10 -0.75
CA ARG B 1077 -44.80 -8.89 -0.74
C ARG B 1077 -43.58 -9.05 0.15
N ASP B 1078 -43.73 -9.69 1.30
CA ASP B 1078 -42.63 -9.81 2.25
C ASP B 1078 -41.59 -10.82 1.79
N VAL B 1079 -42.02 -11.88 1.08
CA VAL B 1079 -41.09 -12.94 0.71
C VAL B 1079 -40.11 -12.46 -0.37
N PHE B 1080 -40.62 -11.79 -1.40
CA PHE B 1080 -39.80 -11.46 -2.55
C PHE B 1080 -39.00 -10.17 -2.39
N ILE B 1081 -39.29 -9.38 -1.36
CA ILE B 1081 -38.38 -8.28 -1.02
C ILE B 1081 -37.14 -8.83 -0.33
N SER B 1082 -37.31 -9.86 0.49
CA SER B 1082 -36.21 -10.50 1.22
C SER B 1082 -35.62 -11.70 0.49
N LEU B 1083 -36.12 -12.02 -0.71
CA LEU B 1083 -35.62 -13.20 -1.42
C LEU B 1083 -34.17 -13.05 -1.83
N ARG B 1084 -33.79 -11.88 -2.33
CA ARG B 1084 -32.43 -11.68 -2.81
C ARG B 1084 -31.42 -11.68 -1.66
N GLY B 1085 -31.80 -11.09 -0.52
CA GLY B 1085 -30.89 -10.99 0.61
C GLY B 1085 -30.71 -12.27 1.38
N LEU B 1086 -31.82 -12.91 1.76
CA LEU B 1086 -31.78 -14.08 2.61
C LEU B 1086 -31.51 -15.39 1.86
N LEU B 1087 -31.77 -15.43 0.56
CA LEU B 1087 -31.62 -16.66 -0.20
C LEU B 1087 -30.58 -16.57 -1.31
N LEU B 1088 -30.54 -15.46 -2.06
CA LEU B 1088 -29.61 -15.36 -3.17
C LEU B 1088 -28.22 -14.96 -2.70
N THR B 1089 -28.14 -13.97 -1.81
CA THR B 1089 -26.84 -13.57 -1.25
C THR B 1089 -26.21 -14.70 -0.46
N THR B 1090 -27.03 -15.51 0.21
CA THR B 1090 -26.52 -16.61 1.03
C THR B 1090 -26.23 -17.86 0.22
N GLY B 1091 -26.83 -17.99 -0.97
CA GLY B 1091 -26.62 -19.15 -1.81
C GLY B 1091 -27.74 -20.17 -1.80
N ARG B 1092 -28.86 -19.88 -1.15
CA ARG B 1092 -30.02 -20.80 -1.13
C ARG B 1092 -30.76 -20.67 -2.46
N TYR B 1093 -30.12 -21.18 -3.52
CA TYR B 1093 -30.68 -21.05 -4.86
C TYR B 1093 -31.90 -21.94 -5.03
N GLU B 1094 -31.77 -23.22 -4.66
CA GLU B 1094 -32.88 -24.16 -4.82
C GLU B 1094 -34.07 -23.75 -3.95
N GLU B 1095 -33.81 -23.18 -2.77
CA GLU B 1095 -34.90 -22.70 -1.93
C GLU B 1095 -35.53 -21.44 -2.50
N ALA B 1096 -34.73 -20.60 -3.16
CA ALA B 1096 -35.28 -19.40 -3.81
C ALA B 1096 -36.14 -19.76 -5.01
N LYS B 1097 -35.83 -20.86 -5.68
CA LYS B 1097 -36.65 -21.29 -6.81
C LYS B 1097 -38.00 -21.82 -6.35
N GLU B 1098 -38.02 -22.55 -5.23
CA GLU B 1098 -39.27 -23.11 -4.73
C GLU B 1098 -40.29 -22.03 -4.42
N HIS B 1099 -39.84 -20.92 -3.83
CA HIS B 1099 -40.77 -19.85 -3.48
C HIS B 1099 -41.28 -19.11 -4.73
N ILE B 1100 -40.44 -19.01 -5.77
CA ILE B 1100 -40.89 -18.38 -6.99
C ILE B 1100 -41.92 -19.24 -7.71
N LEU B 1101 -41.70 -20.56 -7.74
CA LEU B 1101 -42.64 -21.45 -8.40
C LEU B 1101 -43.94 -21.57 -7.60
N ALA B 1102 -43.84 -21.66 -6.26
CA ALA B 1102 -45.03 -21.81 -5.44
C ALA B 1102 -45.96 -20.62 -5.56
N PHE B 1103 -45.39 -19.41 -5.62
CA PHE B 1103 -46.20 -18.22 -5.82
C PHE B 1103 -46.61 -18.06 -7.28
N ALA B 1104 -45.84 -18.62 -8.22
CA ALA B 1104 -46.27 -18.54 -9.61
C ALA B 1104 -47.55 -19.31 -9.87
N LYS B 1105 -47.86 -20.33 -9.07
CA LYS B 1105 -49.14 -21.02 -9.26
C LYS B 1105 -50.31 -20.16 -8.76
N THR B 1106 -50.04 -19.19 -7.90
CA THR B 1106 -51.09 -18.40 -7.26
C THR B 1106 -51.31 -17.07 -7.97
N LEU B 1107 -51.16 -17.08 -9.29
CA LEU B 1107 -51.37 -15.89 -10.10
C LEU B 1107 -52.86 -15.72 -10.38
N LYS B 1108 -53.35 -14.49 -10.25
CA LYS B 1108 -54.75 -14.19 -10.56
C LYS B 1108 -54.87 -12.67 -10.62
N HIS B 1109 -55.72 -12.18 -11.54
CA HIS B 1109 -55.82 -10.75 -11.86
C HIS B 1109 -54.49 -10.18 -12.32
N GLY B 1110 -53.60 -11.01 -12.83
CA GLY B 1110 -52.25 -10.57 -13.16
C GLY B 1110 -51.45 -10.07 -11.97
N LEU B 1111 -51.70 -10.65 -10.80
CA LEU B 1111 -51.08 -10.20 -9.55
C LEU B 1111 -50.71 -11.38 -8.67
N ILE B 1112 -49.77 -11.10 -7.77
CA ILE B 1112 -49.33 -12.05 -6.74
C ILE B 1112 -50.08 -11.71 -5.46
N PRO B 1113 -50.64 -12.71 -4.77
CA PRO B 1113 -51.45 -12.41 -3.58
C PRO B 1113 -50.59 -11.90 -2.43
N ASN B 1114 -51.18 -10.99 -1.66
CA ASN B 1114 -50.51 -10.49 -0.46
C ASN B 1114 -50.40 -11.60 0.57
N LEU B 1115 -51.52 -12.23 0.91
CA LEU B 1115 -51.56 -13.41 1.76
C LEU B 1115 -51.63 -14.69 0.92
N LEU B 1116 -50.62 -15.56 1.04
CA LEU B 1116 -50.58 -16.88 0.41
C LEU B 1116 -50.96 -17.96 1.41
N ASP B 1117 -52.10 -18.61 1.20
CA ASP B 1117 -52.51 -19.74 2.03
C ASP B 1117 -52.10 -21.06 1.40
N ALA B 1118 -50.79 -21.19 1.13
CA ALA B 1118 -50.23 -22.36 0.46
C ALA B 1118 -50.80 -22.50 -0.95
N GLY B 1119 -52.08 -22.83 -1.06
CA GLY B 1119 -52.76 -22.96 -2.33
C GLY B 1119 -54.25 -22.81 -2.17
N ARG B 1120 -54.67 -22.43 -0.97
CA ARG B 1120 -56.08 -22.21 -0.68
C ARG B 1120 -56.33 -20.71 -0.78
N ASN B 1121 -57.53 -20.23 -0.36
CA ASN B 1121 -57.96 -18.83 -0.47
C ASN B 1121 -56.85 -17.81 -0.24
N PRO B 1122 -56.18 -17.36 -1.31
CA PRO B 1122 -55.14 -16.33 -1.19
C PRO B 1122 -55.67 -14.94 -1.44
N ARG B 1123 -55.99 -14.15 -0.43
CA ARG B 1123 -56.65 -12.87 -0.67
C ARG B 1123 -55.75 -11.92 -1.45
N TYR B 1124 -56.28 -11.42 -2.56
CA TYR B 1124 -55.57 -10.55 -3.49
C TYR B 1124 -55.83 -9.07 -3.22
N ASN B 1125 -55.42 -8.66 -2.02
CA ASN B 1125 -55.45 -7.28 -1.57
C ASN B 1125 -54.13 -6.57 -1.84
N ALA B 1126 -53.43 -6.94 -2.92
CA ALA B 1126 -52.08 -6.47 -3.20
C ALA B 1126 -52.00 -5.83 -4.58
N ARG B 1127 -51.43 -4.62 -4.63
CA ARG B 1127 -50.98 -3.99 -5.87
C ARG B 1127 -49.45 -3.95 -6.00
N ASP B 1128 -48.71 -4.26 -4.92
CA ASP B 1128 -47.25 -4.29 -4.90
C ASP B 1128 -46.60 -5.65 -5.14
N ALA B 1129 -47.23 -6.75 -4.70
CA ALA B 1129 -46.51 -8.02 -4.60
C ALA B 1129 -45.99 -8.54 -5.94
N ALA B 1130 -46.79 -8.43 -6.99
CA ALA B 1130 -46.40 -9.01 -8.28
C ALA B 1130 -45.15 -8.36 -8.85
N TRP B 1131 -44.90 -7.09 -8.55
CA TRP B 1131 -43.74 -6.41 -9.13
C TRP B 1131 -42.47 -6.65 -8.33
N PHE B 1132 -42.56 -6.82 -7.01
CA PHE B 1132 -41.42 -7.35 -6.28
C PHE B 1132 -41.15 -8.79 -6.67
N PHE B 1133 -42.21 -9.53 -7.00
CA PHE B 1133 -42.04 -10.91 -7.45
C PHE B 1133 -41.29 -10.98 -8.77
N VAL B 1134 -41.61 -10.06 -9.70
CA VAL B 1134 -40.89 -10.09 -10.97
C VAL B 1134 -39.46 -9.58 -10.81
N GLN B 1135 -39.19 -8.79 -9.77
CA GLN B 1135 -37.82 -8.32 -9.51
C GLN B 1135 -36.96 -9.45 -8.96
N ALA B 1136 -37.54 -10.30 -8.11
CA ALA B 1136 -36.82 -11.46 -7.59
C ALA B 1136 -36.51 -12.46 -8.69
N ILE B 1137 -37.39 -12.58 -9.69
CA ILE B 1137 -37.11 -13.44 -10.82
C ILE B 1137 -35.89 -12.94 -11.57
N GLN B 1138 -35.79 -11.62 -11.78
CA GLN B 1138 -34.61 -11.05 -12.41
C GLN B 1138 -33.36 -11.31 -11.60
N ASP B 1139 -33.45 -11.15 -10.28
CA ASP B 1139 -32.31 -11.40 -9.41
C ASP B 1139 -31.90 -12.87 -9.42
N TYR B 1140 -32.87 -13.78 -9.54
CA TYR B 1140 -32.53 -15.20 -9.63
C TYR B 1140 -31.73 -15.48 -10.89
N VAL B 1141 -32.19 -14.97 -12.03
CA VAL B 1141 -31.47 -15.16 -13.28
C VAL B 1141 -30.11 -14.48 -13.24
N THR B 1142 -30.03 -13.32 -12.60
CA THR B 1142 -28.78 -12.57 -12.60
C THR B 1142 -27.72 -13.25 -11.72
N ILE B 1143 -28.13 -13.85 -10.61
CA ILE B 1143 -27.19 -14.37 -9.62
C ILE B 1143 -26.94 -15.87 -9.84
N VAL B 1144 -28.02 -16.65 -9.91
CA VAL B 1144 -27.89 -18.10 -10.01
C VAL B 1144 -27.25 -18.45 -11.33
N PRO B 1145 -26.15 -19.22 -11.33
CA PRO B 1145 -25.54 -19.64 -12.60
C PRO B 1145 -26.51 -20.52 -13.38
N GLY B 1146 -26.73 -20.16 -14.64
CA GLY B 1146 -27.74 -20.84 -15.42
C GLY B 1146 -29.16 -20.56 -14.98
N GLY B 1147 -29.39 -19.39 -14.38
CA GLY B 1147 -30.71 -19.00 -13.90
C GLY B 1147 -31.72 -18.68 -14.96
N VAL B 1148 -31.29 -18.51 -16.22
CA VAL B 1148 -32.21 -18.26 -17.31
C VAL B 1148 -33.18 -19.42 -17.51
N SER B 1149 -32.84 -20.61 -17.03
CA SER B 1149 -33.71 -21.77 -17.07
C SER B 1149 -34.97 -21.62 -16.22
N LEU B 1150 -34.99 -20.66 -15.29
CA LEU B 1150 -36.16 -20.47 -14.44
C LEU B 1150 -37.38 -20.09 -15.25
N LEU B 1151 -37.17 -19.40 -16.38
CA LEU B 1151 -38.27 -18.92 -17.20
C LEU B 1151 -39.06 -20.08 -17.81
N GLN B 1152 -38.38 -21.18 -18.10
CA GLN B 1152 -38.97 -22.35 -18.75
C GLN B 1152 -39.40 -23.42 -17.75
N GLU B 1153 -39.39 -23.11 -16.46
CA GLU B 1153 -39.88 -24.03 -15.44
C GLU B 1153 -41.40 -24.05 -15.48
N LYS B 1154 -41.99 -25.23 -15.59
CA LYS B 1154 -43.43 -25.38 -15.71
C LYS B 1154 -44.07 -25.61 -14.33
N VAL B 1155 -45.05 -24.78 -14.00
CA VAL B 1155 -45.83 -24.95 -12.77
C VAL B 1155 -47.19 -25.49 -13.15
N THR B 1156 -48.05 -25.70 -12.15
CA THR B 1156 -49.46 -26.06 -12.37
C THR B 1156 -50.35 -24.97 -11.74
N ARG B 1157 -50.87 -24.05 -12.57
CA ARG B 1157 -51.72 -22.94 -12.14
C ARG B 1157 -53.01 -23.43 -11.50
N ARG B 1158 -53.12 -23.22 -10.19
CA ARG B 1158 -54.26 -23.71 -9.44
C ARG B 1158 -55.41 -22.70 -9.55
N PHE B 1159 -55.49 -22.01 -10.68
CA PHE B 1159 -56.50 -20.98 -10.91
C PHE B 1159 -56.75 -20.85 -12.42
N PRO B 1160 -57.98 -20.54 -12.83
CA PRO B 1160 -58.26 -20.35 -14.26
C PRO B 1160 -57.53 -19.15 -14.82
N LEU B 1161 -57.37 -19.14 -16.14
CA LEU B 1161 -56.67 -18.02 -16.78
C LEU B 1161 -57.44 -16.72 -16.61
N ASP B 1162 -58.76 -16.79 -16.57
CA ASP B 1162 -59.57 -15.62 -16.29
C ASP B 1162 -59.75 -15.48 -14.78
N ASP B 1163 -60.36 -14.36 -14.41
CA ASP B 1163 -60.60 -13.98 -13.02
C ASP B 1163 -61.99 -14.44 -12.58
N GLU B 1164 -62.14 -15.75 -12.39
CA GLU B 1164 -63.42 -16.32 -11.98
C GLU B 1164 -63.57 -16.44 -10.46
N TYR B 1165 -63.70 -17.68 -9.97
CA TYR B 1165 -63.94 -18.04 -8.57
C TYR B 1165 -62.87 -18.99 -8.02
N ILE B 1166 -63.12 -19.57 -6.85
CA ILE B 1166 -62.15 -20.38 -6.12
C ILE B 1166 -62.49 -21.85 -6.31
N PRO B 1167 -61.92 -22.52 -7.31
CA PRO B 1167 -62.17 -23.95 -7.51
C PRO B 1167 -61.13 -24.85 -6.86
N TYR B 1168 -60.97 -24.87 -5.53
CA TYR B 1168 -59.85 -25.61 -4.95
C TYR B 1168 -59.97 -27.11 -5.25
N ASP B 1169 -61.19 -27.65 -5.15
CA ASP B 1169 -61.49 -29.05 -5.47
C ASP B 1169 -62.20 -29.06 -6.82
N ASP B 1170 -61.42 -29.05 -7.90
CA ASP B 1170 -61.96 -28.97 -9.25
C ASP B 1170 -60.91 -29.46 -10.23
N PRO B 1171 -61.32 -29.84 -11.45
CA PRO B 1171 -60.33 -30.09 -12.50
C PRO B 1171 -59.54 -28.85 -12.86
N LYS B 1172 -60.02 -27.65 -12.52
CA LYS B 1172 -59.25 -26.45 -12.82
C LYS B 1172 -58.04 -26.28 -11.92
N ALA B 1173 -57.82 -27.20 -10.98
CA ALA B 1173 -56.64 -27.14 -10.14
C ALA B 1173 -55.42 -27.52 -10.97
N PHE B 1174 -55.41 -28.73 -11.50
CA PHE B 1174 -54.35 -29.12 -12.41
C PHE B 1174 -54.55 -28.31 -13.69
N SER B 1175 -55.56 -28.69 -14.47
CA SER B 1175 -55.93 -28.08 -15.74
C SER B 1175 -54.77 -27.82 -16.69
N TYR B 1176 -54.17 -26.63 -16.62
CA TYR B 1176 -53.12 -26.21 -17.54
C TYR B 1176 -51.87 -25.86 -16.76
N SER B 1177 -50.72 -25.97 -17.42
CA SER B 1177 -49.47 -25.57 -16.81
C SER B 1177 -49.14 -24.13 -17.23
N SER B 1178 -48.08 -23.58 -16.66
CA SER B 1178 -47.68 -22.24 -17.04
C SER B 1178 -46.19 -22.11 -16.81
N THR B 1179 -45.44 -21.82 -17.87
CA THR B 1179 -44.04 -21.49 -17.69
C THR B 1179 -43.92 -20.11 -17.07
N ILE B 1180 -42.78 -19.87 -16.40
CA ILE B 1180 -42.57 -18.54 -15.82
C ILE B 1180 -42.47 -17.48 -16.92
N GLU B 1181 -42.02 -17.88 -18.12
CA GLU B 1181 -41.92 -16.94 -19.23
C GLU B 1181 -43.25 -16.30 -19.54
N GLU B 1182 -44.32 -17.11 -19.63
CA GLU B 1182 -45.63 -16.56 -19.89
C GLU B 1182 -46.29 -15.97 -18.65
N ILE B 1183 -45.84 -16.36 -17.46
CA ILE B 1183 -46.36 -15.74 -16.23
C ILE B 1183 -45.92 -14.28 -16.15
N ILE B 1184 -44.66 -14.01 -16.49
CA ILE B 1184 -44.17 -12.62 -16.50
C ILE B 1184 -44.94 -11.80 -17.53
N TYR B 1185 -45.09 -12.35 -18.74
CA TYR B 1185 -45.85 -11.66 -19.77
C TYR B 1185 -47.32 -11.52 -19.40
N GLU B 1186 -47.86 -12.49 -18.66
CA GLU B 1186 -49.25 -12.38 -18.20
C GLU B 1186 -49.44 -11.20 -17.25
N ILE B 1187 -48.41 -10.85 -16.48
CA ILE B 1187 -48.50 -9.71 -15.58
C ILE B 1187 -48.38 -8.40 -16.35
N LEU B 1188 -47.41 -8.32 -17.26
CA LEU B 1188 -47.23 -7.10 -18.03
C LEU B 1188 -48.43 -6.79 -18.92
N ASN B 1189 -49.03 -7.82 -19.49
CA ASN B 1189 -50.14 -7.59 -20.41
C ASN B 1189 -51.47 -7.40 -19.68
N ARG B 1190 -51.69 -8.09 -18.56
CA ARG B 1190 -52.96 -7.96 -17.85
C ARG B 1190 -53.10 -6.56 -17.24
N HIS B 1191 -51.99 -6.03 -16.72
CA HIS B 1191 -51.93 -4.67 -16.21
C HIS B 1191 -52.19 -3.65 -17.31
N ALA B 1192 -51.53 -3.80 -18.46
CA ALA B 1192 -51.68 -2.85 -19.54
C ALA B 1192 -53.08 -2.92 -20.14
N GLY B 1193 -53.58 -4.13 -20.35
CA GLY B 1193 -54.92 -4.35 -20.87
C GLY B 1193 -56.01 -3.94 -19.90
N GLY B 1194 -55.61 -3.46 -18.73
CA GLY B 1194 -56.56 -3.02 -17.72
C GLY B 1194 -57.10 -4.17 -16.90
N ILE B 1195 -57.08 -4.03 -15.58
CA ILE B 1195 -57.62 -5.04 -14.68
C ILE B 1195 -58.71 -4.40 -13.82
N LYS B 1196 -59.77 -5.16 -13.60
CA LYS B 1196 -60.92 -4.74 -12.78
C LYS B 1196 -61.53 -5.95 -12.12
N TYR B 1197 -61.57 -5.95 -10.79
CA TYR B 1197 -62.17 -7.08 -10.08
C TYR B 1197 -62.61 -6.63 -8.70
N ARG B 1198 -63.69 -7.24 -8.22
CA ARG B 1198 -64.08 -7.11 -6.82
C ARG B 1198 -63.64 -8.36 -6.08
N GLU B 1199 -63.13 -8.17 -4.87
CA GLU B 1199 -62.51 -9.30 -4.20
C GLU B 1199 -63.52 -10.43 -4.00
N ALA B 1200 -63.09 -11.65 -4.27
CA ALA B 1200 -63.95 -12.80 -4.13
C ALA B 1200 -64.25 -13.08 -2.67
N ASN B 1201 -65.46 -13.59 -2.41
CA ASN B 1201 -65.91 -13.97 -1.07
C ASN B 1201 -65.88 -12.78 -0.10
N ALA B 1202 -66.09 -11.57 -0.63
CA ALA B 1202 -66.04 -10.35 0.15
C ALA B 1202 -67.14 -10.32 1.20
N GLY B 1203 -66.83 -9.82 2.39
CA GLY B 1203 -67.79 -9.83 3.46
C GLY B 1203 -67.14 -10.07 4.80
N PRO B 1204 -67.94 -10.43 5.80
CA PRO B 1204 -67.36 -10.75 7.10
C PRO B 1204 -66.38 -11.90 7.02
N ASN B 1205 -66.52 -12.76 6.01
CA ASN B 1205 -65.57 -13.86 5.82
C ASN B 1205 -64.16 -13.36 5.54
N LEU B 1206 -64.03 -12.25 4.81
CA LEU B 1206 -62.73 -11.64 4.57
C LEU B 1206 -62.40 -10.50 5.53
N ASP B 1207 -61.99 -9.37 4.97
CA ASP B 1207 -61.54 -8.23 5.75
C ASP B 1207 -62.72 -7.68 6.53
N ARG B 1208 -62.71 -7.92 7.84
CA ARG B 1208 -63.81 -7.57 8.73
C ARG B 1208 -63.88 -6.08 9.05
N VAL B 1209 -63.15 -5.24 8.31
CA VAL B 1209 -63.28 -3.80 8.49
C VAL B 1209 -63.44 -3.11 7.15
N MET B 1210 -62.95 -3.73 6.08
CA MET B 1210 -62.98 -3.11 4.77
C MET B 1210 -64.40 -2.85 4.28
N LYS B 1211 -64.60 -1.68 3.67
CA LYS B 1211 -65.90 -1.28 3.18
C LYS B 1211 -66.19 -1.95 1.84
N ASP B 1212 -67.46 -1.86 1.42
CA ASP B 1212 -67.90 -2.55 0.22
C ASP B 1212 -67.17 -2.04 -1.02
N GLU B 1213 -66.99 -0.72 -1.11
CA GLU B 1213 -66.30 -0.13 -2.25
C GLU B 1213 -64.81 -0.51 -2.28
N GLY B 1214 -64.23 -0.83 -1.12
CA GLY B 1214 -62.82 -1.15 -1.09
C GLY B 1214 -62.49 -2.48 -1.76
N PHE B 1215 -63.44 -3.42 -1.72
CA PHE B 1215 -63.20 -4.73 -2.33
C PHE B 1215 -63.14 -4.62 -3.84
N ASN B 1216 -63.76 -3.59 -4.41
CA ASN B 1216 -63.70 -3.33 -5.84
C ASN B 1216 -62.40 -2.60 -6.15
N VAL B 1217 -61.39 -3.36 -6.58
CA VAL B 1217 -60.10 -2.81 -6.96
C VAL B 1217 -59.92 -2.88 -8.47
N GLU B 1218 -59.39 -1.81 -9.06
CA GLU B 1218 -59.09 -1.77 -10.48
C GLU B 1218 -57.73 -1.10 -10.63
N VAL B 1219 -57.00 -1.53 -11.66
CA VAL B 1219 -55.62 -1.11 -11.87
C VAL B 1219 -55.52 -0.73 -13.34
N ASN B 1220 -54.86 0.38 -13.62
CA ASN B 1220 -54.81 0.83 -14.99
C ASN B 1220 -53.50 1.52 -15.26
N VAL B 1221 -53.17 1.62 -16.53
CA VAL B 1221 -51.93 2.23 -16.98
C VAL B 1221 -52.26 3.49 -17.76
N ASP B 1222 -51.72 4.62 -17.31
CA ASP B 1222 -51.84 5.84 -18.09
C ASP B 1222 -50.86 5.78 -19.25
N TRP B 1223 -51.38 5.58 -20.46
CA TRP B 1223 -50.52 5.32 -21.61
C TRP B 1223 -49.90 6.58 -22.19
N GLU B 1224 -50.14 7.75 -21.60
CA GLU B 1224 -49.35 8.92 -21.95
C GLU B 1224 -48.04 9.01 -21.17
N THR B 1225 -47.89 8.26 -20.08
CA THR B 1225 -46.66 8.24 -19.30
C THR B 1225 -46.12 6.85 -19.07
N GLY B 1226 -46.96 5.82 -19.14
CA GLY B 1226 -46.55 4.47 -18.88
C GLY B 1226 -46.63 4.09 -17.42
N LEU B 1227 -47.18 4.95 -16.59
CA LEU B 1227 -47.20 4.69 -15.16
C LEU B 1227 -48.43 3.87 -14.83
N ILE B 1228 -48.27 2.92 -13.92
CA ILE B 1228 -49.36 2.05 -13.53
C ILE B 1228 -49.99 2.71 -12.31
N HIS B 1229 -51.20 3.22 -12.50
CA HIS B 1229 -51.95 3.76 -11.37
C HIS B 1229 -52.85 2.66 -10.80
N GLY B 1230 -53.49 2.96 -9.70
CA GLY B 1230 -54.40 2.00 -9.11
C GLY B 1230 -54.60 2.26 -7.63
N GLY B 1231 -55.73 1.81 -7.13
CA GLY B 1231 -56.07 1.94 -5.73
C GLY B 1231 -57.21 2.92 -5.51
N SER B 1232 -57.62 3.00 -4.25
CA SER B 1232 -58.67 3.92 -3.85
C SER B 1232 -58.45 4.37 -2.42
N GLN B 1233 -59.23 5.36 -2.01
CA GLN B 1233 -59.15 5.83 -0.64
C GLN B 1233 -59.81 4.87 0.33
N PHE B 1234 -60.33 3.75 -0.17
CA PHE B 1234 -60.87 2.70 0.67
C PHE B 1234 -60.12 1.39 0.53
N ASN B 1235 -58.99 1.38 -0.18
CA ASN B 1235 -58.23 0.17 -0.48
C ASN B 1235 -56.78 0.44 -0.07
N CYS B 1236 -56.15 -0.58 0.48
CA CYS B 1236 -54.81 -0.46 1.03
C CYS B 1236 -54.00 -1.59 0.42
N GLY B 1237 -53.65 -1.39 -0.85
CA GLY B 1237 -52.97 -2.37 -1.66
C GLY B 1237 -51.46 -2.32 -1.66
N THR B 1238 -50.83 -1.40 -0.92
CA THR B 1238 -49.38 -1.28 -0.91
C THR B 1238 -48.76 -1.85 0.38
N TRP B 1239 -47.45 -1.64 0.54
CA TRP B 1239 -46.77 -2.11 1.76
C TRP B 1239 -47.22 -1.34 2.99
N MET B 1240 -47.73 -0.13 2.83
CA MET B 1240 -48.30 0.64 3.93
C MET B 1240 -49.75 0.23 4.17
N ASP B 1241 -49.90 -1.02 4.60
CA ASP B 1241 -51.22 -1.58 4.78
C ASP B 1241 -51.66 -1.39 6.23
N LYS B 1242 -52.68 -0.57 6.41
CA LYS B 1242 -53.22 -0.34 7.75
C LYS B 1242 -54.68 0.08 7.55
N MET B 1243 -55.58 -0.86 7.78
CA MET B 1243 -57.00 -0.54 7.69
C MET B 1243 -57.47 -0.15 9.09
N GLY B 1244 -58.05 1.03 9.20
CA GLY B 1244 -58.48 1.50 10.51
C GLY B 1244 -59.49 0.55 11.13
N GLU B 1245 -59.53 0.53 12.46
CA GLU B 1245 -60.32 -0.44 13.22
C GLU B 1245 -60.84 0.19 14.51
N SER B 1246 -60.69 1.50 14.67
CA SER B 1246 -61.11 2.22 15.86
C SER B 1246 -62.53 2.73 15.65
N GLU B 1247 -63.47 2.23 16.47
CA GLU B 1247 -64.81 2.79 16.52
C GLU B 1247 -64.89 3.97 17.48
N LYS B 1248 -63.93 4.05 18.43
CA LYS B 1248 -63.85 5.20 19.33
C LYS B 1248 -63.31 6.43 18.61
N ALA B 1249 -62.56 6.26 17.52
CA ALA B 1249 -62.11 7.35 16.68
C ALA B 1249 -62.80 7.41 15.32
N ASN B 1250 -63.72 6.49 15.03
CA ASN B 1250 -64.46 6.44 13.76
C ASN B 1250 -63.50 6.33 12.58
N SER B 1251 -62.83 5.18 12.51
CA SER B 1251 -61.89 4.89 11.45
C SER B 1251 -62.02 3.45 10.96
N VAL B 1252 -63.09 2.76 11.31
CA VAL B 1252 -63.29 1.37 10.93
C VAL B 1252 -63.44 1.31 9.41
N GLY B 1253 -62.48 0.69 8.74
CA GLY B 1253 -62.50 0.61 7.30
C GLY B 1253 -61.82 1.73 6.56
N VAL B 1254 -61.32 2.75 7.27
CA VAL B 1254 -60.63 3.88 6.65
C VAL B 1254 -59.14 3.56 6.65
N PRO B 1255 -58.49 3.48 5.48
CA PRO B 1255 -57.06 3.17 5.47
C PRO B 1255 -56.24 4.32 6.02
N GLY B 1256 -55.30 3.99 6.91
CA GLY B 1256 -54.41 5.00 7.47
C GLY B 1256 -53.47 5.58 6.43
N THR B 1257 -53.02 4.75 5.49
CA THR B 1257 -52.11 5.17 4.43
C THR B 1257 -52.56 4.53 3.12
N PRO B 1258 -53.62 5.04 2.51
CA PRO B 1258 -54.01 4.55 1.17
C PRO B 1258 -53.09 5.13 0.11
N ARG B 1259 -52.53 4.26 -0.74
CA ARG B 1259 -51.62 4.74 -1.77
C ARG B 1259 -52.22 4.57 -3.15
N ASP B 1260 -53.31 5.29 -3.41
CA ASP B 1260 -53.94 5.23 -4.72
C ASP B 1260 -53.15 6.04 -5.75
N GLY B 1261 -53.16 5.55 -6.99
CA GLY B 1261 -52.45 6.18 -8.09
C GLY B 1261 -51.11 5.53 -8.37
N ALA B 1262 -50.16 6.30 -8.90
CA ALA B 1262 -48.84 5.79 -9.26
C ALA B 1262 -47.92 5.84 -8.05
N ALA B 1263 -47.59 4.67 -7.50
CA ALA B 1263 -46.61 4.59 -6.42
C ALA B 1263 -45.23 4.41 -7.03
N VAL B 1264 -44.23 5.10 -6.46
CA VAL B 1264 -42.88 5.07 -7.01
C VAL B 1264 -42.33 3.65 -6.99
N GLU B 1265 -42.68 2.88 -5.96
CA GLU B 1265 -42.21 1.51 -5.85
C GLU B 1265 -42.75 0.64 -6.98
N ILE B 1266 -44.05 0.76 -7.26
CA ILE B 1266 -44.67 -0.05 -8.31
C ILE B 1266 -44.07 0.27 -9.67
N ASN B 1267 -43.97 1.57 -9.98
CA ASN B 1267 -43.52 2.00 -11.30
C ASN B 1267 -42.03 1.75 -11.49
N GLY B 1268 -41.24 1.88 -10.42
CA GLY B 1268 -39.82 1.61 -10.52
C GLY B 1268 -39.54 0.15 -10.85
N LEU B 1269 -40.31 -0.76 -10.27
CA LEU B 1269 -40.18 -2.17 -10.59
C LEU B 1269 -40.70 -2.46 -12.00
N LEU B 1270 -41.68 -1.71 -12.46
CA LEU B 1270 -42.16 -1.85 -13.83
C LEU B 1270 -41.05 -1.52 -14.83
N LYS B 1271 -40.37 -0.40 -14.62
CA LYS B 1271 -39.24 -0.04 -15.47
C LYS B 1271 -38.13 -1.08 -15.39
N SER B 1272 -37.90 -1.62 -14.19
CA SER B 1272 -36.90 -2.68 -14.03
C SER B 1272 -37.33 -3.95 -14.74
N CYS B 1273 -38.63 -4.23 -14.79
CA CYS B 1273 -39.10 -5.43 -15.49
C CYS B 1273 -39.03 -5.24 -16.99
N LEU B 1274 -39.33 -4.03 -17.48
CA LEU B 1274 -39.26 -3.78 -18.93
C LEU B 1274 -37.82 -3.87 -19.42
N ARG B 1275 -36.88 -3.27 -18.69
CA ARG B 1275 -35.46 -3.39 -19.04
C ARG B 1275 -35.00 -4.85 -18.99
N PHE B 1276 -35.57 -5.64 -18.08
CA PHE B 1276 -35.16 -7.03 -17.94
C PHE B 1276 -35.62 -7.88 -19.12
N VAL B 1277 -36.88 -7.70 -19.55
CA VAL B 1277 -37.40 -8.52 -20.63
C VAL B 1277 -36.88 -8.09 -21.99
N LEU B 1278 -36.45 -6.82 -22.14
CA LEU B 1278 -35.93 -6.36 -23.42
C LEU B 1278 -34.60 -7.04 -23.74
N GLN B 1279 -33.65 -6.99 -22.81
CA GLN B 1279 -32.36 -7.66 -23.03
C GLN B 1279 -32.53 -9.17 -23.07
N LEU B 1280 -33.58 -9.69 -22.42
CA LEU B 1280 -33.82 -11.13 -22.45
C LEU B 1280 -34.26 -11.58 -23.83
N SER B 1281 -35.08 -10.77 -24.50
CA SER B 1281 -35.46 -11.06 -25.89
C SER B 1281 -34.28 -10.93 -26.84
N LYS B 1282 -33.32 -10.06 -26.51
CA LYS B 1282 -32.14 -9.92 -27.36
C LYS B 1282 -31.28 -11.18 -27.35
N ASP B 1283 -31.35 -11.97 -26.28
CA ASP B 1283 -30.61 -13.21 -26.16
C ASP B 1283 -31.44 -14.44 -26.48
N GLY B 1284 -32.67 -14.26 -26.95
CA GLY B 1284 -33.51 -15.39 -27.29
C GLY B 1284 -34.07 -16.14 -26.11
N LYS B 1285 -34.26 -15.46 -24.97
CA LYS B 1285 -34.80 -16.07 -23.77
C LYS B 1285 -36.26 -15.70 -23.51
N PHE B 1286 -36.69 -14.54 -24.00
CA PHE B 1286 -38.06 -14.08 -23.84
C PHE B 1286 -38.69 -13.95 -25.22
N LYS B 1287 -39.78 -14.66 -25.40
CA LYS B 1287 -40.45 -14.80 -26.70
C LYS B 1287 -41.71 -13.94 -26.82
N TYR B 1288 -41.79 -12.86 -26.04
CA TYR B 1288 -42.90 -11.92 -26.12
C TYR B 1288 -42.35 -10.52 -26.41
N THR B 1289 -42.93 -9.83 -27.40
CA THR B 1289 -42.52 -8.48 -27.75
C THR B 1289 -43.63 -7.43 -27.89
N GLU B 1290 -44.90 -7.82 -27.92
CA GLU B 1290 -46.01 -6.88 -27.96
C GLU B 1290 -46.93 -7.09 -26.76
N VAL B 1291 -47.62 -6.02 -26.38
CA VAL B 1291 -48.57 -6.02 -25.27
C VAL B 1291 -49.74 -5.13 -25.67
N THR B 1292 -50.96 -5.69 -25.61
CA THR B 1292 -52.14 -4.97 -26.04
C THR B 1292 -52.68 -4.07 -24.93
N LYS B 1293 -53.27 -2.96 -25.35
CA LYS B 1293 -53.85 -1.93 -24.51
C LYS B 1293 -55.37 -2.09 -24.46
N PRO B 1294 -56.03 -1.50 -23.44
CA PRO B 1294 -57.46 -1.77 -23.25
C PRO B 1294 -58.34 -1.60 -24.49
N ASP B 1295 -58.10 -0.58 -25.31
CA ASP B 1295 -58.95 -0.41 -26.49
C ASP B 1295 -58.62 -1.47 -27.54
N GLY B 1296 -57.33 -1.78 -27.72
CA GLY B 1296 -56.96 -2.85 -28.62
C GLY B 1296 -55.63 -2.66 -29.32
N SER B 1297 -55.06 -1.46 -29.25
CA SER B 1297 -53.80 -1.23 -29.94
C SER B 1297 -52.71 -2.02 -29.23
N LYS B 1298 -51.69 -2.42 -29.99
CA LYS B 1298 -50.59 -3.17 -29.42
C LYS B 1298 -49.41 -2.22 -29.29
N ILE B 1299 -48.74 -2.31 -28.15
CA ILE B 1299 -47.69 -1.38 -27.77
C ILE B 1299 -46.41 -2.16 -27.69
N SER B 1300 -45.37 -1.67 -28.37
CA SER B 1300 -44.07 -2.32 -28.28
C SER B 1300 -43.53 -2.20 -26.86
N LEU B 1301 -42.89 -3.27 -26.39
CA LEU B 1301 -42.33 -3.25 -25.04
C LEU B 1301 -41.23 -2.20 -24.92
N SER B 1302 -40.47 -1.98 -26.00
CA SER B 1302 -39.43 -0.97 -25.97
C SER B 1302 -40.03 0.43 -25.91
N SER B 1303 -41.18 0.61 -26.58
CA SER B 1303 -41.86 1.90 -26.51
C SER B 1303 -42.40 2.16 -25.12
N TRP B 1304 -43.00 1.15 -24.49
CA TRP B 1304 -43.41 1.28 -23.10
C TRP B 1304 -42.22 1.55 -22.19
N ASN B 1305 -41.08 0.90 -22.48
CA ASN B 1305 -39.86 1.17 -21.73
C ASN B 1305 -39.39 2.60 -21.95
N ASP B 1306 -39.51 3.10 -23.18
CA ASP B 1306 -39.11 4.47 -23.47
C ASP B 1306 -40.10 5.48 -22.92
N LEU B 1307 -41.39 5.12 -22.85
CA LEU B 1307 -42.37 6.03 -22.28
C LEU B 1307 -42.05 6.37 -20.83
N LEU B 1308 -41.67 5.38 -20.03
CA LEU B 1308 -41.27 5.65 -18.66
C LEU B 1308 -39.97 6.44 -18.62
N GLN B 1309 -39.02 6.11 -19.49
CA GLN B 1309 -37.75 6.83 -19.52
C GLN B 1309 -37.94 8.30 -19.85
N GLU B 1310 -38.98 8.63 -20.62
CA GLU B 1310 -39.24 10.00 -21.02
C GLU B 1310 -40.19 10.74 -20.09
N ASN B 1311 -40.93 10.02 -19.23
CA ASN B 1311 -42.00 10.64 -18.46
C ASN B 1311 -41.98 10.33 -16.97
N PHE B 1312 -41.17 9.39 -16.49
CA PHE B 1312 -41.19 9.05 -15.07
C PHE B 1312 -40.69 10.21 -14.23
N GLU B 1313 -39.43 10.63 -14.45
CA GLU B 1313 -38.86 11.72 -13.68
C GLU B 1313 -39.63 13.02 -13.89
N ARG B 1314 -40.28 13.17 -15.06
CA ARG B 1314 -41.07 14.37 -15.31
C ARG B 1314 -42.29 14.44 -14.40
N CYS B 1315 -42.87 13.29 -14.05
CA CYS B 1315 -44.09 13.27 -13.24
C CYS B 1315 -43.81 13.34 -11.74
N PHE B 1316 -42.70 12.75 -11.28
CA PHE B 1316 -42.44 12.60 -9.85
C PHE B 1316 -41.49 13.64 -9.28
N TYR B 1317 -40.50 14.10 -10.05
CA TYR B 1317 -39.49 15.00 -9.50
C TYR B 1317 -40.08 16.38 -9.22
N VAL B 1318 -39.70 16.94 -8.08
CA VAL B 1318 -40.04 18.29 -7.66
C VAL B 1318 -38.79 19.16 -7.76
N PRO B 1319 -38.72 20.10 -8.70
CA PRO B 1319 -37.47 20.84 -8.91
C PRO B 1319 -37.14 21.74 -7.73
N LYS B 1320 -35.85 21.85 -7.40
CA LYS B 1320 -35.43 22.73 -6.32
C LYS B 1320 -35.72 24.18 -6.64
N ASN B 1321 -35.52 24.58 -7.89
CA ASN B 1321 -35.79 25.92 -8.37
C ASN B 1321 -37.25 26.10 -8.74
N LYS B 1322 -37.85 27.18 -8.25
CA LYS B 1322 -39.19 27.55 -8.67
C LYS B 1322 -39.26 27.88 -10.16
N GLU B 1323 -38.12 28.03 -10.83
CA GLU B 1323 -38.13 28.42 -12.24
C GLU B 1323 -38.59 27.28 -13.12
N ASP B 1324 -38.24 26.04 -12.76
CA ASP B 1324 -38.55 24.88 -13.60
C ASP B 1324 -39.83 24.17 -13.18
N ASP B 1325 -40.76 24.87 -12.51
CA ASP B 1325 -42.03 24.26 -12.15
C ASP B 1325 -42.97 24.06 -13.32
N ASN B 1326 -42.66 24.63 -14.48
CA ASN B 1326 -43.52 24.54 -15.66
C ASN B 1326 -43.29 23.30 -16.48
N LYS B 1327 -42.39 22.40 -16.04
CA LYS B 1327 -42.06 21.20 -16.79
C LYS B 1327 -42.28 19.90 -16.03
N PHE B 1328 -42.28 19.92 -14.69
CA PHE B 1328 -42.35 18.71 -13.90
C PHE B 1328 -43.74 18.47 -13.30
N GLU B 1329 -44.77 19.15 -13.81
CA GLU B 1329 -46.15 18.98 -13.35
C GLU B 1329 -46.26 19.13 -11.84
N ILE B 1330 -46.30 20.37 -11.36
CA ILE B 1330 -46.33 20.66 -9.93
C ILE B 1330 -47.30 21.79 -9.67
N ASP B 1331 -48.19 21.61 -8.70
CA ASP B 1331 -49.05 22.67 -8.19
C ASP B 1331 -48.41 23.19 -6.91
N ALA B 1332 -47.75 24.34 -7.01
CA ALA B 1332 -46.88 24.84 -5.95
C ALA B 1332 -47.61 25.17 -4.66
N THR B 1333 -48.95 25.24 -4.68
CA THR B 1333 -49.68 25.55 -3.45
C THR B 1333 -49.58 24.41 -2.45
N ILE B 1334 -49.73 23.18 -2.90
CA ILE B 1334 -49.62 22.01 -2.03
C ILE B 1334 -48.22 21.44 -2.26
N ILE B 1335 -47.27 21.92 -1.46
CA ILE B 1335 -45.88 21.49 -1.56
C ILE B 1335 -45.27 21.54 -0.16
N ASN B 1336 -44.21 20.75 0.05
CA ASN B 1336 -43.55 20.69 1.34
C ASN B 1336 -42.06 21.03 1.21
N ARG B 1337 -41.28 20.18 0.57
CA ARG B 1337 -39.86 20.46 0.31
C ARG B 1337 -39.55 20.24 -1.16
N ARG B 1338 -38.65 21.06 -1.69
CA ARG B 1338 -38.16 20.87 -3.05
C ARG B 1338 -36.92 19.98 -3.01
N GLY B 1339 -36.48 19.57 -4.19
CA GLY B 1339 -35.46 18.54 -4.24
C GLY B 1339 -35.95 17.19 -3.77
N ILE B 1340 -37.24 16.90 -3.99
CA ILE B 1340 -37.88 15.68 -3.50
C ILE B 1340 -38.49 14.93 -4.66
N TYR B 1341 -38.34 13.60 -4.64
CA TYR B 1341 -39.07 12.73 -5.53
C TYR B 1341 -40.42 12.39 -4.91
N LYS B 1342 -41.46 12.52 -5.72
CA LYS B 1342 -42.83 12.32 -5.24
C LYS B 1342 -43.00 10.89 -4.71
N ASP B 1343 -43.87 10.74 -3.72
CA ASP B 1343 -44.22 9.43 -3.18
C ASP B 1343 -45.44 8.83 -3.85
N LEU B 1344 -46.34 9.68 -4.35
CA LEU B 1344 -47.52 9.23 -5.08
C LEU B 1344 -47.78 10.23 -6.20
N TYR B 1345 -48.41 9.73 -7.26
CA TYR B 1345 -48.84 10.51 -8.40
C TYR B 1345 -50.32 10.27 -8.66
N ARG B 1346 -51.07 11.35 -8.89
CA ARG B 1346 -52.53 11.34 -9.05
C ARG B 1346 -53.19 10.54 -7.93
N SER B 1347 -52.82 10.88 -6.69
CA SER B 1347 -53.42 10.23 -5.54
C SER B 1347 -54.69 10.96 -5.11
N GLY B 1348 -55.44 10.30 -4.24
CA GLY B 1348 -56.66 10.83 -3.67
C GLY B 1348 -56.38 12.04 -2.82
N LYS B 1349 -55.53 11.85 -1.82
CA LYS B 1349 -55.09 12.95 -0.99
C LYS B 1349 -54.04 13.75 -1.74
N PRO B 1350 -54.30 15.00 -2.11
CA PRO B 1350 -53.32 15.73 -2.93
C PRO B 1350 -52.02 15.99 -2.20
N TYR B 1351 -52.05 16.06 -0.87
CA TYR B 1351 -50.85 16.29 -0.08
C TYR B 1351 -50.00 15.03 0.10
N GLU B 1352 -50.61 13.84 0.04
CA GLU B 1352 -49.82 12.62 0.10
C GLU B 1352 -48.94 12.45 -1.13
N ASP B 1353 -49.28 13.15 -2.22
CA ASP B 1353 -48.42 13.16 -3.39
C ASP B 1353 -47.07 13.79 -3.07
N TYR B 1354 -47.09 14.93 -2.37
CA TYR B 1354 -45.88 15.66 -2.02
C TYR B 1354 -45.47 15.41 -0.57
N GLN B 1355 -45.46 14.16 -0.15
CA GLN B 1355 -45.03 13.77 1.18
C GLN B 1355 -43.73 12.98 1.09
N PHE B 1356 -42.77 13.32 1.94
CA PHE B 1356 -41.46 12.68 1.92
C PHE B 1356 -41.56 11.32 2.60
N ARG B 1357 -41.48 10.26 1.82
CA ARG B 1357 -41.59 8.91 2.34
C ARG B 1357 -40.48 8.07 1.72
N PRO B 1358 -39.99 7.04 2.42
CA PRO B 1358 -38.79 6.32 1.97
C PRO B 1358 -38.99 5.32 0.85
N ASN B 1359 -40.09 5.47 0.10
CA ASN B 1359 -40.44 4.53 -0.96
C ASN B 1359 -39.75 4.84 -2.29
N PHE B 1360 -39.27 6.07 -2.48
CA PHE B 1360 -38.58 6.43 -3.72
C PHE B 1360 -37.23 5.71 -3.85
N THR B 1361 -36.64 5.29 -2.73
CA THR B 1361 -35.36 4.60 -2.79
C THR B 1361 -35.51 3.21 -3.43
N ILE B 1362 -36.70 2.63 -3.35
CA ILE B 1362 -36.94 1.34 -3.99
C ILE B 1362 -36.77 1.44 -5.49
N ALA B 1363 -37.29 2.53 -6.10
CA ALA B 1363 -37.12 2.72 -7.53
C ALA B 1363 -35.69 3.10 -7.88
N MET B 1364 -35.03 3.87 -7.01
CA MET B 1364 -33.63 4.24 -7.26
C MET B 1364 -32.73 3.02 -7.31
N VAL B 1365 -33.08 1.97 -6.58
CA VAL B 1365 -32.25 0.77 -6.54
C VAL B 1365 -32.53 -0.11 -7.76
N VAL B 1366 -33.81 -0.32 -8.08
CA VAL B 1366 -34.16 -1.26 -9.15
C VAL B 1366 -34.14 -0.61 -10.53
N ALA B 1367 -34.29 0.70 -10.62
CA ALA B 1367 -34.30 1.41 -11.91
C ALA B 1367 -33.54 2.71 -11.79
N PRO B 1368 -32.21 2.65 -11.73
CA PRO B 1368 -31.43 3.89 -11.65
C PRO B 1368 -31.42 4.69 -12.94
N GLU B 1369 -31.82 4.10 -14.06
CA GLU B 1369 -31.83 4.83 -15.33
C GLU B 1369 -32.90 5.90 -15.38
N LEU B 1370 -33.92 5.80 -14.53
CA LEU B 1370 -34.99 6.80 -14.50
C LEU B 1370 -34.59 8.10 -13.83
N PHE B 1371 -33.38 8.18 -13.27
CA PHE B 1371 -32.97 9.30 -12.42
C PHE B 1371 -31.72 9.93 -13.00
N THR B 1372 -31.77 11.25 -13.20
CA THR B 1372 -30.56 12.00 -13.47
C THR B 1372 -29.72 12.06 -12.20
N PRO B 1373 -28.40 11.87 -12.29
CA PRO B 1373 -27.59 11.68 -11.07
C PRO B 1373 -27.68 12.83 -10.09
N ASP B 1374 -27.59 14.08 -10.55
CA ASP B 1374 -27.60 15.21 -9.62
C ASP B 1374 -28.95 15.38 -8.94
N TYR B 1375 -30.05 15.06 -9.64
CA TYR B 1375 -31.36 15.15 -8.99
C TYR B 1375 -31.53 14.07 -7.94
N ALA B 1376 -31.07 12.85 -8.22
CA ALA B 1376 -31.24 11.75 -7.28
C ALA B 1376 -30.33 11.90 -6.07
N ALA B 1377 -29.09 12.34 -6.30
CA ALA B 1377 -28.15 12.48 -5.18
C ALA B 1377 -28.62 13.53 -4.18
N GLY B 1378 -29.12 14.67 -4.67
CA GLY B 1378 -29.62 15.69 -3.78
C GLY B 1378 -30.89 15.28 -3.07
N ALA B 1379 -31.74 14.47 -3.73
CA ALA B 1379 -32.97 14.02 -3.10
C ALA B 1379 -32.69 12.99 -2.02
N ILE B 1380 -31.76 12.07 -2.26
CA ILE B 1380 -31.44 11.08 -1.24
C ILE B 1380 -30.60 11.66 -0.12
N GLU B 1381 -29.95 12.81 -0.35
CA GLU B 1381 -29.27 13.49 0.74
C GLU B 1381 -30.27 14.12 1.70
N LEU B 1382 -31.42 14.57 1.19
CA LEU B 1382 -32.48 15.07 2.06
C LEU B 1382 -33.05 13.94 2.92
N ALA B 1383 -33.23 12.75 2.33
CA ALA B 1383 -33.74 11.61 3.09
C ALA B 1383 -32.77 11.20 4.20
N ASP B 1384 -31.46 11.33 3.95
CA ASP B 1384 -30.49 10.98 4.97
C ASP B 1384 -30.59 11.91 6.17
N GLN B 1385 -30.81 13.22 5.92
CA GLN B 1385 -30.87 14.18 7.01
C GLN B 1385 -32.22 14.19 7.71
N VAL B 1386 -33.29 13.90 6.98
CA VAL B 1386 -34.65 14.07 7.49
C VAL B 1386 -35.30 12.73 7.82
N LEU B 1387 -35.31 11.80 6.87
CA LEU B 1387 -36.09 10.57 7.02
C LEU B 1387 -35.31 9.41 7.63
N ARG B 1388 -33.99 9.54 7.78
CA ARG B 1388 -33.17 8.42 8.25
C ARG B 1388 -33.12 8.40 9.77
N GLY B 1389 -33.63 7.33 10.37
CA GLY B 1389 -33.50 7.11 11.79
C GLY B 1389 -32.25 6.30 12.09
N PRO B 1390 -32.06 5.93 13.36
CA PRO B 1390 -30.86 5.17 13.72
C PRO B 1390 -30.88 3.75 13.19
N VAL B 1391 -32.02 3.06 13.25
CA VAL B 1391 -32.15 1.70 12.75
C VAL B 1391 -33.25 1.60 11.70
N GLY B 1392 -34.34 2.34 11.88
CA GLY B 1392 -35.43 2.29 10.94
C GLY B 1392 -35.56 3.57 10.13
N MET B 1393 -36.30 3.51 9.03
CA MET B 1393 -36.49 4.65 8.15
C MET B 1393 -37.84 5.29 8.46
N ARG B 1394 -37.82 6.59 8.76
CA ARG B 1394 -39.07 7.29 9.08
C ARG B 1394 -40.03 7.23 7.90
N THR B 1395 -41.24 6.71 8.15
CA THR B 1395 -42.22 6.51 7.11
C THR B 1395 -42.91 7.80 6.68
N LEU B 1396 -42.63 8.93 7.33
CA LEU B 1396 -43.27 10.18 6.95
C LEU B 1396 -42.43 11.34 7.50
N ASP B 1397 -42.42 12.43 6.73
CA ASP B 1397 -41.65 13.62 7.08
C ASP B 1397 -42.05 14.16 8.45
N PRO B 1398 -41.11 14.30 9.39
CA PRO B 1398 -41.48 14.83 10.71
C PRO B 1398 -42.11 16.21 10.67
N SER B 1399 -41.78 17.03 9.66
CA SER B 1399 -42.35 18.37 9.56
C SER B 1399 -43.80 18.36 9.09
N ASP B 1400 -44.33 17.21 8.70
CA ASP B 1400 -45.70 17.12 8.23
C ASP B 1400 -46.68 17.21 9.40
N TYR B 1401 -47.91 17.65 9.09
CA TYR B 1401 -48.93 17.82 10.11
C TYR B 1401 -49.53 16.50 10.55
N ASN B 1402 -49.51 15.48 9.69
CA ASN B 1402 -50.01 14.15 10.02
C ASN B 1402 -48.97 13.27 10.71
N TYR B 1403 -47.85 13.85 11.14
CA TYR B 1403 -46.72 13.09 11.64
C TYR B 1403 -46.99 12.64 13.07
N ARG B 1404 -47.21 11.35 13.27
CA ARG B 1404 -47.32 10.73 14.58
C ARG B 1404 -46.41 9.51 14.62
N PRO B 1405 -45.20 9.63 15.19
CA PRO B 1405 -44.20 8.57 15.05
C PRO B 1405 -44.31 7.45 16.06
N TYR B 1406 -45.32 7.46 16.93
CA TYR B 1406 -45.48 6.44 17.96
C TYR B 1406 -46.61 5.49 17.59
N TYR B 1407 -46.32 4.19 17.60
CA TYR B 1407 -47.25 3.17 17.15
C TYR B 1407 -47.63 2.30 18.34
N ASN B 1408 -48.93 2.26 18.67
CA ASN B 1408 -49.42 1.40 19.77
C ASN B 1408 -50.72 0.75 19.32
N ASN B 1409 -50.62 -0.46 18.78
CA ASN B 1409 -51.80 -1.18 18.32
C ASN B 1409 -52.61 -1.74 19.49
N GLY B 1410 -53.55 -0.95 19.99
CA GLY B 1410 -54.42 -1.33 21.08
C GLY B 1410 -54.82 -0.13 21.91
N GLU B 1411 -54.42 1.04 21.42
CA GLU B 1411 -54.77 2.29 22.06
C GLU B 1411 -56.23 2.62 21.75
N ASP B 1412 -57.04 2.80 22.79
CA ASP B 1412 -58.46 3.10 22.63
C ASP B 1412 -58.66 4.58 22.94
N SER B 1413 -58.77 5.39 21.88
CA SER B 1413 -58.95 6.81 22.02
C SER B 1413 -59.74 7.33 20.82
N ASP B 1414 -59.97 8.65 20.83
CA ASP B 1414 -60.66 9.35 19.76
C ASP B 1414 -59.70 9.94 18.72
N ASP B 1415 -58.46 9.43 18.68
CA ASP B 1415 -57.44 9.91 17.76
C ASP B 1415 -57.47 9.14 16.45
N PHE B 1416 -57.57 9.88 15.34
CA PHE B 1416 -57.58 9.29 14.00
C PHE B 1416 -56.22 8.68 13.67
N ALA B 1417 -55.27 8.75 14.60
CA ALA B 1417 -53.94 8.20 14.30
C ALA B 1417 -53.43 7.20 15.31
N THR B 1418 -53.48 7.52 16.60
CA THR B 1418 -52.80 6.67 17.59
C THR B 1418 -53.68 5.52 17.99
N SER B 1419 -54.99 5.70 17.85
CA SER B 1419 -55.93 4.69 18.27
C SER B 1419 -55.87 3.52 17.30
N LYS B 1420 -55.74 2.32 17.86
CA LYS B 1420 -55.77 1.06 17.14
C LYS B 1420 -54.68 0.97 16.06
N GLY B 1421 -53.60 1.71 16.23
CA GLY B 1421 -52.41 1.49 15.43
C GLY B 1421 -52.43 2.10 14.05
N ARG B 1422 -53.30 3.10 13.81
CA ARG B 1422 -53.37 3.81 12.54
C ARG B 1422 -52.09 4.58 12.21
N ASN B 1423 -51.13 4.68 13.14
CA ASN B 1423 -49.84 5.33 12.89
C ASN B 1423 -48.84 4.46 12.13
N TYR B 1424 -49.15 3.17 11.93
CA TYR B 1424 -48.22 2.18 11.37
C TYR B 1424 -47.18 2.73 10.41
N HIS B 1425 -47.61 3.54 9.44
CA HIS B 1425 -46.73 4.06 8.40
C HIS B 1425 -46.81 5.57 8.29
N GLN B 1426 -46.93 6.26 9.41
CA GLN B 1426 -47.05 7.72 9.43
C GLN B 1426 -46.08 8.33 10.43
N GLY B 1427 -44.83 7.85 10.43
CA GLY B 1427 -43.86 8.29 11.40
C GLY B 1427 -42.92 7.19 11.89
N PRO B 1428 -43.49 6.05 12.30
CA PRO B 1428 -42.64 4.94 12.76
C PRO B 1428 -41.55 4.57 11.75
N GLU B 1429 -40.44 4.07 12.30
CA GLU B 1429 -39.22 3.85 11.54
C GLU B 1429 -39.08 2.37 11.22
N TRP B 1430 -39.13 2.02 9.94
CA TRP B 1430 -39.02 0.65 9.48
C TRP B 1430 -37.60 0.34 9.01
N VAL B 1431 -37.16 -0.89 9.25
CA VAL B 1431 -35.76 -1.25 9.04
C VAL B 1431 -35.46 -1.62 7.59
N TRP B 1432 -36.41 -2.21 6.88
CA TRP B 1432 -36.13 -2.65 5.52
C TRP B 1432 -35.96 -1.46 4.58
N CYS B 1433 -36.72 -0.39 4.79
CA CYS B 1433 -36.56 0.81 3.99
C CYS B 1433 -35.16 1.39 4.15
N TYR B 1434 -34.54 1.15 5.30
CA TYR B 1434 -33.14 1.55 5.49
C TYR B 1434 -32.23 0.81 4.51
N GLY B 1435 -32.55 -0.44 4.20
CA GLY B 1435 -31.73 -1.20 3.27
C GLY B 1435 -31.76 -0.62 1.86
N TYR B 1436 -32.97 -0.43 1.32
CA TYR B 1436 -33.09 0.18 0.00
C TYR B 1436 -32.52 1.60 -0.02
N PHE B 1437 -32.63 2.32 1.10
CA PHE B 1437 -32.09 3.68 1.17
C PHE B 1437 -30.57 3.67 1.03
N ILE B 1438 -29.88 2.89 1.86
CA ILE B 1438 -28.42 2.92 1.86
C ILE B 1438 -27.88 2.27 0.59
N ARG B 1439 -28.64 1.36 -0.02
CA ARG B 1439 -28.21 0.79 -1.29
C ARG B 1439 -28.18 1.85 -2.38
N ALA B 1440 -29.18 2.73 -2.40
CA ALA B 1440 -29.18 3.83 -3.36
C ALA B 1440 -28.32 5.00 -2.86
N TYR B 1441 -28.19 5.15 -1.54
CA TYR B 1441 -27.27 6.15 -1.00
C TYR B 1441 -25.83 5.85 -1.39
N HIS B 1442 -25.47 4.57 -1.45
CA HIS B 1442 -24.13 4.18 -1.88
C HIS B 1442 -23.95 4.35 -3.38
N TYR B 1443 -25.00 4.07 -4.17
CA TYR B 1443 -24.86 4.07 -5.61
C TYR B 1443 -24.74 5.50 -6.15
N PHE B 1444 -25.59 6.41 -5.68
CA PHE B 1444 -25.60 7.75 -6.24
C PHE B 1444 -24.56 8.67 -5.64
N ASN B 1445 -24.10 8.39 -4.41
CA ASN B 1445 -22.94 9.10 -3.90
C ASN B 1445 -21.66 8.67 -4.62
N PHE B 1446 -21.64 7.43 -5.12
CA PHE B 1446 -20.51 6.94 -5.90
C PHE B 1446 -20.48 7.51 -7.31
N LEU B 1447 -21.62 7.95 -7.83
CA LEU B 1447 -21.69 8.54 -9.16
C LEU B 1447 -21.55 10.06 -9.15
N THR B 1448 -21.96 10.72 -8.07
CA THR B 1448 -21.98 12.17 -8.01
C THR B 1448 -20.76 12.75 -7.32
N ASN B 1449 -20.56 12.44 -6.05
CA ASN B 1449 -19.49 13.03 -5.26
C ASN B 1449 -18.13 12.55 -5.75
N PRO B 1450 -17.23 13.44 -6.17
CA PRO B 1450 -15.90 12.98 -6.60
C PRO B 1450 -15.05 12.43 -5.46
N LYS B 1451 -15.35 12.81 -4.21
CA LYS B 1451 -14.62 12.27 -3.07
C LYS B 1451 -14.96 10.82 -2.76
N CYS B 1452 -16.02 10.28 -3.34
CA CYS B 1452 -16.44 8.91 -3.08
C CYS B 1452 -15.86 7.92 -4.08
N GLN B 1453 -14.87 8.33 -4.87
CA GLN B 1453 -14.25 7.50 -5.88
C GLN B 1453 -12.74 7.56 -5.71
N VAL B 1454 -12.08 6.46 -6.05
CA VAL B 1454 -10.63 6.37 -6.04
C VAL B 1454 -10.20 5.47 -7.17
N GLU B 1455 -9.00 5.72 -7.70
CA GLU B 1455 -8.50 4.98 -8.84
C GLU B 1455 -8.21 3.55 -8.40
N GLY B 1456 -8.99 2.59 -8.86
CA GLY B 1456 -8.81 1.22 -8.45
C GLY B 1456 -8.05 0.40 -9.47
N SER B 1457 -8.23 -0.91 -9.35
CA SER B 1457 -7.56 -1.87 -10.22
C SER B 1457 -8.07 -1.79 -11.65
N ALA B 1458 -7.13 -1.79 -12.60
CA ALA B 1458 -7.45 -1.70 -14.03
C ALA B 1458 -8.21 -0.42 -14.36
N LYS B 1459 -7.90 0.65 -13.62
CA LYS B 1459 -8.54 1.96 -13.74
C LYS B 1459 -10.06 1.90 -13.57
N LYS B 1460 -10.59 0.77 -13.16
CA LYS B 1460 -12.01 0.71 -12.87
C LYS B 1460 -12.25 1.39 -11.53
N LEU B 1461 -13.12 2.40 -11.52
CA LEU B 1461 -13.28 3.23 -10.33
C LEU B 1461 -14.05 2.47 -9.24
N LYS B 1462 -13.42 2.37 -8.07
CA LYS B 1462 -14.02 1.78 -6.89
C LYS B 1462 -14.28 2.86 -5.84
N PRO B 1463 -15.20 2.62 -4.91
CA PRO B 1463 -15.51 3.63 -3.89
C PRO B 1463 -14.29 3.92 -3.03
N SER B 1464 -14.14 5.19 -2.66
CA SER B 1464 -13.06 5.62 -1.79
C SER B 1464 -13.33 5.18 -0.34
N SER B 1465 -12.28 5.26 0.48
CA SER B 1465 -12.45 5.02 1.90
C SER B 1465 -13.31 6.10 2.56
N TYR B 1466 -13.47 7.25 1.90
CA TYR B 1466 -14.37 8.29 2.40
C TYR B 1466 -15.82 7.84 2.32
N LEU B 1467 -16.18 7.08 1.28
CA LEU B 1467 -17.54 6.58 1.13
C LEU B 1467 -17.78 5.36 2.01
N TYR B 1468 -16.80 4.46 2.07
CA TYR B 1468 -16.90 3.31 2.98
C TYR B 1468 -17.07 3.77 4.42
N ARG B 1469 -16.41 4.86 4.81
CA ARG B 1469 -16.56 5.37 6.17
C ARG B 1469 -17.98 5.84 6.43
N LYS B 1470 -18.58 6.54 5.47
CA LYS B 1470 -19.96 7.00 5.64
C LYS B 1470 -20.95 5.85 5.63
N LEU B 1471 -20.67 4.80 4.86
CA LEU B 1471 -21.54 3.62 4.87
C LEU B 1471 -21.42 2.85 6.18
N TYR B 1472 -20.19 2.69 6.67
CA TYR B 1472 -19.98 1.92 7.89
C TYR B 1472 -20.66 2.58 9.10
N SER B 1473 -20.62 3.91 9.17
CA SER B 1473 -21.20 4.60 10.31
C SER B 1473 -22.72 4.45 10.35
N ARG B 1474 -23.36 4.32 9.19
CA ARG B 1474 -24.81 4.17 9.13
C ARG B 1474 -25.27 2.74 9.39
N LEU B 1475 -24.35 1.83 9.72
CA LEU B 1475 -24.69 0.46 10.06
C LEU B 1475 -24.28 0.10 11.48
N LEU B 1476 -23.74 1.05 12.25
CA LEU B 1476 -23.33 0.77 13.61
C LEU B 1476 -24.51 0.45 14.51
N LYS B 1477 -25.60 1.21 14.38
CA LYS B 1477 -26.79 0.96 15.20
C LYS B 1477 -27.41 -0.39 14.89
N HIS B 1478 -27.26 -0.87 13.65
CA HIS B 1478 -27.78 -2.18 13.28
C HIS B 1478 -26.94 -3.29 13.88
N ARG B 1479 -25.62 -3.11 13.92
CA ARG B 1479 -24.75 -4.11 14.53
C ARG B 1479 -24.95 -4.17 16.04
N GLU B 1480 -25.19 -3.01 16.67
CA GLU B 1480 -25.50 -3.00 18.10
C GLU B 1480 -26.83 -3.70 18.38
N TRP B 1481 -27.82 -3.49 17.51
CA TRP B 1481 -29.15 -4.05 17.73
C TRP B 1481 -29.10 -5.57 17.75
N ILE B 1482 -28.53 -6.18 16.72
CA ILE B 1482 -28.49 -7.64 16.65
C ILE B 1482 -27.54 -8.22 17.69
N GLU B 1483 -26.59 -7.43 18.19
CA GLU B 1483 -25.72 -7.90 19.26
C GLU B 1483 -26.48 -7.99 20.58
N ASN B 1484 -27.14 -6.91 20.98
CA ASN B 1484 -27.81 -6.81 22.28
C ASN B 1484 -29.31 -7.06 22.18
N SER B 1485 -29.72 -8.04 21.37
CA SER B 1485 -31.11 -8.42 21.29
C SER B 1485 -31.25 -9.91 21.58
N PRO B 1486 -32.20 -10.31 22.44
CA PRO B 1486 -32.41 -11.75 22.65
C PRO B 1486 -32.77 -12.48 21.37
N TRP B 1487 -33.62 -11.89 20.55
CA TRP B 1487 -33.81 -12.38 19.19
C TRP B 1487 -32.61 -12.00 18.35
N ALA B 1488 -32.03 -12.98 17.64
CA ALA B 1488 -30.80 -12.76 16.88
C ALA B 1488 -31.12 -12.21 15.49
N GLY B 1489 -31.70 -11.02 15.47
CA GLY B 1489 -32.05 -10.38 14.23
C GLY B 1489 -32.31 -8.90 14.40
N LEU B 1490 -33.01 -8.33 13.42
CA LEU B 1490 -33.37 -6.92 13.42
C LEU B 1490 -34.89 -6.78 13.52
N ALA B 1491 -35.35 -5.80 14.28
CA ALA B 1491 -36.77 -5.61 14.51
C ALA B 1491 -37.48 -5.20 13.22
N GLU B 1492 -38.81 -5.33 13.24
CA GLU B 1492 -39.62 -4.92 12.10
C GLU B 1492 -39.85 -3.40 12.12
N LEU B 1493 -40.11 -2.83 13.29
CA LEU B 1493 -40.50 -1.43 13.40
C LEU B 1493 -39.83 -0.83 14.63
N THR B 1494 -39.71 0.50 14.60
CA THR B 1494 -39.11 1.24 15.71
C THR B 1494 -39.84 2.58 15.84
N ASN B 1495 -40.09 2.99 17.08
CA ASN B 1495 -40.73 4.27 17.34
C ASN B 1495 -39.76 5.41 17.03
N LYS B 1496 -40.10 6.62 17.47
CA LYS B 1496 -39.32 7.80 17.08
C LYS B 1496 -37.94 7.77 17.70
N ASP B 1497 -36.92 7.95 16.85
CA ASP B 1497 -35.53 8.11 17.28
C ASP B 1497 -35.06 6.91 18.11
N GLY B 1498 -35.17 5.73 17.51
CA GLY B 1498 -34.65 4.51 18.10
C GLY B 1498 -35.45 3.94 19.26
N GLU B 1499 -36.57 4.56 19.62
CA GLU B 1499 -37.36 4.05 20.74
C GLU B 1499 -37.95 2.69 20.39
N VAL B 1500 -37.73 1.72 21.27
CA VAL B 1500 -38.19 0.35 21.01
C VAL B 1500 -39.71 0.31 20.99
N CYS B 1501 -40.27 -0.30 19.96
CA CYS B 1501 -41.70 -0.48 19.82
C CYS B 1501 -42.08 -1.87 20.30
N ASN B 1502 -42.96 -1.94 21.30
CA ASN B 1502 -43.31 -3.23 21.88
C ASN B 1502 -44.17 -4.06 20.92
N ASP B 1503 -45.02 -3.41 20.12
CA ASP B 1503 -45.85 -4.14 19.17
C ASP B 1503 -45.05 -4.64 17.97
N SER B 1504 -43.89 -4.07 17.72
CA SER B 1504 -43.09 -4.47 16.57
C SER B 1504 -42.56 -5.88 16.74
N SER B 1505 -42.55 -6.64 15.65
CA SER B 1505 -41.97 -7.97 15.68
C SER B 1505 -40.46 -7.85 15.85
N PRO B 1506 -39.86 -8.57 16.81
CA PRO B 1506 -38.44 -8.32 17.12
C PRO B 1506 -37.47 -8.83 16.07
N THR B 1507 -37.88 -9.72 15.18
CA THR B 1507 -37.02 -10.16 14.08
C THR B 1507 -37.89 -10.32 12.83
N GLN B 1508 -37.51 -9.63 11.77
CA GLN B 1508 -38.27 -9.64 10.53
C GLN B 1508 -37.38 -10.08 9.38
N ALA B 1509 -37.98 -10.81 8.43
CA ALA B 1509 -37.22 -11.37 7.32
C ALA B 1509 -36.65 -10.27 6.44
N TRP B 1510 -37.50 -9.35 5.98
CA TRP B 1510 -37.03 -8.32 5.06
C TRP B 1510 -36.29 -7.19 5.75
N SER B 1511 -36.31 -7.13 7.08
CA SER B 1511 -35.52 -6.12 7.77
C SER B 1511 -34.03 -6.42 7.66
N THR B 1512 -33.65 -7.69 7.76
CA THR B 1512 -32.25 -8.07 7.62
C THR B 1512 -31.87 -8.38 6.18
N GLY B 1513 -32.82 -8.84 5.37
CA GLY B 1513 -32.52 -9.17 3.99
C GLY B 1513 -32.14 -7.97 3.16
N CYS B 1514 -32.68 -6.79 3.49
CA CYS B 1514 -32.33 -5.59 2.76
C CYS B 1514 -30.95 -5.06 3.13
N LEU B 1515 -30.45 -5.37 4.32
CA LEU B 1515 -29.08 -5.04 4.67
C LEU B 1515 -28.09 -6.02 4.04
N LEU B 1516 -28.49 -7.28 3.87
CA LEU B 1516 -27.66 -8.23 3.14
C LEU B 1516 -27.56 -7.87 1.66
N ASP B 1517 -28.58 -7.19 1.12
CA ASP B 1517 -28.52 -6.73 -0.26
C ASP B 1517 -27.37 -5.73 -0.46
N LEU B 1518 -27.14 -4.88 0.55
CA LEU B 1518 -26.06 -3.91 0.44
C LEU B 1518 -24.69 -4.59 0.40
N PHE B 1519 -24.47 -5.56 1.29
CA PHE B 1519 -23.20 -6.25 1.31
C PHE B 1519 -22.95 -7.03 0.03
N TYR B 1520 -24.01 -7.53 -0.61
CA TYR B 1520 -23.83 -8.23 -1.87
C TYR B 1520 -23.51 -7.25 -3.00
N ASP B 1521 -24.05 -6.04 -2.94
CA ASP B 1521 -23.71 -5.02 -3.93
C ASP B 1521 -22.23 -4.70 -3.90
N LEU B 1522 -21.69 -4.42 -2.71
CA LEU B 1522 -20.29 -4.07 -2.58
C LEU B 1522 -19.36 -5.25 -2.88
N TRP B 1523 -19.84 -6.49 -2.71
CA TRP B 1523 -19.01 -7.65 -2.95
C TRP B 1523 -18.93 -7.99 -4.43
N ILE B 1524 -20.10 -8.08 -5.09
CA ILE B 1524 -20.14 -8.54 -6.47
C ILE B 1524 -19.61 -7.53 -7.47
N SER B 1525 -19.37 -6.29 -7.05
CA SER B 1525 -18.91 -5.25 -7.97
C SER B 1525 -17.49 -4.79 -7.73
N TYR B 1526 -16.91 -5.07 -6.58
CA TYR B 1526 -15.59 -4.55 -6.26
C TYR B 1526 -14.62 -5.62 -5.78
N GLU B 1527 -15.10 -6.60 -5.03
CA GLU B 1527 -14.21 -7.57 -4.39
C GLU B 1527 -13.87 -8.69 -5.37
N GLU B 1528 -13.11 -8.32 -6.40
CA GLU B 1528 -12.67 -9.27 -7.42
C GLU B 1528 -11.14 -9.25 -7.57
#